data_7R4I
#
_entry.id   7R4I
#
_cell.length_a   1.00
_cell.length_b   1.00
_cell.length_c   1.00
_cell.angle_alpha   90.00
_cell.angle_beta   90.00
_cell.angle_gamma   90.00
#
_symmetry.space_group_name_H-M   'P 1'
#
loop_
_entity.id
_entity.type
_entity.pdbx_description
1 polymer 'Spike glycoprotein'
2 polymer 'Camel-derived nanobody 2.15'
3 branched 2-acetamido-2-deoxy-beta-D-glucopyranose-(1-4)-2-acetamido-2-deoxy-beta-D-glucopyranose
4 non-polymer 2-acetamido-2-deoxy-beta-D-glucopyranose
#
loop_
_entity_poly.entity_id
_entity_poly.type
_entity_poly.pdbx_seq_one_letter_code
_entity_poly.pdbx_strand_id
1 'polypeptide(L)'
;MFVFLVLLPLVSSQCVNLTTRTQLPPAYTNSFTRGVYYPDKVFRSSVLHSTQDLFLPFFSNVTWFHAIHVSGTNGTKRFD
NPVLPFNDGVYFASTEKSNIIRGWIFGTTLDSKTQSLLIVNNATNVVIKVCEFQFCNDPFLGVYYHKNNKSWMESEFRVY
SSANNCTFEYVSQPFLMDLEGKQGNFKNLREFVFKNIDGYFKIYSKHTPINLVRDLPQGFSALEPLVDLPIGINITRFQT
LLALHRSYLTPGDSSSGWTAGAAAYYVGYLQPRTFLLKYNENGTITDAVDCALDPLSETKCTLKSFTVEKGIYQTSNFRV
QPTESIVRFPNITNLCPFGEVFNATRFASVYAWNRKRISNCVADYSVLYNSASFSTFKCYGVSPTKLNDLCFTNVYADSF
VIRGDEVRQIAPGQTGKIADYNYKLPDDFTGCVIAWNSNNLDSKVGGNYNYLYRLFRKSNLKPFERDISTEIYQAGSTPC
NGVEGFNCYFPLQSYGFQPTNGVGYQPYRVVVLSFELLHAPATVCGPKKSTNLVKNKCVNFNFNGLTGTGVLTESNKKFL
PFQQFGRDIADTTDAVRDPQTLEILDITPCSFGGVSVITPGTNTSNQVAVLYQDVNCTEVPVAIHADQLTPTWRVYSTGS
NVFQTRAGCLIGAEHVNNSYECDIPIGAGICASYQTQTNSPGSASSVASQSIIAYTMSLGAENSVAYSNNSIAIPTNFTI
SVTTEILPVSMTKTSVDCTMYICGDSTECSNLLLQYGSFCTQLNRALTGIAVEQDKNTQEVFAQVKQIYKTPPIKDFGGF
NFSQILPDPSKPSKRSFIEDLLFNKVTLADAGFIKQYGDCLGDIAARDLICAQKFNGLTVLPPLLTDEMIAQYTSALLAG
TITSGWTFGAGAALQIPFAMQMAYRFNGIGVTQNVLYENQKLIANQFNSAIGKIQDSLSSTPSALGKLQDVVNQNAQALN
TLVKQLSSNFGAISSVLNDILSRLDPPEAEVQIDRLITGRLQSLQTYVTQQLIRAAEIRASANLAATKMSECVLGQSKRV
DFCGKGYHLMSFPQSAPHGVVFLHVTYVPAQEKNFTTAPAICHDGKAHFPREGVFVSNGTHWFVTQRNFYEPQIITTDNT
FVSGNCDVVIGIVNNTVYDPLQPELDSFKEELDKYFKNHTSPDVDLGDISGINASVVNIQKEIDRLNEVAKNLNESLIDL
QELGKYEQGSGSGYIPEAPRDGQAYVRKDGEWVLLSTFLGTENLYFQGDYKDDDDKGSHHHHHH
;
A,B,C
2 'polypeptide(L)'
;QVQLVESGGGSVQAGGSLKLSCAASGYASWARKCIGWFRQAPGQEREGVAAIFDFDGSTYYSDSVKGRFTISGDNAKNTV
SLQMNSLLPKDTAVYYCTVAFGTCDNWYRGRGDYWGQGTQVTVSSALVPR
;
D,E
#
# COMPACT_ATOMS: atom_id res chain seq x y z
N GLN A 14 20.62 -47.35 46.89
CA GLN A 14 21.21 -48.40 46.07
C GLN A 14 20.15 -49.01 45.17
N CYS A 15 20.28 -48.80 43.85
CA CYS A 15 19.31 -49.25 42.88
C CYS A 15 19.75 -50.57 42.26
N VAL A 16 18.79 -51.44 41.98
CA VAL A 16 19.04 -52.75 41.40
C VAL A 16 18.54 -52.69 39.96
N ASN A 17 19.46 -52.85 39.01
CA ASN A 17 19.12 -52.75 37.60
C ASN A 17 18.37 -54.01 37.18
N LEU A 18 17.04 -53.97 37.28
CA LEU A 18 16.22 -55.14 37.03
C LEU A 18 16.65 -55.84 35.75
N THR A 19 16.62 -57.16 35.79
CA THR A 19 16.87 -58.06 34.69
C THR A 19 15.68 -59.01 34.63
N THR A 20 15.82 -60.10 33.91
CA THR A 20 14.71 -61.03 33.73
C THR A 20 13.62 -60.34 32.92
N ARG A 21 14.06 -59.47 32.01
CA ARG A 21 13.19 -58.70 31.13
C ARG A 21 13.50 -59.14 29.71
N THR A 22 12.46 -59.54 28.97
CA THR A 22 12.68 -60.08 27.64
C THR A 22 12.71 -58.96 26.62
N GLN A 23 13.53 -59.13 25.58
CA GLN A 23 13.70 -58.11 24.56
C GLN A 23 12.74 -58.35 23.40
N LEU A 24 11.74 -57.48 23.30
CA LEU A 24 10.74 -57.56 22.26
C LEU A 24 10.75 -56.25 21.48
N PRO A 25 10.81 -56.30 20.15
CA PRO A 25 10.86 -55.06 19.39
C PRO A 25 9.63 -54.21 19.66
N PRO A 26 9.67 -52.93 19.30
CA PRO A 26 8.57 -52.03 19.67
C PRO A 26 7.29 -52.35 18.90
N ALA A 27 6.17 -52.10 19.57
CA ALA A 27 4.85 -52.20 18.96
C ALA A 27 4.33 -50.81 18.60
N TYR A 28 3.10 -50.77 18.09
CA TYR A 28 2.57 -49.55 17.51
C TYR A 28 1.05 -49.60 17.44
N THR A 29 0.46 -48.42 17.41
CA THR A 29 -0.96 -48.24 17.15
C THR A 29 -1.20 -46.75 16.88
N ASN A 30 -2.40 -46.43 16.41
CA ASN A 30 -2.67 -45.13 15.84
C ASN A 30 -3.53 -44.29 16.77
N SER A 31 -3.50 -42.99 16.57
CA SER A 31 -4.29 -42.05 17.34
C SER A 31 -5.64 -41.87 16.64
N PHE A 32 -6.64 -41.43 17.39
CA PHE A 32 -7.98 -41.28 16.86
C PHE A 32 -8.61 -40.11 17.60
N THR A 33 -8.49 -38.91 17.02
CA THR A 33 -9.03 -37.70 17.62
C THR A 33 -8.48 -37.50 19.02
N ARG A 34 -7.23 -37.90 19.21
CA ARG A 34 -6.52 -37.66 20.46
C ARG A 34 -5.42 -36.63 20.26
N GLY A 35 -5.25 -35.78 21.27
CA GLY A 35 -4.20 -34.80 21.28
C GLY A 35 -4.74 -33.40 21.15
N VAL A 36 -6.01 -33.24 21.50
CA VAL A 36 -6.71 -31.97 21.39
C VAL A 36 -6.81 -31.38 22.79
N TYR A 37 -6.19 -30.22 22.97
CA TYR A 37 -6.22 -29.49 24.23
C TYR A 37 -6.68 -28.06 23.97
N TYR A 38 -6.55 -27.21 24.98
CA TYR A 38 -6.92 -25.80 24.85
C TYR A 38 -5.66 -24.96 24.96
N PRO A 39 -5.19 -24.37 23.86
CA PRO A 39 -3.88 -23.71 23.89
C PRO A 39 -3.76 -22.64 24.95
N ASP A 40 -4.84 -21.94 25.26
CA ASP A 40 -4.76 -20.68 25.97
C ASP A 40 -5.82 -20.63 27.07
N LYS A 41 -5.85 -19.48 27.74
CA LYS A 41 -6.80 -19.19 28.80
C LYS A 41 -7.90 -18.26 28.31
N VAL A 42 -8.17 -18.32 27.01
CA VAL A 42 -9.13 -17.47 26.34
C VAL A 42 -10.39 -18.29 26.12
N PHE A 43 -11.51 -17.61 25.96
CA PHE A 43 -12.79 -18.29 25.89
C PHE A 43 -13.61 -17.78 24.71
N ARG A 44 -14.47 -18.66 24.21
CA ARG A 44 -15.39 -18.36 23.12
C ARG A 44 -16.44 -19.46 23.17
N SER A 45 -17.64 -19.16 22.69
CA SER A 45 -18.73 -20.13 22.71
C SER A 45 -19.47 -20.09 21.39
N SER A 46 -19.77 -21.26 20.85
CA SER A 46 -20.37 -21.39 19.53
C SER A 46 -19.51 -20.68 18.49
N VAL A 47 -18.28 -21.16 18.34
CA VAL A 47 -17.28 -20.48 17.52
C VAL A 47 -16.40 -21.51 16.84
N LEU A 48 -15.70 -21.05 15.80
CA LEU A 48 -14.70 -21.83 15.10
C LEU A 48 -13.41 -21.03 15.20
N HIS A 49 -12.27 -21.71 15.24
CA HIS A 49 -10.98 -21.05 15.37
C HIS A 49 -9.92 -21.75 14.53
N SER A 50 -9.11 -20.94 13.86
CA SER A 50 -7.90 -21.40 13.19
C SER A 50 -6.70 -21.12 14.09
N THR A 51 -5.90 -22.15 14.35
CA THR A 51 -4.78 -22.03 15.26
C THR A 51 -3.61 -22.83 14.74
N GLN A 52 -2.41 -22.33 14.96
CA GLN A 52 -1.19 -23.09 14.72
C GLN A 52 -0.38 -23.13 16.00
N ASP A 53 0.07 -24.32 16.37
CA ASP A 53 0.85 -24.55 17.57
C ASP A 53 1.19 -26.03 17.60
N LEU A 54 2.04 -26.43 18.53
CA LEU A 54 2.37 -27.84 18.68
C LEU A 54 1.09 -28.57 19.06
N PHE A 55 0.95 -29.80 18.59
CA PHE A 55 -0.28 -30.56 18.68
C PHE A 55 0.00 -32.00 18.30
N LEU A 56 -0.99 -32.87 18.51
CA LEU A 56 -0.90 -34.23 18.03
C LEU A 56 -1.68 -34.37 16.74
N PRO A 57 -1.24 -35.19 15.79
CA PRO A 57 -2.02 -35.37 14.57
C PRO A 57 -3.12 -36.39 14.77
N PHE A 58 -4.29 -36.07 14.24
CA PHE A 58 -5.33 -37.07 14.14
C PHE A 58 -4.82 -38.26 13.35
N PHE A 59 -5.28 -39.45 13.71
CA PHE A 59 -4.96 -40.65 12.97
C PHE A 59 -3.47 -40.76 12.72
N SER A 60 -2.72 -40.94 13.80
CA SER A 60 -1.28 -41.06 13.77
C SER A 60 -0.83 -42.14 14.75
N ASN A 61 0.31 -42.74 14.42
CA ASN A 61 0.81 -43.89 15.15
C ASN A 61 1.68 -43.44 16.30
N VAL A 62 1.35 -43.90 17.50
CA VAL A 62 2.08 -43.59 18.72
C VAL A 62 2.87 -44.82 19.14
N THR A 63 3.74 -44.65 20.14
CA THR A 63 4.59 -45.75 20.56
C THR A 63 3.90 -46.59 21.61
N TRP A 64 4.17 -47.89 21.59
CA TRP A 64 3.43 -48.87 22.36
C TRP A 64 4.36 -49.53 23.37
N PHE A 65 3.92 -49.56 24.63
CA PHE A 65 4.71 -50.12 25.72
C PHE A 65 3.77 -50.70 26.76
N HIS A 66 4.12 -51.88 27.29
CA HIS A 66 3.21 -52.68 28.09
C HIS A 66 3.77 -52.98 29.48
N ALA A 67 2.96 -53.73 30.24
CA ALA A 67 3.38 -54.45 31.44
C ALA A 67 2.33 -55.55 31.64
N ILE A 68 2.70 -56.78 31.31
CA ILE A 68 1.77 -57.91 31.32
C ILE A 68 2.45 -59.13 31.90
N HIS A 69 1.70 -59.85 32.74
CA HIS A 69 2.28 -60.94 33.52
C HIS A 69 2.72 -62.10 32.64
N VAL A 70 1.88 -62.49 31.69
CA VAL A 70 2.18 -63.62 30.80
C VAL A 70 2.14 -64.92 31.60
N THR A 76 9.05 -62.52 30.67
CA THR A 76 8.16 -61.53 30.07
C THR A 76 8.01 -60.33 31.01
N LYS A 77 6.75 -60.01 31.35
CA LYS A 77 6.43 -58.97 32.32
C LYS A 77 6.63 -57.57 31.77
N ARG A 78 7.24 -57.46 30.59
CA ARG A 78 7.14 -56.27 29.75
C ARG A 78 7.30 -54.99 30.56
N PHE A 79 8.50 -54.79 31.09
CA PHE A 79 8.83 -53.55 31.79
C PHE A 79 9.57 -52.63 30.83
N ASP A 80 9.13 -51.38 30.76
CA ASP A 80 9.76 -50.37 29.92
C ASP A 80 9.65 -49.00 30.58
N ASN A 81 10.80 -48.45 31.00
CA ASN A 81 10.96 -47.01 31.23
C ASN A 81 12.21 -46.59 30.46
N PRO A 82 12.15 -46.67 29.14
CA PRO A 82 13.35 -46.47 28.33
C PRO A 82 13.56 -45.01 27.97
N VAL A 83 14.64 -44.78 27.24
CA VAL A 83 15.06 -43.43 26.89
C VAL A 83 14.26 -43.05 25.65
N LEU A 84 13.09 -42.63 25.85
CA LEU A 84 12.30 -42.04 24.78
C LEU A 84 12.57 -40.54 24.70
N PRO A 85 13.06 -40.05 23.58
CA PRO A 85 13.31 -38.61 23.48
C PRO A 85 12.07 -37.76 23.69
N PHE A 86 12.32 -36.47 23.87
CA PHE A 86 11.30 -35.47 24.15
C PHE A 86 11.53 -34.34 23.15
N ASN A 87 10.94 -34.46 21.97
CA ASN A 87 11.36 -33.63 20.84
C ASN A 87 10.85 -32.20 20.96
N ASP A 88 9.54 -32.02 20.87
CA ASP A 88 8.96 -30.68 20.93
C ASP A 88 7.74 -30.65 21.82
N GLY A 89 7.10 -31.80 22.02
CA GLY A 89 5.94 -31.93 22.86
C GLY A 89 5.40 -33.33 22.69
N VAL A 90 4.90 -33.95 23.75
CA VAL A 90 4.64 -35.38 23.72
C VAL A 90 3.30 -35.67 24.39
N TYR A 91 2.66 -36.73 23.95
CA TYR A 91 1.40 -37.20 24.48
C TYR A 91 1.66 -38.54 25.16
N PHE A 92 0.97 -38.78 26.27
CA PHE A 92 1.09 -40.02 27.03
C PHE A 92 -0.31 -40.56 27.23
N ALA A 93 -0.42 -41.88 27.28
CA ALA A 93 -1.67 -42.54 27.61
C ALA A 93 -1.49 -43.42 28.84
N SER A 94 -2.52 -43.47 29.68
CA SER A 94 -2.56 -44.42 30.79
C SER A 94 -3.93 -45.05 30.83
N THR A 95 -4.11 -46.11 30.07
CA THR A 95 -5.28 -46.97 30.16
C THR A 95 -5.01 -47.97 31.27
N GLU A 96 -5.54 -47.70 32.46
CA GLU A 96 -5.13 -48.43 33.64
C GLU A 96 -6.33 -48.80 34.48
N LYS A 97 -6.17 -49.90 35.22
CA LYS A 97 -7.14 -50.33 36.22
C LYS A 97 -6.46 -50.36 37.57
N SER A 98 -5.18 -50.74 37.58
CA SER A 98 -4.42 -50.92 38.80
C SER A 98 -3.41 -49.80 39.03
N ASN A 99 -3.46 -48.74 38.22
CA ASN A 99 -2.59 -47.57 38.40
C ASN A 99 -1.14 -48.00 38.54
N ILE A 100 -0.64 -48.68 37.51
CA ILE A 100 0.73 -49.18 37.56
C ILE A 100 1.74 -48.06 37.34
N ILE A 101 1.43 -47.12 36.44
CA ILE A 101 2.43 -46.13 36.06
C ILE A 101 2.30 -44.91 36.94
N ARG A 102 3.43 -44.42 37.44
CA ARG A 102 3.44 -43.50 38.56
C ARG A 102 4.32 -42.28 38.39
N GLY A 103 4.95 -42.10 37.23
CA GLY A 103 5.60 -40.83 36.95
C GLY A 103 6.56 -40.95 35.79
N TRP A 104 7.48 -40.00 35.73
CA TRP A 104 8.49 -39.96 34.69
C TRP A 104 9.75 -39.36 35.26
N ILE A 105 10.75 -39.25 34.40
CA ILE A 105 11.96 -38.50 34.69
C ILE A 105 12.44 -37.89 33.39
N PHE A 106 12.59 -36.57 33.37
CA PHE A 106 13.04 -35.91 32.15
C PHE A 106 14.40 -35.30 32.41
N GLY A 107 15.09 -34.97 31.33
CA GLY A 107 16.41 -34.39 31.44
C GLY A 107 17.20 -34.66 30.17
N THR A 108 18.52 -34.67 30.34
CA THR A 108 19.43 -34.98 29.24
C THR A 108 20.54 -35.93 29.65
N THR A 109 20.86 -36.00 30.93
CA THR A 109 21.88 -36.93 31.43
C THR A 109 21.33 -37.96 32.40
N LEU A 110 20.56 -37.53 33.41
CA LEU A 110 19.93 -38.45 34.36
C LEU A 110 20.99 -39.19 35.17
N ASP A 111 22.16 -38.58 35.31
CA ASP A 111 23.18 -39.11 36.22
C ASP A 111 23.85 -37.99 37.00
N SER A 112 23.08 -37.05 37.53
CA SER A 112 23.49 -36.05 38.50
C SER A 112 24.35 -34.94 37.89
N LYS A 113 24.71 -35.04 36.62
CA LYS A 113 25.57 -34.01 36.03
C LYS A 113 24.76 -32.82 35.54
N THR A 114 23.56 -33.08 35.04
CA THR A 114 22.66 -32.05 34.56
C THR A 114 21.39 -32.07 35.39
N GLN A 115 20.70 -30.93 35.42
CA GLN A 115 19.36 -30.92 36.00
C GLN A 115 18.47 -31.84 35.18
N SER A 116 17.37 -32.26 35.78
CA SER A 116 16.46 -33.21 35.18
C SER A 116 15.06 -32.90 35.65
N LEU A 117 14.14 -33.83 35.41
CA LEU A 117 12.82 -33.76 35.98
C LEU A 117 12.37 -35.15 36.39
N LEU A 118 11.44 -35.18 37.33
CA LEU A 118 10.50 -36.26 37.48
C LEU A 118 9.16 -35.61 37.73
N ILE A 119 8.09 -36.37 37.57
CA ILE A 119 6.80 -36.03 38.14
C ILE A 119 6.18 -37.32 38.65
N VAL A 120 6.21 -37.50 39.97
CA VAL A 120 5.74 -38.72 40.59
C VAL A 120 4.56 -38.42 41.50
N ASN A 121 3.68 -39.40 41.61
CA ASN A 121 2.55 -39.37 42.53
C ASN A 121 2.77 -40.53 43.48
N ASN A 122 3.58 -40.30 44.51
CA ASN A 122 3.77 -41.33 45.51
C ASN A 122 2.43 -41.60 46.20
N ALA A 123 2.36 -42.71 46.94
CA ALA A 123 1.08 -43.14 47.47
C ALA A 123 0.42 -42.07 48.33
N THR A 124 1.18 -41.10 48.80
CA THR A 124 0.65 -40.05 49.66
C THR A 124 0.68 -38.67 49.02
N ASN A 125 1.86 -38.21 48.62
CA ASN A 125 2.02 -36.91 47.99
C ASN A 125 2.07 -37.08 46.48
N VAL A 126 2.46 -36.01 45.80
CA VAL A 126 2.84 -36.07 44.40
C VAL A 126 4.15 -35.31 44.30
N VAL A 127 5.22 -36.05 44.07
CA VAL A 127 6.57 -35.52 44.18
C VAL A 127 7.02 -35.04 42.81
N ILE A 128 7.52 -33.80 42.77
CA ILE A 128 8.06 -33.21 41.57
C ILE A 128 9.20 -32.32 42.00
N LYS A 129 10.33 -32.40 41.29
CA LYS A 129 11.56 -31.75 41.71
C LYS A 129 12.34 -31.37 40.46
N VAL A 130 12.97 -30.20 40.51
CA VAL A 130 13.82 -29.71 39.44
C VAL A 130 15.24 -29.83 39.94
N CYS A 131 15.90 -30.94 39.61
CA CYS A 131 17.09 -31.33 40.35
C CYS A 131 18.07 -32.08 39.45
N GLU A 132 19.24 -32.36 40.02
CA GLU A 132 20.30 -33.10 39.34
C GLU A 132 20.47 -34.44 40.04
N PHE A 133 19.70 -35.42 39.59
CA PHE A 133 19.74 -36.73 40.20
C PHE A 133 20.73 -37.63 39.47
N GLN A 134 21.22 -38.63 40.20
CA GLN A 134 22.05 -39.68 39.60
C GLN A 134 21.14 -40.83 39.17
N PHE A 135 20.16 -40.47 38.36
CA PHE A 135 19.13 -41.42 37.96
C PHE A 135 19.77 -42.67 37.38
N CYS A 136 19.39 -43.83 37.92
CA CYS A 136 19.85 -45.11 37.43
C CYS A 136 19.26 -45.37 36.03
N ASN A 137 19.54 -46.55 35.48
CA ASN A 137 19.16 -46.84 34.11
C ASN A 137 17.87 -47.65 34.05
N ASP A 138 17.56 -48.42 35.09
CA ASP A 138 16.30 -49.14 35.22
C ASP A 138 15.58 -48.76 36.52
N PRO A 139 15.47 -47.46 36.80
CA PRO A 139 14.67 -47.05 37.96
C PRO A 139 13.26 -47.62 37.94
N PHE A 140 12.59 -47.50 39.07
CA PHE A 140 11.37 -48.24 39.34
C PHE A 140 10.84 -47.81 40.70
N LEU A 141 9.70 -48.38 41.07
CA LEU A 141 9.27 -48.43 42.46
C LEU A 141 9.13 -49.89 42.86
N GLY A 142 8.94 -50.10 44.15
CA GLY A 142 8.67 -51.43 44.66
C GLY A 142 7.46 -51.44 45.58
N VAL A 143 6.41 -52.11 45.17
CA VAL A 143 5.23 -52.29 46.00
C VAL A 143 5.11 -53.77 46.34
N TYR A 144 4.93 -54.08 47.62
CA TYR A 144 4.98 -55.44 48.11
C TYR A 144 3.60 -55.85 48.62
N TYR A 145 3.25 -57.11 48.41
CA TYR A 145 1.96 -57.66 48.79
C TYR A 145 2.12 -58.48 50.07
N HIS A 146 1.27 -58.20 51.05
CA HIS A 146 1.27 -58.93 52.32
C HIS A 146 0.39 -60.16 52.16
N LYS A 147 1.00 -61.28 51.74
CA LYS A 147 0.24 -62.50 51.55
C LYS A 147 -0.41 -62.99 52.85
N ASN A 148 -0.04 -62.39 53.98
CA ASN A 148 -0.68 -62.75 55.24
C ASN A 148 -1.99 -61.99 55.43
N ASN A 149 -1.93 -60.66 55.42
CA ASN A 149 -3.12 -59.81 55.47
C ASN A 149 -3.22 -59.05 54.16
N LYS A 150 -4.23 -59.38 53.36
CA LYS A 150 -4.30 -58.84 52.01
C LYS A 150 -4.20 -57.32 52.07
N SER A 151 -3.11 -56.77 51.55
CA SER A 151 -2.78 -55.37 51.75
C SER A 151 -1.61 -55.01 50.85
N TRP A 152 -1.70 -53.84 50.22
CA TRP A 152 -0.61 -53.30 49.42
C TRP A 152 -0.10 -52.02 50.07
N MET A 153 1.17 -52.02 50.46
CA MET A 153 1.84 -50.82 50.95
C MET A 153 3.07 -50.58 50.11
N GLU A 154 3.65 -49.40 50.26
CA GLU A 154 4.86 -49.06 49.52
C GLU A 154 6.07 -49.55 50.28
N SER A 155 7.15 -49.81 49.56
CA SER A 155 8.38 -50.32 50.14
C SER A 155 9.60 -49.46 49.90
N GLU A 156 9.86 -49.06 48.65
CA GLU A 156 11.20 -48.61 48.27
C GLU A 156 11.15 -47.47 47.27
N PHE A 157 12.32 -46.87 47.05
CA PHE A 157 12.53 -45.78 46.09
C PHE A 157 13.99 -45.91 45.66
N ARG A 158 14.22 -46.56 44.52
CA ARG A 158 15.56 -46.90 44.04
C ARG A 158 15.63 -46.48 42.58
N VAL A 159 15.93 -45.20 42.36
CA VAL A 159 15.96 -44.61 41.02
C VAL A 159 17.29 -43.92 40.76
N TYR A 160 17.72 -43.08 41.68
CA TYR A 160 18.94 -42.29 41.56
C TYR A 160 19.81 -42.59 42.78
N SER A 161 20.88 -41.83 42.95
CA SER A 161 21.75 -41.98 44.11
C SER A 161 22.17 -40.66 44.75
N SER A 162 21.99 -39.52 44.09
CA SER A 162 22.34 -38.23 44.69
C SER A 162 21.24 -37.21 44.41
N ALA A 163 21.00 -36.34 45.39
CA ALA A 163 20.06 -35.24 45.22
C ALA A 163 20.57 -34.09 46.08
N ASN A 164 21.37 -33.20 45.47
CA ASN A 164 22.15 -32.23 46.23
C ASN A 164 21.84 -30.79 45.87
N ASN A 165 21.86 -30.44 44.59
CA ASN A 165 21.87 -29.04 44.15
C ASN A 165 20.61 -28.77 43.34
N CYS A 166 19.56 -28.28 44.00
CA CYS A 166 18.31 -28.10 43.26
C CYS A 166 17.29 -27.35 44.09
N THR A 167 16.36 -26.72 43.37
CA THR A 167 15.55 -25.64 43.90
C THR A 167 14.08 -25.97 43.91
N PHE A 168 13.50 -26.35 42.78
CA PHE A 168 12.07 -26.57 42.69
C PHE A 168 11.74 -27.98 43.14
N GLU A 169 10.91 -28.08 44.15
CA GLU A 169 10.47 -29.37 44.67
C GLU A 169 9.06 -29.19 45.24
N TYR A 170 8.06 -29.48 44.39
CA TYR A 170 6.67 -29.25 44.74
C TYR A 170 6.11 -30.52 45.36
N VAL A 171 4.99 -30.39 46.06
CA VAL A 171 4.40 -31.49 46.80
C VAL A 171 2.88 -31.39 46.74
N SER A 172 2.22 -32.53 46.70
CA SER A 172 0.79 -32.63 46.97
C SER A 172 0.56 -33.04 48.41
N GLN A 173 -0.65 -32.80 48.89
CA GLN A 173 -0.97 -33.14 50.26
C GLN A 173 -1.03 -34.65 50.42
N PRO A 174 -0.64 -35.20 51.57
CA PRO A 174 -0.71 -36.66 51.74
C PRO A 174 -2.14 -37.17 51.58
N PHE A 175 -2.29 -38.16 50.71
CA PHE A 175 -3.58 -38.82 50.47
C PHE A 175 -3.36 -40.32 50.53
N LEU A 176 -4.45 -41.06 50.38
CA LEU A 176 -4.41 -42.52 50.42
C LEU A 176 -4.59 -43.07 49.00
N MET A 177 -3.49 -43.16 48.26
CA MET A 177 -3.44 -43.87 47.00
C MET A 177 -3.77 -45.34 47.24
N ASP A 178 -4.33 -45.99 46.22
CA ASP A 178 -4.81 -47.37 46.38
C ASP A 178 -3.64 -48.35 46.40
N LEU A 179 -2.87 -48.40 45.32
CA LEU A 179 -1.72 -49.30 45.11
C LEU A 179 -2.12 -50.75 44.87
N GLU A 180 -3.40 -51.09 44.94
CA GLU A 180 -3.83 -52.49 44.82
C GLU A 180 -3.98 -52.89 43.36
N GLY A 181 -3.72 -54.17 43.08
CA GLY A 181 -3.85 -54.71 41.74
C GLY A 181 -5.12 -55.51 41.56
N LYS A 182 -5.93 -55.13 40.57
CA LYS A 182 -7.21 -55.77 40.33
C LYS A 182 -7.15 -56.66 39.08
N GLN A 183 -8.29 -57.27 38.76
CA GLN A 183 -8.43 -58.14 37.61
C GLN A 183 -9.58 -57.66 36.74
N GLY A 184 -9.41 -57.74 35.42
CA GLY A 184 -10.36 -57.27 34.45
C GLY A 184 -9.67 -56.50 33.35
N ASN A 185 -10.43 -55.68 32.64
CA ASN A 185 -9.88 -54.78 31.64
C ASN A 185 -9.51 -53.45 32.28
N PHE A 186 -8.70 -52.66 31.57
CA PHE A 186 -8.45 -51.30 32.00
C PHE A 186 -9.76 -50.53 32.01
N LYS A 187 -9.86 -49.57 32.92
CA LYS A 187 -11.06 -48.77 33.04
C LYS A 187 -10.81 -47.28 33.25
N ASN A 188 -9.55 -46.85 33.34
CA ASN A 188 -9.23 -45.44 33.52
C ASN A 188 -8.38 -44.98 32.35
N LEU A 189 -8.92 -44.07 31.56
CA LEU A 189 -8.18 -43.44 30.47
C LEU A 189 -7.83 -42.02 30.88
N ARG A 190 -6.62 -41.84 31.40
CA ARG A 190 -6.11 -40.52 31.71
C ARG A 190 -5.29 -40.09 30.50
N GLU A 191 -5.24 -38.79 30.27
CA GLU A 191 -4.52 -38.23 29.13
C GLU A 191 -3.69 -37.06 29.62
N PHE A 192 -2.40 -37.10 29.33
CA PHE A 192 -1.49 -36.02 29.66
C PHE A 192 -0.97 -35.42 28.37
N VAL A 193 -0.46 -34.20 28.45
CA VAL A 193 0.18 -33.54 27.34
C VAL A 193 1.43 -32.88 27.86
N PHE A 194 2.52 -32.98 27.09
CA PHE A 194 3.84 -32.60 27.55
C PHE A 194 4.46 -31.60 26.59
N LYS A 195 4.72 -30.41 27.10
CA LYS A 195 5.42 -29.36 26.37
C LYS A 195 6.28 -28.60 27.37
N ASN A 196 7.22 -27.82 26.85
CA ASN A 196 8.20 -27.12 27.66
C ASN A 196 8.63 -25.88 26.88
N ILE A 197 8.09 -24.73 27.25
CA ILE A 197 8.20 -23.54 26.42
C ILE A 197 8.38 -22.32 27.32
N ASP A 198 8.96 -21.27 26.74
CA ASP A 198 9.07 -19.96 27.38
C ASP A 198 9.71 -20.05 28.76
N GLY A 199 10.48 -21.11 29.00
CA GLY A 199 11.01 -21.36 30.32
C GLY A 199 10.04 -22.05 31.24
N TYR A 200 8.91 -22.50 30.71
CA TYR A 200 7.89 -23.20 31.46
C TYR A 200 7.92 -24.67 31.06
N PHE A 201 7.48 -25.53 31.97
CA PHE A 201 7.13 -26.89 31.59
C PHE A 201 5.62 -26.93 31.54
N LYS A 202 5.10 -27.55 30.49
CA LYS A 202 3.72 -27.37 30.08
C LYS A 202 2.98 -28.69 30.12
N ILE A 203 2.07 -28.82 31.08
CA ILE A 203 1.38 -30.08 31.34
C ILE A 203 -0.11 -29.83 31.19
N TYR A 204 -0.69 -30.40 30.14
CA TYR A 204 -2.13 -30.37 29.96
C TYR A 204 -2.66 -31.80 29.95
N SER A 205 -3.89 -31.97 30.45
CA SER A 205 -4.29 -33.28 30.95
C SER A 205 -5.79 -33.45 30.92
N LYS A 206 -6.22 -34.64 31.37
CA LYS A 206 -7.62 -34.98 31.55
C LYS A 206 -7.71 -36.37 32.16
N HIS A 207 -8.86 -36.68 32.73
CA HIS A 207 -9.13 -37.95 33.40
C HIS A 207 -10.43 -38.53 32.88
N THR A 208 -10.36 -39.73 32.30
CA THR A 208 -11.54 -40.38 31.77
C THR A 208 -11.37 -41.89 31.85
N PRO A 209 -12.45 -42.65 31.70
CA PRO A 209 -12.36 -44.11 31.65
C PRO A 209 -12.27 -44.69 30.25
N ILE A 210 -12.10 -46.00 30.19
CA ILE A 210 -12.20 -46.78 28.96
C ILE A 210 -12.81 -48.12 29.29
N ASN A 211 -13.29 -48.83 28.27
CA ASN A 211 -14.01 -50.10 28.45
C ASN A 211 -13.58 -51.12 27.40
N LEU A 212 -12.35 -51.00 26.91
CA LEU A 212 -11.81 -51.93 25.94
C LEU A 212 -10.85 -52.89 26.64
N VAL A 213 -10.15 -53.70 25.83
CA VAL A 213 -9.30 -54.77 26.35
C VAL A 213 -7.82 -54.42 26.21
N ARG A 214 -7.38 -54.07 25.00
CA ARG A 214 -5.97 -53.74 24.77
C ARG A 214 -5.90 -52.79 23.58
N ASP A 215 -5.91 -51.49 23.88
CA ASP A 215 -5.83 -50.45 22.87
C ASP A 215 -5.91 -49.11 23.59
N LEU A 216 -5.73 -48.04 22.83
CA LEU A 216 -6.27 -46.74 23.21
C LEU A 216 -7.44 -46.44 22.30
N PRO A 217 -8.45 -45.72 22.77
CA PRO A 217 -9.76 -45.75 22.11
C PRO A 217 -9.87 -44.77 20.95
N GLN A 218 -11.08 -44.74 20.39
CA GLN A 218 -11.54 -43.62 19.57
C GLN A 218 -12.58 -42.87 20.39
N GLY A 219 -13.18 -41.83 19.82
CA GLY A 219 -14.05 -40.95 20.57
C GLY A 219 -13.31 -39.73 21.06
N PHE A 220 -14.04 -38.62 21.12
CA PHE A 220 -13.42 -37.31 21.26
C PHE A 220 -13.37 -36.91 22.72
N SER A 221 -12.49 -35.95 22.98
CA SER A 221 -12.39 -35.29 24.28
C SER A 221 -11.38 -34.18 24.09
N ALA A 222 -11.12 -33.41 25.13
CA ALA A 222 -10.10 -32.40 25.07
C ALA A 222 -9.32 -32.40 26.38
N LEU A 223 -8.12 -31.84 26.34
CA LEU A 223 -7.30 -31.80 27.53
C LEU A 223 -7.15 -30.37 28.01
N GLU A 224 -7.61 -30.11 29.20
CA GLU A 224 -7.35 -28.84 29.82
C GLU A 224 -5.94 -28.83 30.38
N PRO A 225 -5.48 -27.69 30.89
CA PRO A 225 -4.13 -27.65 31.42
C PRO A 225 -4.04 -28.26 32.81
N LEU A 226 -2.82 -28.65 33.17
CA LEU A 226 -2.49 -29.00 34.55
C LEU A 226 -1.65 -27.93 35.20
N VAL A 227 -0.53 -27.56 34.58
CA VAL A 227 0.35 -26.55 35.12
C VAL A 227 1.33 -26.13 34.04
N ASP A 228 1.82 -24.89 34.12
CA ASP A 228 2.94 -24.41 33.31
C ASP A 228 4.04 -24.11 34.33
N LEU A 229 5.04 -24.98 34.39
CA LEU A 229 5.89 -25.04 35.57
C LEU A 229 7.09 -24.13 35.42
N PRO A 230 7.51 -23.43 36.48
CA PRO A 230 8.57 -22.41 36.36
C PRO A 230 9.98 -22.99 36.43
N ILE A 231 10.24 -24.04 35.66
CA ILE A 231 11.54 -24.70 35.69
C ILE A 231 12.51 -24.09 34.70
N GLY A 232 12.07 -23.81 33.48
CA GLY A 232 12.93 -23.27 32.45
C GLY A 232 14.28 -23.94 32.34
N ILE A 233 14.29 -25.22 31.99
CA ILE A 233 15.52 -25.98 31.77
C ILE A 233 15.55 -26.50 30.34
N ASN A 234 16.65 -27.14 29.98
CA ASN A 234 16.80 -27.80 28.69
C ASN A 234 16.61 -29.29 28.90
N ILE A 235 15.81 -29.92 28.04
CA ILE A 235 15.54 -31.34 28.09
C ILE A 235 15.57 -31.89 26.68
N THR A 236 16.10 -33.10 26.53
CA THR A 236 16.19 -33.74 25.22
C THR A 236 15.39 -35.02 25.17
N ARG A 237 15.31 -35.73 26.29
CA ARG A 237 14.63 -37.02 26.36
C ARG A 237 14.04 -37.20 27.75
N PHE A 238 13.67 -38.43 28.06
CA PHE A 238 13.11 -38.73 29.37
C PHE A 238 13.00 -40.23 29.59
N GLN A 239 12.36 -40.58 30.70
CA GLN A 239 11.87 -41.93 30.94
C GLN A 239 10.61 -41.81 31.77
N THR A 240 9.87 -42.91 31.88
CA THR A 240 8.67 -42.95 32.69
C THR A 240 8.98 -43.52 34.06
N LEU A 241 8.00 -43.47 34.95
CA LEU A 241 8.07 -44.11 36.24
C LEU A 241 6.77 -44.83 36.51
N LEU A 242 6.88 -46.04 37.02
CA LEU A 242 5.77 -46.95 37.20
C LEU A 242 6.10 -47.93 38.31
N ALA A 243 5.11 -48.20 39.15
CA ALA A 243 5.33 -49.02 40.32
C ALA A 243 4.97 -50.48 40.04
N LEU A 244 5.98 -51.33 40.18
CA LEU A 244 5.82 -52.76 40.01
C LEU A 244 5.13 -53.35 41.24
N HIS A 245 4.92 -54.65 41.21
CA HIS A 245 4.35 -55.38 42.34
C HIS A 245 5.30 -56.51 42.72
N ARG A 246 5.14 -57.02 43.93
CA ARG A 246 6.09 -57.99 44.46
C ARG A 246 5.37 -59.09 45.21
N SER A 247 5.11 -60.18 44.50
CA SER A 247 4.65 -61.41 45.12
C SER A 247 5.73 -62.48 44.97
N GLY A 252 10.93 -64.16 44.47
CA GLY A 252 11.95 -63.75 43.52
C GLY A 252 12.96 -62.79 44.13
N ASP A 253 14.22 -62.94 43.74
CA ASP A 253 15.27 -62.06 44.21
C ASP A 253 14.98 -60.65 43.70
N SER A 254 15.44 -59.62 44.42
CA SER A 254 15.07 -58.25 44.07
C SER A 254 15.06 -58.04 42.57
N SER A 255 16.06 -58.56 41.86
CA SER A 255 16.12 -58.48 40.41
C SER A 255 15.23 -59.51 39.75
N SER A 256 14.77 -60.51 40.49
CA SER A 256 13.75 -61.44 40.03
C SER A 256 12.51 -61.28 40.89
N GLY A 257 12.59 -60.39 41.88
CA GLY A 257 11.55 -60.20 42.85
C GLY A 257 10.68 -59.02 42.46
N TRP A 258 10.11 -59.07 41.26
CA TRP A 258 9.35 -57.95 40.71
C TRP A 258 8.19 -58.51 39.90
N THR A 259 7.17 -57.67 39.72
CA THR A 259 6.01 -58.02 38.91
C THR A 259 5.49 -56.77 38.21
N ALA A 260 5.05 -56.95 36.97
CA ALA A 260 4.56 -55.82 36.19
C ALA A 260 3.08 -55.56 36.44
N GLY A 261 2.27 -56.61 36.44
CA GLY A 261 0.83 -56.42 36.49
C GLY A 261 0.36 -55.89 35.16
N ALA A 262 -0.85 -56.26 34.74
CA ALA A 262 -1.28 -55.92 33.39
C ALA A 262 -1.45 -54.41 33.26
N ALA A 263 -0.49 -53.77 32.59
CA ALA A 263 -0.56 -52.33 32.35
C ALA A 263 0.26 -51.92 31.14
N ALA A 264 -0.20 -50.90 30.42
CA ALA A 264 0.50 -50.39 29.25
C ALA A 264 0.27 -48.88 29.17
N TYR A 265 1.05 -48.24 28.31
CA TYR A 265 0.83 -46.83 28.01
C TYR A 265 1.05 -46.60 26.52
N TYR A 266 0.81 -45.36 26.10
CA TYR A 266 1.00 -44.95 24.72
C TYR A 266 1.62 -43.57 24.69
N VAL A 267 2.49 -43.33 23.72
CA VAL A 267 3.43 -42.22 23.77
C VAL A 267 3.80 -41.81 22.35
N GLY A 268 4.10 -40.52 22.17
CA GLY A 268 4.50 -40.01 20.89
C GLY A 268 4.57 -38.49 20.93
N TYR A 269 5.33 -37.95 19.99
CA TYR A 269 5.70 -36.55 19.99
C TYR A 269 4.60 -35.71 19.36
N LEU A 270 4.17 -34.67 20.08
CA LEU A 270 3.31 -33.65 19.53
C LEU A 270 4.02 -32.90 18.41
N GLN A 271 3.25 -32.13 17.64
CA GLN A 271 3.74 -31.50 16.43
C GLN A 271 3.04 -30.19 16.20
N PRO A 272 3.64 -29.28 15.43
CA PRO A 272 2.97 -28.02 15.07
C PRO A 272 2.08 -28.23 13.85
N ARG A 273 0.79 -27.97 14.01
CA ARG A 273 -0.16 -28.23 12.95
C ARG A 273 -1.26 -27.19 12.95
N THR A 274 -1.85 -27.00 11.77
CA THR A 274 -2.91 -26.02 11.56
C THR A 274 -4.26 -26.69 11.83
N PHE A 275 -4.94 -26.23 12.87
CA PHE A 275 -6.10 -26.90 13.41
C PHE A 275 -7.30 -25.97 13.41
N LEU A 276 -8.46 -26.52 13.09
CA LEU A 276 -9.74 -25.82 13.27
C LEU A 276 -10.55 -26.59 14.30
N LEU A 277 -11.13 -25.85 15.24
CA LEU A 277 -11.74 -26.43 16.41
C LEU A 277 -13.13 -25.83 16.60
N LYS A 278 -13.93 -26.46 17.44
CA LYS A 278 -15.29 -26.03 17.73
C LYS A 278 -15.43 -25.83 19.23
N TYR A 279 -15.99 -24.68 19.62
CA TYR A 279 -16.39 -24.52 21.00
C TYR A 279 -17.90 -24.74 21.12
N ASN A 280 -18.45 -24.47 22.28
CA ASN A 280 -19.78 -24.92 22.66
C ASN A 280 -20.71 -23.73 22.91
N GLU A 281 -21.89 -24.03 23.44
CA GLU A 281 -22.66 -23.02 24.14
C GLU A 281 -21.96 -22.64 25.43
N ASN A 282 -21.20 -23.57 25.98
CA ASN A 282 -20.04 -23.24 26.79
C ASN A 282 -18.91 -22.90 25.83
N GLY A 283 -17.68 -22.92 26.31
CA GLY A 283 -16.56 -22.97 25.40
C GLY A 283 -15.91 -24.33 25.31
N THR A 284 -16.65 -25.40 25.63
CA THR A 284 -16.06 -26.72 25.73
C THR A 284 -15.82 -27.31 24.35
N ILE A 285 -14.58 -27.67 24.09
CA ILE A 285 -14.18 -28.22 22.81
C ILE A 285 -14.83 -29.58 22.65
N THR A 286 -15.35 -29.85 21.45
CA THR A 286 -16.07 -31.08 21.17
C THR A 286 -15.58 -31.76 19.90
N ASP A 287 -14.93 -31.03 19.02
CA ASP A 287 -14.49 -31.58 17.74
C ASP A 287 -13.61 -30.55 17.07
N ALA A 288 -12.78 -31.04 16.16
CA ALA A 288 -11.83 -30.21 15.45
C ALA A 288 -11.47 -30.92 14.15
N VAL A 289 -10.68 -30.26 13.33
CA VAL A 289 -10.14 -30.85 12.13
C VAL A 289 -8.76 -30.27 11.87
N ASP A 290 -7.75 -31.12 11.93
CA ASP A 290 -6.46 -30.77 11.36
C ASP A 290 -6.69 -30.40 9.91
N CYS A 291 -6.46 -29.14 9.58
CA CYS A 291 -6.61 -28.71 8.20
C CYS A 291 -5.90 -29.65 7.23
N ALA A 292 -4.68 -30.04 7.54
CA ALA A 292 -3.74 -30.53 6.53
C ALA A 292 -3.62 -32.04 6.49
N LEU A 293 -4.34 -32.76 7.35
CA LEU A 293 -4.19 -34.20 7.35
C LEU A 293 -4.84 -34.81 6.13
N ASP A 294 -6.15 -34.71 6.07
CA ASP A 294 -6.89 -35.09 4.87
C ASP A 294 -7.41 -33.82 4.22
N PRO A 295 -7.63 -33.83 2.91
CA PRO A 295 -7.88 -32.57 2.22
C PRO A 295 -9.29 -32.09 2.40
N LEU A 296 -10.22 -33.01 2.62
CA LEU A 296 -11.56 -32.61 3.00
C LEU A 296 -11.52 -31.72 4.23
N SER A 297 -10.38 -31.70 4.92
CA SER A 297 -10.20 -30.77 6.02
C SER A 297 -9.27 -29.64 5.61
N GLU A 298 -8.48 -29.85 4.56
CA GLU A 298 -7.69 -28.75 3.99
C GLU A 298 -8.62 -27.63 3.57
N THR A 299 -9.83 -28.00 3.19
CA THR A 299 -10.88 -27.02 2.93
C THR A 299 -11.50 -26.52 4.22
N LYS A 300 -11.98 -27.42 5.05
CA LYS A 300 -12.92 -27.07 6.11
C LYS A 300 -12.48 -25.82 6.85
N CYS A 301 -11.20 -25.72 7.17
CA CYS A 301 -10.72 -24.56 7.91
C CYS A 301 -10.43 -23.39 6.98
N THR A 302 -10.39 -23.65 5.67
CA THR A 302 -10.42 -22.54 4.74
C THR A 302 -11.75 -21.82 4.83
N LEU A 303 -12.83 -22.55 4.61
CA LEU A 303 -14.17 -22.03 4.81
C LEU A 303 -14.54 -21.94 6.29
N LYS A 304 -13.86 -22.67 7.14
CA LYS A 304 -14.09 -22.63 8.58
C LYS A 304 -15.42 -23.30 8.94
N SER A 305 -15.83 -24.24 8.10
CA SER A 305 -17.03 -25.03 8.36
C SER A 305 -16.67 -26.45 8.73
N PHE A 306 -17.47 -27.05 9.60
CA PHE A 306 -17.51 -28.49 9.75
C PHE A 306 -18.53 -29.14 8.84
N THR A 307 -18.97 -28.44 7.79
CA THR A 307 -19.80 -29.02 6.76
C THR A 307 -19.43 -28.37 5.43
N VAL A 308 -19.59 -29.12 4.35
CA VAL A 308 -19.18 -28.68 3.03
C VAL A 308 -20.34 -28.87 2.09
N GLU A 309 -20.85 -27.77 1.56
CA GLU A 309 -21.89 -27.79 0.55
C GLU A 309 -21.52 -28.77 -0.55
N LYS A 310 -22.55 -29.30 -1.20
CA LYS A 310 -22.30 -29.82 -2.53
C LYS A 310 -21.68 -28.70 -3.34
N GLY A 311 -20.85 -29.05 -4.30
CA GLY A 311 -20.11 -28.05 -5.01
C GLY A 311 -18.64 -28.15 -4.68
N ILE A 312 -17.87 -27.25 -5.29
CA ILE A 312 -16.42 -27.31 -5.28
C ILE A 312 -15.91 -26.13 -4.48
N TYR A 313 -14.60 -26.05 -4.34
CA TYR A 313 -13.94 -25.00 -3.60
C TYR A 313 -12.46 -25.06 -3.97
N GLN A 314 -11.70 -24.08 -3.52
CA GLN A 314 -10.28 -24.01 -3.84
C GLN A 314 -9.51 -23.61 -2.60
N THR A 315 -8.39 -24.28 -2.35
CA THR A 315 -7.68 -24.16 -1.09
C THR A 315 -6.27 -23.59 -1.23
N SER A 316 -5.47 -24.20 -2.10
CA SER A 316 -4.04 -23.96 -2.11
C SER A 316 -3.55 -23.93 -3.54
N ASN A 317 -2.23 -24.05 -3.69
CA ASN A 317 -1.59 -23.99 -5.00
C ASN A 317 -0.51 -25.05 -5.06
N PHE A 318 -0.37 -25.67 -6.23
CA PHE A 318 0.75 -26.58 -6.45
C PHE A 318 1.87 -25.87 -7.18
N ARG A 319 3.08 -26.30 -6.88
CA ARG A 319 4.31 -25.72 -7.39
C ARG A 319 5.40 -26.69 -7.04
N VAL A 320 6.11 -27.18 -8.04
CA VAL A 320 7.10 -28.23 -7.80
C VAL A 320 8.23 -27.62 -7.00
N GLN A 321 8.91 -28.45 -6.25
CA GLN A 321 10.06 -28.00 -5.51
C GLN A 321 11.32 -28.43 -6.27
N PRO A 322 12.32 -27.58 -6.29
CA PRO A 322 13.50 -27.87 -7.11
C PRO A 322 14.52 -28.71 -6.37
N THR A 323 15.62 -28.98 -7.08
CA THR A 323 16.69 -29.81 -6.55
C THR A 323 17.97 -29.46 -7.26
N GLU A 324 19.02 -30.21 -6.93
CA GLU A 324 20.24 -30.31 -7.73
C GLU A 324 20.66 -28.94 -8.26
N SER A 325 20.79 -27.99 -7.35
CA SER A 325 21.28 -26.66 -7.73
C SER A 325 22.50 -26.80 -8.63
N ILE A 326 22.60 -25.90 -9.62
CA ILE A 326 23.63 -26.00 -10.65
C ILE A 326 24.31 -24.66 -10.82
N VAL A 327 25.58 -24.72 -11.22
CA VAL A 327 26.35 -23.56 -11.63
C VAL A 327 27.37 -24.06 -12.63
N ARG A 328 27.39 -23.44 -13.81
CA ARG A 328 28.28 -23.86 -14.89
C ARG A 328 28.78 -22.60 -15.56
N PHE A 329 29.91 -22.11 -15.07
CA PHE A 329 30.56 -20.90 -15.56
C PHE A 329 31.35 -21.22 -16.83
N PRO A 330 32.00 -20.24 -17.45
CA PRO A 330 32.66 -20.49 -18.74
C PRO A 330 34.03 -21.10 -18.56
N ASN A 331 34.57 -21.54 -19.70
CA ASN A 331 35.80 -22.31 -19.71
C ASN A 331 36.91 -21.50 -19.05
N ILE A 332 37.37 -21.97 -17.89
CA ILE A 332 38.32 -21.19 -17.09
C ILE A 332 39.70 -21.30 -17.72
N THR A 333 40.04 -20.34 -18.59
CA THR A 333 41.22 -20.44 -19.43
C THR A 333 41.97 -19.13 -19.61
N ASN A 334 41.87 -18.20 -18.65
CA ASN A 334 42.64 -16.94 -18.69
C ASN A 334 43.16 -16.63 -17.28
N LEU A 335 44.34 -17.15 -16.95
CA LEU A 335 44.78 -17.24 -15.57
C LEU A 335 45.85 -16.21 -15.25
N CYS A 336 46.18 -16.11 -13.96
CA CYS A 336 47.11 -15.11 -13.48
C CYS A 336 48.54 -15.67 -13.45
N PRO A 337 49.55 -14.79 -13.40
CA PRO A 337 50.96 -15.24 -13.46
C PRO A 337 51.53 -15.58 -12.08
N PHE A 338 51.21 -16.77 -11.59
CA PHE A 338 51.70 -17.18 -10.27
C PHE A 338 52.97 -17.99 -10.37
N GLY A 339 53.05 -18.91 -11.33
CA GLY A 339 54.29 -19.65 -11.51
C GLY A 339 55.45 -18.71 -11.82
N GLU A 340 55.18 -17.66 -12.59
CA GLU A 340 56.17 -16.61 -12.78
C GLU A 340 56.44 -15.85 -11.50
N VAL A 341 55.59 -16.00 -10.50
CA VAL A 341 55.86 -15.52 -9.15
C VAL A 341 56.52 -16.60 -8.30
N PHE A 342 56.05 -17.84 -8.44
CA PHE A 342 56.51 -18.91 -7.55
C PHE A 342 57.71 -19.65 -8.15
N ASN A 343 57.64 -19.96 -9.44
CA ASN A 343 58.70 -20.73 -10.08
C ASN A 343 59.81 -19.85 -10.65
N ALA A 344 59.65 -18.53 -10.63
CA ALA A 344 60.70 -17.65 -11.14
C ALA A 344 62.05 -18.05 -10.55
N THR A 345 63.01 -18.33 -11.44
CA THR A 345 64.28 -18.90 -11.00
C THR A 345 65.03 -17.96 -10.06
N ARG A 346 65.14 -16.69 -10.43
CA ARG A 346 65.92 -15.72 -9.66
C ARG A 346 64.99 -14.86 -8.80
N PHE A 347 65.27 -14.82 -7.51
CA PHE A 347 64.66 -13.86 -6.60
C PHE A 347 65.74 -12.88 -6.15
N ALA A 348 65.35 -11.63 -5.98
CA ALA A 348 66.32 -10.60 -5.69
C ALA A 348 66.74 -10.66 -4.22
N SER A 349 67.71 -9.82 -3.87
CA SER A 349 68.14 -9.71 -2.49
C SER A 349 66.96 -9.28 -1.62
N VAL A 350 67.08 -9.57 -0.32
CA VAL A 350 65.94 -9.38 0.57
C VAL A 350 65.50 -7.93 0.60
N TYR A 351 66.45 -6.99 0.75
CA TYR A 351 66.10 -5.58 0.60
C TYR A 351 65.82 -5.23 -0.85
N ALA A 352 66.36 -6.01 -1.78
CA ALA A 352 66.06 -5.88 -3.20
C ALA A 352 64.78 -6.61 -3.56
N TRP A 353 63.94 -6.88 -2.56
CA TRP A 353 62.71 -7.63 -2.74
C TRP A 353 61.98 -7.19 -4.00
N ASN A 354 61.79 -8.14 -4.92
CA ASN A 354 61.16 -7.88 -6.20
C ASN A 354 59.64 -7.82 -6.03
N ARG A 355 58.99 -7.09 -6.93
CA ARG A 355 57.56 -6.86 -6.87
C ARG A 355 56.92 -7.14 -8.22
N LYS A 356 55.70 -7.69 -8.19
CA LYS A 356 54.89 -7.86 -9.38
C LYS A 356 53.46 -7.41 -9.08
N ARG A 357 52.74 -7.03 -10.13
CA ARG A 357 51.33 -6.70 -10.03
C ARG A 357 50.53 -7.67 -10.88
N ILE A 358 49.32 -7.99 -10.42
CA ILE A 358 48.47 -8.98 -11.07
C ILE A 358 47.05 -8.46 -11.11
N SER A 359 46.43 -8.57 -12.29
CA SER A 359 45.05 -8.11 -12.48
C SER A 359 44.57 -8.62 -13.83
N ASN A 360 43.27 -8.43 -14.07
CA ASN A 360 42.64 -8.80 -15.33
C ASN A 360 42.95 -10.26 -15.69
N CYS A 361 42.66 -11.14 -14.74
CA CYS A 361 42.88 -12.58 -14.88
C CYS A 361 42.11 -13.26 -13.77
N VAL A 362 42.35 -14.55 -13.60
CA VAL A 362 41.70 -15.34 -12.55
C VAL A 362 42.78 -16.00 -11.71
N ALA A 363 42.53 -16.10 -10.40
CA ALA A 363 43.47 -16.66 -9.45
C ALA A 363 42.78 -17.75 -8.64
N ASP A 364 43.33 -18.95 -8.67
CA ASP A 364 42.84 -20.08 -7.88
C ASP A 364 43.81 -20.26 -6.72
N TYR A 365 43.37 -19.84 -5.53
CA TYR A 365 44.17 -19.96 -4.32
C TYR A 365 44.13 -21.35 -3.73
N SER A 366 43.16 -22.18 -4.14
CA SER A 366 43.13 -23.55 -3.66
C SER A 366 44.36 -24.33 -4.11
N VAL A 367 44.57 -24.40 -5.42
CA VAL A 367 45.71 -25.17 -5.95
C VAL A 367 46.98 -24.81 -5.21
N LEU A 368 47.18 -23.52 -4.92
CA LEU A 368 48.32 -23.11 -4.12
C LEU A 368 48.17 -23.61 -2.68
N TYR A 369 46.97 -23.46 -2.12
CA TYR A 369 46.77 -23.83 -0.72
C TYR A 369 46.92 -25.33 -0.53
N ASN A 370 46.28 -26.13 -1.38
CA ASN A 370 46.37 -27.58 -1.30
C ASN A 370 47.45 -28.08 -2.24
N SER A 371 48.68 -27.73 -1.89
CA SER A 371 49.85 -28.07 -2.69
C SER A 371 50.82 -28.97 -1.95
N ALA A 372 50.90 -28.86 -0.63
CA ALA A 372 51.76 -29.66 0.23
C ALA A 372 53.24 -29.42 -0.02
N SER A 373 53.60 -28.50 -0.90
CA SER A 373 54.99 -28.20 -1.20
C SER A 373 55.51 -26.97 -0.46
N PHE A 374 54.61 -26.15 0.08
CA PHE A 374 54.97 -24.95 0.82
C PHE A 374 54.69 -25.18 2.30
N SER A 375 55.74 -25.09 3.11
CA SER A 375 55.61 -25.16 4.56
C SER A 375 55.07 -23.87 5.16
N THR A 376 54.63 -22.93 4.32
CA THR A 376 54.14 -21.64 4.79
C THR A 376 52.84 -21.34 4.06
N PHE A 377 51.74 -21.37 4.80
CA PHE A 377 50.41 -20.99 4.27
C PHE A 377 49.80 -20.07 5.32
N LYS A 378 50.07 -18.77 5.19
CA LYS A 378 49.72 -17.78 6.20
C LYS A 378 49.04 -16.61 5.50
N CYS A 379 47.70 -16.59 5.53
CA CYS A 379 46.92 -15.56 4.88
C CYS A 379 46.27 -14.66 5.93
N TYR A 380 46.49 -13.36 5.81
CA TYR A 380 46.06 -12.37 6.79
C TYR A 380 45.02 -11.46 6.17
N GLY A 381 44.03 -11.05 6.95
CA GLY A 381 42.94 -10.25 6.46
C GLY A 381 41.80 -11.12 5.95
N VAL A 382 42.16 -12.32 5.49
CA VAL A 382 41.20 -13.27 4.95
C VAL A 382 41.63 -14.67 5.35
N SER A 383 40.73 -15.62 5.14
CA SER A 383 41.06 -17.02 5.37
C SER A 383 41.96 -17.53 4.25
N PRO A 384 42.92 -18.41 4.57
CA PRO A 384 43.63 -19.10 3.49
C PRO A 384 42.70 -19.95 2.64
N THR A 385 41.50 -20.25 3.15
CA THR A 385 40.46 -20.89 2.38
C THR A 385 39.44 -19.83 1.97
N LYS A 386 38.34 -20.25 1.35
CA LYS A 386 37.29 -19.35 0.87
C LYS A 386 37.88 -18.14 0.14
N LEU A 387 39.02 -18.36 -0.52
CA LEU A 387 39.65 -17.30 -1.29
C LEU A 387 39.23 -17.32 -2.76
N ASN A 388 38.69 -18.44 -3.24
CA ASN A 388 38.23 -18.55 -4.62
C ASN A 388 36.94 -17.78 -4.87
N ASP A 389 36.30 -17.25 -3.83
CA ASP A 389 35.10 -16.44 -3.97
C ASP A 389 35.35 -14.97 -3.68
N LEU A 390 36.61 -14.55 -3.59
CA LEU A 390 36.98 -13.16 -3.35
C LEU A 390 37.65 -12.57 -4.58
N CYS A 391 37.18 -11.40 -5.00
CA CYS A 391 37.68 -10.73 -6.19
C CYS A 391 38.16 -9.33 -5.79
N PHE A 392 39.30 -8.93 -6.33
CA PHE A 392 39.93 -7.65 -5.99
C PHE A 392 40.38 -6.94 -7.26
N THR A 393 40.85 -5.70 -7.08
CA THR A 393 41.27 -4.88 -8.22
C THR A 393 42.68 -5.25 -8.67
N ASN A 394 43.62 -5.40 -7.74
CA ASN A 394 45.00 -5.70 -8.09
C ASN A 394 45.62 -6.56 -7.00
N VAL A 395 46.67 -7.29 -7.37
CA VAL A 395 47.37 -8.18 -6.46
C VAL A 395 48.86 -7.92 -6.61
N TYR A 396 49.57 -7.90 -5.47
CA TYR A 396 50.96 -7.52 -5.41
C TYR A 396 51.77 -8.67 -4.84
N ALA A 397 52.72 -9.19 -5.62
CA ALA A 397 53.55 -10.31 -5.22
C ALA A 397 54.97 -9.83 -4.94
N ASP A 398 55.37 -9.88 -3.68
CA ASP A 398 56.71 -9.47 -3.24
C ASP A 398 57.54 -10.75 -3.08
N SER A 399 58.59 -10.89 -3.89
CA SER A 399 59.38 -12.11 -3.94
C SER A 399 60.83 -11.82 -3.56
N PHE A 400 61.42 -12.74 -2.79
CA PHE A 400 62.79 -12.62 -2.33
C PHE A 400 63.17 -13.94 -1.66
N VAL A 401 64.39 -14.00 -1.12
CA VAL A 401 64.88 -15.21 -0.45
C VAL A 401 65.64 -14.79 0.81
N ILE A 402 65.57 -15.63 1.83
CA ILE A 402 66.33 -15.49 3.07
C ILE A 402 66.93 -16.85 3.39
N ARG A 403 67.63 -16.93 4.52
CA ARG A 403 67.85 -18.20 5.19
C ARG A 403 66.65 -18.50 6.06
N GLY A 404 66.55 -19.77 6.49
CA GLY A 404 65.38 -20.19 7.23
C GLY A 404 65.11 -19.37 8.47
N ASP A 405 66.14 -18.67 8.97
CA ASP A 405 66.01 -17.96 10.24
C ASP A 405 65.14 -16.72 10.13
N GLU A 406 65.20 -15.99 9.02
CA GLU A 406 64.49 -14.73 8.87
C GLU A 406 63.02 -14.93 8.54
N VAL A 407 62.59 -16.18 8.34
CA VAL A 407 61.24 -16.43 7.88
C VAL A 407 60.22 -16.04 8.93
N ARG A 408 60.66 -15.75 10.16
CA ARG A 408 59.73 -15.39 11.22
C ARG A 408 59.40 -13.91 11.18
N GLN A 409 60.37 -13.07 10.82
CA GLN A 409 60.19 -11.62 10.84
C GLN A 409 59.13 -11.12 9.87
N ILE A 410 58.53 -12.02 9.08
CA ILE A 410 57.52 -11.63 8.10
C ILE A 410 56.16 -11.84 8.76
N ALA A 411 55.67 -10.79 9.42
CA ALA A 411 54.34 -10.79 10.01
C ALA A 411 53.99 -9.39 10.47
N PRO A 412 52.71 -9.05 10.59
CA PRO A 412 52.33 -7.68 10.95
C PRO A 412 52.82 -7.31 12.34
N GLY A 413 53.37 -6.09 12.44
CA GLY A 413 53.84 -5.57 13.71
C GLY A 413 55.08 -6.23 14.25
N GLN A 414 55.91 -6.81 13.39
CA GLN A 414 57.09 -7.54 13.84
C GLN A 414 58.35 -6.75 13.55
N THR A 415 59.41 -7.09 14.28
CA THR A 415 60.66 -6.35 14.25
C THR A 415 61.82 -7.33 14.14
N GLY A 416 62.77 -7.00 13.26
CA GLY A 416 63.90 -7.87 13.03
C GLY A 416 64.81 -7.29 11.98
N LYS A 417 65.96 -7.95 11.80
CA LYS A 417 66.96 -7.46 10.86
C LYS A 417 66.40 -7.41 9.44
N ILE A 418 65.47 -8.31 9.11
CA ILE A 418 64.77 -8.20 7.83
C ILE A 418 63.57 -7.28 7.96
N ALA A 419 62.74 -7.51 8.99
CA ALA A 419 61.56 -6.69 9.18
C ALA A 419 61.91 -5.21 9.22
N ASP A 420 62.89 -4.83 10.03
CA ASP A 420 63.13 -3.42 10.29
C ASP A 420 64.15 -2.80 9.32
N TYR A 421 64.94 -3.61 8.62
CA TYR A 421 66.01 -3.07 7.79
C TYR A 421 65.93 -3.48 6.32
N ASN A 422 65.40 -4.65 6.02
CA ASN A 422 65.36 -5.14 4.64
C ASN A 422 63.95 -5.09 4.06
N TYR A 423 62.94 -5.47 4.83
CA TYR A 423 61.56 -5.46 4.34
C TYR A 423 60.64 -5.32 5.55
N LYS A 424 60.14 -4.10 5.78
CA LYS A 424 59.08 -3.87 6.75
C LYS A 424 57.75 -3.93 6.02
N LEU A 425 56.73 -4.48 6.68
CA LEU A 425 55.44 -4.71 6.07
C LEU A 425 54.34 -4.03 6.88
N PRO A 426 53.20 -3.69 6.25
CA PRO A 426 52.14 -3.01 7.00
C PRO A 426 51.63 -3.88 8.14
N ASP A 427 51.29 -3.21 9.25
CA ASP A 427 50.82 -3.93 10.43
C ASP A 427 49.40 -4.44 10.23
N ASP A 428 48.66 -3.82 9.31
CA ASP A 428 47.28 -4.19 9.02
C ASP A 428 47.08 -4.53 7.54
N PHE A 429 48.06 -5.21 6.94
CA PHE A 429 47.94 -5.59 5.55
C PHE A 429 46.92 -6.70 5.38
N THR A 430 46.21 -6.67 4.26
CA THR A 430 45.23 -7.68 3.90
C THR A 430 45.80 -8.48 2.74
N GLY A 431 46.36 -9.65 3.05
CA GLY A 431 46.99 -10.46 2.03
C GLY A 431 47.35 -11.84 2.54
N CYS A 432 48.50 -12.36 2.11
CA CYS A 432 48.92 -13.69 2.50
C CYS A 432 50.38 -13.88 2.14
N VAL A 433 51.12 -14.50 3.06
CA VAL A 433 52.54 -14.77 2.90
C VAL A 433 52.75 -16.27 2.79
N ILE A 434 53.21 -16.70 1.62
CA ILE A 434 53.55 -18.09 1.35
C ILE A 434 55.07 -18.20 1.28
N ALA A 435 55.58 -19.41 1.50
CA ALA A 435 57.02 -19.62 1.51
C ALA A 435 57.32 -21.10 1.49
N TRP A 436 58.58 -21.43 1.21
CA TRP A 436 59.02 -22.82 1.12
C TRP A 436 60.54 -22.83 1.00
N ASN A 437 61.14 -23.90 1.54
CA ASN A 437 62.59 -24.02 1.49
C ASN A 437 63.08 -24.04 0.04
N SER A 438 64.31 -23.57 -0.17
CA SER A 438 64.87 -23.39 -1.50
C SER A 438 66.33 -23.82 -1.53
N ASN A 439 66.75 -24.61 -0.54
CA ASN A 439 68.13 -25.05 -0.50
C ASN A 439 68.56 -25.68 -1.82
N ASN A 440 67.85 -26.71 -2.26
CA ASN A 440 68.18 -27.33 -3.55
C ASN A 440 68.14 -26.33 -4.69
N LEU A 441 67.42 -25.20 -4.53
CA LEU A 441 67.34 -24.18 -5.56
C LEU A 441 68.10 -22.91 -5.24
N ASP A 442 68.51 -22.71 -3.98
CA ASP A 442 69.18 -21.48 -3.57
C ASP A 442 70.46 -21.73 -2.81
N SER A 443 70.94 -22.96 -2.73
CA SER A 443 72.20 -23.29 -2.07
C SER A 443 73.18 -23.83 -3.09
N LYS A 444 74.43 -23.36 -3.03
CA LYS A 444 75.45 -23.70 -4.00
C LYS A 444 76.71 -24.14 -3.26
N VAL A 445 77.42 -25.11 -3.86
CA VAL A 445 78.69 -25.54 -3.30
C VAL A 445 79.59 -24.33 -3.14
N GLY A 446 80.10 -24.14 -1.92
CA GLY A 446 80.89 -22.98 -1.59
C GLY A 446 80.10 -21.78 -1.08
N GLY A 447 78.78 -21.82 -1.19
CA GLY A 447 77.94 -20.74 -0.69
C GLY A 447 77.30 -19.92 -1.79
N ASN A 448 75.96 -19.87 -1.81
CA ASN A 448 75.22 -19.09 -2.79
C ASN A 448 75.31 -17.63 -2.39
N TYR A 449 76.24 -16.91 -3.01
CA TYR A 449 76.59 -15.57 -2.58
C TYR A 449 75.87 -14.47 -3.35
N ASN A 450 74.83 -14.81 -4.11
CA ASN A 450 74.14 -13.80 -4.91
C ASN A 450 72.96 -13.18 -4.16
N TYR A 451 72.74 -13.56 -2.91
CA TYR A 451 71.57 -13.11 -2.18
C TYR A 451 71.96 -12.13 -1.07
N LEU A 452 71.96 -10.85 -1.38
CA LEU A 452 72.40 -9.81 -0.46
C LEU A 452 71.33 -9.58 0.59
N TYR A 453 71.72 -8.89 1.65
CA TYR A 453 70.76 -8.46 2.67
C TYR A 453 71.39 -7.33 3.49
N ARG A 454 70.60 -6.29 3.71
CA ARG A 454 71.10 -5.09 4.37
C ARG A 454 71.06 -5.24 5.88
N LEU A 455 72.16 -4.83 6.52
CA LEU A 455 72.34 -5.01 7.97
C LEU A 455 72.01 -3.76 8.75
N PHE A 456 72.68 -2.65 8.44
CA PHE A 456 72.56 -1.42 9.20
C PHE A 456 71.95 -0.32 8.34
N ARG A 457 71.04 0.44 8.93
CA ARG A 457 70.48 1.63 8.31
C ARG A 457 69.84 2.46 9.41
N LYS A 458 70.28 3.72 9.53
CA LYS A 458 69.88 4.59 10.65
C LYS A 458 68.38 4.50 10.91
N SER A 459 67.93 5.05 7.98
N SER A 459 67.91 5.07 7.92
CA SER A 459 66.52 5.20 8.30
CA SER A 459 66.51 5.20 8.30
C SER A 459 65.77 3.89 8.10
C SER A 459 65.77 3.89 8.10
N ASN A 460 64.76 3.65 8.93
CA ASN A 460 63.95 2.44 8.83
C ASN A 460 63.13 2.47 7.55
N LEU A 461 62.36 1.40 7.32
CA LEU A 461 61.57 1.25 6.12
C LEU A 461 60.11 1.48 6.44
N LYS A 462 59.46 2.32 5.63
CA LYS A 462 58.06 2.62 5.85
C LYS A 462 57.20 1.68 5.01
N PRO A 463 55.91 1.56 5.33
CA PRO A 463 55.05 0.62 4.61
C PRO A 463 55.20 0.76 3.10
N PHE A 464 55.65 -0.31 2.47
CA PHE A 464 55.91 -0.34 1.03
C PHE A 464 56.98 0.70 0.65
N GLU A 465 58.17 0.50 1.22
CA GLU A 465 59.34 1.32 0.92
C GLU A 465 60.46 0.41 0.44
N ARG A 466 60.87 0.61 -0.81
CA ARG A 466 61.95 -0.17 -1.43
C ARG A 466 63.21 0.69 -1.45
N ASP A 467 64.24 0.25 -0.74
CA ASP A 467 65.50 0.97 -0.65
C ASP A 467 66.63 0.11 -1.18
N ILE A 468 67.48 0.70 -2.02
CA ILE A 468 68.61 0.02 -2.63
C ILE A 468 69.91 0.79 -2.44
N SER A 469 69.91 1.85 -1.65
CA SER A 469 71.13 2.63 -1.44
C SER A 469 72.24 1.74 -0.90
N THR A 470 73.50 2.13 -1.19
CA THR A 470 74.67 1.31 -0.85
C THR A 470 75.78 2.14 -0.23
N GLU A 471 75.47 3.28 0.38
CA GLU A 471 76.49 4.09 1.02
C GLU A 471 77.15 3.29 2.14
N ILE A 472 78.48 3.25 2.13
CA ILE A 472 79.22 2.54 3.15
C ILE A 472 78.80 3.07 4.52
N TYR A 473 78.22 2.18 5.33
CA TYR A 473 77.68 2.55 6.63
C TYR A 473 78.71 3.31 7.46
N GLN A 474 78.32 4.49 7.91
CA GLN A 474 79.09 5.24 8.89
C GLN A 474 78.86 4.61 10.26
N ALA A 475 79.95 4.17 10.89
CA ALA A 475 79.90 3.44 12.14
C ALA A 475 80.44 4.26 13.32
N GLY A 476 80.16 5.56 13.33
CA GLY A 476 80.56 6.40 14.45
C GLY A 476 80.89 7.82 14.05
N SER A 477 82.01 8.33 14.55
CA SER A 477 82.37 9.73 14.33
C SER A 477 82.71 10.00 12.87
N THR A 478 83.48 9.11 12.24
CA THR A 478 84.04 9.34 10.92
C THR A 478 82.96 9.53 9.87
N PRO A 479 82.78 10.73 9.32
CA PRO A 479 82.00 10.84 8.09
C PRO A 479 82.75 10.21 6.93
N CYS A 480 82.16 9.15 6.37
CA CYS A 480 82.83 8.41 5.31
C CYS A 480 83.15 9.30 4.12
N ASN A 481 82.17 10.10 3.68
CA ASN A 481 82.30 10.85 2.44
C ASN A 481 82.74 9.93 1.31
N GLY A 482 82.31 8.67 1.38
CA GLY A 482 82.74 7.67 0.43
C GLY A 482 84.09 7.05 0.77
N VAL A 483 84.38 6.90 2.06
CA VAL A 483 85.64 6.33 2.50
C VAL A 483 85.37 5.39 3.68
N GLU A 484 85.79 4.14 3.54
CA GLU A 484 85.70 3.15 4.59
C GLU A 484 86.87 3.34 5.54
N GLY A 485 87.08 2.39 6.45
CA GLY A 485 88.15 2.47 7.41
C GLY A 485 87.64 2.37 8.83
N PHE A 486 87.74 3.45 9.60
CA PHE A 486 87.24 3.46 10.96
C PHE A 486 85.96 4.27 11.04
N ASN A 487 84.96 3.70 11.72
CA ASN A 487 83.64 4.32 11.82
C ASN A 487 83.01 4.49 10.44
N CYS A 488 83.38 3.61 9.51
CA CYS A 488 82.85 3.67 8.15
C CYS A 488 83.01 2.30 7.52
N TYR A 489 81.89 1.69 7.11
CA TYR A 489 81.84 0.29 6.76
C TYR A 489 80.64 0.02 5.85
N PHE A 490 80.74 -1.03 5.03
CA PHE A 490 79.74 -1.26 3.99
C PHE A 490 78.45 -1.83 4.60
N PRO A 491 77.29 -1.56 4.00
CA PRO A 491 76.03 -1.97 4.66
C PRO A 491 75.75 -3.47 4.67
N LEU A 492 75.81 -4.14 3.51
CA LEU A 492 75.02 -5.35 3.28
C LEU A 492 75.88 -6.56 2.90
N GLN A 493 75.30 -7.75 3.09
CA GLN A 493 76.02 -9.00 3.26
C GLN A 493 75.40 -10.10 2.41
N SER A 494 76.15 -11.21 2.23
CA SER A 494 75.76 -12.32 1.35
C SER A 494 75.50 -13.34 2.50
N TYR A 495 74.33 -14.00 2.45
CA TYR A 495 74.10 -15.19 3.28
C TYR A 495 75.06 -16.31 2.89
N GLY A 496 75.00 -16.77 1.64
CA GLY A 496 76.01 -17.66 1.09
C GLY A 496 75.65 -19.11 1.26
N PHE A 497 74.49 -19.50 0.75
CA PHE A 497 73.92 -20.79 1.08
C PHE A 497 74.73 -21.93 0.49
N GLN A 498 75.05 -22.91 1.33
CA GLN A 498 75.81 -24.10 0.96
C GLN A 498 74.88 -25.29 0.95
N PRO A 499 75.25 -26.35 0.22
CA PRO A 499 74.39 -27.55 0.20
C PRO A 499 74.22 -28.19 1.57
N THR A 500 75.19 -28.02 2.47
CA THR A 500 75.13 -28.58 3.81
C THR A 500 74.47 -27.64 4.82
N ASN A 501 73.63 -26.73 4.36
CA ASN A 501 73.00 -25.76 5.25
C ASN A 501 72.14 -26.46 6.30
N GLY A 502 72.04 -25.84 7.47
CA GLY A 502 71.14 -26.31 8.49
C GLY A 502 69.74 -25.79 8.29
N VAL A 503 68.78 -26.54 8.85
CA VAL A 503 67.36 -26.21 8.68
C VAL A 503 67.11 -24.74 8.99
N GLY A 504 67.86 -24.18 9.93
CA GLY A 504 67.70 -22.78 10.25
C GLY A 504 68.29 -21.86 9.21
N TYR A 505 69.39 -22.29 8.58
CA TYR A 505 70.11 -21.45 7.63
C TYR A 505 69.74 -21.71 6.18
N GLN A 506 69.14 -22.86 5.87
CA GLN A 506 68.77 -23.15 4.50
C GLN A 506 68.01 -21.97 3.90
N PRO A 507 68.19 -21.70 2.60
CA PRO A 507 67.51 -20.56 1.99
C PRO A 507 66.02 -20.79 1.87
N TYR A 508 65.25 -19.72 2.07
CA TYR A 508 63.80 -19.82 2.12
C TYR A 508 63.18 -18.79 1.18
N ARG A 509 62.52 -19.27 0.15
CA ARG A 509 61.80 -18.43 -0.80
C ARG A 509 60.48 -18.00 -0.17
N VAL A 510 60.15 -16.72 -0.31
CA VAL A 510 58.96 -16.14 0.29
C VAL A 510 58.25 -15.28 -0.74
N VAL A 511 56.93 -15.44 -0.85
CA VAL A 511 56.09 -14.61 -1.72
C VAL A 511 54.96 -14.06 -0.86
N VAL A 512 54.85 -12.73 -0.81
CA VAL A 512 53.78 -12.05 -0.09
C VAL A 512 52.81 -11.50 -1.12
N LEU A 513 51.58 -12.00 -1.10
CA LEU A 513 50.55 -11.62 -2.06
C LEU A 513 49.58 -10.67 -1.37
N SER A 514 49.57 -9.42 -1.82
CA SER A 514 48.73 -8.37 -1.26
C SER A 514 47.64 -8.00 -2.27
N PHE A 515 46.39 -8.07 -1.83
CA PHE A 515 45.24 -7.83 -2.68
C PHE A 515 44.73 -6.41 -2.44
N GLU A 516 44.67 -5.61 -3.50
CA GLU A 516 44.22 -4.23 -3.39
C GLU A 516 42.99 -3.99 -4.29
N ALA A 522 36.81 -4.23 -9.17
CA ALA A 522 37.71 -5.38 -9.05
C ALA A 522 38.09 -5.91 -10.42
N THR A 523 39.30 -6.48 -10.51
CA THR A 523 39.82 -7.00 -11.77
C THR A 523 40.04 -8.51 -11.77
N VAL A 524 40.76 -9.03 -10.77
CA VAL A 524 41.07 -10.45 -10.68
C VAL A 524 40.11 -11.09 -9.70
N CYS A 525 39.38 -12.10 -10.16
CA CYS A 525 38.47 -12.88 -9.33
C CYS A 525 39.00 -14.30 -9.21
N GLY A 526 38.23 -15.13 -8.51
CA GLY A 526 38.60 -16.52 -8.32
C GLY A 526 38.17 -17.38 -9.49
N PRO A 527 38.44 -18.68 -9.37
CA PRO A 527 38.16 -19.60 -10.48
C PRO A 527 36.70 -19.64 -10.92
N LYS A 528 35.74 -19.55 -10.00
CA LYS A 528 34.33 -19.72 -10.34
C LYS A 528 34.06 -21.08 -10.97
N LYS A 529 34.27 -22.15 -10.20
CA LYS A 529 34.13 -23.51 -10.70
C LYS A 529 32.79 -23.73 -11.37
N SER A 530 32.72 -24.71 -12.26
CA SER A 530 31.55 -24.99 -13.08
C SER A 530 31.11 -26.44 -12.87
N THR A 531 29.79 -26.65 -12.86
CA THR A 531 29.22 -27.95 -12.52
C THR A 531 28.78 -28.72 -13.75
N ASN A 532 28.08 -29.82 -13.52
CA ASN A 532 27.49 -30.59 -14.61
C ASN A 532 26.05 -30.17 -14.81
N LEU A 533 25.58 -30.33 -16.05
CA LEU A 533 24.28 -29.88 -16.46
C LEU A 533 23.31 -31.05 -16.49
N VAL A 534 22.03 -30.76 -16.17
CA VAL A 534 20.97 -31.77 -16.18
C VAL A 534 19.69 -31.09 -16.62
N LYS A 535 18.75 -31.88 -17.13
CA LYS A 535 17.54 -31.36 -17.74
C LYS A 535 16.29 -31.92 -17.07
N ASN A 536 15.18 -31.24 -17.33
CA ASN A 536 13.85 -31.78 -17.09
C ASN A 536 13.53 -31.88 -15.61
N LYS A 537 13.89 -30.86 -14.83
CA LYS A 537 13.52 -30.83 -13.43
C LYS A 537 13.31 -29.39 -12.99
N CYS A 538 12.53 -29.24 -11.93
CA CYS A 538 12.52 -27.98 -11.19
C CYS A 538 13.85 -27.89 -10.47
N VAL A 539 14.57 -26.80 -10.66
CA VAL A 539 15.97 -26.73 -10.28
C VAL A 539 16.40 -25.28 -10.13
N ASN A 540 17.29 -25.03 -9.18
CA ASN A 540 17.94 -23.74 -9.02
C ASN A 540 19.21 -23.76 -9.86
N PHE A 541 19.64 -22.60 -10.32
CA PHE A 541 20.74 -22.53 -11.28
C PHE A 541 21.34 -21.14 -11.33
N ASN A 542 22.53 -21.05 -11.92
CA ASN A 542 23.15 -19.78 -12.30
C ASN A 542 24.12 -20.04 -13.43
N PHE A 543 23.71 -19.71 -14.63
CA PHE A 543 24.58 -19.74 -15.81
C PHE A 543 25.14 -18.34 -16.01
N ASN A 544 26.38 -18.14 -15.60
CA ASN A 544 27.08 -16.87 -15.75
C ASN A 544 26.31 -15.74 -15.08
N GLY A 545 26.12 -15.88 -13.77
CA GLY A 545 25.58 -14.83 -12.95
C GLY A 545 24.08 -14.65 -13.04
N LEU A 546 23.48 -15.01 -14.16
CA LEU A 546 22.03 -14.99 -14.28
C LEU A 546 21.48 -16.17 -13.50
N THR A 547 20.50 -15.92 -12.64
CA THR A 547 20.03 -16.91 -11.70
C THR A 547 18.51 -17.04 -11.77
N GLY A 548 18.00 -18.16 -11.27
CA GLY A 548 16.57 -18.35 -11.21
C GLY A 548 16.24 -19.73 -10.70
N THR A 549 14.97 -20.10 -10.86
CA THR A 549 14.48 -21.41 -10.51
C THR A 549 13.46 -21.84 -11.55
N GLY A 550 13.66 -23.03 -12.09
CA GLY A 550 12.78 -23.55 -13.11
C GLY A 550 13.35 -24.84 -13.66
N VAL A 551 13.20 -24.99 -14.97
CA VAL A 551 13.76 -26.14 -15.68
C VAL A 551 14.52 -25.63 -16.88
N LEU A 552 15.29 -26.51 -17.48
CA LEU A 552 15.95 -26.24 -18.75
C LEU A 552 15.67 -27.43 -19.67
N THR A 553 15.14 -27.14 -20.84
CA THR A 553 14.93 -28.15 -21.85
C THR A 553 15.52 -27.64 -23.17
N GLU A 554 16.12 -28.57 -23.91
CA GLU A 554 16.80 -28.22 -25.14
C GLU A 554 15.99 -27.23 -25.96
N SER A 555 16.62 -26.12 -26.31
CA SER A 555 16.01 -25.06 -27.09
C SER A 555 16.41 -25.21 -28.55
N ASN A 556 15.44 -25.00 -29.44
CA ASN A 556 15.66 -25.11 -30.87
C ASN A 556 15.90 -23.77 -31.53
N LYS A 557 15.58 -22.67 -30.86
CA LYS A 557 15.69 -21.37 -31.48
C LYS A 557 17.12 -21.14 -31.96
N LYS A 558 17.25 -20.33 -33.01
CA LYS A 558 18.54 -20.02 -33.60
C LYS A 558 19.01 -18.68 -33.07
N PHE A 559 19.73 -18.72 -31.96
CA PHE A 559 20.26 -17.53 -31.33
C PHE A 559 21.50 -17.08 -32.09
N LEU A 560 22.26 -16.17 -31.49
CA LEU A 560 23.43 -15.65 -32.15
C LEU A 560 24.63 -15.68 -31.22
N PRO A 561 25.84 -15.65 -31.78
CA PRO A 561 27.03 -15.83 -30.97
C PRO A 561 27.20 -14.75 -29.93
N PHE A 562 27.11 -13.50 -30.35
CA PHE A 562 27.13 -12.38 -29.44
C PHE A 562 25.94 -12.35 -28.50
N GLN A 563 25.00 -13.28 -28.67
CA GLN A 563 23.78 -13.28 -27.89
C GLN A 563 23.80 -14.46 -26.93
N GLN A 564 23.99 -14.16 -25.65
CA GLN A 564 24.01 -15.17 -24.60
C GLN A 564 22.64 -15.77 -24.37
N PHE A 565 21.68 -14.93 -23.98
CA PHE A 565 20.37 -15.38 -23.55
C PHE A 565 19.29 -14.40 -23.99
N GLY A 566 18.22 -14.94 -24.54
CA GLY A 566 17.09 -14.14 -24.98
C GLY A 566 15.88 -14.34 -24.09
N ARG A 567 15.20 -13.25 -23.77
CA ARG A 567 13.99 -13.28 -22.96
C ARG A 567 12.77 -13.28 -23.86
N ASP A 568 11.76 -14.04 -23.47
CA ASP A 568 10.42 -13.83 -23.96
C ASP A 568 9.98 -12.42 -23.57
N ILE A 569 8.83 -11.98 -24.08
CA ILE A 569 8.35 -10.67 -23.71
C ILE A 569 8.24 -10.61 -22.20
N ALA A 570 8.21 -9.39 -21.67
CA ALA A 570 8.30 -9.10 -20.24
C ALA A 570 9.72 -9.26 -19.75
N ASP A 571 10.69 -9.47 -20.65
CA ASP A 571 12.07 -9.70 -20.27
C ASP A 571 12.19 -10.87 -19.31
N THR A 572 11.16 -11.70 -19.24
CA THR A 572 11.18 -12.89 -18.43
C THR A 572 11.97 -13.97 -19.17
N THR A 573 13.25 -14.08 -18.84
CA THR A 573 14.14 -14.98 -19.55
C THR A 573 13.46 -16.31 -19.78
N ASP A 574 13.54 -16.80 -21.02
CA ASP A 574 12.88 -18.02 -21.44
C ASP A 574 13.84 -19.11 -21.80
N ALA A 575 15.13 -18.81 -21.87
CA ALA A 575 16.12 -19.78 -22.30
C ALA A 575 17.49 -19.15 -22.11
N VAL A 576 18.52 -19.93 -22.41
CA VAL A 576 19.89 -19.47 -22.26
C VAL A 576 20.81 -20.37 -23.08
N ARG A 577 21.96 -19.83 -23.44
CA ARG A 577 23.04 -20.59 -24.04
C ARG A 577 24.10 -20.84 -22.99
N ASP A 578 24.81 -21.96 -23.10
CA ASP A 578 25.63 -22.41 -22.00
C ASP A 578 27.09 -22.04 -22.22
N PRO A 579 27.82 -21.66 -21.19
CA PRO A 579 29.17 -21.14 -21.41
C PRO A 579 30.12 -22.14 -22.00
N GLN A 580 29.92 -23.42 -21.71
CA GLN A 580 31.02 -24.35 -21.83
C GLN A 580 30.88 -25.25 -23.06
N THR A 581 29.71 -25.25 -23.68
CA THR A 581 29.56 -25.80 -25.03
C THR A 581 28.68 -24.92 -25.90
N LEU A 582 28.24 -23.77 -25.39
CA LEU A 582 27.49 -22.80 -26.17
C LEU A 582 26.22 -23.40 -26.75
N GLU A 583 25.78 -24.53 -26.20
CA GLU A 583 24.47 -25.06 -26.50
C GLU A 583 23.45 -24.15 -25.86
N ILE A 584 22.20 -24.24 -26.30
CA ILE A 584 21.15 -23.39 -25.79
C ILE A 584 20.10 -24.28 -25.15
N LEU A 585 19.42 -23.76 -24.14
CA LEU A 585 18.49 -24.54 -23.35
C LEU A 585 17.26 -23.70 -23.08
N ASP A 586 16.09 -24.23 -23.46
CA ASP A 586 14.84 -23.56 -23.19
C ASP A 586 14.52 -23.69 -21.71
N ILE A 587 14.33 -22.54 -21.06
CA ILE A 587 14.09 -22.51 -19.62
C ILE A 587 12.58 -22.50 -19.42
N THR A 588 12.14 -23.07 -18.30
CA THR A 588 10.74 -22.97 -17.99
C THR A 588 10.51 -23.05 -16.49
N PRO A 589 9.46 -22.40 -15.99
CA PRO A 589 9.09 -22.52 -14.58
C PRO A 589 8.39 -23.83 -14.31
N CYS A 590 8.98 -24.64 -13.44
CA CYS A 590 8.41 -25.93 -13.14
C CYS A 590 6.94 -25.74 -12.81
N SER A 591 6.10 -26.53 -13.47
CA SER A 591 4.67 -26.25 -13.52
C SER A 591 4.09 -26.02 -12.14
N PHE A 592 3.06 -25.21 -12.06
CA PHE A 592 2.49 -24.79 -10.79
C PHE A 592 1.09 -24.27 -11.01
N GLY A 593 0.23 -24.53 -10.04
CA GLY A 593 -1.15 -24.15 -10.20
C GLY A 593 -1.90 -24.34 -8.90
N GLY A 594 -3.21 -24.58 -9.04
CA GLY A 594 -4.08 -24.57 -7.88
C GLY A 594 -4.64 -25.93 -7.55
N VAL A 595 -5.16 -26.04 -6.33
CA VAL A 595 -5.77 -27.26 -5.83
C VAL A 595 -7.26 -26.99 -5.67
N SER A 596 -8.06 -27.71 -6.43
CA SER A 596 -9.52 -27.62 -6.33
C SER A 596 -10.06 -28.98 -5.90
N VAL A 597 -10.92 -28.95 -4.89
CA VAL A 597 -11.37 -30.15 -4.20
C VAL A 597 -12.87 -30.25 -4.37
N ILE A 598 -13.34 -31.43 -4.75
CA ILE A 598 -14.72 -31.68 -5.09
C ILE A 598 -15.42 -32.31 -3.91
N THR A 599 -16.63 -31.86 -3.64
CA THR A 599 -17.40 -32.36 -2.53
C THR A 599 -18.86 -32.44 -2.93
N PRO A 600 -19.46 -33.64 -2.97
CA PRO A 600 -20.91 -33.74 -3.16
C PRO A 600 -21.71 -33.33 -1.95
N GLY A 601 -21.06 -33.20 -0.80
CA GLY A 601 -21.71 -32.70 0.39
C GLY A 601 -21.43 -33.54 1.62
N THR A 602 -20.92 -32.89 2.67
CA THR A 602 -20.75 -33.57 3.95
C THR A 602 -22.03 -34.25 4.38
N ASN A 603 -23.13 -33.51 4.44
CA ASN A 603 -24.40 -34.09 4.85
C ASN A 603 -24.74 -35.33 4.04
N THR A 604 -24.07 -35.54 2.91
CA THR A 604 -24.20 -36.76 2.14
C THR A 604 -23.13 -37.79 2.48
N SER A 605 -21.87 -37.43 2.31
CA SER A 605 -20.79 -38.36 2.55
C SER A 605 -19.50 -37.61 2.85
N ASN A 606 -18.41 -38.36 2.81
CA ASN A 606 -17.08 -37.83 3.08
C ASN A 606 -16.13 -38.05 1.93
N GLN A 607 -16.58 -38.72 0.88
CA GLN A 607 -15.70 -39.03 -0.23
C GLN A 607 -15.43 -37.76 -1.01
N VAL A 608 -14.27 -37.72 -1.67
CA VAL A 608 -13.75 -36.49 -2.24
C VAL A 608 -12.79 -36.84 -3.36
N ALA A 609 -12.63 -35.89 -4.27
CA ALA A 609 -11.72 -36.02 -5.39
C ALA A 609 -10.95 -34.73 -5.53
N VAL A 610 -9.75 -34.82 -6.10
CA VAL A 610 -8.79 -33.74 -6.07
C VAL A 610 -8.49 -33.33 -7.49
N LEU A 611 -8.52 -32.03 -7.74
CA LEU A 611 -8.13 -31.45 -9.00
C LEU A 611 -6.67 -31.06 -8.92
N TYR A 612 -5.95 -31.28 -10.01
CA TYR A 612 -4.65 -30.64 -10.22
C TYR A 612 -4.76 -29.82 -11.49
N GLN A 613 -4.12 -28.66 -11.49
CA GLN A 613 -4.47 -27.60 -12.40
C GLN A 613 -3.45 -27.42 -13.51
N ASP A 614 -3.94 -27.35 -14.76
CA ASP A 614 -3.16 -26.91 -15.91
C ASP A 614 -1.88 -27.73 -16.11
N VAL A 615 -1.94 -29.00 -15.76
CA VAL A 615 -0.75 -29.83 -15.72
C VAL A 615 -1.16 -31.29 -15.85
N ASN A 616 -0.29 -32.10 -16.44
CA ASN A 616 -0.34 -33.55 -16.29
C ASN A 616 0.01 -33.90 -14.86
N CYS A 617 -0.95 -34.40 -14.08
CA CYS A 617 -0.64 -34.93 -12.76
C CYS A 617 0.18 -36.21 -12.84
N THR A 618 0.60 -36.60 -14.04
CA THR A 618 1.81 -37.38 -14.16
C THR A 618 2.92 -36.73 -13.36
N GLU A 619 3.03 -35.39 -13.44
CA GLU A 619 3.97 -34.63 -12.65
C GLU A 619 3.29 -34.27 -11.33
N VAL A 620 3.81 -34.86 -10.25
CA VAL A 620 3.25 -34.63 -8.94
C VAL A 620 4.30 -34.71 -7.84
N ASN A 641 -6.81 -44.41 -11.86
CA ASN A 641 -7.72 -43.38 -11.37
C ASN A 641 -7.24 -42.00 -11.80
N VAL A 642 -7.19 -41.78 -13.10
CA VAL A 642 -6.68 -40.52 -13.63
C VAL A 642 -7.56 -40.08 -14.79
N PHE A 643 -7.62 -38.77 -15.00
CA PHE A 643 -8.43 -38.17 -16.04
C PHE A 643 -7.84 -36.83 -16.39
N GLN A 644 -7.14 -36.78 -17.51
CA GLN A 644 -6.58 -35.52 -17.98
C GLN A 644 -7.58 -34.77 -18.82
N THR A 645 -7.79 -33.50 -18.50
CA THR A 645 -8.75 -32.66 -19.18
C THR A 645 -8.20 -31.26 -19.28
N ARG A 646 -8.56 -30.59 -20.36
CA ARG A 646 -7.92 -29.35 -20.76
C ARG A 646 -7.85 -28.35 -19.60
N ALA A 647 -8.58 -28.60 -18.52
CA ALA A 647 -8.63 -27.68 -17.40
C ALA A 647 -7.78 -28.16 -16.25
N GLY A 648 -7.27 -29.38 -16.30
CA GLY A 648 -6.41 -29.86 -15.25
C GLY A 648 -6.28 -31.36 -15.24
N CYS A 649 -5.76 -31.90 -14.14
CA CYS A 649 -5.63 -33.33 -13.99
C CYS A 649 -6.43 -33.75 -12.79
N LEU A 650 -7.42 -34.60 -13.03
CA LEU A 650 -8.40 -34.97 -12.04
C LEU A 650 -8.02 -36.29 -11.43
N ILE A 651 -8.11 -36.38 -10.11
CA ILE A 651 -7.88 -37.60 -9.37
C ILE A 651 -9.04 -37.82 -8.42
N GLY A 652 -9.49 -39.06 -8.33
CA GLY A 652 -10.56 -39.42 -7.45
C GLY A 652 -11.88 -39.67 -8.14
N ALA A 653 -12.04 -39.19 -9.37
CA ALA A 653 -13.26 -39.37 -10.13
C ALA A 653 -13.03 -40.45 -11.17
N GLU A 654 -14.04 -40.70 -12.00
CA GLU A 654 -13.95 -41.70 -13.03
C GLU A 654 -14.41 -41.13 -14.37
N HIS A 655 -13.62 -41.36 -15.40
CA HIS A 655 -14.03 -41.02 -16.75
C HIS A 655 -15.21 -41.88 -17.16
N VAL A 656 -16.20 -41.25 -17.76
CA VAL A 656 -17.37 -41.96 -18.22
C VAL A 656 -17.71 -41.49 -19.64
N ASN A 657 -18.59 -42.23 -20.28
CA ASN A 657 -18.94 -42.03 -21.67
C ASN A 657 -20.38 -41.61 -21.86
N ASN A 658 -21.17 -41.61 -20.81
CA ASN A 658 -22.53 -41.12 -20.89
C ASN A 658 -22.48 -39.60 -20.87
N SER A 659 -23.64 -38.96 -20.72
CA SER A 659 -23.70 -37.51 -20.83
C SER A 659 -24.88 -37.02 -20.00
N TYR A 660 -24.72 -35.87 -19.36
CA TYR A 660 -25.63 -35.43 -18.34
C TYR A 660 -25.57 -33.92 -18.20
N GLU A 661 -26.20 -33.43 -17.14
CA GLU A 661 -26.30 -31.99 -16.92
C GLU A 661 -25.34 -31.58 -15.80
N CYS A 662 -24.80 -30.37 -15.92
CA CYS A 662 -23.67 -29.99 -15.08
C CYS A 662 -24.08 -29.80 -13.63
N ASP A 663 -23.53 -30.63 -12.76
CA ASP A 663 -23.73 -30.52 -11.33
C ASP A 663 -22.54 -29.87 -10.62
N ILE A 664 -21.35 -30.45 -10.75
CA ILE A 664 -20.16 -29.95 -10.06
C ILE A 664 -19.13 -29.59 -11.13
N PRO A 665 -19.06 -28.32 -11.53
CA PRO A 665 -18.32 -27.95 -12.74
C PRO A 665 -16.82 -27.85 -12.54
N ILE A 666 -16.08 -28.66 -13.28
CA ILE A 666 -14.64 -28.52 -13.39
C ILE A 666 -14.25 -27.61 -14.55
N GLY A 667 -14.55 -28.02 -15.77
CA GLY A 667 -14.31 -27.18 -16.92
C GLY A 667 -14.24 -27.93 -18.23
N ALA A 668 -13.90 -27.19 -19.29
CA ALA A 668 -13.57 -27.78 -20.59
C ALA A 668 -14.65 -28.72 -21.08
N GLY A 669 -15.82 -28.68 -20.45
CA GLY A 669 -16.92 -29.53 -20.81
C GLY A 669 -17.30 -30.54 -19.76
N ILE A 670 -16.64 -30.52 -18.60
CA ILE A 670 -16.83 -31.54 -17.59
C ILE A 670 -17.40 -30.93 -16.33
N CYS A 671 -18.15 -31.74 -15.59
CA CYS A 671 -18.64 -31.44 -14.26
C CYS A 671 -18.65 -32.76 -13.50
N ALA A 672 -18.89 -32.71 -12.20
CA ALA A 672 -18.77 -33.90 -11.38
C ALA A 672 -20.08 -34.22 -10.69
N SER A 673 -20.22 -35.48 -10.30
CA SER A 673 -21.47 -35.96 -9.73
C SER A 673 -21.25 -37.37 -9.19
N TYR A 674 -22.35 -37.96 -8.72
CA TYR A 674 -22.31 -39.22 -8.01
C TYR A 674 -23.37 -40.19 -8.55
N SER A 691 -19.60 -44.63 -6.42
CA SER A 691 -18.46 -43.72 -6.31
C SER A 691 -18.60 -42.55 -7.27
N ILE A 692 -17.54 -41.74 -7.38
CA ILE A 692 -17.60 -40.44 -8.04
C ILE A 692 -17.18 -40.59 -9.49
N ILE A 693 -17.56 -39.63 -10.31
CA ILE A 693 -17.49 -39.72 -11.75
C ILE A 693 -17.33 -38.34 -12.34
N ALA A 694 -16.92 -38.30 -13.61
CA ALA A 694 -16.79 -37.05 -14.35
C ALA A 694 -17.32 -37.26 -15.75
N TYR A 695 -18.25 -36.40 -16.15
CA TYR A 695 -18.96 -36.57 -17.40
C TYR A 695 -18.82 -35.33 -18.26
N THR A 696 -18.98 -35.51 -19.56
CA THR A 696 -19.18 -34.41 -20.49
C THR A 696 -20.59 -33.89 -20.28
N MET A 697 -20.76 -32.57 -20.40
CA MET A 697 -22.05 -31.98 -20.06
C MET A 697 -23.00 -32.03 -21.24
N SER A 698 -24.09 -32.77 -21.06
CA SER A 698 -25.15 -32.83 -22.04
C SER A 698 -26.01 -31.59 -21.92
N LEU A 699 -26.25 -30.95 -23.05
CA LEU A 699 -26.93 -29.67 -23.07
C LEU A 699 -28.42 -29.81 -22.93
N GLY A 700 -28.93 -31.01 -23.08
CA GLY A 700 -30.36 -31.28 -23.06
C GLY A 700 -30.65 -32.54 -23.83
N ALA A 701 -31.90 -32.97 -23.77
CA ALA A 701 -32.27 -34.22 -24.41
C ALA A 701 -32.65 -33.98 -25.86
N GLU A 702 -31.97 -34.69 -26.74
CA GLU A 702 -32.22 -34.61 -28.17
C GLU A 702 -33.72 -34.76 -28.41
N ASN A 703 -34.29 -33.82 -29.13
CA ASN A 703 -35.63 -33.94 -29.69
C ASN A 703 -35.58 -33.37 -31.09
N SER A 704 -36.72 -33.35 -31.75
CA SER A 704 -36.79 -32.95 -33.14
C SER A 704 -38.19 -32.47 -33.45
N VAL A 705 -38.30 -31.64 -34.47
CA VAL A 705 -39.59 -31.08 -34.87
C VAL A 705 -39.97 -31.69 -36.21
N ALA A 706 -41.07 -32.44 -36.22
CA ALA A 706 -41.50 -33.13 -37.43
C ALA A 706 -41.94 -32.05 -38.41
N TYR A 707 -41.00 -31.69 -39.28
CA TYR A 707 -41.24 -30.64 -40.26
C TYR A 707 -41.68 -31.24 -41.58
N SER A 708 -42.46 -30.45 -42.31
CA SER A 708 -42.92 -30.80 -43.63
C SER A 708 -43.66 -29.60 -44.17
N ASN A 709 -43.52 -29.38 -45.48
CA ASN A 709 -44.00 -28.14 -46.06
C ASN A 709 -45.51 -28.02 -46.03
N ASN A 710 -46.21 -28.97 -45.43
CA ASN A 710 -47.65 -28.92 -45.28
C ASN A 710 -48.06 -29.36 -43.89
N SER A 711 -47.27 -28.99 -42.89
CA SER A 711 -47.48 -29.47 -41.53
C SER A 711 -47.74 -28.33 -40.58
N ILE A 712 -48.39 -28.62 -39.45
CA ILE A 712 -48.64 -27.66 -38.40
C ILE A 712 -48.87 -28.37 -37.07
N ALA A 713 -48.77 -27.60 -36.00
CA ALA A 713 -48.99 -28.08 -34.64
C ALA A 713 -49.74 -27.00 -33.88
N ILE A 714 -50.95 -27.33 -33.44
CA ILE A 714 -51.80 -26.40 -32.71
C ILE A 714 -52.32 -27.13 -31.48
N PRO A 715 -52.35 -26.50 -30.32
CA PRO A 715 -52.70 -27.21 -29.09
C PRO A 715 -54.19 -27.39 -28.92
N THR A 716 -54.55 -28.05 -27.84
CA THR A 716 -55.93 -28.31 -27.51
C THR A 716 -56.26 -27.94 -26.07
N ASN A 717 -55.28 -27.94 -25.18
CA ASN A 717 -55.49 -27.71 -23.77
C ASN A 717 -54.44 -26.76 -23.25
N PHE A 718 -54.89 -25.71 -22.57
CA PHE A 718 -54.02 -24.69 -22.05
C PHE A 718 -53.43 -25.19 -20.74
N THR A 719 -52.80 -24.27 -20.03
CA THR A 719 -52.16 -24.57 -18.77
C THR A 719 -51.78 -23.26 -18.10
N ILE A 720 -51.59 -23.32 -16.80
CA ILE A 720 -51.12 -22.19 -16.02
C ILE A 720 -50.01 -22.72 -15.14
N SER A 721 -48.91 -21.98 -15.09
CA SER A 721 -47.70 -22.44 -14.44
C SER A 721 -47.01 -21.25 -13.81
N VAL A 722 -46.88 -21.29 -12.49
CA VAL A 722 -46.26 -20.22 -11.74
C VAL A 722 -44.77 -20.47 -11.72
N THR A 723 -44.01 -19.39 -11.79
CA THR A 723 -42.57 -19.42 -11.70
C THR A 723 -42.16 -18.46 -10.60
N THR A 724 -40.87 -18.23 -10.50
CA THR A 724 -40.32 -17.33 -9.51
C THR A 724 -39.16 -16.56 -10.09
N GLU A 725 -38.88 -15.42 -9.50
CA GLU A 725 -37.75 -14.59 -9.88
C GLU A 725 -37.39 -13.75 -8.67
N ILE A 726 -36.30 -14.09 -8.02
CA ILE A 726 -35.80 -13.40 -6.84
C ILE A 726 -34.82 -12.36 -7.30
N LEU A 727 -34.94 -11.15 -6.76
CA LEU A 727 -34.14 -10.02 -7.18
C LEU A 727 -33.74 -9.19 -5.97
N PRO A 728 -32.61 -8.51 -6.01
CA PRO A 728 -32.27 -7.59 -4.92
C PRO A 728 -32.81 -6.19 -5.13
N VAL A 729 -33.05 -5.50 -4.01
CA VAL A 729 -33.45 -4.11 -4.03
C VAL A 729 -32.58 -3.22 -3.18
N SER A 730 -31.86 -3.74 -2.20
CA SER A 730 -31.02 -2.90 -1.35
C SER A 730 -30.09 -3.79 -0.54
N MET A 731 -29.04 -3.16 -0.03
CA MET A 731 -28.10 -3.82 0.87
C MET A 731 -28.07 -3.09 2.20
N THR A 732 -27.15 -3.51 3.04
CA THR A 732 -27.00 -2.90 4.35
C THR A 732 -26.13 -1.66 4.26
N LYS A 733 -26.69 -0.52 4.65
CA LYS A 733 -25.97 0.74 4.61
C LYS A 733 -24.88 0.69 5.67
N THR A 734 -23.64 0.60 5.22
CA THR A 734 -22.48 0.54 6.09
C THR A 734 -21.81 1.90 6.14
N SER A 735 -21.49 2.35 7.34
CA SER A 735 -20.71 3.55 7.56
C SER A 735 -19.67 3.29 8.62
N VAL A 736 -18.52 3.96 8.47
CA VAL A 736 -17.35 3.73 9.31
C VAL A 736 -16.72 5.07 9.64
N ASP A 737 -16.43 5.28 10.91
CA ASP A 737 -15.72 6.48 11.35
C ASP A 737 -14.25 6.33 10.97
N CYS A 738 -13.86 7.07 9.94
CA CYS A 738 -12.52 6.92 9.37
C CYS A 738 -11.44 6.93 10.44
N THR A 739 -11.71 7.55 11.58
CA THR A 739 -10.67 7.76 12.57
C THR A 739 -10.56 6.57 13.51
N MET A 740 -11.67 6.24 14.19
CA MET A 740 -11.61 5.23 15.23
C MET A 740 -10.97 3.95 14.71
N TYR A 741 -11.05 3.72 13.40
CA TYR A 741 -10.35 2.61 12.79
C TYR A 741 -8.86 2.85 12.83
N ILE A 742 -8.44 4.09 12.60
CA ILE A 742 -7.03 4.37 12.42
C ILE A 742 -6.40 4.78 13.74
N CYS A 743 -7.22 5.16 14.72
CA CYS A 743 -6.70 5.83 15.92
C CYS A 743 -7.03 5.07 17.20
N GLY A 744 -8.18 4.42 17.24
CA GLY A 744 -8.50 3.62 18.39
C GLY A 744 -8.50 4.43 19.67
N ASP A 745 -8.92 5.70 19.55
CA ASP A 745 -9.18 6.54 20.72
C ASP A 745 -7.90 6.99 21.39
N SER A 746 -6.88 7.28 20.58
CA SER A 746 -5.75 8.07 21.02
C SER A 746 -6.04 9.53 20.67
N THR A 747 -5.28 10.44 21.27
CA THR A 747 -5.25 11.81 20.76
C THR A 747 -4.10 11.98 19.80
N GLU A 748 -3.06 11.17 19.96
CA GLU A 748 -1.89 11.27 19.11
C GLU A 748 -2.25 10.99 17.65
N CYS A 749 -2.73 9.77 17.39
CA CYS A 749 -3.02 9.37 16.03
C CYS A 749 -3.76 10.46 15.27
N SER A 750 -4.84 10.96 15.84
CA SER A 750 -5.62 11.98 15.15
C SER A 750 -4.73 13.09 14.64
N ASN A 751 -3.69 13.43 15.40
CA ASN A 751 -2.75 14.44 14.95
C ASN A 751 -2.03 13.99 13.70
N LEU A 752 -2.03 12.69 13.43
CA LEU A 752 -1.25 12.17 12.32
C LEU A 752 -2.13 11.91 11.10
N LEU A 753 -3.27 11.25 11.29
CA LEU A 753 -4.11 11.00 10.12
C LEU A 753 -4.46 12.27 9.41
N LEU A 754 -4.54 13.39 10.13
CA LEU A 754 -4.72 14.68 9.48
C LEU A 754 -3.50 15.04 8.69
N GLN A 755 -2.39 14.35 8.94
CA GLN A 755 -1.18 14.54 8.17
C GLN A 755 -1.26 13.81 6.84
N TYR A 756 -2.27 12.97 6.67
CA TYR A 756 -2.36 12.12 5.50
C TYR A 756 -3.37 12.66 4.49
N GLY A 757 -4.03 13.76 4.81
CA GLY A 757 -4.88 14.44 3.86
C GLY A 757 -6.26 14.75 4.37
N SER A 758 -7.27 14.31 3.62
CA SER A 758 -8.66 14.47 3.98
C SER A 758 -9.40 13.15 3.79
N PHE A 759 -8.67 12.06 3.91
CA PHE A 759 -9.26 10.76 3.68
C PHE A 759 -10.40 10.50 4.63
N CYS A 760 -10.29 11.01 5.84
CA CYS A 760 -11.42 10.98 6.77
C CYS A 760 -12.63 11.70 6.17
N THR A 761 -12.46 12.38 5.05
CA THR A 761 -13.57 13.08 4.44
C THR A 761 -14.12 12.30 3.25
N GLN A 762 -13.23 11.87 2.36
CA GLN A 762 -13.69 11.19 1.16
C GLN A 762 -14.42 9.92 1.49
N LEU A 763 -13.73 8.99 2.12
CA LEU A 763 -14.25 7.63 2.27
C LEU A 763 -15.63 7.63 2.89
N ASN A 764 -16.00 8.73 3.54
CA ASN A 764 -17.36 8.83 4.07
C ASN A 764 -18.34 9.09 2.94
N ARG A 765 -18.18 10.21 2.24
CA ARG A 765 -19.03 10.48 1.10
C ARG A 765 -19.12 9.28 0.19
N ALA A 766 -18.00 8.59 -0.01
CA ALA A 766 -17.98 7.46 -0.92
C ALA A 766 -18.88 6.35 -0.41
N LEU A 767 -19.25 6.41 0.86
CA LEU A 767 -20.14 5.40 1.42
C LEU A 767 -21.57 5.92 1.47
N THR A 768 -21.77 7.08 2.08
CA THR A 768 -23.08 7.69 2.08
C THR A 768 -23.70 7.65 0.69
N GLY A 769 -22.92 8.05 -0.32
CA GLY A 769 -23.41 7.97 -1.68
C GLY A 769 -24.03 6.64 -2.00
N ILE A 770 -23.60 5.59 -1.31
CA ILE A 770 -24.27 4.31 -1.41
C ILE A 770 -25.48 4.27 -0.49
N ALA A 771 -25.30 4.77 0.73
CA ALA A 771 -26.33 4.61 1.75
C ALA A 771 -27.65 5.22 1.30
N VAL A 772 -27.60 6.43 0.75
CA VAL A 772 -28.83 7.10 0.34
C VAL A 772 -29.31 6.53 -0.97
N GLU A 773 -28.39 6.26 -1.89
CA GLU A 773 -28.76 5.68 -3.17
C GLU A 773 -29.70 4.50 -2.98
N GLN A 774 -29.33 3.58 -2.10
CA GLN A 774 -30.16 2.41 -1.87
C GLN A 774 -31.56 2.81 -1.47
N ASP A 775 -31.71 3.54 -0.37
CA ASP A 775 -33.02 4.01 0.04
C ASP A 775 -33.77 4.60 -1.13
N LYS A 776 -33.05 5.19 -2.09
CA LYS A 776 -33.70 5.63 -3.31
C LYS A 776 -33.99 4.43 -4.22
N ASN A 777 -33.04 3.52 -4.33
CA ASN A 777 -33.27 2.33 -5.14
C ASN A 777 -34.59 1.67 -4.78
N THR A 778 -34.89 1.59 -3.49
CA THR A 778 -36.16 1.04 -3.05
C THR A 778 -37.34 1.80 -3.66
N GLN A 779 -37.45 3.09 -3.34
CA GLN A 779 -38.56 3.89 -3.86
C GLN A 779 -38.78 3.62 -5.34
N GLU A 780 -37.70 3.46 -6.09
CA GLU A 780 -37.84 3.28 -7.53
C GLU A 780 -38.47 1.94 -7.86
N VAL A 781 -38.44 1.00 -6.90
CA VAL A 781 -38.90 -0.35 -7.18
C VAL A 781 -40.29 -0.56 -6.62
N PHE A 782 -40.44 -0.45 -5.30
CA PHE A 782 -41.69 -0.78 -4.64
C PHE A 782 -42.66 0.39 -4.54
N ALA A 783 -42.21 1.62 -4.70
CA ALA A 783 -43.01 2.79 -4.37
C ALA A 783 -43.52 3.53 -5.60
N GLN A 784 -43.91 2.80 -6.64
CA GLN A 784 -44.36 3.45 -7.86
C GLN A 784 -45.63 4.26 -7.63
N VAL A 785 -46.63 3.64 -7.04
CA VAL A 785 -47.93 4.28 -6.85
C VAL A 785 -47.80 5.37 -5.79
N LYS A 786 -48.84 6.17 -5.65
CA LYS A 786 -48.91 7.21 -4.64
C LYS A 786 -50.09 7.00 -3.70
N GLN A 787 -51.10 6.28 -4.14
CA GLN A 787 -52.27 5.99 -3.32
C GLN A 787 -52.23 4.54 -2.85
N ILE A 788 -52.40 4.35 -1.55
CA ILE A 788 -52.42 3.03 -0.95
C ILE A 788 -53.84 2.50 -1.01
N TYR A 789 -54.00 1.35 -1.66
CA TYR A 789 -55.30 0.69 -1.75
C TYR A 789 -55.41 -0.38 -0.68
N LYS A 790 -56.56 -1.06 -0.66
CA LYS A 790 -56.79 -2.19 0.22
C LYS A 790 -57.65 -3.21 -0.50
N THR A 791 -57.99 -4.28 0.20
CA THR A 791 -58.77 -5.35 -0.38
C THR A 791 -60.00 -5.62 0.48
N PRO A 792 -61.17 -5.74 -0.14
CA PRO A 792 -62.37 -5.96 0.64
C PRO A 792 -62.37 -7.34 1.28
N PRO A 793 -63.28 -7.59 2.22
CA PRO A 793 -63.38 -8.92 2.79
C PRO A 793 -63.96 -9.94 1.84
N ILE A 794 -64.67 -9.48 0.81
CA ILE A 794 -65.44 -10.36 -0.05
C ILE A 794 -64.55 -10.85 -1.18
N LYS A 795 -63.82 -11.93 -0.92
CA LYS A 795 -62.92 -12.50 -1.92
C LYS A 795 -63.72 -13.47 -2.80
N ASP A 796 -64.82 -12.96 -3.35
CA ASP A 796 -65.59 -13.64 -4.38
C ASP A 796 -64.97 -13.21 -5.71
N PHE A 797 -63.68 -13.46 -5.86
CA PHE A 797 -62.88 -12.89 -6.93
C PHE A 797 -62.89 -13.77 -8.17
N GLY A 798 -63.95 -14.56 -8.34
CA GLY A 798 -64.10 -15.33 -9.56
C GLY A 798 -63.84 -16.80 -9.40
N GLY A 799 -63.44 -17.22 -8.22
CA GLY A 799 -63.24 -18.61 -7.91
C GLY A 799 -61.91 -18.90 -7.29
N PHE A 800 -60.95 -17.98 -7.41
CA PHE A 800 -59.60 -18.25 -6.92
C PHE A 800 -59.53 -18.03 -5.42
N ASN A 801 -58.44 -18.49 -4.81
CA ASN A 801 -58.17 -18.28 -3.40
C ASN A 801 -56.81 -17.58 -3.28
N PHE A 802 -56.82 -16.26 -3.38
CA PHE A 802 -55.64 -15.43 -3.21
C PHE A 802 -55.18 -15.29 -1.77
N SER A 803 -55.78 -16.02 -0.85
CA SER A 803 -55.47 -15.79 0.56
C SER A 803 -54.00 -16.00 0.84
N GLN A 804 -53.37 -16.97 0.19
CA GLN A 804 -51.97 -17.28 0.46
C GLN A 804 -51.05 -16.11 0.17
N ILE A 805 -51.54 -15.04 -0.44
CA ILE A 805 -50.75 -13.83 -0.61
C ILE A 805 -51.32 -12.64 0.14
N LEU A 806 -52.63 -12.51 0.24
CA LEU A 806 -53.21 -11.36 0.90
C LEU A 806 -52.73 -11.29 2.35
N PRO A 807 -52.88 -10.15 3.00
CA PRO A 807 -52.38 -10.01 4.36
C PRO A 807 -53.07 -10.96 5.33
N ASP A 808 -52.51 -11.05 6.53
CA ASP A 808 -53.06 -11.90 7.58
C ASP A 808 -53.51 -11.04 8.75
N PRO A 809 -54.80 -10.70 8.84
CA PRO A 809 -55.25 -9.81 9.92
C PRO A 809 -54.81 -10.24 11.30
N SER A 810 -54.46 -11.51 11.49
CA SER A 810 -53.87 -11.95 12.75
C SER A 810 -52.57 -11.22 13.06
N LYS A 811 -52.02 -10.51 12.08
CA LYS A 811 -50.80 -9.74 12.23
C LYS A 811 -49.67 -10.57 12.81
N PRO A 812 -49.17 -11.53 12.06
CA PRO A 812 -47.75 -11.91 12.18
C PRO A 812 -46.86 -10.87 11.48
N SER A 813 -46.97 -9.63 11.94
CA SER A 813 -46.35 -8.46 11.33
C SER A 813 -47.02 -8.03 10.03
N LYS A 814 -48.34 -8.21 9.93
CA LYS A 814 -49.12 -7.67 8.82
C LYS A 814 -48.58 -8.15 7.48
N ARG A 815 -47.78 -9.19 7.50
CA ARG A 815 -47.19 -9.77 6.31
C ARG A 815 -48.03 -10.95 5.84
N SER A 816 -47.69 -11.48 4.67
CA SER A 816 -48.46 -12.56 4.10
C SER A 816 -47.75 -13.90 4.36
N PHE A 817 -48.42 -14.97 3.93
CA PHE A 817 -47.89 -16.30 4.17
C PHE A 817 -46.67 -16.55 3.31
N ILE A 818 -46.82 -16.45 1.99
CA ILE A 818 -45.69 -16.67 1.11
C ILE A 818 -44.61 -15.64 1.37
N GLU A 819 -44.94 -14.60 2.14
CA GLU A 819 -43.93 -13.67 2.58
C GLU A 819 -43.21 -14.20 3.82
N ASP A 820 -43.95 -14.41 4.90
CA ASP A 820 -43.33 -14.70 6.18
C ASP A 820 -42.28 -15.77 6.06
N LEU A 821 -42.57 -16.83 5.31
CA LEU A 821 -41.57 -17.86 5.05
C LEU A 821 -40.29 -17.21 4.54
N LEU A 822 -40.42 -16.24 3.64
CA LEU A 822 -39.26 -15.65 3.03
C LEU A 822 -38.43 -14.89 4.05
N PHE A 823 -39.01 -14.59 5.20
CA PHE A 823 -38.29 -13.84 6.22
C PHE A 823 -37.72 -14.77 7.29
N ASN A 824 -38.40 -15.87 7.56
CA ASN A 824 -37.89 -16.85 8.51
C ASN A 824 -37.03 -17.90 7.83
N LYS A 825 -37.30 -18.20 6.56
CA LYS A 825 -36.43 -19.03 5.75
C LYS A 825 -35.13 -18.33 5.38
N VAL A 826 -34.91 -17.12 5.88
CA VAL A 826 -33.67 -16.40 5.69
C VAL A 826 -33.28 -15.81 7.04
N THR A 827 -31.98 -15.68 7.27
CA THR A 827 -31.45 -15.28 8.57
C THR A 827 -30.39 -14.21 8.36
N LEU A 828 -30.78 -12.96 8.55
CA LEU A 828 -29.85 -11.85 8.38
C LEU A 828 -28.67 -11.98 9.35
N PHE A 855 -18.84 -1.91 15.35
CA PHE A 855 -18.63 -2.17 16.77
C PHE A 855 -17.38 -1.47 17.28
N ASN A 856 -16.31 -1.57 16.50
CA ASN A 856 -15.06 -0.87 16.78
C ASN A 856 -14.87 0.27 15.80
N GLY A 857 -15.97 0.94 15.48
CA GLY A 857 -16.02 1.91 14.42
C GLY A 857 -16.87 1.49 13.25
N LEU A 858 -17.30 0.23 13.22
CA LEU A 858 -18.12 -0.29 12.14
C LEU A 858 -19.57 -0.29 12.59
N THR A 859 -20.28 0.78 12.25
CA THR A 859 -21.67 0.95 12.57
C THR A 859 -22.54 0.48 11.41
N VAL A 860 -23.83 0.78 11.53
CA VAL A 860 -24.82 0.45 10.52
C VAL A 860 -25.97 1.43 10.68
N LEU A 861 -26.69 1.64 9.61
CA LEU A 861 -27.77 2.59 9.63
C LEU A 861 -29.12 1.89 9.46
N PRO A 862 -30.18 2.48 9.96
CA PRO A 862 -31.49 1.95 9.67
C PRO A 862 -32.02 2.56 8.40
N PRO A 863 -32.91 1.87 7.71
CA PRO A 863 -33.38 2.36 6.42
C PRO A 863 -34.59 3.26 6.57
N LEU A 864 -34.90 3.97 5.49
CA LEU A 864 -36.04 4.88 5.52
C LEU A 864 -37.34 4.13 5.38
N LEU A 865 -37.27 2.84 5.15
CA LEU A 865 -38.46 2.02 4.95
C LEU A 865 -38.26 0.72 5.71
N THR A 866 -39.32 0.25 6.34
CA THR A 866 -39.24 -0.93 7.17
C THR A 866 -39.98 -2.10 6.52
N ASP A 867 -39.80 -3.27 7.12
CA ASP A 867 -40.49 -4.45 6.64
C ASP A 867 -41.99 -4.22 6.59
N GLU A 868 -42.56 -3.62 7.64
CA GLU A 868 -44.00 -3.43 7.67
C GLU A 868 -44.41 -2.32 6.71
N MET A 869 -43.49 -1.42 6.39
CA MET A 869 -43.80 -0.34 5.48
C MET A 869 -43.57 -0.77 4.04
N ILE A 870 -42.60 -1.66 3.81
CA ILE A 870 -42.38 -2.18 2.48
C ILE A 870 -43.38 -3.27 2.20
N ALA A 871 -43.94 -3.85 3.25
CA ALA A 871 -44.97 -4.86 3.08
C ALA A 871 -46.26 -4.24 2.61
N GLN A 872 -46.60 -3.09 3.18
CA GLN A 872 -47.85 -2.44 2.83
C GLN A 872 -47.88 -2.04 1.37
N TYR A 873 -46.80 -1.41 0.88
CA TYR A 873 -46.71 -1.12 -0.54
C TYR A 873 -47.23 -2.29 -1.37
N THR A 874 -46.71 -3.48 -1.11
CA THR A 874 -47.10 -4.64 -1.89
C THR A 874 -48.59 -4.91 -1.74
N SER A 875 -49.04 -5.13 -0.50
CA SER A 875 -50.47 -5.21 -0.24
C SER A 875 -51.22 -4.20 -1.07
N ALA A 876 -50.70 -2.98 -1.15
CA ALA A 876 -51.32 -1.98 -1.99
C ALA A 876 -51.09 -2.29 -3.46
N LEU A 877 -49.84 -2.53 -3.84
CA LEU A 877 -49.53 -2.76 -5.25
C LEU A 877 -50.32 -3.96 -5.77
N LEU A 878 -50.90 -4.73 -4.87
CA LEU A 878 -51.69 -5.87 -5.27
C LEU A 878 -53.17 -5.57 -5.13
N ALA A 879 -53.51 -4.63 -4.26
CA ALA A 879 -54.91 -4.33 -3.99
C ALA A 879 -55.59 -3.78 -5.24
N GLY A 880 -54.81 -3.50 -6.28
CA GLY A 880 -55.40 -2.98 -7.50
C GLY A 880 -55.11 -3.90 -8.67
N THR A 881 -54.03 -4.68 -8.57
CA THR A 881 -53.78 -5.71 -9.56
C THR A 881 -54.98 -6.64 -9.68
N ILE A 882 -55.37 -7.26 -8.58
CA ILE A 882 -56.61 -8.00 -8.54
C ILE A 882 -57.78 -7.10 -8.88
N THR A 883 -58.03 -6.11 -8.01
CA THR A 883 -59.21 -5.29 -8.15
C THR A 883 -59.23 -4.49 -9.44
N SER A 884 -58.29 -3.58 -9.60
CA SER A 884 -58.36 -2.62 -10.69
C SER A 884 -57.65 -3.15 -11.92
N GLY A 885 -57.41 -4.45 -11.95
CA GLY A 885 -56.77 -5.02 -13.11
C GLY A 885 -55.40 -4.40 -13.29
N TRP A 886 -55.30 -3.51 -14.27
CA TRP A 886 -54.09 -2.76 -14.51
C TRP A 886 -54.37 -1.30 -14.80
N THR A 887 -55.55 -0.82 -14.44
CA THR A 887 -55.88 0.57 -14.67
C THR A 887 -55.33 1.45 -13.56
N PHE A 888 -54.55 0.89 -12.65
CA PHE A 888 -54.01 1.66 -11.55
C PHE A 888 -52.58 2.11 -11.81
N GLY A 889 -52.22 2.28 -13.06
CA GLY A 889 -50.87 2.68 -13.43
C GLY A 889 -50.91 3.64 -14.59
N ALA A 890 -52.12 4.08 -14.93
CA ALA A 890 -52.33 5.06 -15.96
C ALA A 890 -53.18 6.22 -15.47
N GLY A 891 -53.54 6.21 -14.19
CA GLY A 891 -54.39 7.23 -13.63
C GLY A 891 -55.20 6.72 -12.46
N ALA A 892 -56.51 6.91 -12.52
CA ALA A 892 -57.40 6.50 -11.45
C ALA A 892 -57.63 5.00 -11.50
N ALA A 893 -58.13 4.46 -10.39
CA ALA A 893 -58.37 3.03 -10.31
C ALA A 893 -59.74 2.67 -10.84
N LEU A 894 -59.77 2.16 -12.05
CA LEU A 894 -60.97 1.60 -12.64
C LEU A 894 -61.03 0.13 -12.29
N GLN A 895 -62.16 -0.31 -11.78
CA GLN A 895 -62.29 -1.66 -11.27
C GLN A 895 -62.57 -2.65 -12.38
N ILE A 896 -62.57 -3.91 -12.01
CA ILE A 896 -62.94 -5.00 -12.91
C ILE A 896 -63.00 -6.29 -12.09
N PRO A 897 -63.76 -7.30 -12.52
CA PRO A 897 -64.04 -8.43 -11.64
C PRO A 897 -63.02 -9.54 -11.69
N PHE A 898 -61.89 -9.34 -12.35
CA PHE A 898 -60.83 -10.34 -12.41
C PHE A 898 -61.19 -11.52 -13.31
N ALA A 899 -62.45 -11.61 -13.67
CA ALA A 899 -62.85 -12.53 -14.71
C ALA A 899 -62.81 -11.86 -16.07
N MET A 900 -63.51 -10.74 -16.21
CA MET A 900 -63.32 -9.89 -17.37
C MET A 900 -61.87 -9.49 -17.51
N GLN A 901 -61.08 -9.63 -16.44
CA GLN A 901 -59.71 -9.20 -16.48
C GLN A 901 -58.85 -10.22 -17.20
N MET A 902 -58.78 -11.43 -16.65
CA MET A 902 -58.15 -12.52 -17.36
C MET A 902 -58.76 -12.67 -18.73
N ALA A 903 -60.00 -12.24 -18.89
CA ALA A 903 -60.63 -12.32 -20.20
C ALA A 903 -59.93 -11.38 -21.17
N TYR A 904 -59.17 -10.43 -20.64
CA TYR A 904 -58.42 -9.53 -21.52
C TYR A 904 -56.97 -9.99 -21.62
N ARG A 905 -56.36 -10.29 -20.48
CA ARG A 905 -54.97 -10.73 -20.49
C ARG A 905 -54.79 -11.96 -21.34
N PHE A 906 -55.90 -12.57 -21.77
CA PHE A 906 -55.83 -13.61 -22.78
C PHE A 906 -55.89 -13.00 -24.17
N ASN A 907 -56.55 -11.84 -24.29
CA ASN A 907 -56.67 -11.21 -25.61
C ASN A 907 -55.36 -10.61 -26.04
N GLY A 908 -54.35 -10.65 -25.18
CA GLY A 908 -53.03 -10.18 -25.57
C GLY A 908 -52.18 -11.31 -26.10
N ILE A 909 -52.27 -12.47 -25.46
CA ILE A 909 -51.42 -13.59 -25.82
C ILE A 909 -51.86 -14.23 -27.12
N GLY A 910 -53.11 -14.03 -27.51
CA GLY A 910 -53.62 -14.62 -28.72
C GLY A 910 -54.59 -15.75 -28.44
N VAL A 911 -55.41 -15.57 -27.41
CA VAL A 911 -56.45 -16.52 -27.06
C VAL A 911 -57.76 -15.77 -27.03
N THR A 912 -58.79 -16.37 -27.62
CA THR A 912 -60.10 -15.74 -27.65
C THR A 912 -60.78 -15.85 -26.29
N GLN A 913 -61.69 -14.92 -26.03
CA GLN A 913 -62.21 -14.73 -24.69
C GLN A 913 -62.91 -15.99 -24.19
N ASN A 914 -63.41 -16.79 -25.10
CA ASN A 914 -64.08 -18.02 -24.70
C ASN A 914 -63.20 -18.93 -23.89
N VAL A 915 -61.91 -19.02 -24.25
CA VAL A 915 -61.06 -20.04 -23.66
C VAL A 915 -60.92 -19.84 -22.16
N LEU A 916 -61.42 -18.72 -21.65
CA LEU A 916 -61.38 -18.49 -20.21
C LEU A 916 -62.75 -18.75 -19.60
N TYR A 917 -63.77 -18.09 -20.12
CA TYR A 917 -65.09 -18.21 -19.53
C TYR A 917 -65.61 -19.64 -19.63
N GLU A 918 -65.25 -20.34 -20.70
CA GLU A 918 -65.75 -21.68 -20.93
C GLU A 918 -64.87 -22.74 -20.30
N ASN A 919 -63.78 -22.34 -19.66
CA ASN A 919 -62.87 -23.26 -19.01
C ASN A 919 -62.39 -22.67 -17.69
N GLN A 920 -63.24 -21.85 -17.08
CA GLN A 920 -62.83 -21.09 -15.91
C GLN A 920 -62.33 -22.00 -14.80
N LYS A 921 -63.21 -22.85 -14.28
CA LYS A 921 -62.84 -23.69 -13.15
C LYS A 921 -61.53 -24.41 -13.42
N LEU A 922 -61.42 -25.08 -14.56
CA LEU A 922 -60.16 -25.74 -14.89
C LEU A 922 -59.01 -24.74 -14.86
N ILE A 923 -59.29 -23.48 -15.20
CA ILE A 923 -58.29 -22.44 -15.03
C ILE A 923 -58.16 -22.09 -13.55
N ALA A 924 -59.25 -22.20 -12.81
CA ALA A 924 -59.23 -21.85 -11.40
C ALA A 924 -58.45 -22.88 -10.61
N ASN A 925 -58.90 -24.13 -10.66
CA ASN A 925 -58.24 -25.17 -9.88
C ASN A 925 -56.78 -25.30 -10.27
N GLN A 926 -56.37 -24.61 -11.33
CA GLN A 926 -54.97 -24.59 -11.70
C GLN A 926 -54.23 -23.49 -10.95
N PHE A 927 -54.78 -22.27 -10.98
CA PHE A 927 -54.14 -21.17 -10.30
C PHE A 927 -53.96 -21.48 -8.83
N ASN A 928 -54.94 -22.16 -8.24
CA ASN A 928 -54.89 -22.38 -6.80
C ASN A 928 -53.95 -23.52 -6.46
N SER A 929 -53.89 -24.53 -7.35
CA SER A 929 -52.89 -25.57 -7.16
C SER A 929 -51.52 -25.08 -7.57
N ALA A 930 -51.47 -23.95 -8.25
CA ALA A 930 -50.18 -23.45 -8.73
C ALA A 930 -49.38 -22.85 -7.58
N ILE A 931 -50.06 -22.45 -6.50
CA ILE A 931 -49.38 -21.75 -5.42
C ILE A 931 -48.82 -22.75 -4.42
N GLY A 932 -49.67 -23.63 -3.89
CA GLY A 932 -49.18 -24.64 -2.98
C GLY A 932 -47.91 -25.28 -3.46
N LYS A 933 -47.83 -25.57 -4.76
CA LYS A 933 -46.59 -26.07 -5.34
C LYS A 933 -45.45 -25.11 -5.06
N ILE A 934 -45.76 -23.82 -4.93
CA ILE A 934 -44.74 -22.85 -4.63
C ILE A 934 -44.46 -22.82 -3.14
N GLN A 935 -45.51 -23.02 -2.34
CA GLN A 935 -45.35 -23.14 -0.90
C GLN A 935 -44.19 -24.08 -0.58
N ASP A 936 -44.32 -25.33 -1.00
CA ASP A 936 -43.25 -26.29 -0.80
C ASP A 936 -41.90 -25.71 -1.16
N SER A 937 -41.77 -25.17 -2.36
CA SER A 937 -40.50 -24.61 -2.80
C SER A 937 -39.94 -23.65 -1.76
N LEU A 938 -40.70 -22.64 -1.40
CA LEU A 938 -40.26 -21.65 -0.44
C LEU A 938 -40.55 -22.05 1.00
N SER A 939 -41.29 -23.12 1.22
CA SER A 939 -41.57 -23.57 2.59
C SER A 939 -40.79 -24.83 2.93
N SER A 940 -40.34 -25.58 1.92
CA SER A 940 -39.65 -26.85 2.14
C SER A 940 -38.27 -26.86 1.48
N THR A 941 -38.13 -26.22 0.33
CA THR A 941 -36.89 -26.29 -0.40
C THR A 941 -35.99 -25.10 -0.09
N PRO A 942 -34.89 -25.35 0.59
CA PRO A 942 -33.82 -24.38 0.74
C PRO A 942 -33.12 -24.22 -0.60
N SER A 943 -32.12 -23.34 -0.63
CA SER A 943 -31.35 -23.04 -1.85
C SER A 943 -32.19 -22.32 -2.89
N ALA A 944 -33.46 -22.05 -2.59
CA ALA A 944 -34.32 -21.36 -3.54
C ALA A 944 -34.18 -19.84 -3.43
N LEU A 945 -33.58 -19.34 -2.36
CA LEU A 945 -33.40 -17.92 -2.11
C LEU A 945 -31.92 -17.58 -2.07
N GLY A 946 -31.17 -18.13 -3.02
CA GLY A 946 -29.73 -18.01 -2.96
C GLY A 946 -29.26 -16.57 -3.08
N LYS A 947 -29.54 -15.94 -4.21
CA LYS A 947 -28.85 -14.70 -4.55
C LYS A 947 -28.98 -13.69 -3.43
N LEU A 948 -30.17 -13.58 -2.85
CA LEU A 948 -30.37 -12.61 -1.78
C LEU A 948 -29.42 -12.91 -0.62
N GLN A 949 -28.91 -14.12 -0.55
CA GLN A 949 -28.00 -14.48 0.53
C GLN A 949 -26.56 -14.23 0.11
N ASP A 950 -26.23 -14.57 -1.13
CA ASP A 950 -24.90 -14.30 -1.63
C ASP A 950 -24.59 -12.81 -1.60
N VAL A 951 -25.62 -11.99 -1.41
CA VAL A 951 -25.40 -10.57 -1.18
C VAL A 951 -25.12 -10.33 0.30
N VAL A 952 -25.94 -10.91 1.16
CA VAL A 952 -25.75 -10.74 2.59
C VAL A 952 -24.38 -11.26 2.99
N ASN A 953 -24.03 -12.44 2.51
CA ASN A 953 -22.78 -13.06 2.92
C ASN A 953 -21.60 -12.15 2.64
N GLN A 954 -21.52 -11.61 1.43
CA GLN A 954 -20.39 -10.75 1.09
C GLN A 954 -20.35 -9.52 1.98
N ASN A 955 -21.39 -8.69 1.91
CA ASN A 955 -21.41 -7.45 2.66
C ASN A 955 -20.98 -7.67 4.10
N ALA A 956 -21.41 -8.78 4.69
CA ALA A 956 -20.99 -9.08 6.05
C ALA A 956 -19.60 -9.69 6.05
N GLN A 957 -19.28 -10.46 5.02
CA GLN A 957 -17.96 -11.09 4.96
C GLN A 957 -16.86 -10.05 4.93
N ALA A 958 -16.83 -9.24 3.87
CA ALA A 958 -15.82 -8.19 3.77
C ALA A 958 -15.79 -7.36 5.04
N LEU A 959 -16.93 -7.24 5.70
CA LEU A 959 -16.96 -6.47 6.93
C LEU A 959 -16.00 -7.05 7.95
N ASN A 960 -16.25 -8.29 8.37
CA ASN A 960 -15.33 -8.95 9.29
C ASN A 960 -13.91 -8.89 8.75
N THR A 961 -13.77 -8.91 7.43
CA THR A 961 -12.44 -8.76 6.86
C THR A 961 -11.86 -7.41 7.22
N LEU A 962 -12.72 -6.43 7.42
CA LEU A 962 -12.23 -5.12 7.88
C LEU A 962 -11.98 -5.14 9.37
N VAL A 963 -12.85 -5.81 10.13
CA VAL A 963 -12.63 -5.95 11.55
C VAL A 963 -11.33 -6.68 11.81
N LYS A 964 -11.02 -7.64 10.96
CA LYS A 964 -9.90 -8.53 11.23
C LYS A 964 -8.58 -7.85 10.99
N GLN A 965 -8.48 -7.11 9.87
CA GLN A 965 -7.20 -6.51 9.51
C GLN A 965 -6.65 -5.66 10.64
N LEU A 966 -7.47 -5.33 11.63
CA LEU A 966 -7.01 -4.50 12.72
C LEU A 966 -6.09 -5.24 13.67
N SER A 967 -5.69 -6.44 13.33
CA SER A 967 -4.75 -7.21 14.14
C SER A 967 -3.62 -7.69 13.26
N SER A 968 -3.43 -7.02 12.13
CA SER A 968 -2.30 -7.26 11.25
C SER A 968 -1.35 -6.08 11.32
N ASN A 969 -0.18 -6.32 11.93
CA ASN A 969 0.69 -5.23 12.35
C ASN A 969 0.94 -4.23 11.23
N PHE A 970 0.76 -4.66 10.00
CA PHE A 970 1.17 -3.91 8.82
C PHE A 970 2.59 -3.37 8.94
N GLY A 971 3.44 -4.03 9.73
CA GLY A 971 4.85 -3.73 9.73
C GLY A 971 5.39 -3.15 11.00
N ALA A 972 4.81 -3.49 12.15
CA ALA A 972 5.20 -2.84 13.39
C ALA A 972 5.26 -3.84 14.53
N ILE A 973 5.68 -3.33 15.68
CA ILE A 973 5.87 -4.18 16.87
C ILE A 973 4.53 -4.75 17.31
N SER A 974 3.43 -4.24 16.77
CA SER A 974 2.12 -4.75 17.12
C SER A 974 1.09 -4.30 16.11
N SER A 975 -0.15 -4.62 16.44
CA SER A 975 -1.33 -4.07 15.80
C SER A 975 -2.15 -3.24 16.77
N VAL A 976 -1.62 -3.05 17.98
CA VAL A 976 -2.33 -2.38 19.06
C VAL A 976 -1.61 -1.08 19.34
N LEU A 977 -2.38 0.01 19.42
CA LEU A 977 -1.76 1.32 19.50
C LEU A 977 -1.33 1.67 20.90
N ASN A 978 -2.29 1.74 21.82
CA ASN A 978 -2.01 2.22 23.17
C ASN A 978 -0.73 1.62 23.70
N ASP A 979 -0.50 0.34 23.43
CA ASP A 979 0.78 -0.26 23.81
C ASP A 979 1.93 0.48 23.16
N ILE A 980 1.97 0.50 21.83
CA ILE A 980 3.12 1.03 21.10
C ILE A 980 3.54 2.36 21.69
N LEU A 981 2.57 3.18 22.08
CA LEU A 981 2.90 4.43 22.75
C LEU A 981 3.45 4.17 24.13
N SER A 982 2.91 3.17 24.82
CA SER A 982 3.28 2.91 26.20
C SER A 982 4.57 2.10 26.33
N ARG A 983 5.36 2.00 25.26
CA ARG A 983 6.58 1.22 25.28
C ARG A 983 7.80 1.99 24.81
N LEU A 984 7.60 3.15 24.20
CA LEU A 984 8.66 3.85 23.50
C LEU A 984 8.62 5.33 23.83
N ASP A 985 9.40 6.07 23.07
CA ASP A 985 9.30 7.51 23.00
C ASP A 985 8.75 7.92 21.64
N PRO A 986 8.27 9.15 21.51
CA PRO A 986 7.54 9.56 20.30
C PRO A 986 8.24 9.14 19.02
N PRO A 987 9.51 9.54 18.83
CA PRO A 987 10.11 9.47 17.49
C PRO A 987 9.80 8.20 16.71
N GLU A 988 10.15 7.04 17.26
CA GLU A 988 9.76 5.81 16.58
C GLU A 988 8.29 5.50 16.84
N ALA A 989 7.79 5.80 18.05
CA ALA A 989 6.36 5.65 18.31
C ALA A 989 5.55 6.40 17.27
N GLU A 990 6.20 7.30 16.53
CA GLU A 990 5.50 8.03 15.47
C GLU A 990 5.61 7.31 14.13
N VAL A 991 6.75 6.68 13.86
CA VAL A 991 6.89 5.98 12.59
C VAL A 991 6.19 4.63 12.67
N GLN A 992 6.38 3.92 13.78
CA GLN A 992 5.58 2.72 14.01
C GLN A 992 4.14 2.98 13.62
N ILE A 993 3.57 4.06 14.15
CA ILE A 993 2.20 4.42 13.85
C ILE A 993 2.10 4.91 12.42
N ASP A 994 3.19 5.46 11.88
CA ASP A 994 3.14 5.98 10.52
C ASP A 994 3.04 4.84 9.53
N ARG A 995 3.44 3.63 9.94
CA ARG A 995 3.23 2.48 9.08
C ARG A 995 1.84 1.91 9.29
N LEU A 996 1.48 1.59 10.53
CA LEU A 996 0.17 1.04 10.81
C LEU A 996 -0.89 1.75 9.99
N ILE A 997 -0.82 3.07 9.94
CA ILE A 997 -1.68 3.85 9.08
C ILE A 997 -1.60 3.34 7.65
N THR A 998 -0.38 3.25 7.11
CA THR A 998 -0.21 3.15 5.67
C THR A 998 -0.83 1.88 5.12
N GLY A 999 -1.35 1.03 5.99
CA GLY A 999 -2.04 -0.15 5.51
C GLY A 999 -3.53 -0.08 5.79
N ARG A 1000 -3.89 0.51 6.91
CA ARG A 1000 -5.30 0.66 7.24
C ARG A 1000 -6.03 1.44 6.17
N LEU A 1001 -5.68 2.71 5.99
CA LEU A 1001 -6.19 3.46 4.87
C LEU A 1001 -6.19 2.63 3.60
N GLN A 1002 -5.15 1.84 3.40
CA GLN A 1002 -5.15 0.90 2.29
C GLN A 1002 -6.16 -0.21 2.53
N SER A 1003 -6.35 -0.58 3.79
CA SER A 1003 -7.39 -1.55 4.11
C SER A 1003 -8.76 -0.99 3.82
N LEU A 1004 -8.96 0.28 4.15
CA LEU A 1004 -10.27 0.87 3.99
C LEU A 1004 -10.60 1.10 2.53
N GLN A 1005 -9.75 1.85 1.83
CA GLN A 1005 -9.97 2.07 0.41
C GLN A 1005 -10.28 0.77 -0.31
N THR A 1006 -9.75 -0.33 0.19
CA THR A 1006 -10.02 -1.62 -0.42
C THR A 1006 -11.46 -2.01 -0.18
N TYR A 1007 -11.84 -2.13 1.09
CA TYR A 1007 -13.22 -2.41 1.42
C TYR A 1007 -14.15 -1.50 0.64
N VAL A 1008 -13.89 -0.21 0.68
CA VAL A 1008 -14.74 0.74 -0.02
C VAL A 1008 -14.93 0.31 -1.47
N THR A 1009 -13.82 0.18 -2.19
CA THR A 1009 -13.93 -0.14 -3.61
C THR A 1009 -14.56 -1.50 -3.82
N GLN A 1010 -14.69 -2.28 -2.74
CA GLN A 1010 -15.46 -3.51 -2.82
C GLN A 1010 -16.88 -3.27 -2.34
N GLN A 1011 -17.18 -2.04 -1.94
CA GLN A 1011 -18.51 -1.75 -1.42
C GLN A 1011 -19.24 -0.79 -2.33
N LEU A 1012 -18.50 0.00 -3.09
CA LEU A 1012 -19.11 0.73 -4.20
C LEU A 1012 -19.63 -0.23 -5.24
N ILE A 1013 -18.74 -1.03 -5.82
CA ILE A 1013 -19.10 -1.93 -6.89
C ILE A 1013 -20.31 -2.77 -6.50
N ARG A 1014 -20.16 -3.53 -5.43
CA ARG A 1014 -21.26 -4.35 -4.94
C ARG A 1014 -22.49 -3.50 -4.61
N ALA A 1015 -22.33 -2.17 -4.62
CA ALA A 1015 -23.47 -1.29 -4.44
C ALA A 1015 -23.88 -0.68 -5.77
N ALA A 1016 -23.00 -0.76 -6.76
CA ALA A 1016 -23.40 -0.44 -8.12
C ALA A 1016 -24.21 -1.58 -8.71
N GLU A 1017 -23.65 -2.78 -8.71
CA GLU A 1017 -24.38 -3.95 -9.19
C GLU A 1017 -25.80 -3.97 -8.66
N ILE A 1018 -25.94 -4.01 -7.34
CA ILE A 1018 -27.26 -4.08 -6.74
C ILE A 1018 -28.18 -3.04 -7.35
N ARG A 1019 -27.62 -1.94 -7.86
CA ARG A 1019 -28.46 -0.97 -8.53
C ARG A 1019 -29.06 -1.57 -9.81
N ALA A 1020 -28.21 -2.15 -10.64
CA ALA A 1020 -28.69 -2.74 -11.87
C ALA A 1020 -29.80 -3.73 -11.59
N SER A 1021 -29.79 -4.31 -10.40
CA SER A 1021 -30.89 -5.17 -10.00
C SER A 1021 -32.15 -4.35 -9.75
N ALA A 1022 -31.97 -3.08 -9.43
CA ALA A 1022 -33.10 -2.28 -8.99
C ALA A 1022 -33.72 -1.57 -10.17
N ASN A 1023 -32.93 -0.77 -10.88
CA ASN A 1023 -33.40 -0.16 -12.11
C ASN A 1023 -34.03 -1.22 -13.00
N LEU A 1024 -33.59 -2.47 -12.84
CA LEU A 1024 -34.26 -3.58 -13.51
C LEU A 1024 -35.61 -3.85 -12.88
N ALA A 1025 -35.60 -4.17 -11.59
CA ALA A 1025 -36.86 -4.44 -10.90
C ALA A 1025 -37.84 -3.31 -11.12
N ALA A 1026 -37.41 -2.08 -10.84
CA ALA A 1026 -38.26 -0.93 -11.09
C ALA A 1026 -38.83 -0.97 -12.49
N THR A 1027 -38.17 -1.70 -13.39
CA THR A 1027 -38.67 -1.82 -14.75
C THR A 1027 -39.42 -3.14 -14.91
N LYS A 1028 -39.41 -3.96 -13.87
CA LYS A 1028 -40.20 -5.18 -13.86
C LYS A 1028 -41.55 -4.94 -13.21
N MET A 1029 -41.54 -4.27 -12.05
CA MET A 1029 -42.79 -3.91 -11.42
C MET A 1029 -43.57 -2.97 -12.30
N SER A 1030 -42.86 -2.13 -13.03
CA SER A 1030 -43.51 -1.15 -13.89
C SER A 1030 -44.21 -1.82 -15.05
N GLU A 1031 -43.76 -3.01 -15.41
CA GLU A 1031 -44.32 -3.73 -16.55
C GLU A 1031 -45.02 -5.01 -16.16
N CYS A 1032 -44.32 -5.91 -15.50
CA CYS A 1032 -44.88 -7.23 -15.23
C CYS A 1032 -46.04 -7.14 -14.25
N VAL A 1033 -45.93 -6.27 -13.25
CA VAL A 1033 -46.90 -6.22 -12.17
C VAL A 1033 -48.01 -5.28 -12.55
N LEU A 1034 -47.64 -4.07 -12.93
CA LEU A 1034 -48.65 -3.09 -13.30
C LEU A 1034 -49.28 -3.38 -14.64
N GLY A 1035 -48.91 -4.48 -15.29
CA GLY A 1035 -49.51 -4.76 -16.57
C GLY A 1035 -48.92 -5.99 -17.24
N GLN A 1036 -49.19 -6.09 -18.52
CA GLN A 1036 -48.77 -7.21 -19.34
C GLN A 1036 -47.57 -6.80 -20.18
N SER A 1037 -46.59 -7.69 -20.27
CA SER A 1037 -45.39 -7.44 -21.04
C SER A 1037 -45.17 -8.56 -22.03
N LYS A 1038 -45.31 -8.24 -23.31
CA LYS A 1038 -45.17 -9.20 -24.38
C LYS A 1038 -43.75 -9.74 -24.49
N ARG A 1039 -42.81 -9.17 -23.75
CA ARG A 1039 -41.41 -9.53 -23.91
C ARG A 1039 -41.18 -10.96 -23.47
N VAL A 1040 -40.83 -11.81 -24.42
CA VAL A 1040 -40.51 -13.19 -24.11
C VAL A 1040 -39.33 -13.21 -23.14
N ASP A 1041 -39.50 -13.94 -22.05
CA ASP A 1041 -38.50 -14.13 -21.01
C ASP A 1041 -38.20 -12.84 -20.26
N PHE A 1042 -39.23 -12.07 -19.93
CA PHE A 1042 -39.05 -10.92 -19.07
C PHE A 1042 -39.87 -11.09 -17.80
N CYS A 1043 -41.13 -11.46 -17.95
CA CYS A 1043 -41.96 -11.85 -16.83
C CYS A 1043 -41.99 -13.36 -16.77
N GLY A 1044 -41.00 -14.01 -17.36
CA GLY A 1044 -40.79 -15.42 -17.18
C GLY A 1044 -41.09 -16.23 -18.41
N LYS A 1045 -41.39 -17.50 -18.18
CA LYS A 1045 -41.51 -18.46 -19.27
C LYS A 1045 -42.96 -18.61 -19.70
N GLY A 1046 -43.27 -18.06 -20.85
CA GLY A 1046 -44.58 -18.21 -21.45
C GLY A 1046 -45.22 -16.87 -21.72
N TYR A 1047 -46.21 -16.88 -22.58
CA TYR A 1047 -47.00 -15.70 -22.87
C TYR A 1047 -47.57 -15.24 -21.53
N HIS A 1048 -47.10 -14.09 -21.05
CA HIS A 1048 -47.38 -13.69 -19.68
C HIS A 1048 -48.77 -13.11 -19.56
N LEU A 1049 -49.52 -13.59 -18.57
CA LEU A 1049 -50.83 -13.08 -18.26
C LEU A 1049 -50.78 -11.95 -17.23
N MET A 1050 -50.24 -12.22 -16.07
CA MET A 1050 -50.23 -11.26 -14.97
C MET A 1050 -49.22 -11.73 -13.93
N SER A 1051 -48.43 -10.77 -13.45
CA SER A 1051 -47.36 -11.05 -12.50
C SER A 1051 -47.69 -10.41 -11.16
N PHE A 1052 -47.64 -11.22 -10.11
CA PHE A 1052 -47.95 -10.78 -8.77
C PHE A 1052 -46.67 -10.72 -7.93
N PRO A 1053 -46.46 -9.64 -7.19
CA PRO A 1053 -45.29 -9.54 -6.31
C PRO A 1053 -45.54 -9.95 -4.87
N GLN A 1054 -44.43 -10.18 -4.18
CA GLN A 1054 -44.36 -10.22 -2.73
C GLN A 1054 -42.96 -9.80 -2.35
N SER A 1055 -42.83 -9.31 -1.12
CA SER A 1055 -41.63 -8.60 -0.73
C SER A 1055 -40.64 -9.53 -0.04
N ALA A 1056 -39.60 -8.93 0.49
CA ALA A 1056 -38.52 -9.65 1.15
C ALA A 1056 -37.64 -8.70 1.94
N PRO A 1057 -36.68 -9.23 2.65
CA PRO A 1057 -35.83 -8.41 3.53
C PRO A 1057 -35.18 -7.24 2.82
N HIS A 1058 -34.43 -7.54 1.78
CA HIS A 1058 -33.58 -6.59 1.09
C HIS A 1058 -33.93 -6.58 -0.38
N GLY A 1059 -34.88 -7.42 -0.75
CA GLY A 1059 -35.27 -7.50 -2.13
C GLY A 1059 -36.70 -7.94 -2.27
N VAL A 1060 -37.05 -8.33 -3.49
CA VAL A 1060 -38.39 -8.77 -3.82
C VAL A 1060 -38.32 -10.15 -4.43
N VAL A 1061 -39.47 -10.83 -4.43
CA VAL A 1061 -39.64 -12.09 -5.12
C VAL A 1061 -40.96 -12.00 -5.85
N PHE A 1062 -40.93 -12.24 -7.13
CA PHE A 1062 -42.10 -12.08 -7.99
C PHE A 1062 -42.77 -13.43 -8.14
N LEU A 1063 -44.08 -13.43 -8.36
CA LEU A 1063 -44.81 -14.63 -8.73
C LEU A 1063 -45.41 -14.40 -10.10
N HIS A 1064 -44.70 -14.84 -11.13
CA HIS A 1064 -45.12 -14.66 -12.51
C HIS A 1064 -45.98 -15.83 -12.93
N VAL A 1065 -47.23 -15.56 -13.26
CA VAL A 1065 -48.14 -16.55 -13.79
C VAL A 1065 -48.16 -16.42 -15.30
N THR A 1066 -48.14 -17.56 -15.99
CA THR A 1066 -48.00 -17.58 -17.43
C THR A 1066 -49.01 -18.53 -18.06
N TYR A 1067 -48.84 -18.71 -19.36
CA TYR A 1067 -49.63 -19.63 -20.16
C TYR A 1067 -48.67 -20.64 -20.77
N VAL A 1068 -49.07 -21.90 -20.78
CA VAL A 1068 -48.25 -22.98 -21.29
C VAL A 1068 -49.13 -23.92 -22.11
N PRO A 1069 -48.95 -23.97 -23.43
CA PRO A 1069 -49.71 -24.92 -24.22
C PRO A 1069 -49.39 -26.36 -23.85
N ALA A 1070 -50.43 -27.18 -23.85
CA ALA A 1070 -50.26 -28.61 -23.66
C ALA A 1070 -51.25 -29.34 -24.54
N GLN A 1071 -50.98 -30.62 -24.76
CA GLN A 1071 -51.82 -31.51 -25.55
C GLN A 1071 -51.91 -31.01 -27.00
N GLU A 1072 -50.72 -30.93 -27.59
CA GLU A 1072 -50.58 -30.62 -29.01
C GLU A 1072 -51.24 -31.69 -29.87
N LYS A 1073 -51.29 -31.41 -31.17
CA LYS A 1073 -51.81 -32.39 -32.12
C LYS A 1073 -51.37 -32.02 -33.53
N ASN A 1074 -50.93 -33.03 -34.27
CA ASN A 1074 -50.40 -32.84 -35.62
C ASN A 1074 -51.52 -32.70 -36.63
N PHE A 1075 -51.54 -31.55 -37.29
CA PHE A 1075 -52.54 -31.27 -38.30
C PHE A 1075 -51.84 -30.99 -39.62
N THR A 1076 -52.64 -30.67 -40.63
CA THR A 1076 -52.17 -30.40 -41.97
C THR A 1076 -52.68 -29.03 -42.39
N THR A 1077 -52.02 -28.42 -43.37
CA THR A 1077 -52.23 -27.01 -43.64
C THR A 1077 -52.44 -26.71 -45.11
N ALA A 1078 -52.83 -25.47 -45.34
CA ALA A 1078 -52.84 -24.80 -46.58
C ALA A 1078 -53.13 -23.36 -46.16
N PRO A 1079 -52.40 -22.38 -46.67
CA PRO A 1079 -52.72 -20.99 -46.32
C PRO A 1079 -53.85 -20.41 -47.13
N ALA A 1080 -53.93 -20.78 -48.40
CA ALA A 1080 -54.91 -20.20 -49.31
C ALA A 1080 -56.00 -21.21 -49.58
N ILE A 1081 -57.20 -20.72 -49.83
CA ILE A 1081 -58.37 -21.56 -50.05
C ILE A 1081 -59.12 -21.04 -51.27
N CYS A 1082 -58.88 -21.68 -52.42
CA CYS A 1082 -59.54 -21.27 -53.66
C CYS A 1082 -61.04 -21.38 -53.49
N HIS A 1083 -61.78 -20.59 -54.26
CA HIS A 1083 -63.22 -20.69 -54.35
C HIS A 1083 -63.70 -19.70 -55.39
N ASP A 1084 -64.77 -20.06 -56.09
CA ASP A 1084 -65.38 -19.22 -57.11
C ASP A 1084 -64.30 -18.54 -57.96
N GLY A 1085 -63.17 -19.22 -58.12
CA GLY A 1085 -62.11 -18.69 -58.95
C GLY A 1085 -61.25 -17.64 -58.29
N LYS A 1086 -61.41 -17.45 -56.99
CA LYS A 1086 -60.70 -16.40 -56.28
C LYS A 1086 -59.78 -16.99 -55.23
N ALA A 1087 -59.02 -16.11 -54.60
CA ALA A 1087 -58.17 -16.46 -53.48
C ALA A 1087 -58.70 -15.82 -52.21
N HIS A 1088 -58.89 -16.63 -51.17
CA HIS A 1088 -59.38 -16.16 -49.89
C HIS A 1088 -58.33 -16.42 -48.81
N PHE A 1089 -57.93 -15.37 -48.11
CA PHE A 1089 -57.04 -15.51 -46.98
C PHE A 1089 -57.74 -15.07 -45.70
N PRO A 1090 -57.20 -15.43 -44.54
CA PRO A 1090 -57.91 -15.19 -43.28
C PRO A 1090 -57.63 -13.84 -42.66
N ARG A 1091 -58.21 -13.64 -41.48
CA ARG A 1091 -57.99 -12.42 -40.71
C ARG A 1091 -57.12 -12.74 -39.49
N GLU A 1092 -57.36 -13.90 -38.90
CA GLU A 1092 -56.74 -14.26 -37.64
C GLU A 1092 -56.64 -15.77 -37.62
N GLY A 1093 -55.59 -16.28 -37.02
CA GLY A 1093 -55.44 -17.71 -36.85
C GLY A 1093 -54.86 -18.34 -38.09
N VAL A 1094 -55.17 -19.61 -38.26
CA VAL A 1094 -54.61 -20.42 -39.34
C VAL A 1094 -55.61 -21.49 -39.72
N PHE A 1095 -55.31 -22.18 -40.80
CA PHE A 1095 -56.17 -23.24 -41.32
C PHE A 1095 -55.67 -24.58 -40.85
N VAL A 1096 -56.60 -25.53 -40.73
CA VAL A 1096 -56.28 -26.91 -40.44
C VAL A 1096 -57.29 -27.79 -41.16
N SER A 1097 -56.89 -29.03 -41.41
CA SER A 1097 -57.74 -30.03 -42.03
C SER A 1097 -57.45 -31.35 -41.36
N ASN A 1098 -58.49 -32.05 -40.90
CA ASN A 1098 -58.23 -33.19 -40.04
C ASN A 1098 -57.74 -34.38 -40.86
N GLY A 1099 -58.59 -34.92 -41.72
CA GLY A 1099 -58.09 -35.70 -42.83
C GLY A 1099 -58.74 -35.31 -44.14
N THR A 1100 -59.99 -34.89 -44.04
CA THR A 1100 -60.84 -34.76 -45.22
C THR A 1100 -61.36 -33.35 -45.40
N HIS A 1101 -62.02 -32.84 -44.37
CA HIS A 1101 -62.64 -31.52 -44.40
C HIS A 1101 -61.62 -30.45 -44.13
N TRP A 1102 -62.10 -29.25 -43.86
CA TRP A 1102 -61.26 -28.12 -43.55
C TRP A 1102 -61.96 -27.27 -42.51
N PHE A 1103 -61.20 -26.77 -41.56
CA PHE A 1103 -61.70 -25.90 -40.52
C PHE A 1103 -60.70 -24.77 -40.30
N VAL A 1104 -61.17 -23.72 -39.65
CA VAL A 1104 -60.37 -22.53 -39.37
C VAL A 1104 -60.36 -22.32 -37.87
N THR A 1105 -59.30 -21.67 -37.38
CA THR A 1105 -59.10 -21.50 -35.95
C THR A 1105 -57.92 -20.59 -35.69
N GLN A 1106 -57.70 -20.36 -34.41
CA GLN A 1106 -56.62 -19.51 -33.93
C GLN A 1106 -55.35 -20.31 -33.71
N ARG A 1107 -54.27 -19.60 -33.37
CA ARG A 1107 -52.95 -20.21 -33.43
C ARG A 1107 -52.51 -20.70 -32.06
N ASN A 1108 -53.30 -20.43 -31.03
CA ASN A 1108 -52.91 -20.75 -29.67
C ASN A 1108 -53.97 -21.55 -28.91
N PHE A 1109 -55.05 -21.95 -29.57
CA PHE A 1109 -55.99 -22.89 -28.99
C PHE A 1109 -56.90 -23.42 -30.08
N TYR A 1110 -57.50 -24.58 -29.85
CA TYR A 1110 -58.26 -25.32 -30.86
C TYR A 1110 -59.75 -25.10 -30.61
N GLU A 1111 -60.44 -24.55 -31.60
CA GLU A 1111 -61.86 -24.25 -31.53
C GLU A 1111 -62.35 -24.08 -32.95
N PRO A 1112 -62.33 -25.15 -33.72
CA PRO A 1112 -62.52 -25.01 -35.16
C PRO A 1112 -63.90 -24.50 -35.52
N GLN A 1113 -64.05 -24.19 -36.79
CA GLN A 1113 -65.23 -23.49 -37.28
C GLN A 1113 -65.44 -23.86 -38.73
N ILE A 1114 -66.67 -23.66 -39.18
CA ILE A 1114 -66.91 -23.69 -40.62
C ILE A 1114 -66.41 -22.40 -41.20
N ILE A 1115 -65.86 -22.48 -42.40
CA ILE A 1115 -65.22 -21.31 -43.00
C ILE A 1115 -66.28 -20.39 -43.55
N THR A 1116 -65.94 -19.11 -43.65
CA THR A 1116 -66.93 -18.07 -43.94
C THR A 1116 -66.29 -16.94 -44.71
N THR A 1117 -67.15 -16.12 -45.31
CA THR A 1117 -66.72 -14.88 -45.91
C THR A 1117 -66.67 -13.75 -44.91
N ASP A 1118 -66.67 -14.07 -43.63
CA ASP A 1118 -66.59 -13.06 -42.58
C ASP A 1118 -65.40 -13.31 -41.67
N ASN A 1119 -65.01 -14.57 -41.52
CA ASN A 1119 -63.83 -14.94 -40.77
C ASN A 1119 -62.58 -14.91 -41.63
N THR A 1120 -62.75 -14.70 -42.93
CA THR A 1120 -61.63 -14.59 -43.84
C THR A 1120 -61.86 -13.40 -44.76
N PHE A 1121 -60.99 -13.25 -45.76
CA PHE A 1121 -61.13 -12.18 -46.74
C PHE A 1121 -60.64 -12.65 -48.09
N VAL A 1122 -60.59 -11.72 -49.02
CA VAL A 1122 -60.24 -12.00 -50.40
C VAL A 1122 -59.20 -10.98 -50.87
N SER A 1123 -58.28 -11.45 -51.70
CA SER A 1123 -57.30 -10.58 -52.35
C SER A 1123 -56.64 -11.40 -53.46
N GLY A 1124 -56.68 -10.86 -54.67
CA GLY A 1124 -56.08 -11.53 -55.80
C GLY A 1124 -56.75 -12.86 -56.09
N ASN A 1125 -56.32 -13.48 -57.19
CA ASN A 1125 -56.81 -14.79 -57.55
C ASN A 1125 -56.00 -15.87 -56.87
N CYS A 1126 -56.22 -17.10 -57.30
CA CYS A 1126 -55.36 -18.20 -56.92
C CYS A 1126 -54.82 -18.92 -58.14
N ASP A 1127 -53.77 -18.34 -58.69
CA ASP A 1127 -52.86 -18.99 -59.62
C ASP A 1127 -51.41 -18.73 -59.26
N VAL A 1128 -51.18 -17.74 -58.39
CA VAL A 1128 -49.83 -17.36 -58.01
C VAL A 1128 -49.46 -17.86 -56.63
N VAL A 1129 -50.40 -17.92 -55.69
CA VAL A 1129 -50.10 -18.39 -54.35
C VAL A 1129 -49.66 -19.84 -54.41
N ILE A 1130 -48.95 -20.31 -53.39
CA ILE A 1130 -48.35 -21.63 -53.38
C ILE A 1130 -48.88 -22.40 -52.18
N GLY A 1131 -48.93 -23.72 -52.30
CA GLY A 1131 -49.40 -24.58 -51.23
C GLY A 1131 -50.90 -24.63 -51.10
N ILE A 1132 -51.64 -24.12 -52.08
CA ILE A 1132 -53.06 -23.90 -51.92
C ILE A 1132 -53.82 -25.22 -51.93
N VAL A 1133 -55.05 -25.15 -51.45
CA VAL A 1133 -55.97 -26.29 -51.41
C VAL A 1133 -57.36 -25.79 -51.67
N ASN A 1134 -57.90 -26.17 -52.83
CA ASN A 1134 -59.27 -25.86 -53.16
C ASN A 1134 -60.19 -26.34 -52.06
N ASN A 1135 -61.19 -25.54 -51.76
CA ASN A 1135 -62.30 -25.97 -50.93
C ASN A 1135 -63.37 -24.90 -51.03
N THR A 1136 -64.37 -25.01 -50.17
CA THR A 1136 -65.54 -24.16 -50.24
C THR A 1136 -65.61 -23.26 -49.03
N VAL A 1137 -66.09 -22.04 -49.26
CA VAL A 1137 -66.44 -21.12 -48.20
C VAL A 1137 -67.94 -20.94 -48.26
N TYR A 1138 -68.56 -20.65 -47.12
CA TYR A 1138 -70.00 -20.77 -47.03
C TYR A 1138 -70.63 -19.40 -46.82
N ASP A 1139 -71.37 -18.95 -47.82
CA ASP A 1139 -72.03 -17.65 -47.76
C ASP A 1139 -73.26 -17.77 -46.88
N PRO A 1140 -73.26 -17.19 -45.70
CA PRO A 1140 -74.39 -17.41 -44.79
C PRO A 1140 -75.51 -16.42 -45.07
N LEU A 1141 -75.78 -16.18 -46.34
CA LEU A 1141 -76.82 -15.23 -46.71
C LEU A 1141 -77.76 -15.89 -47.71
N GLN A 1142 -77.19 -16.61 -48.66
CA GLN A 1142 -77.99 -17.44 -49.55
C GLN A 1142 -78.94 -18.32 -48.75
N PRO A 1143 -78.46 -19.12 -47.80
CA PRO A 1143 -79.38 -19.71 -46.83
C PRO A 1143 -80.40 -18.72 -46.31
N GLU A 1144 -79.95 -17.53 -45.93
CA GLU A 1144 -80.88 -16.51 -45.44
C GLU A 1144 -81.73 -15.97 -46.58
N LEU A 1145 -81.19 -16.00 -47.80
CA LEU A 1145 -81.90 -15.41 -48.92
C LEU A 1145 -83.19 -16.15 -49.21
N ASP A 1146 -83.14 -17.46 -49.28
CA ASP A 1146 -84.32 -18.26 -49.55
C ASP A 1146 -85.45 -17.89 -48.60
N GLN B 14 60.67 9.52 -32.22
CA GLN B 14 60.74 10.88 -32.74
C GLN B 14 59.56 11.13 -33.67
N CYS B 15 59.07 12.35 -33.69
CA CYS B 15 57.89 12.71 -34.47
C CYS B 15 58.01 14.15 -34.96
N VAL B 16 57.43 14.43 -36.12
CA VAL B 16 57.59 15.70 -36.81
C VAL B 16 56.25 16.16 -37.34
N ASN B 17 56.12 17.46 -37.60
CA ASN B 17 54.97 17.99 -38.29
C ASN B 17 55.06 17.67 -39.78
N LEU B 18 54.17 16.78 -40.25
CA LEU B 18 54.05 16.52 -41.68
C LEU B 18 53.18 17.60 -42.30
N THR B 19 53.81 18.64 -42.80
CA THR B 19 53.15 19.71 -43.53
C THR B 19 52.86 19.21 -44.94
N THR B 20 52.61 20.12 -45.88
CA THR B 20 52.06 19.81 -47.20
C THR B 20 50.55 19.60 -47.16
N ARG B 21 49.87 20.31 -46.28
CA ARG B 21 48.43 20.18 -46.08
C ARG B 21 47.74 21.51 -46.37
N THR B 22 46.78 21.50 -47.29
CA THR B 22 45.93 22.67 -47.46
C THR B 22 44.93 22.79 -46.31
N GLN B 23 44.39 23.98 -46.15
CA GLN B 23 43.50 24.30 -45.04
C GLN B 23 42.14 24.69 -45.59
N LEU B 24 41.13 23.87 -45.30
CA LEU B 24 39.80 24.02 -45.84
C LEU B 24 38.79 23.90 -44.71
N PRO B 25 37.71 24.69 -44.73
CA PRO B 25 36.73 24.57 -43.67
C PRO B 25 36.19 23.16 -43.58
N PRO B 26 35.87 22.68 -42.38
CA PRO B 26 35.35 21.32 -42.25
C PRO B 26 34.01 21.17 -42.95
N ALA B 27 33.77 19.97 -43.46
CA ALA B 27 32.58 19.65 -44.23
C ALA B 27 31.75 18.60 -43.50
N TYR B 28 30.45 18.60 -43.77
CA TYR B 28 29.50 17.78 -43.04
C TYR B 28 28.43 17.25 -43.98
N THR B 29 27.64 16.31 -43.48
CA THR B 29 26.54 15.71 -44.22
C THR B 29 25.52 15.17 -43.24
N ASN B 30 24.58 14.37 -43.75
CA ASN B 30 23.38 13.99 -43.01
C ASN B 30 23.40 12.50 -42.71
N SER B 31 22.72 12.12 -41.62
CA SER B 31 22.91 10.82 -40.99
C SER B 31 21.70 9.93 -41.23
N PHE B 32 21.85 8.96 -42.11
CA PHE B 32 20.75 8.14 -42.58
C PHE B 32 20.83 6.75 -41.96
N THR B 33 19.97 6.50 -40.98
CA THR B 33 19.70 5.17 -40.45
C THR B 33 20.98 4.34 -40.35
N ARG B 34 22.01 4.97 -39.81
CA ARG B 34 23.14 4.27 -39.22
C ARG B 34 23.39 4.84 -37.84
N GLY B 35 24.29 4.20 -37.12
CA GLY B 35 24.58 4.62 -35.76
C GLY B 35 23.85 3.75 -34.75
N VAL B 36 23.45 2.56 -35.14
CA VAL B 36 22.63 1.68 -34.33
C VAL B 36 23.43 0.47 -33.90
N TYR B 37 23.43 0.24 -32.59
CA TYR B 37 24.04 -0.93 -31.99
C TYR B 37 23.08 -1.56 -31.01
N TYR B 38 23.02 -2.87 -31.04
CA TYR B 38 22.26 -3.60 -30.05
C TYR B 38 22.68 -3.14 -28.67
N PRO B 39 21.81 -2.50 -27.91
CA PRO B 39 22.27 -1.82 -26.71
C PRO B 39 22.63 -2.78 -25.59
N ASP B 40 22.44 -4.07 -25.80
CA ASP B 40 22.72 -5.06 -24.78
C ASP B 40 22.91 -6.40 -25.46
N LYS B 41 22.96 -7.46 -24.65
CA LYS B 41 23.35 -8.78 -25.10
C LYS B 41 22.17 -9.72 -25.26
N VAL B 42 20.95 -9.25 -24.99
CA VAL B 42 19.78 -10.12 -25.00
C VAL B 42 19.43 -10.52 -26.43
N PHE B 43 18.54 -11.51 -26.54
CA PHE B 43 17.98 -11.97 -27.79
C PHE B 43 16.47 -11.97 -27.69
N ARG B 44 15.81 -11.88 -28.84
CA ARG B 44 14.36 -11.95 -28.94
C ARG B 44 14.00 -12.36 -30.36
N SER B 45 12.72 -12.30 -30.69
CA SER B 45 12.21 -12.85 -31.93
C SER B 45 10.95 -12.12 -32.37
N SER B 46 11.03 -11.43 -33.51
CA SER B 46 9.87 -10.89 -34.19
C SER B 46 9.06 -10.00 -33.25
N VAL B 47 9.76 -9.49 -32.25
CA VAL B 47 9.16 -8.61 -31.25
C VAL B 47 9.72 -7.22 -31.43
N LEU B 48 9.19 -6.28 -30.66
CA LEU B 48 9.65 -4.91 -30.62
C LEU B 48 9.98 -4.61 -29.18
N HIS B 49 11.02 -3.81 -28.96
CA HIS B 49 11.56 -3.61 -27.63
C HIS B 49 11.92 -2.15 -27.45
N SER B 50 11.97 -1.72 -26.20
CA SER B 50 12.21 -0.35 -25.83
C SER B 50 13.42 -0.30 -24.92
N THR B 51 14.47 0.36 -25.39
CA THR B 51 15.71 0.45 -24.67
C THR B 51 16.20 1.89 -24.67
N GLN B 52 16.40 2.44 -23.49
CA GLN B 52 17.02 3.74 -23.34
C GLN B 52 18.51 3.53 -23.17
N ASP B 53 19.28 4.30 -23.92
CA ASP B 53 20.73 4.25 -23.88
C ASP B 53 21.20 5.40 -24.76
N LEU B 54 22.51 5.49 -24.97
CA LEU B 54 23.02 6.46 -25.94
C LEU B 54 22.84 5.87 -27.32
N PHE B 55 22.57 6.73 -28.30
CA PHE B 55 22.46 6.35 -29.69
C PHE B 55 22.71 7.57 -30.55
N LEU B 56 22.40 7.44 -31.83
CA LEU B 56 22.54 8.54 -32.77
C LEU B 56 21.17 8.98 -33.25
N PRO B 57 20.82 10.25 -33.15
CA PRO B 57 19.64 10.73 -33.87
C PRO B 57 19.78 10.50 -35.37
N PHE B 58 18.90 9.67 -35.91
CA PHE B 58 18.90 9.42 -37.33
C PHE B 58 18.72 10.73 -38.08
N PHE B 59 18.96 10.69 -39.38
CA PHE B 59 18.59 11.78 -40.27
C PHE B 59 19.16 13.11 -39.80
N SER B 60 20.16 13.05 -38.92
CA SER B 60 20.86 14.22 -38.43
C SER B 60 22.10 14.47 -39.26
N ASN B 61 22.91 15.46 -38.85
CA ASN B 61 24.09 15.88 -39.60
C ASN B 61 25.32 15.25 -38.99
N VAL B 62 26.25 14.83 -39.85
CA VAL B 62 27.52 14.25 -39.44
C VAL B 62 28.63 14.87 -40.27
N THR B 63 29.88 14.48 -39.99
CA THR B 63 31.03 15.19 -40.52
C THR B 63 31.59 14.51 -41.76
N TRP B 64 32.27 15.31 -42.58
CA TRP B 64 32.99 14.86 -43.75
C TRP B 64 34.47 15.11 -43.54
N PHE B 65 35.31 14.21 -44.05
CA PHE B 65 36.75 14.36 -43.90
C PHE B 65 37.48 13.59 -45.00
N HIS B 66 38.61 14.15 -45.44
CA HIS B 66 39.34 13.70 -46.62
C HIS B 66 40.79 13.36 -46.31
N ALA B 67 41.38 12.58 -47.21
CA ALA B 67 42.82 12.41 -47.33
C ALA B 67 43.06 11.97 -48.78
N ILE B 68 43.48 12.92 -49.61
CA ILE B 68 43.51 12.72 -51.05
C ILE B 68 44.61 13.58 -51.65
N HIS B 69 45.43 12.98 -52.51
CA HIS B 69 46.63 13.64 -53.02
C HIS B 69 46.27 14.87 -53.87
N VAL B 70 45.58 14.66 -54.97
CA VAL B 70 45.25 15.74 -55.88
C VAL B 70 46.51 16.54 -56.22
N THR B 76 47.38 20.30 -52.00
CA THR B 76 46.49 19.78 -50.98
C THR B 76 47.08 18.56 -50.27
N LYS B 77 46.76 17.39 -50.81
CA LYS B 77 46.88 16.11 -50.11
C LYS B 77 45.77 15.99 -49.08
N ARG B 78 45.06 17.10 -48.81
CA ARG B 78 43.84 17.12 -48.00
C ARG B 78 43.94 16.12 -46.86
N PHE B 79 45.08 16.12 -46.17
CA PHE B 79 45.37 15.15 -45.11
C PHE B 79 45.00 15.78 -43.77
N ASP B 80 44.10 15.13 -43.04
CA ASP B 80 43.64 15.61 -41.75
C ASP B 80 43.80 14.50 -40.72
N ASN B 81 44.58 14.79 -39.69
CA ASN B 81 44.60 13.98 -38.48
C ASN B 81 44.28 14.85 -37.27
N PRO B 82 43.22 15.66 -37.30
CA PRO B 82 42.85 16.41 -36.10
C PRO B 82 42.51 15.51 -34.94
N VAL B 83 42.20 16.15 -33.83
CA VAL B 83 41.88 15.48 -32.59
C VAL B 83 40.49 15.92 -32.16
N LEU B 84 39.58 14.96 -32.05
CA LEU B 84 38.19 15.28 -31.75
C LEU B 84 37.84 14.85 -30.33
N PRO B 85 37.02 15.63 -29.63
CA PRO B 85 36.47 15.16 -28.36
C PRO B 85 35.79 13.81 -28.52
N PHE B 86 35.63 13.14 -27.39
CA PHE B 86 34.85 11.91 -27.28
C PHE B 86 33.90 12.24 -26.15
N ASN B 87 32.80 12.90 -26.49
CA ASN B 87 32.03 13.62 -25.48
C ASN B 87 31.22 12.66 -24.63
N ASP B 88 30.31 11.93 -25.25
CA ASP B 88 29.57 10.90 -24.55
C ASP B 88 29.42 9.66 -25.40
N GLY B 89 29.98 9.64 -26.59
CA GLY B 89 29.77 8.55 -27.53
C GLY B 89 29.91 9.09 -28.93
N VAL B 90 30.57 8.31 -29.77
CA VAL B 90 31.07 8.81 -31.05
C VAL B 90 30.93 7.72 -32.10
N TYR B 91 30.65 8.13 -33.32
CA TYR B 91 30.39 7.24 -34.44
C TYR B 91 31.61 7.19 -35.33
N PHE B 92 31.78 6.09 -36.05
CA PHE B 92 32.78 6.02 -37.10
C PHE B 92 32.38 5.02 -38.18
N ALA B 93 32.93 5.23 -39.36
CA ALA B 93 32.74 4.34 -40.49
C ALA B 93 33.93 4.48 -41.42
N SER B 94 34.15 3.46 -42.24
CA SER B 94 35.32 3.42 -43.12
C SER B 94 34.87 3.26 -44.56
N THR B 95 34.96 4.35 -45.33
CA THR B 95 34.68 4.33 -46.76
C THR B 95 36.01 4.44 -47.47
N GLU B 96 36.62 3.31 -47.79
CA GLU B 96 38.03 3.26 -48.14
C GLU B 96 38.25 2.32 -49.31
N LYS B 97 39.47 2.37 -49.84
CA LYS B 97 39.98 1.35 -50.74
C LYS B 97 41.36 0.85 -50.35
N SER B 98 42.10 1.55 -49.48
CA SER B 98 43.48 1.20 -49.22
C SER B 98 43.81 1.29 -47.73
N ASN B 99 42.80 1.27 -46.87
CA ASN B 99 43.01 1.11 -45.43
C ASN B 99 43.87 2.25 -44.90
N ILE B 100 43.76 3.39 -45.57
CA ILE B 100 44.60 4.53 -45.20
C ILE B 100 44.48 4.82 -43.71
N ILE B 101 43.34 4.50 -43.13
CA ILE B 101 43.12 4.75 -41.71
C ILE B 101 43.36 3.46 -40.95
N ARG B 102 43.93 3.60 -39.75
CA ARG B 102 44.44 2.46 -39.00
C ARG B 102 43.97 2.47 -37.56
N GLY B 103 43.48 3.60 -37.07
CA GLY B 103 42.83 3.61 -35.79
C GLY B 103 42.83 4.95 -35.10
N TRP B 104 42.86 4.92 -33.78
CA TRP B 104 42.72 6.12 -32.97
C TRP B 104 43.54 6.01 -31.71
N ILE B 105 43.47 7.07 -30.92
CA ILE B 105 43.75 7.02 -29.50
C ILE B 105 42.58 7.66 -28.80
N PHE B 106 42.31 7.21 -27.59
CA PHE B 106 41.31 7.82 -26.74
C PHE B 106 41.98 8.25 -25.44
N GLY B 107 42.02 9.57 -25.23
CA GLY B 107 42.79 10.10 -24.13
C GLY B 107 42.45 11.55 -23.85
N THR B 108 43.21 12.14 -22.94
CA THR B 108 42.95 13.48 -22.43
C THR B 108 44.07 14.45 -22.69
N THR B 109 45.32 14.07 -22.40
CA THR B 109 46.45 14.98 -22.51
C THR B 109 47.49 14.49 -23.50
N LEU B 110 47.63 13.18 -23.65
CA LEU B 110 48.31 12.57 -24.79
C LEU B 110 49.82 12.76 -24.76
N ASP B 111 50.38 13.14 -23.62
CA ASP B 111 51.83 13.19 -23.47
C ASP B 111 52.26 12.56 -22.16
N SER B 112 51.71 11.39 -21.85
CA SER B 112 52.04 10.57 -20.70
C SER B 112 51.65 11.20 -19.37
N LYS B 113 51.13 12.42 -19.37
CA LYS B 113 50.64 13.05 -18.15
C LYS B 113 49.27 12.52 -17.74
N THR B 114 48.76 11.53 -18.47
CA THR B 114 47.53 10.83 -18.09
C THR B 114 47.49 9.52 -18.87
N GLN B 115 47.09 8.46 -18.18
CA GLN B 115 46.98 7.15 -18.82
C GLN B 115 46.22 7.29 -20.13
N SER B 116 46.81 6.75 -21.20
CA SER B 116 46.25 6.89 -22.53
C SER B 116 46.14 5.53 -23.19
N LEU B 117 45.07 5.36 -23.95
CA LEU B 117 44.68 4.08 -24.52
C LEU B 117 45.06 4.03 -25.99
N LEU B 118 44.96 2.85 -26.57
CA LEU B 118 45.16 2.71 -28.00
C LEU B 118 44.63 1.37 -28.46
N ILE B 119 44.04 1.37 -29.66
CA ILE B 119 43.54 0.18 -30.31
C ILE B 119 43.84 0.36 -31.80
N VAL B 120 44.79 -0.41 -32.32
CA VAL B 120 45.43 -0.09 -33.58
C VAL B 120 45.83 -1.36 -34.30
N ASN B 121 46.09 -1.21 -35.60
CA ASN B 121 46.59 -2.27 -36.45
C ASN B 121 47.92 -1.84 -37.04
N ASN B 122 49.01 -2.44 -36.57
CA ASN B 122 50.22 -2.46 -37.38
C ASN B 122 50.16 -3.70 -38.27
N ALA B 123 51.05 -3.77 -39.27
CA ALA B 123 50.81 -4.69 -40.38
C ALA B 123 50.77 -6.15 -39.95
N THR B 124 51.40 -6.50 -38.83
CA THR B 124 51.45 -7.88 -38.36
C THR B 124 50.31 -8.22 -37.41
N ASN B 125 50.07 -7.37 -36.41
CA ASN B 125 49.17 -7.70 -35.32
C ASN B 125 48.14 -6.60 -35.17
N VAL B 126 47.12 -6.85 -34.36
CA VAL B 126 46.09 -5.87 -34.05
C VAL B 126 46.43 -5.25 -32.71
N VAL B 127 46.93 -4.03 -32.74
CA VAL B 127 47.54 -3.38 -31.60
C VAL B 127 46.43 -2.85 -30.71
N ILE B 128 46.55 -3.11 -29.42
CA ILE B 128 45.73 -2.48 -28.40
C ILE B 128 46.58 -2.34 -27.15
N LYS B 129 46.56 -1.16 -26.54
CA LYS B 129 47.30 -0.93 -25.31
C LYS B 129 46.63 0.19 -24.52
N VAL B 130 46.73 0.10 -23.20
CA VAL B 130 46.35 1.17 -22.30
C VAL B 130 47.58 1.49 -21.48
N CYS B 131 48.11 2.69 -21.66
CA CYS B 131 49.43 3.02 -21.17
C CYS B 131 49.49 4.53 -21.03
N GLU B 132 50.68 5.08 -20.84
CA GLU B 132 50.87 6.52 -20.81
C GLU B 132 51.97 6.88 -21.80
N PHE B 133 51.58 7.02 -23.07
CA PHE B 133 52.52 7.31 -24.13
C PHE B 133 52.72 8.82 -24.25
N GLN B 134 53.55 9.22 -25.21
CA GLN B 134 53.68 10.64 -25.54
C GLN B 134 53.21 10.84 -26.97
N PHE B 135 51.89 10.95 -27.10
CA PHE B 135 51.28 10.98 -28.41
C PHE B 135 51.55 12.33 -29.07
N CYS B 136 52.30 12.29 -30.17
CA CYS B 136 52.71 13.48 -30.87
C CYS B 136 51.53 14.34 -31.27
N ASN B 137 51.84 15.57 -31.68
CA ASN B 137 50.85 16.43 -32.30
C ASN B 137 50.64 16.11 -33.78
N ASP B 138 51.49 15.24 -34.35
CA ASP B 138 51.33 14.75 -35.71
C ASP B 138 51.70 13.27 -35.78
N PRO B 139 51.13 12.45 -34.90
CA PRO B 139 51.42 11.01 -34.98
C PRO B 139 50.87 10.45 -36.28
N PHE B 140 51.39 9.31 -36.68
CA PHE B 140 50.83 8.59 -37.82
C PHE B 140 51.58 7.29 -38.02
N LEU B 141 51.13 6.53 -39.00
CA LEU B 141 51.87 5.45 -39.60
C LEU B 141 52.00 5.74 -41.09
N GLY B 142 52.72 4.88 -41.79
CA GLY B 142 52.83 5.07 -43.21
C GLY B 142 53.46 3.92 -43.94
N VAL B 143 53.38 3.96 -45.26
CA VAL B 143 53.83 2.88 -46.12
C VAL B 143 54.81 3.46 -47.12
N TYR B 144 55.75 2.64 -47.54
CA TYR B 144 56.72 2.97 -48.58
C TYR B 144 56.62 1.93 -49.68
N TYR B 145 56.85 2.34 -50.92
CA TYR B 145 56.65 1.48 -52.07
C TYR B 145 57.98 1.33 -52.80
N HIS B 146 58.23 0.14 -53.31
CA HIS B 146 59.43 -0.16 -54.05
C HIS B 146 59.08 -0.34 -55.52
N LYS B 147 59.52 0.60 -56.36
CA LYS B 147 59.26 0.49 -57.79
C LYS B 147 60.19 -0.53 -58.44
N ASN B 148 61.20 -1.01 -57.70
CA ASN B 148 62.03 -2.08 -58.22
C ASN B 148 61.23 -3.37 -58.40
N ASN B 149 60.44 -3.72 -57.38
CA ASN B 149 59.48 -4.82 -57.47
C ASN B 149 58.23 -4.42 -56.71
N LYS B 150 57.07 -4.82 -57.22
CA LYS B 150 55.80 -4.41 -56.62
C LYS B 150 55.80 -4.81 -55.15
N SER B 151 55.87 -3.83 -54.26
CA SER B 151 56.02 -4.11 -52.83
C SER B 151 55.63 -2.88 -52.03
N TRP B 152 54.53 -2.97 -51.30
CA TRP B 152 54.14 -1.99 -50.30
C TRP B 152 54.33 -2.64 -48.93
N MET B 153 54.84 -1.86 -47.98
CA MET B 153 55.19 -2.44 -46.68
C MET B 153 55.02 -1.39 -45.58
N GLU B 154 54.76 -1.87 -44.37
CA GLU B 154 54.83 -1.01 -43.20
C GLU B 154 56.11 -0.21 -43.27
N SER B 155 55.98 1.12 -43.19
CA SER B 155 57.13 1.96 -43.48
C SER B 155 57.52 2.84 -42.29
N GLU B 156 56.76 2.79 -41.20
CA GLU B 156 57.04 3.68 -40.09
C GLU B 156 56.14 3.40 -38.90
N PHE B 157 56.56 3.93 -37.76
CA PHE B 157 55.84 3.80 -36.49
C PHE B 157 55.93 5.17 -35.82
N ARG B 158 55.00 6.07 -36.14
CA ARG B 158 54.99 7.44 -35.58
C ARG B 158 53.73 7.57 -34.74
N VAL B 159 53.84 7.23 -33.46
CA VAL B 159 52.74 7.32 -32.53
C VAL B 159 53.10 8.16 -31.31
N TYR B 160 54.20 7.82 -30.65
CA TYR B 160 54.46 8.30 -29.31
C TYR B 160 55.95 8.45 -29.06
N SER B 161 56.28 8.80 -27.82
CA SER B 161 57.63 8.70 -27.32
C SER B 161 57.83 7.41 -26.52
N SER B 162 57.13 7.29 -25.38
CA SER B 162 57.25 6.13 -24.52
C SER B 162 56.27 6.28 -23.37
N ALA B 163 56.14 5.20 -22.58
CA ALA B 163 55.34 5.23 -21.37
C ALA B 163 56.16 4.75 -20.20
N ASN B 164 55.76 5.19 -19.00
CA ASN B 164 56.43 4.84 -17.77
C ASN B 164 55.61 3.86 -16.94
N ASN B 165 54.32 4.15 -16.79
CA ASN B 165 53.44 3.42 -15.89
C ASN B 165 52.32 2.82 -16.71
N CYS B 166 52.48 1.56 -17.09
CA CYS B 166 51.62 0.94 -18.09
C CYS B 166 50.65 0.02 -17.41
N THR B 167 49.48 -0.20 -18.02
CA THR B 167 48.41 -0.93 -17.37
C THR B 167 47.83 -2.06 -18.21
N PHE B 168 47.68 -1.89 -19.52
CA PHE B 168 47.09 -2.91 -20.39
C PHE B 168 48.05 -3.31 -21.49
N GLU B 169 47.83 -4.49 -22.05
CA GLU B 169 48.52 -4.96 -23.24
C GLU B 169 47.62 -5.95 -23.97
N TYR B 170 47.57 -5.83 -25.28
CA TYR B 170 46.94 -6.84 -26.11
C TYR B 170 47.67 -6.91 -27.44
N VAL B 171 47.65 -8.08 -28.05
CA VAL B 171 48.16 -8.28 -29.40
C VAL B 171 47.40 -9.43 -30.02
N SER B 172 46.79 -9.18 -31.19
CA SER B 172 46.22 -10.27 -31.94
C SER B 172 47.32 -11.15 -32.52
N GLN B 173 46.96 -12.37 -32.89
CA GLN B 173 47.91 -13.28 -33.48
C GLN B 173 48.53 -12.64 -34.73
N PRO B 174 49.67 -13.13 -35.19
CA PRO B 174 50.32 -12.50 -36.34
C PRO B 174 49.67 -12.89 -37.66
N PHE B 175 49.31 -11.85 -38.42
CA PHE B 175 48.66 -12.01 -39.71
C PHE B 175 49.51 -11.28 -40.76
N LEU B 176 48.96 -11.14 -41.96
CA LEU B 176 49.51 -10.29 -42.99
C LEU B 176 48.39 -9.52 -43.65
N MET B 177 48.39 -8.20 -43.45
CA MET B 177 47.43 -7.32 -44.08
C MET B 177 47.91 -6.92 -45.47
N ASP B 178 46.95 -6.49 -46.31
CA ASP B 178 47.24 -6.26 -47.72
C ASP B 178 48.09 -5.01 -47.92
N LEU B 179 47.57 -3.85 -47.52
CA LEU B 179 48.27 -2.56 -47.50
C LEU B 179 48.49 -1.94 -48.89
N GLU B 180 48.11 -2.59 -49.98
CA GLU B 180 48.37 -2.03 -51.30
C GLU B 180 47.28 -1.02 -51.66
N GLY B 181 47.67 0.01 -52.39
CA GLY B 181 46.73 1.04 -52.81
C GLY B 181 46.05 0.72 -54.12
N LYS B 182 44.72 0.56 -54.09
CA LYS B 182 43.95 0.25 -55.28
C LYS B 182 43.28 1.52 -55.81
N GLN B 183 42.77 1.43 -57.03
CA GLN B 183 42.13 2.55 -57.71
C GLN B 183 40.67 2.22 -57.99
N GLY B 184 39.82 3.23 -57.87
CA GLY B 184 38.40 3.10 -58.15
C GLY B 184 37.56 3.71 -57.04
N ASN B 185 36.25 3.67 -57.25
CA ASN B 185 35.32 4.16 -56.24
C ASN B 185 35.34 3.22 -55.03
N PHE B 186 34.57 3.60 -54.01
CA PHE B 186 34.66 2.90 -52.74
C PHE B 186 33.77 1.67 -52.72
N LYS B 187 34.26 0.60 -52.08
CA LYS B 187 33.62 -0.71 -52.17
C LYS B 187 33.27 -1.29 -50.81
N ASN B 188 34.07 -1.07 -49.78
CA ASN B 188 33.80 -1.59 -48.46
C ASN B 188 33.59 -0.45 -47.49
N LEU B 189 32.40 -0.38 -46.89
CA LEU B 189 32.15 0.50 -45.77
C LEU B 189 32.36 -0.28 -44.50
N ARG B 190 32.98 0.34 -43.50
CA ARG B 190 33.06 -0.23 -42.17
C ARG B 190 32.47 0.82 -41.24
N GLU B 191 32.20 0.43 -40.00
CA GLU B 191 31.47 1.26 -39.07
C GLU B 191 31.79 0.83 -37.65
N PHE B 192 32.06 1.79 -36.78
CA PHE B 192 32.47 1.50 -35.42
C PHE B 192 31.80 2.45 -34.44
N VAL B 193 31.21 1.85 -33.41
CA VAL B 193 30.63 2.57 -32.28
C VAL B 193 31.56 2.40 -31.09
N PHE B 194 31.68 3.43 -30.27
CA PHE B 194 32.58 3.44 -29.14
C PHE B 194 31.88 4.03 -27.94
N LYS B 195 31.90 3.31 -26.83
CA LYS B 195 31.29 3.79 -25.59
C LYS B 195 32.16 3.45 -24.40
N ASN B 196 31.95 4.21 -23.33
CA ASN B 196 32.77 4.13 -22.12
C ASN B 196 31.85 4.37 -20.95
N ILE B 197 31.78 3.42 -20.02
CA ILE B 197 30.82 3.45 -18.93
C ILE B 197 31.28 2.54 -17.80
N ASP B 198 30.85 2.87 -16.58
CA ASP B 198 31.05 2.03 -15.41
C ASP B 198 32.48 1.49 -15.34
N GLY B 199 33.44 2.32 -15.74
CA GLY B 199 34.81 1.90 -15.80
C GLY B 199 35.10 0.86 -16.87
N TYR B 200 34.39 0.87 -17.98
CA TYR B 200 34.68 0.00 -19.12
C TYR B 200 34.60 0.79 -20.41
N PHE B 201 35.25 0.29 -21.45
CA PHE B 201 35.20 0.90 -22.77
C PHE B 201 34.58 -0.07 -23.75
N LYS B 202 33.77 0.45 -24.66
CA LYS B 202 32.86 -0.33 -25.47
C LYS B 202 33.10 -0.04 -26.94
N ILE B 203 33.10 -1.08 -27.76
CA ILE B 203 33.18 -0.93 -29.20
C ILE B 203 32.21 -1.92 -29.83
N TYR B 204 31.21 -1.39 -30.54
CA TYR B 204 30.38 -2.19 -31.42
C TYR B 204 30.57 -1.72 -32.85
N SER B 205 30.50 -2.66 -33.80
CA SER B 205 30.89 -2.35 -35.17
C SER B 205 30.30 -3.36 -36.14
N LYS B 206 30.74 -3.26 -37.39
CA LYS B 206 30.20 -4.09 -38.46
C LYS B 206 31.10 -4.00 -39.69
N HIS B 207 31.00 -5.04 -40.53
CA HIS B 207 31.61 -5.07 -41.85
C HIS B 207 30.53 -4.83 -42.89
N THR B 208 30.82 -3.96 -43.86
CA THR B 208 29.81 -3.58 -44.84
C THR B 208 30.41 -3.35 -46.22
N PRO B 209 29.71 -3.79 -47.27
CA PRO B 209 30.11 -3.42 -48.63
C PRO B 209 29.39 -2.21 -49.15
N ILE B 210 30.07 -1.45 -50.01
CA ILE B 210 29.46 -0.38 -50.79
C ILE B 210 29.93 -0.52 -52.24
N ASN B 211 29.35 0.30 -53.10
CA ASN B 211 29.92 0.55 -54.41
C ASN B 211 29.70 2.01 -54.80
N LEU B 212 29.56 2.87 -53.79
CA LEU B 212 29.30 4.28 -54.00
C LEU B 212 30.60 4.97 -54.41
N VAL B 213 30.53 6.29 -54.46
CA VAL B 213 31.70 7.12 -54.74
C VAL B 213 32.03 8.02 -53.55
N ARG B 214 31.05 8.76 -53.04
CA ARG B 214 31.32 9.70 -51.95
C ARG B 214 29.97 10.06 -51.30
N ASP B 215 29.75 9.56 -50.09
CA ASP B 215 28.59 9.93 -49.30
C ASP B 215 28.62 9.16 -47.99
N LEU B 216 27.70 9.52 -47.08
CA LEU B 216 27.30 8.60 -46.03
C LEU B 216 26.14 7.78 -46.56
N PRO B 217 26.36 6.50 -46.87
CA PRO B 217 25.36 5.77 -47.64
C PRO B 217 24.22 5.26 -46.79
N GLN B 218 23.06 5.14 -47.43
CA GLN B 218 21.84 4.70 -46.78
C GLN B 218 21.76 3.18 -46.85
N GLY B 219 20.60 2.65 -46.55
CA GLY B 219 20.41 1.24 -46.31
C GLY B 219 20.69 0.94 -44.86
N PHE B 220 19.87 0.06 -44.30
CA PHE B 220 19.93 -0.19 -42.87
C PHE B 220 20.74 -1.44 -42.60
N SER B 221 21.32 -1.47 -41.39
CA SER B 221 22.18 -2.55 -40.93
C SER B 221 22.57 -2.17 -39.52
N ALA B 222 23.18 -3.08 -38.78
CA ALA B 222 23.44 -2.83 -37.38
C ALA B 222 24.92 -2.83 -37.12
N LEU B 223 25.30 -2.28 -35.97
CA LEU B 223 26.66 -2.37 -35.50
C LEU B 223 26.70 -3.32 -34.31
N GLU B 224 27.67 -4.20 -34.32
CA GLU B 224 27.65 -5.42 -33.53
C GLU B 224 28.75 -5.39 -32.47
N PRO B 225 28.67 -6.24 -31.47
CA PRO B 225 29.59 -6.11 -30.34
C PRO B 225 30.96 -6.64 -30.68
N LEU B 226 31.97 -5.88 -30.28
CA LEU B 226 33.36 -6.25 -30.42
C LEU B 226 34.06 -6.43 -29.10
N VAL B 227 33.87 -5.49 -28.18
CA VAL B 227 34.61 -5.48 -26.93
C VAL B 227 33.92 -4.59 -25.93
N ASP B 228 34.17 -4.88 -24.64
CA ASP B 228 33.73 -4.05 -23.51
C ASP B 228 34.77 -4.30 -22.42
N LEU B 229 35.77 -3.39 -22.30
CA LEU B 229 36.97 -3.72 -21.52
C LEU B 229 36.89 -3.13 -20.12
N PRO B 230 37.68 -3.65 -19.16
CA PRO B 230 37.67 -3.23 -17.75
C PRO B 230 38.68 -2.12 -17.47
N ILE B 231 38.44 -0.97 -18.07
CA ILE B 231 39.47 0.05 -18.20
C ILE B 231 39.48 1.02 -17.02
N GLY B 232 38.32 1.49 -16.59
CA GLY B 232 38.27 2.35 -15.42
C GLY B 232 39.09 3.62 -15.50
N ILE B 233 39.26 4.17 -16.71
CA ILE B 233 40.03 5.38 -16.91
C ILE B 233 39.08 6.48 -17.36
N ASN B 234 39.64 7.67 -17.55
CA ASN B 234 38.91 8.86 -17.96
C ASN B 234 39.50 9.35 -19.28
N ILE B 235 38.63 9.60 -20.26
CA ILE B 235 39.03 10.11 -21.57
C ILE B 235 38.07 11.22 -21.95
N THR B 236 38.58 12.23 -22.66
CA THR B 236 37.77 13.36 -23.09
C THR B 236 37.95 13.75 -24.54
N ARG B 237 39.00 13.28 -25.22
CA ARG B 237 39.24 13.67 -26.60
C ARG B 237 39.97 12.55 -27.31
N PHE B 238 39.94 12.60 -28.64
CA PHE B 238 40.52 11.55 -29.44
C PHE B 238 41.00 12.08 -30.76
N GLN B 239 41.76 11.24 -31.46
CA GLN B 239 42.14 11.45 -32.84
C GLN B 239 42.28 10.07 -33.47
N THR B 240 42.59 10.06 -34.75
CA THR B 240 42.64 8.82 -35.49
C THR B 240 44.08 8.51 -35.89
N LEU B 241 44.23 7.41 -36.64
CA LEU B 241 45.54 6.89 -37.01
C LEU B 241 45.49 6.42 -38.45
N LEU B 242 46.25 7.10 -39.31
CA LEU B 242 46.22 6.88 -40.74
C LEU B 242 47.51 6.22 -41.22
N ALA B 243 47.59 6.01 -42.53
CA ALA B 243 48.80 5.58 -43.20
C ALA B 243 49.00 6.44 -44.44
N LEU B 244 50.17 6.32 -45.06
CA LEU B 244 50.50 7.10 -46.24
C LEU B 244 51.45 6.31 -47.12
N HIS B 245 51.76 6.88 -48.28
CA HIS B 245 52.63 6.27 -49.25
C HIS B 245 53.86 7.14 -49.48
N ARG B 246 55.04 6.51 -49.47
CA ARG B 246 56.29 7.17 -49.79
C ARG B 246 57.00 6.35 -50.86
N SER B 247 57.72 7.05 -51.73
CA SER B 247 58.47 6.39 -52.79
C SER B 247 59.80 7.08 -53.05
N GLY B 252 59.87 12.90 -51.64
CA GLY B 252 60.14 14.22 -51.08
C GLY B 252 60.83 14.14 -49.73
N ASP B 253 60.44 15.04 -48.83
CA ASP B 253 61.00 15.09 -47.48
C ASP B 253 60.11 14.26 -46.55
N SER B 254 60.51 14.10 -45.30
CA SER B 254 59.66 13.40 -44.34
C SER B 254 58.34 14.14 -44.13
N SER B 255 58.25 15.40 -44.53
CA SER B 255 57.02 16.17 -44.44
C SER B 255 56.49 16.60 -45.80
N SER B 256 57.21 16.26 -46.88
CA SER B 256 56.76 16.57 -48.23
C SER B 256 56.91 15.36 -49.14
N GLY B 257 57.66 14.36 -48.67
CA GLY B 257 57.73 13.08 -49.34
C GLY B 257 56.80 12.10 -48.66
N TRP B 258 55.61 11.95 -49.24
CA TRP B 258 54.54 11.20 -48.60
C TRP B 258 53.35 11.20 -49.55
N THR B 259 52.30 10.50 -49.16
CA THR B 259 51.07 10.51 -49.94
C THR B 259 49.86 10.61 -49.02
N ALA B 260 48.72 10.96 -49.61
CA ALA B 260 47.45 10.93 -48.91
C ALA B 260 46.78 9.57 -49.08
N GLY B 261 46.60 9.15 -50.33
CA GLY B 261 45.89 7.93 -50.62
C GLY B 261 44.41 8.16 -50.48
N ALA B 262 43.62 7.75 -51.48
CA ALA B 262 42.22 8.12 -51.50
C ALA B 262 41.46 7.42 -50.38
N ALA B 263 40.87 8.22 -49.49
CA ALA B 263 40.09 7.72 -48.37
C ALA B 263 39.42 8.90 -47.69
N ALA B 264 38.30 8.62 -47.03
CA ALA B 264 37.56 9.62 -46.27
C ALA B 264 36.99 8.94 -45.03
N TYR B 265 36.68 9.74 -44.02
CA TYR B 265 36.15 9.17 -42.79
C TYR B 265 35.07 10.07 -42.23
N TYR B 266 34.18 9.46 -41.45
CA TYR B 266 32.96 10.10 -40.98
C TYR B 266 32.86 9.97 -39.47
N VAL B 267 32.39 11.04 -38.83
CA VAL B 267 32.22 11.10 -37.39
C VAL B 267 30.77 11.37 -37.08
N GLY B 268 30.31 10.89 -35.92
CA GLY B 268 29.00 11.23 -35.42
C GLY B 268 28.96 11.06 -33.92
N TYR B 269 28.37 12.05 -33.26
CA TYR B 269 28.33 12.13 -31.80
C TYR B 269 26.97 11.64 -31.31
N LEU B 270 26.99 10.57 -30.53
CA LEU B 270 25.76 9.99 -30.02
C LEU B 270 25.12 10.89 -28.99
N GLN B 271 23.98 10.44 -28.49
CA GLN B 271 23.22 11.11 -27.45
C GLN B 271 22.29 10.10 -26.80
N PRO B 272 21.70 10.44 -25.67
CA PRO B 272 20.78 9.52 -25.01
C PRO B 272 19.36 9.73 -25.47
N ARG B 273 18.71 8.67 -25.93
CA ARG B 273 17.35 8.77 -26.42
C ARG B 273 16.62 7.46 -26.21
N THR B 274 15.29 7.55 -26.22
CA THR B 274 14.41 6.39 -26.05
C THR B 274 14.08 5.86 -27.42
N PHE B 275 14.82 4.85 -27.85
CA PHE B 275 14.66 4.27 -29.16
C PHE B 275 13.87 2.98 -29.05
N LEU B 276 13.26 2.57 -30.15
CA LEU B 276 12.49 1.34 -30.20
C LEU B 276 13.14 0.44 -31.24
N LEU B 277 13.60 -0.71 -30.79
CA LEU B 277 14.31 -1.64 -31.65
C LEU B 277 13.42 -2.82 -31.98
N LYS B 278 13.85 -3.60 -32.97
CA LYS B 278 13.01 -4.55 -33.66
C LYS B 278 13.80 -5.80 -33.97
N TYR B 279 13.54 -6.85 -33.22
CA TYR B 279 14.27 -8.10 -33.35
C TYR B 279 13.39 -9.13 -34.04
N ASN B 280 13.92 -9.74 -35.08
CA ASN B 280 13.17 -10.66 -35.93
C ASN B 280 13.30 -12.08 -35.40
N GLU B 281 12.37 -12.94 -35.85
CA GLU B 281 12.47 -14.36 -35.55
C GLU B 281 13.91 -14.83 -35.61
N ASN B 282 14.61 -14.52 -36.70
CA ASN B 282 16.05 -14.66 -36.71
C ASN B 282 16.66 -14.16 -35.42
N GLY B 283 16.33 -12.92 -35.06
CA GLY B 283 16.89 -12.28 -33.91
C GLY B 283 17.88 -11.18 -34.22
N THR B 284 17.77 -10.58 -35.39
CA THR B 284 18.64 -9.49 -35.79
C THR B 284 17.82 -8.24 -36.05
N ILE B 285 18.37 -7.10 -35.62
CA ILE B 285 17.76 -5.81 -35.89
C ILE B 285 17.63 -5.66 -37.41
N THR B 286 16.48 -5.13 -37.84
CA THR B 286 16.16 -5.05 -39.25
C THR B 286 15.76 -3.65 -39.68
N ASP B 287 15.17 -2.88 -38.78
CA ASP B 287 14.85 -1.47 -38.98
C ASP B 287 14.23 -0.99 -37.69
N ALA B 288 14.03 0.32 -37.58
CA ALA B 288 13.38 0.84 -36.40
C ALA B 288 13.03 2.31 -36.58
N VAL B 289 12.37 2.83 -35.56
CA VAL B 289 11.86 4.20 -35.55
C VAL B 289 12.26 4.85 -34.25
N ASP B 290 12.67 6.11 -34.34
CA ASP B 290 13.11 6.87 -33.19
C ASP B 290 11.93 7.57 -32.55
N CYS B 291 12.11 8.05 -31.32
CA CYS B 291 11.01 8.64 -30.57
C CYS B 291 11.13 10.15 -30.50
N ALA B 292 12.15 10.73 -31.09
CA ALA B 292 12.34 12.16 -31.09
C ALA B 292 12.63 12.71 -32.48
N LEU B 293 13.18 11.88 -33.36
CA LEU B 293 13.54 12.35 -34.70
C LEU B 293 12.39 13.11 -35.34
N ASP B 294 11.18 12.82 -34.94
CA ASP B 294 10.02 13.43 -35.53
C ASP B 294 8.80 13.05 -34.72
N PRO B 295 7.72 13.83 -34.80
CA PRO B 295 6.56 13.52 -33.96
C PRO B 295 5.76 12.35 -34.49
N LEU B 296 5.72 12.19 -35.82
CA LEU B 296 5.11 10.99 -36.37
C LEU B 296 5.55 9.75 -35.63
N SER B 297 6.84 9.45 -35.64
CA SER B 297 7.32 8.28 -34.94
C SER B 297 7.00 8.38 -33.46
N GLU B 298 6.95 9.60 -32.94
CA GLU B 298 6.60 9.78 -31.54
C GLU B 298 5.18 9.31 -31.31
N THR B 299 4.43 9.11 -32.40
CA THR B 299 3.19 8.36 -32.30
C THR B 299 3.48 6.87 -32.26
N LYS B 300 4.44 6.43 -33.05
CA LYS B 300 4.73 5.01 -33.14
C LYS B 300 5.20 4.46 -31.81
N CYS B 301 5.94 5.27 -31.06
CA CYS B 301 6.50 4.79 -29.81
C CYS B 301 5.40 4.42 -28.83
N THR B 302 4.62 5.41 -28.41
CA THR B 302 3.49 5.13 -27.54
C THR B 302 2.73 3.90 -28.01
N LEU B 303 2.28 3.91 -29.25
CA LEU B 303 1.57 2.78 -29.81
C LEU B 303 2.45 1.55 -29.93
N LYS B 304 3.75 1.69 -29.67
CA LYS B 304 4.69 0.58 -29.75
C LYS B 304 4.43 -0.29 -30.97
N SER B 305 4.14 0.35 -32.10
CA SER B 305 4.07 -0.33 -33.38
C SER B 305 4.77 0.52 -34.43
N PHE B 306 5.21 -0.13 -35.50
CA PHE B 306 5.80 0.60 -36.61
C PHE B 306 4.76 0.99 -37.64
N THR B 307 3.56 0.45 -37.53
CA THR B 307 2.42 0.84 -38.34
C THR B 307 1.44 1.55 -37.43
N VAL B 308 0.75 2.55 -37.96
CA VAL B 308 -0.12 3.40 -37.17
C VAL B 308 -1.48 3.43 -37.81
N GLU B 309 -2.48 3.01 -37.06
CA GLU B 309 -3.85 3.06 -37.54
C GLU B 309 -4.37 4.47 -37.44
N LYS B 310 -4.95 4.94 -38.53
CA LYS B 310 -5.54 6.27 -38.56
C LYS B 310 -6.33 6.54 -37.31
N GLY B 311 -6.28 7.78 -36.85
CA GLY B 311 -6.91 8.15 -35.61
C GLY B 311 -6.26 9.39 -35.03
N ILE B 312 -6.32 9.47 -33.71
CA ILE B 312 -5.76 10.57 -32.94
C ILE B 312 -5.21 10.00 -31.67
N TYR B 313 -4.04 10.48 -31.27
CA TYR B 313 -3.19 9.77 -30.33
C TYR B 313 -2.37 10.77 -29.54
N GLN B 314 -2.38 10.60 -28.22
CA GLN B 314 -1.66 11.49 -27.32
C GLN B 314 -0.30 10.90 -26.99
N THR B 315 0.75 11.63 -27.34
CA THR B 315 2.10 11.09 -27.29
C THR B 315 2.84 11.55 -26.05
N SER B 316 2.95 12.86 -25.87
CA SER B 316 3.74 13.46 -24.82
C SER B 316 2.99 14.67 -24.31
N ASN B 317 3.70 15.51 -23.57
CA ASN B 317 3.13 16.71 -22.99
C ASN B 317 3.96 17.90 -23.41
N PHE B 318 3.30 18.91 -23.95
CA PHE B 318 3.94 20.19 -24.18
C PHE B 318 4.45 20.72 -22.85
N ARG B 319 5.36 21.67 -22.92
CA ARG B 319 5.80 22.41 -21.76
C ARG B 319 6.73 23.51 -22.24
N VAL B 320 6.80 24.58 -21.46
CA VAL B 320 7.59 25.75 -21.81
C VAL B 320 8.87 25.69 -21.01
N GLN B 321 9.89 26.34 -21.52
CA GLN B 321 11.12 26.49 -20.78
C GLN B 321 11.41 27.98 -20.66
N PRO B 322 11.58 28.50 -19.46
CA PRO B 322 11.77 29.94 -19.31
C PRO B 322 13.03 30.43 -19.99
N THR B 323 13.01 31.69 -20.41
CA THR B 323 14.16 32.27 -21.11
C THR B 323 15.21 32.75 -20.12
N GLU B 324 14.81 33.00 -18.89
CA GLU B 324 15.69 33.54 -17.87
C GLU B 324 15.30 33.01 -16.49
N SER B 325 15.86 33.65 -15.48
CA SER B 325 15.57 33.38 -14.09
C SER B 325 15.98 34.60 -13.30
N ILE B 326 15.26 34.91 -12.23
CA ILE B 326 15.46 36.12 -11.47
C ILE B 326 15.44 35.79 -10.00
N VAL B 327 16.04 36.67 -9.20
CA VAL B 327 16.05 36.56 -7.75
C VAL B 327 15.98 37.96 -7.19
N ARG B 328 14.84 38.31 -6.60
CA ARG B 328 14.60 39.65 -6.08
C ARG B 328 14.69 39.61 -4.56
N PHE B 329 15.76 40.16 -4.04
CA PHE B 329 15.99 40.25 -2.60
C PHE B 329 15.97 41.71 -2.15
N PRO B 330 15.95 41.95 -0.85
CA PRO B 330 16.09 43.31 -0.34
C PRO B 330 17.50 43.87 -0.45
N ASN B 331 17.72 45.04 0.13
CA ASN B 331 19.01 45.71 0.16
C ASN B 331 19.45 45.84 1.61
N ILE B 332 20.32 44.95 2.04
CA ILE B 332 20.87 44.96 3.38
C ILE B 332 22.35 44.63 3.23
N THR B 333 23.19 45.64 3.30
CA THR B 333 24.63 45.43 3.34
C THR B 333 25.10 45.02 4.72
N ASN B 334 24.23 45.12 5.73
CA ASN B 334 24.64 44.80 7.08
C ASN B 334 24.76 43.30 7.25
N LEU B 335 25.90 42.87 7.76
CA LEU B 335 26.18 41.46 7.95
C LEU B 335 25.63 40.98 9.27
N CYS B 336 25.25 39.72 9.31
CA CYS B 336 24.79 39.14 10.57
C CYS B 336 25.93 39.12 11.58
N PRO B 337 25.78 39.80 12.71
CA PRO B 337 26.91 40.04 13.61
C PRO B 337 27.36 38.75 14.28
N PHE B 338 27.85 37.83 13.45
CA PHE B 338 28.17 36.50 13.91
C PHE B 338 29.39 36.46 14.81
N GLY B 339 30.53 36.96 14.34
CA GLY B 339 31.73 36.84 15.14
C GLY B 339 31.51 37.29 16.56
N GLU B 340 30.71 38.33 16.73
CA GLU B 340 30.33 38.76 18.07
C GLU B 340 29.65 37.64 18.84
N VAL B 341 29.16 36.62 18.13
CA VAL B 341 28.69 35.40 18.74
C VAL B 341 29.81 34.37 18.81
N PHE B 342 30.49 34.15 17.68
CA PHE B 342 31.48 33.08 17.61
C PHE B 342 32.81 33.53 18.17
N ASN B 343 33.21 34.77 17.88
CA ASN B 343 34.41 35.35 18.47
C ASN B 343 34.16 35.83 19.88
N ALA B 344 32.97 35.60 20.41
CA ALA B 344 32.67 36.04 21.77
C ALA B 344 33.61 35.37 22.75
N THR B 345 34.42 36.20 23.42
CA THR B 345 35.43 35.67 24.32
C THR B 345 34.83 34.68 25.31
N ARG B 346 33.88 35.13 26.13
CA ARG B 346 33.26 34.31 27.15
C ARG B 346 31.95 33.74 26.63
N PHE B 347 31.63 32.54 27.10
CA PHE B 347 30.41 31.84 26.73
C PHE B 347 29.63 31.47 27.99
N ALA B 348 28.32 31.67 27.96
CA ALA B 348 27.48 31.31 29.09
C ALA B 348 27.43 29.80 29.25
N SER B 349 26.69 29.36 30.26
CA SER B 349 26.73 27.96 30.67
C SER B 349 25.49 27.21 30.18
N VAL B 350 25.68 25.90 29.97
CA VAL B 350 24.63 25.07 29.39
C VAL B 350 23.33 25.24 30.16
N TYR B 351 23.42 25.57 31.44
CA TYR B 351 22.21 25.78 32.23
C TYR B 351 21.74 27.22 32.14
N ALA B 352 22.56 28.10 31.57
CA ALA B 352 22.23 29.49 31.33
C ALA B 352 22.58 29.83 29.89
N TRP B 353 22.53 28.80 29.06
CA TRP B 353 22.99 28.91 27.68
C TRP B 353 22.44 30.18 27.04
N ASN B 354 23.34 31.12 26.77
CA ASN B 354 22.95 32.41 26.25
C ASN B 354 22.46 32.22 24.82
N ARG B 355 21.57 33.11 24.39
CA ARG B 355 21.01 33.03 23.05
C ARG B 355 20.74 34.43 22.55
N LYS B 356 20.71 34.58 21.23
CA LYS B 356 20.63 35.87 20.59
C LYS B 356 19.77 35.81 19.35
N ARG B 357 18.96 36.84 19.17
CA ARG B 357 18.21 37.06 17.95
C ARG B 357 19.13 37.71 16.93
N ILE B 358 18.91 37.38 15.65
CA ILE B 358 19.70 37.94 14.58
C ILE B 358 18.79 38.17 13.38
N SER B 359 18.48 39.44 13.12
CA SER B 359 17.70 39.84 11.96
C SER B 359 18.44 40.95 11.25
N ASN B 360 17.74 41.59 10.31
CA ASN B 360 18.24 42.76 9.60
C ASN B 360 19.72 42.60 9.26
N CYS B 361 20.04 41.49 8.63
CA CYS B 361 21.44 41.17 8.37
C CYS B 361 21.53 40.08 7.32
N VAL B 362 22.75 39.62 7.08
CA VAL B 362 23.06 38.63 6.08
C VAL B 362 24.21 37.78 6.58
N ALA B 363 24.43 36.64 5.94
CA ALA B 363 25.32 35.61 6.45
C ALA B 363 25.96 34.85 5.30
N ASP B 364 27.25 35.07 5.09
CA ASP B 364 28.01 34.35 4.07
C ASP B 364 28.38 33.01 4.70
N TYR B 365 27.36 32.26 5.08
CA TYR B 365 27.53 31.05 5.87
C TYR B 365 28.63 30.14 5.37
N SER B 366 28.85 30.06 4.06
CA SER B 366 29.77 29.06 3.53
C SER B 366 31.10 29.09 4.27
N VAL B 367 31.45 30.25 4.82
CA VAL B 367 32.66 30.34 5.62
C VAL B 367 32.61 29.36 6.78
N LEU B 368 31.57 29.48 7.61
CA LEU B 368 31.42 28.57 8.74
C LEU B 368 31.56 27.13 8.30
N TYR B 369 31.18 26.83 7.06
CA TYR B 369 31.36 25.49 6.54
C TYR B 369 32.79 25.31 6.06
N ASN B 370 33.32 26.30 5.34
CA ASN B 370 34.59 26.14 4.65
C ASN B 370 35.75 26.68 5.46
N SER B 371 35.49 27.16 6.69
CA SER B 371 36.59 27.39 7.62
C SER B 371 37.18 26.06 8.08
N ALA B 372 36.31 25.11 8.40
CA ALA B 372 36.69 23.76 8.83
C ALA B 372 37.47 23.78 10.13
N SER B 373 37.62 24.94 10.74
CA SER B 373 38.42 25.10 11.95
C SER B 373 37.77 24.43 13.15
N PHE B 374 36.52 24.01 13.03
CA PHE B 374 35.77 23.49 14.16
C PHE B 374 35.58 21.99 13.96
N SER B 375 35.10 21.33 14.99
CA SER B 375 34.88 19.90 14.89
C SER B 375 33.62 19.59 14.11
N THR B 376 32.47 20.07 14.59
CA THR B 376 31.18 19.67 14.05
C THR B 376 30.43 20.89 13.53
N PHE B 377 29.81 20.73 12.37
CA PHE B 377 28.92 21.70 11.76
C PHE B 377 27.70 20.98 11.24
N LYS B 378 27.28 19.97 11.99
CA LYS B 378 26.20 19.08 11.61
C LYS B 378 24.93 19.90 11.43
N CYS B 379 24.32 19.79 10.25
CA CYS B 379 23.18 20.61 9.87
C CYS B 379 21.97 19.73 9.61
N TYR B 380 21.01 19.77 10.51
CA TYR B 380 19.68 19.21 10.28
C TYR B 380 18.82 20.25 9.61
N GLY B 381 17.61 19.86 9.24
CA GLY B 381 16.67 20.80 8.66
C GLY B 381 16.99 21.25 7.26
N VAL B 382 18.24 21.61 6.99
CA VAL B 382 18.61 22.28 5.75
C VAL B 382 19.91 21.69 5.24
N SER B 383 20.38 22.20 4.13
CA SER B 383 21.61 21.70 3.55
C SER B 383 22.73 22.73 3.74
N PRO B 384 23.72 22.45 4.60
CA PRO B 384 24.78 23.43 4.84
C PRO B 384 25.28 24.09 3.58
N THR B 385 25.33 23.35 2.49
CA THR B 385 25.91 23.84 1.24
C THR B 385 24.84 24.52 0.37
N LYS B 386 23.81 25.02 1.03
CA LYS B 386 22.67 25.58 0.34
C LYS B 386 22.21 26.89 0.96
N LEU B 387 22.83 27.33 2.04
CA LEU B 387 22.31 28.43 2.83
C LEU B 387 22.61 29.79 2.23
N ASN B 388 22.92 29.85 0.94
CA ASN B 388 23.18 31.13 0.32
C ASN B 388 21.95 31.66 -0.41
N ASP B 389 21.08 30.77 -0.87
CA ASP B 389 19.92 31.18 -1.66
C ASP B 389 18.66 31.29 -0.82
N LEU B 390 18.49 30.45 0.19
CA LEU B 390 17.37 30.54 1.10
C LEU B 390 17.42 31.85 1.87
N CYS B 391 16.38 32.12 2.64
CA CYS B 391 16.55 33.07 3.74
C CYS B 391 15.29 33.16 4.58
N PHE B 392 15.43 33.88 5.69
CA PHE B 392 14.50 33.87 6.80
C PHE B 392 14.27 35.28 7.34
N THR B 393 13.66 35.39 8.52
CA THR B 393 13.42 36.69 9.13
C THR B 393 14.26 36.96 10.35
N ASN B 394 14.74 35.91 11.02
CA ASN B 394 15.65 36.07 12.13
C ASN B 394 16.35 34.74 12.40
N VAL B 395 17.30 34.78 13.32
CA VAL B 395 18.02 33.60 13.74
C VAL B 395 18.22 33.69 15.23
N TYR B 396 17.64 32.75 15.96
CA TYR B 396 17.90 32.60 17.39
C TYR B 396 19.25 31.94 17.52
N ALA B 397 20.30 32.75 17.67
CA ALA B 397 21.66 32.24 17.81
C ALA B 397 21.83 31.79 19.25
N ASP B 398 22.17 30.50 19.42
CA ASP B 398 22.26 29.88 20.74
C ASP B 398 23.68 29.35 20.91
N SER B 399 24.29 29.66 22.05
CA SER B 399 25.65 29.23 22.35
C SER B 399 25.73 28.69 23.76
N PHE B 400 26.36 27.53 23.89
CA PHE B 400 26.63 26.92 25.19
C PHE B 400 27.91 26.13 25.04
N VAL B 401 28.32 25.48 26.13
CA VAL B 401 29.56 24.72 26.15
C VAL B 401 29.32 23.43 26.91
N ILE B 402 29.90 22.36 26.37
CA ILE B 402 29.81 21.03 26.94
C ILE B 402 31.08 20.29 26.59
N ARG B 403 31.22 19.08 27.12
CA ARG B 403 32.26 18.19 26.66
C ARG B 403 31.85 17.59 25.33
N GLY B 404 32.81 17.51 24.42
CA GLY B 404 32.59 16.79 23.18
C GLY B 404 31.88 15.46 23.41
N ASP B 405 32.10 14.86 24.59
CA ASP B 405 31.43 13.62 24.94
C ASP B 405 29.93 13.67 24.70
N GLU B 406 29.33 14.84 24.78
CA GLU B 406 27.88 14.95 24.77
C GLU B 406 27.34 15.76 23.61
N VAL B 407 28.21 16.42 22.83
CA VAL B 407 27.70 17.09 21.64
C VAL B 407 26.78 16.15 20.89
N ARG B 408 27.09 14.86 20.91
CA ARG B 408 26.14 13.87 20.44
C ARG B 408 24.81 13.98 21.17
N GLN B 409 24.84 14.31 22.47
CA GLN B 409 23.60 14.60 23.17
C GLN B 409 22.86 15.77 22.54
N ILE B 410 23.55 16.60 21.77
CA ILE B 410 22.92 17.75 21.13
C ILE B 410 22.37 17.21 19.81
N ALA B 411 21.19 16.63 19.90
CA ALA B 411 20.54 15.98 18.77
C ALA B 411 19.04 15.85 19.09
N PRO B 412 18.16 16.26 18.17
CA PRO B 412 16.73 16.26 18.50
C PRO B 412 16.22 14.86 18.76
N GLY B 413 15.45 14.72 19.83
CA GLY B 413 14.97 13.42 20.22
C GLY B 413 16.04 12.53 20.84
N GLN B 414 17.28 13.01 20.88
CA GLN B 414 18.38 12.28 21.51
C GLN B 414 18.32 12.50 23.01
N THR B 415 18.43 11.41 23.76
CA THR B 415 18.33 11.44 25.22
C THR B 415 19.69 11.72 25.84
N GLY B 416 19.72 12.62 26.81
CA GLY B 416 20.93 12.93 27.54
C GLY B 416 20.58 13.80 28.72
N LYS B 417 21.12 13.43 29.88
CA LYS B 417 20.77 14.13 31.11
C LYS B 417 20.75 15.63 30.88
N ILE B 418 21.87 16.17 30.42
CA ILE B 418 21.89 17.54 29.91
C ILE B 418 20.78 17.72 28.91
N ALA B 419 20.76 16.88 27.87
CA ALA B 419 19.71 16.96 26.86
C ALA B 419 18.35 16.68 27.45
N ASP B 420 18.30 16.13 28.66
CA ASP B 420 17.06 15.82 29.34
C ASP B 420 16.71 16.85 30.38
N TYR B 421 17.70 17.45 31.02
CA TYR B 421 17.46 18.37 32.12
C TYR B 421 18.12 19.72 31.92
N ASN B 422 18.95 19.89 30.90
CA ASN B 422 19.64 21.15 30.67
C ASN B 422 19.18 21.87 29.41
N TYR B 423 19.25 21.21 28.25
CA TYR B 423 18.89 21.86 26.99
C TYR B 423 18.14 20.84 26.13
N LYS B 424 16.98 21.21 25.64
CA LYS B 424 16.11 20.31 24.90
C LYS B 424 15.94 20.79 23.47
N LEU B 425 15.93 19.89 22.60
CA LEU B 425 15.52 20.11 21.22
C LEU B 425 14.21 19.38 20.95
N PRO B 426 13.47 19.83 19.93
CA PRO B 426 12.20 19.18 19.61
C PRO B 426 12.42 17.87 18.86
N ASP B 427 11.30 17.27 18.45
CA ASP B 427 11.37 16.15 17.52
C ASP B 427 11.39 16.62 16.08
N ASP B 428 11.05 17.90 15.86
CA ASP B 428 10.99 18.48 14.52
C ASP B 428 11.85 19.73 14.39
N PHE B 429 13.02 19.76 15.03
CA PHE B 429 13.90 20.90 14.93
C PHE B 429 14.29 21.17 13.47
N THR B 430 14.87 22.34 13.24
CA THR B 430 15.52 22.67 11.99
C THR B 430 16.66 23.62 12.31
N GLY B 431 17.83 23.33 11.77
CA GLY B 431 18.99 24.19 12.02
C GLY B 431 20.27 23.38 11.98
N CYS B 432 21.34 24.01 12.45
CA CYS B 432 22.65 23.40 12.41
C CYS B 432 23.33 23.58 13.75
N VAL B 433 24.07 22.55 14.17
CA VAL B 433 24.76 22.54 15.45
C VAL B 433 26.23 22.81 15.19
N ILE B 434 26.79 23.77 15.92
CA ILE B 434 28.19 24.13 15.81
C ILE B 434 28.80 24.04 17.20
N ALA B 435 29.90 23.30 17.30
CA ALA B 435 30.58 23.14 18.57
C ALA B 435 32.05 22.84 18.33
N TRP B 436 32.91 23.38 19.19
CA TRP B 436 34.35 23.36 18.94
C TRP B 436 35.12 23.36 20.25
N ASN B 437 36.27 22.71 20.22
CA ASN B 437 37.17 22.68 21.37
C ASN B 437 37.62 24.07 21.77
N SER B 438 37.82 24.25 23.08
CA SER B 438 38.37 25.47 23.67
C SER B 438 39.34 25.10 24.77
N ASN B 439 39.67 23.82 24.87
CA ASN B 439 40.75 23.38 25.74
C ASN B 439 41.90 24.38 25.70
N ASN B 440 42.25 24.83 24.50
CA ASN B 440 43.32 25.80 24.35
C ASN B 440 42.95 27.16 24.90
N LEU B 441 41.66 27.48 24.98
CA LEU B 441 41.24 28.81 25.37
C LEU B 441 40.61 28.87 26.75
N ASP B 442 40.23 27.74 27.34
CA ASP B 442 39.49 27.74 28.57
C ASP B 442 40.09 26.88 29.68
N SER B 443 41.08 26.04 29.38
CA SER B 443 41.66 25.15 30.36
C SER B 443 42.69 25.88 31.19
N LYS B 444 42.90 25.40 32.43
CA LYS B 444 43.95 25.90 33.29
C LYS B 444 44.20 24.86 34.39
N VAL B 445 45.45 24.80 34.84
CA VAL B 445 45.84 23.79 35.82
C VAL B 445 45.00 23.94 37.08
N GLY B 446 44.38 22.83 37.49
CA GLY B 446 43.54 22.79 38.66
C GLY B 446 42.10 22.43 38.39
N GLY B 447 41.63 22.60 37.16
CA GLY B 447 40.24 22.37 36.82
C GLY B 447 39.49 23.68 36.85
N ASN B 448 39.19 24.23 35.69
CA ASN B 448 38.62 25.58 35.61
C ASN B 448 37.19 25.47 36.14
N TYR B 449 37.02 25.88 37.38
CA TYR B 449 35.78 25.63 38.11
C TYR B 449 34.66 26.55 37.68
N ASN B 450 34.81 27.22 36.54
CA ASN B 450 33.87 28.25 36.15
C ASN B 450 32.57 27.69 35.60
N TYR B 451 32.65 26.91 34.53
CA TYR B 451 31.49 26.60 33.70
C TYR B 451 30.57 25.62 34.43
N LEU B 452 29.54 26.17 35.07
CA LEU B 452 28.64 25.43 35.95
C LEU B 452 27.62 24.66 35.13
N TYR B 453 27.19 23.51 35.66
CA TYR B 453 26.27 22.63 34.95
C TYR B 453 25.43 21.82 35.93
N ARG B 454 24.26 21.39 35.47
CA ARG B 454 23.25 20.81 36.34
C ARG B 454 23.13 19.30 36.11
N LEU B 455 22.54 18.62 37.09
CA LEU B 455 22.39 17.18 37.05
C LEU B 455 20.94 16.71 37.09
N PHE B 456 20.15 17.17 38.07
CA PHE B 456 18.83 16.58 38.35
C PHE B 456 17.70 17.49 37.89
N ARG B 457 16.49 16.94 37.87
CA ARG B 457 15.27 17.71 37.71
C ARG B 457 14.06 16.82 37.99
N LYS B 458 12.93 17.47 38.29
CA LYS B 458 11.68 16.72 38.45
C LYS B 458 11.12 16.28 37.11
N SER B 459 11.54 16.94 36.03
N SER B 459 11.54 16.94 36.03
CA SER B 459 11.01 16.68 34.70
CA SER B 459 11.01 16.67 34.70
C SER B 459 12.06 17.01 33.65
C SER B 459 12.06 17.01 33.65
N ASN B 460 11.78 16.63 32.42
CA ASN B 460 12.65 16.98 31.32
C ASN B 460 12.17 18.27 30.68
N LEU B 461 13.11 19.11 30.27
CA LEU B 461 12.76 20.40 29.72
C LEU B 461 12.20 20.23 28.31
N LYS B 462 11.17 21.00 27.99
CA LYS B 462 10.71 21.08 26.62
C LYS B 462 11.76 21.79 25.77
N PRO B 463 11.63 21.70 24.45
CA PRO B 463 12.67 22.29 23.59
C PRO B 463 12.82 23.77 23.85
N PHE B 464 14.08 24.20 23.96
CA PHE B 464 14.44 25.61 24.12
C PHE B 464 13.97 26.16 25.45
N GLU B 465 13.53 25.30 26.35
CA GLU B 465 13.01 25.70 27.66
C GLU B 465 14.14 25.62 28.68
N ARG B 466 14.97 26.67 28.71
CA ARG B 466 16.05 26.79 29.66
C ARG B 466 15.51 26.63 31.08
N ASP B 467 16.40 26.28 32.00
CA ASP B 467 16.09 26.26 33.43
C ASP B 467 17.32 26.69 34.20
N ILE B 468 17.21 27.80 34.92
CA ILE B 468 18.29 28.36 35.72
C ILE B 468 18.16 27.96 37.18
N SER B 469 17.11 27.22 37.54
CA SER B 469 16.72 27.11 38.93
C SER B 469 17.90 26.73 39.81
N THR B 470 17.82 27.15 41.07
CA THR B 470 18.83 26.88 42.07
C THR B 470 18.22 26.27 43.32
N GLU B 471 16.91 26.07 43.33
CA GLU B 471 16.26 25.36 44.42
C GLU B 471 16.98 24.05 44.69
N ILE B 472 16.88 23.58 45.92
CA ILE B 472 17.61 22.39 46.34
C ILE B 472 16.85 21.16 45.86
N TYR B 473 17.52 20.35 45.04
CA TYR B 473 16.88 19.13 44.54
C TYR B 473 16.60 18.18 45.69
N GLN B 474 15.43 17.56 45.66
CA GLN B 474 14.91 16.78 46.77
C GLN B 474 14.59 15.37 46.27
N ALA B 475 15.28 14.37 46.82
CA ALA B 475 14.96 12.98 46.56
C ALA B 475 14.27 12.29 47.73
N GLY B 476 14.28 12.91 48.91
CA GLY B 476 13.64 12.34 50.07
C GLY B 476 12.24 12.90 50.24
N SER B 477 11.32 12.01 50.61
CA SER B 477 9.94 12.43 50.83
CA SER B 477 9.94 12.43 50.83
C SER B 477 9.87 13.59 51.80
N THR B 478 10.75 13.61 52.79
CA THR B 478 10.79 14.73 53.74
C THR B 478 11.53 15.90 53.10
N PRO B 479 10.87 17.05 52.90
CA PRO B 479 11.58 18.20 52.34
C PRO B 479 12.52 18.82 53.36
N CYS B 480 13.78 18.96 52.95
CA CYS B 480 14.76 19.74 53.70
C CYS B 480 14.38 21.21 53.79
N ASN B 481 13.41 21.64 53.00
CA ASN B 481 12.95 23.04 52.98
C ASN B 481 14.02 23.95 52.38
N GLY B 482 16.37 23.51 54.11
CA GLY B 482 17.15 23.59 52.89
C GLY B 482 18.56 23.08 53.11
N VAL B 483 18.71 22.21 54.10
CA VAL B 483 20.01 21.72 54.52
C VAL B 483 20.45 20.67 53.50
N GLU B 484 21.34 21.07 52.59
CA GLU B 484 21.88 20.15 51.60
C GLU B 484 22.67 19.05 52.30
N GLY B 485 23.08 18.04 51.54
CA GLY B 485 23.59 16.82 52.14
C GLY B 485 23.05 15.59 51.45
N PHE B 486 22.33 14.75 52.19
CA PHE B 486 21.85 13.49 51.65
C PHE B 486 20.33 13.50 51.56
N ASN B 487 19.80 13.04 50.43
CA ASN B 487 18.38 13.14 50.11
C ASN B 487 17.89 14.58 50.21
N CYS B 488 18.80 15.52 49.97
CA CYS B 488 18.51 16.94 49.87
C CYS B 488 19.70 17.58 49.18
N TYR B 489 19.48 18.12 47.99
CA TYR B 489 20.57 18.28 47.05
C TYR B 489 20.53 19.65 46.38
N PHE B 490 21.71 20.27 46.31
CA PHE B 490 21.98 21.29 45.32
C PHE B 490 22.20 20.61 43.97
N PRO B 491 21.76 21.22 42.87
CA PRO B 491 21.61 20.43 41.63
C PRO B 491 22.75 20.48 40.63
N LEU B 492 23.75 21.34 40.82
CA LEU B 492 24.72 21.59 39.75
C LEU B 492 26.14 21.24 40.18
N GLN B 493 26.94 20.80 39.20
CA GLN B 493 28.32 20.43 39.40
C GLN B 493 29.17 21.18 38.39
N SER B 494 30.49 21.19 38.62
CA SER B 494 31.45 22.09 37.96
C SER B 494 32.24 20.98 37.21
N TYR B 495 32.34 21.13 35.88
CA TYR B 495 33.29 20.32 35.13
C TYR B 495 34.70 20.46 35.70
N GLY B 496 35.24 21.67 35.69
CA GLY B 496 36.60 21.91 36.16
C GLY B 496 37.60 21.30 35.22
N PHE B 497 37.69 21.84 34.01
CA PHE B 497 38.46 21.19 32.96
C PHE B 497 39.95 21.36 33.22
N GLN B 498 40.71 20.32 32.91
CA GLN B 498 42.14 20.29 33.16
C GLN B 498 42.91 20.68 31.90
N PRO B 499 44.07 21.30 32.07
CA PRO B 499 44.94 21.52 30.90
C PRO B 499 45.32 20.23 30.20
N THR B 500 45.10 19.09 30.85
CA THR B 500 45.49 17.78 30.36
C THR B 500 44.31 16.91 30.01
N ASN B 501 43.12 17.25 30.50
CA ASN B 501 41.97 16.36 30.40
C ASN B 501 41.82 15.81 28.98
N GLY B 502 41.21 14.64 28.89
CA GLY B 502 41.11 13.94 27.62
C GLY B 502 39.97 14.46 26.77
N VAL B 503 39.90 13.88 25.57
CA VAL B 503 38.98 14.39 24.54
C VAL B 503 37.56 14.47 25.08
N GLY B 504 37.00 13.34 25.48
CA GLY B 504 35.64 13.34 25.98
C GLY B 504 35.47 14.26 27.17
N TYR B 505 36.58 14.67 27.78
CA TYR B 505 36.57 15.65 28.85
C TYR B 505 37.26 16.94 28.44
N GLN B 506 37.75 17.01 27.20
CA GLN B 506 38.21 18.27 26.67
C GLN B 506 37.01 19.17 26.39
N PRO B 507 37.07 20.45 26.77
CA PRO B 507 35.88 21.29 26.69
C PRO B 507 35.69 21.84 25.29
N TYR B 508 34.54 21.56 24.71
CA TYR B 508 34.23 22.04 23.38
C TYR B 508 33.09 23.04 23.48
N ARG B 509 33.29 24.25 22.95
CA ARG B 509 32.26 25.28 22.91
C ARG B 509 31.23 24.92 21.86
N VAL B 510 29.96 25.24 22.13
CA VAL B 510 28.84 24.90 21.26
C VAL B 510 28.08 26.17 20.92
N VAL B 511 27.68 26.29 19.66
CA VAL B 511 26.74 27.31 19.21
C VAL B 511 25.72 26.62 18.35
N VAL B 512 24.46 27.05 18.48
CA VAL B 512 23.32 26.38 17.88
C VAL B 512 22.46 27.46 17.24
N LEU B 513 22.11 27.22 15.99
CA LEU B 513 21.43 28.21 15.17
C LEU B 513 20.02 27.73 14.85
N SER B 514 19.06 28.64 14.91
CA SER B 514 17.68 28.35 14.57
C SER B 514 17.26 29.15 13.36
N PHE B 515 16.79 28.44 12.33
CA PHE B 515 16.34 29.05 11.09
C PHE B 515 14.88 28.67 10.85
N GLU B 516 14.02 28.86 11.84
CA GLU B 516 12.75 28.15 11.85
C GLU B 516 11.77 28.68 10.80
N LEU B 517 12.20 28.70 9.54
CA LEU B 517 11.32 28.90 8.40
C LEU B 517 10.28 29.98 8.70
N LEU B 518 10.69 30.98 9.48
CA LEU B 518 9.82 32.06 9.90
C LEU B 518 9.56 32.92 8.68
N HIS B 519 8.45 32.62 8.00
CA HIS B 519 8.29 32.95 6.60
C HIS B 519 7.59 34.29 6.39
N ALA B 520 6.76 34.71 7.34
CA ALA B 520 5.83 35.81 7.06
C ALA B 520 6.50 37.00 6.40
N PRO B 521 7.38 37.75 7.06
CA PRO B 521 8.35 38.57 6.31
C PRO B 521 9.69 37.87 6.21
N ALA B 522 10.52 38.26 5.27
CA ALA B 522 11.91 37.83 5.27
C ALA B 522 12.83 39.03 5.47
N THR B 523 13.71 38.93 6.45
CA THR B 523 14.58 40.04 6.83
C THR B 523 16.04 39.63 6.91
N VAL B 524 16.34 38.42 7.37
CA VAL B 524 17.70 37.91 7.46
C VAL B 524 17.89 36.97 6.29
N CYS B 525 18.86 37.25 5.43
CA CYS B 525 19.01 36.50 4.20
C CYS B 525 20.45 36.29 3.82
N GLY B 526 20.65 35.37 2.89
CA GLY B 526 21.96 34.96 2.47
C GLY B 526 22.55 35.90 1.44
N PRO B 527 23.74 35.56 0.96
CA PRO B 527 24.41 36.41 -0.01
C PRO B 527 23.95 36.13 -1.42
N LYS B 528 23.36 37.12 -2.09
CA LYS B 528 22.96 36.92 -3.47
C LYS B 528 22.81 38.27 -4.14
N LYS B 529 22.95 38.26 -5.45
CA LYS B 529 22.97 39.47 -6.25
C LYS B 529 21.59 39.65 -6.87
N SER B 530 20.90 40.72 -6.50
CA SER B 530 19.59 40.98 -7.03
C SER B 530 19.65 41.06 -8.55
N THR B 531 18.48 40.95 -9.17
CA THR B 531 18.38 40.90 -10.61
C THR B 531 17.17 41.71 -11.06
N ASN B 532 17.17 42.03 -12.35
CA ASN B 532 16.15 42.90 -12.90
C ASN B 532 14.87 42.13 -13.20
N LEU B 533 13.76 42.66 -12.73
CA LEU B 533 12.48 42.02 -12.93
C LEU B 533 12.08 42.07 -14.39
N VAL B 534 11.22 41.14 -14.80
CA VAL B 534 10.69 41.09 -16.15
C VAL B 534 9.27 40.57 -16.09
N LYS B 535 8.52 40.82 -17.16
CA LYS B 535 7.13 40.43 -17.28
C LYS B 535 6.91 39.73 -18.60
N ASN B 536 5.75 39.09 -18.70
CA ASN B 536 5.25 38.57 -19.98
C ASN B 536 6.21 37.57 -20.60
N LYS B 537 7.13 37.03 -19.81
CA LYS B 537 8.02 35.98 -20.25
C LYS B 537 8.13 34.94 -19.16
N CYS B 538 7.93 33.67 -19.53
CA CYS B 538 8.04 32.60 -18.54
C CYS B 538 9.45 32.62 -17.98
N VAL B 539 9.58 32.86 -16.67
CA VAL B 539 10.89 32.93 -16.03
C VAL B 539 10.81 32.27 -14.66
N ASN B 540 11.83 31.47 -14.37
CA ASN B 540 12.05 31.02 -13.01
C ASN B 540 12.20 32.24 -12.12
N PHE B 541 12.12 32.04 -10.82
CA PHE B 541 12.25 33.14 -9.89
C PHE B 541 12.58 32.65 -8.50
N ASN B 542 13.27 33.50 -7.75
CA ASN B 542 13.31 33.39 -6.31
C ASN B 542 12.94 34.77 -5.75
N PHE B 543 11.67 34.94 -5.44
CA PHE B 543 11.19 36.13 -4.76
C PHE B 543 11.28 35.82 -3.26
N ASN B 544 12.14 36.55 -2.56
CA ASN B 544 12.32 36.41 -1.12
C ASN B 544 12.29 34.94 -0.69
N GLY B 545 13.05 34.11 -1.40
CA GLY B 545 13.28 32.76 -0.96
C GLY B 545 12.33 31.74 -1.53
N LEU B 546 11.33 32.17 -2.28
CA LEU B 546 10.29 31.28 -2.77
C LEU B 546 10.57 30.97 -4.23
N THR B 547 10.79 29.71 -4.52
CA THR B 547 11.06 29.26 -5.88
C THR B 547 9.78 28.97 -6.62
N GLY B 548 9.74 29.39 -7.88
CA GLY B 548 8.70 28.94 -8.78
C GLY B 548 9.12 29.19 -10.21
N THR B 549 8.14 29.50 -11.04
CA THR B 549 8.38 29.76 -12.45
C THR B 549 7.06 30.10 -13.12
N GLY B 550 7.15 30.69 -14.30
CA GLY B 550 5.97 31.12 -15.03
C GLY B 550 6.15 32.53 -15.52
N VAL B 551 5.03 33.16 -15.79
CA VAL B 551 4.99 34.52 -16.33
C VAL B 551 4.64 35.47 -15.20
N LEU B 552 5.05 36.73 -15.33
CA LEU B 552 4.89 37.73 -14.31
C LEU B 552 4.13 38.92 -14.85
N THR B 553 2.86 39.02 -14.52
CA THR B 553 2.00 40.07 -15.01
C THR B 553 1.53 40.93 -13.85
N GLU B 554 1.04 42.12 -14.18
CA GLU B 554 0.77 43.12 -13.18
C GLU B 554 -0.45 42.75 -12.35
N SER B 555 -0.31 42.89 -11.04
CA SER B 555 -1.43 42.71 -10.13
C SER B 555 -2.39 43.88 -10.25
N ASN B 556 -3.64 43.62 -9.87
CA ASN B 556 -4.67 44.63 -9.82
C ASN B 556 -5.28 44.75 -8.43
N LYS B 557 -5.11 43.72 -7.61
CA LYS B 557 -5.68 43.70 -6.27
C LYS B 557 -4.88 44.60 -5.34
N LYS B 558 -5.20 44.53 -4.06
CA LYS B 558 -4.50 45.28 -3.03
C LYS B 558 -4.05 44.32 -1.93
N PHE B 559 -2.97 44.68 -1.25
CA PHE B 559 -2.48 43.96 -0.09
C PHE B 559 -2.53 44.91 1.10
N LEU B 560 -1.95 44.50 2.21
CA LEU B 560 -1.81 45.43 3.33
C LEU B 560 -0.35 45.63 3.70
N PRO B 561 -0.05 46.68 4.45
CA PRO B 561 1.35 47.10 4.65
C PRO B 561 2.22 46.04 5.27
N PHE B 562 1.65 44.90 5.62
CA PHE B 562 2.40 43.78 6.17
C PHE B 562 2.41 42.60 5.21
N GLN B 563 1.36 42.45 4.44
CA GLN B 563 1.16 41.30 3.57
C GLN B 563 2.28 41.21 2.54
N GLN B 564 2.87 40.03 2.45
CA GLN B 564 3.95 39.78 1.51
C GLN B 564 3.48 38.98 0.31
N PHE B 565 2.46 38.17 0.48
CA PHE B 565 1.94 37.35 -0.59
C PHE B 565 0.67 36.65 -0.15
N GLY B 566 -0.20 36.41 -1.12
CA GLY B 566 -1.36 35.56 -0.93
C GLY B 566 -1.33 34.40 -1.90
N ARG B 567 -1.91 33.29 -1.48
CA ARG B 567 -1.99 32.08 -2.29
C ARG B 567 -3.45 31.81 -2.63
N ASP B 568 -3.70 31.49 -3.89
CA ASP B 568 -4.96 30.86 -4.24
C ASP B 568 -4.87 29.41 -3.75
N ILE B 569 -5.86 28.60 -4.10
CA ILE B 569 -6.09 27.39 -3.31
C ILE B 569 -4.97 26.39 -3.56
N ALA B 570 -4.86 25.42 -2.65
CA ALA B 570 -3.82 24.41 -2.61
C ALA B 570 -2.56 24.99 -1.98
N ASP B 571 -2.65 26.19 -1.41
CA ASP B 571 -1.50 26.93 -0.94
C ASP B 571 -0.55 27.25 -2.08
N THR B 572 -1.09 27.78 -3.17
CA THR B 572 -0.31 28.12 -4.34
C THR B 572 -0.20 29.63 -4.44
N THR B 573 0.98 30.15 -4.17
CA THR B 573 1.20 31.59 -4.27
C THR B 573 0.92 32.06 -5.68
N ASP B 574 0.35 33.24 -5.80
CA ASP B 574 0.11 33.84 -7.10
C ASP B 574 0.41 35.33 -7.15
N ALA B 575 1.12 35.85 -6.16
CA ALA B 575 1.54 37.25 -6.17
C ALA B 575 2.64 37.44 -5.14
N VAL B 576 3.50 38.41 -5.39
CA VAL B 576 4.66 38.66 -4.55
C VAL B 576 5.07 40.12 -4.68
N ARG B 577 6.02 40.54 -3.85
CA ARG B 577 6.60 41.87 -3.92
C ARG B 577 8.07 41.88 -4.28
N ILE B 584 4.67 45.67 -8.24
CA ILE B 584 4.03 44.55 -7.56
C ILE B 584 3.36 43.71 -8.65
N LEU B 585 3.00 42.47 -8.34
CA LEU B 585 2.75 41.48 -9.38
C LEU B 585 1.61 40.54 -9.04
N ASP B 586 0.96 40.02 -10.07
CA ASP B 586 0.23 38.77 -9.99
C ASP B 586 1.03 37.72 -10.76
N ILE B 587 0.82 36.46 -10.40
CA ILE B 587 1.56 35.34 -10.98
C ILE B 587 0.65 34.59 -11.95
N THR B 588 1.26 33.81 -12.83
CA THR B 588 0.54 32.89 -13.68
C THR B 588 1.54 31.89 -14.26
N PRO B 589 1.20 30.61 -14.35
CA PRO B 589 2.13 29.67 -14.96
C PRO B 589 2.32 30.01 -16.43
N CYS B 590 3.25 29.32 -17.06
CA CYS B 590 3.38 29.42 -18.50
C CYS B 590 2.85 28.12 -19.10
N SER B 591 2.44 28.18 -20.35
CA SER B 591 1.42 27.25 -20.85
C SER B 591 1.85 25.81 -20.70
N PHE B 592 0.95 25.00 -20.18
CA PHE B 592 1.09 23.55 -20.18
C PHE B 592 0.00 22.97 -21.05
N GLY B 593 0.41 22.25 -22.07
CA GLY B 593 -0.52 21.74 -23.03
C GLY B 593 -0.24 20.29 -23.36
N GLY B 594 -1.17 19.71 -24.12
CA GLY B 594 -1.06 18.33 -24.52
C GLY B 594 -0.74 18.21 -25.99
N VAL B 595 -0.37 17.01 -26.40
CA VAL B 595 0.16 16.76 -27.73
C VAL B 595 -0.53 15.55 -28.30
N SER B 596 -1.33 15.75 -29.33
CA SER B 596 -1.90 14.66 -30.09
C SER B 596 -1.49 14.77 -31.55
N VAL B 597 -1.09 13.64 -32.11
CA VAL B 597 -0.65 13.55 -33.49
C VAL B 597 -1.75 12.89 -34.30
N ILE B 598 -2.02 13.42 -35.47
CA ILE B 598 -3.12 12.98 -36.33
C ILE B 598 -2.55 12.48 -37.63
N THR B 599 -3.26 11.54 -38.26
CA THR B 599 -2.73 10.83 -39.40
C THR B 599 -3.85 10.33 -40.30
N PRO B 600 -3.54 9.99 -41.55
CA PRO B 600 -4.44 9.19 -42.37
C PRO B 600 -4.39 7.71 -42.07
N GLY B 601 -3.55 7.31 -41.13
CA GLY B 601 -3.16 5.93 -40.98
C GLY B 601 -1.91 5.70 -41.80
N THR B 602 -0.96 4.93 -41.28
CA THR B 602 0.33 4.81 -41.95
C THR B 602 0.19 4.37 -43.40
N ASN B 603 -0.63 3.35 -43.63
CA ASN B 603 -0.64 2.67 -44.92
C ASN B 603 -0.74 3.64 -46.07
N THR B 604 -1.22 4.87 -45.81
CA THR B 604 -1.31 5.86 -46.86
C THR B 604 -0.04 6.68 -46.94
N SER B 605 0.47 7.13 -45.80
CA SER B 605 1.42 8.23 -45.82
C SER B 605 2.33 8.17 -44.61
N ASN B 606 3.10 9.23 -44.47
CA ASN B 606 3.88 9.55 -43.29
C ASN B 606 3.66 10.99 -42.87
N GLN B 607 2.85 11.73 -43.63
CA GLN B 607 2.51 13.09 -43.26
C GLN B 607 1.53 13.06 -42.09
N VAL B 608 1.55 14.13 -41.30
CA VAL B 608 0.96 14.09 -39.98
C VAL B 608 0.54 15.49 -39.57
N ALA B 609 -0.30 15.52 -38.55
CA ALA B 609 -0.85 16.74 -38.00
C ALA B 609 -0.47 16.86 -36.54
N VAL B 610 -0.36 18.10 -36.08
CA VAL B 610 0.02 18.42 -34.72
C VAL B 610 -1.15 19.05 -34.01
N LEU B 611 -1.57 18.42 -32.92
CA LEU B 611 -2.59 18.99 -32.05
C LEU B 611 -1.89 19.62 -30.86
N TYR B 612 -2.51 20.66 -30.31
CA TYR B 612 -2.02 21.37 -29.15
C TYR B 612 -3.24 21.80 -28.37
N GLN B 613 -3.28 21.46 -27.08
CA GLN B 613 -4.51 21.52 -26.32
C GLN B 613 -4.63 22.81 -25.54
N ASP B 614 -5.83 23.39 -25.57
CA ASP B 614 -6.20 24.52 -24.72
C ASP B 614 -5.17 25.62 -24.76
N VAL B 615 -4.55 25.83 -25.93
CA VAL B 615 -3.43 26.75 -26.06
C VAL B 615 -3.70 27.71 -27.20
N ASN B 616 -2.96 28.82 -27.21
CA ASN B 616 -3.09 29.87 -28.20
C ASN B 616 -1.78 29.93 -29.01
N CYS B 617 -1.75 29.23 -30.14
CA CYS B 617 -0.51 28.87 -30.81
C CYS B 617 0.34 30.04 -31.22
N THR B 618 -0.18 31.26 -31.14
CA THR B 618 0.73 32.37 -31.11
C THR B 618 1.77 32.23 -30.00
N GLU B 619 1.52 31.36 -29.02
CA GLU B 619 2.28 31.35 -27.79
C GLU B 619 3.28 30.20 -27.68
N VAL B 620 3.68 29.58 -28.78
CA VAL B 620 4.77 28.62 -28.71
C VAL B 620 6.11 29.35 -28.76
N ASN B 641 1.58 26.27 -41.63
CA ASN B 641 0.30 26.96 -41.51
C ASN B 641 -0.34 26.65 -40.16
N VAL B 642 -1.42 27.35 -39.84
CA VAL B 642 -1.91 27.42 -38.46
C VAL B 642 -3.44 27.48 -38.46
N PHE B 643 -4.04 27.09 -37.34
CA PHE B 643 -5.48 27.00 -37.20
C PHE B 643 -5.84 26.84 -35.73
N GLN B 644 -6.75 27.68 -35.25
CA GLN B 644 -7.17 27.67 -33.85
C GLN B 644 -8.60 27.17 -33.73
N THR B 645 -8.92 26.62 -32.56
CA THR B 645 -10.24 26.08 -32.29
C THR B 645 -10.62 26.37 -30.86
N ARG B 646 -11.71 25.75 -30.42
CA ARG B 646 -11.98 25.65 -29.00
C ARG B 646 -11.24 24.49 -28.38
N ALA B 647 -10.45 23.78 -29.17
CA ALA B 647 -9.64 22.67 -28.69
C ALA B 647 -8.18 23.04 -28.61
N GLY B 648 -7.81 24.18 -29.14
CA GLY B 648 -6.45 24.66 -29.11
C GLY B 648 -6.07 25.21 -30.47
N CYS B 649 -4.94 24.73 -30.98
CA CYS B 649 -4.45 25.14 -32.27
C CYS B 649 -3.84 23.93 -32.96
N LEU B 650 -3.81 23.95 -34.28
CA LEU B 650 -3.41 22.83 -35.09
C LEU B 650 -2.37 23.29 -36.10
N ILE B 651 -1.26 22.56 -36.16
CA ILE B 651 -0.18 22.85 -37.08
C ILE B 651 -0.11 21.73 -38.10
N GLY B 652 -0.44 22.04 -39.33
CA GLY B 652 -0.28 21.12 -40.42
C GLY B 652 -1.54 20.82 -41.18
N ALA B 653 -2.57 21.63 -41.03
CA ALA B 653 -3.86 21.39 -41.66
C ALA B 653 -4.49 22.72 -42.03
N GLU B 654 -5.62 22.65 -42.71
CA GLU B 654 -6.30 23.84 -43.16
C GLU B 654 -7.76 23.85 -42.72
N HIS B 655 -8.17 24.96 -42.14
CA HIS B 655 -9.58 25.23 -41.92
C HIS B 655 -10.23 25.45 -43.27
N VAL B 656 -11.38 24.85 -43.47
CA VAL B 656 -12.05 24.90 -44.77
C VAL B 656 -13.48 25.35 -44.56
N ASN B 657 -14.21 25.41 -45.67
CA ASN B 657 -15.59 25.85 -45.65
C ASN B 657 -16.53 24.78 -46.17
N ASN B 658 -16.01 23.61 -46.50
CA ASN B 658 -16.83 22.49 -46.95
C ASN B 658 -17.44 21.78 -45.75
N SER B 659 -17.99 20.60 -45.99
CA SER B 659 -18.86 19.95 -45.04
C SER B 659 -18.89 18.46 -45.36
N TYR B 660 -18.58 17.64 -44.36
CA TYR B 660 -18.35 16.23 -44.55
C TYR B 660 -18.89 15.44 -43.37
N GLU B 661 -18.50 14.17 -43.34
CA GLU B 661 -18.74 13.33 -42.18
C GLU B 661 -17.44 13.16 -41.42
N CYS B 662 -17.57 12.90 -40.12
CA CYS B 662 -16.40 12.99 -39.25
C CYS B 662 -15.66 11.67 -39.21
N ASP B 663 -14.43 11.67 -39.71
CA ASP B 663 -13.55 10.52 -39.66
C ASP B 663 -12.63 10.58 -38.45
N ILE B 664 -11.84 11.64 -38.38
CA ILE B 664 -10.92 11.85 -37.27
C ILE B 664 -11.39 13.04 -36.45
N PRO B 665 -11.78 12.83 -35.20
CA PRO B 665 -12.25 13.95 -34.39
C PRO B 665 -11.11 14.59 -33.61
N ILE B 666 -11.12 15.92 -33.56
CA ILE B 666 -10.35 16.67 -32.61
C ILE B 666 -11.22 17.09 -31.45
N GLY B 667 -12.21 17.89 -31.75
CA GLY B 667 -13.23 18.28 -30.80
C GLY B 667 -13.88 19.56 -31.27
N ALA B 668 -14.85 20.04 -30.49
CA ALA B 668 -15.38 21.38 -30.64
C ALA B 668 -15.84 21.63 -32.07
N GLY B 669 -15.97 20.58 -32.85
CA GLY B 669 -16.41 20.71 -34.22
C GLY B 669 -15.39 20.35 -35.25
N ILE B 670 -14.11 20.28 -34.89
CA ILE B 670 -13.03 20.14 -35.85
C ILE B 670 -12.65 18.67 -35.97
N CYS B 671 -12.95 18.09 -37.13
CA CYS B 671 -12.46 16.78 -37.53
C CYS B 671 -11.41 16.96 -38.61
N ALA B 672 -10.95 15.85 -39.18
CA ALA B 672 -9.91 15.90 -40.20
C ALA B 672 -9.81 14.59 -40.97
N SER B 673 -9.31 14.70 -42.20
CA SER B 673 -9.11 13.57 -43.08
C SER B 673 -8.34 14.06 -44.29
N TYR B 674 -8.15 13.18 -45.27
CA TYR B 674 -7.56 13.59 -46.53
C TYR B 674 -8.64 14.15 -47.44
N SER B 691 -4.51 16.72 -50.16
CA SER B 691 -3.69 16.65 -48.95
C SER B 691 -4.58 16.58 -47.70
N ILE B 692 -4.19 17.30 -46.65
CA ILE B 692 -4.90 17.24 -45.37
C ILE B 692 -5.80 18.46 -45.24
N ILE B 693 -6.79 18.37 -44.37
CA ILE B 693 -7.81 19.39 -44.22
C ILE B 693 -8.27 19.44 -42.77
N ALA B 694 -9.00 20.50 -42.45
CA ALA B 694 -9.70 20.63 -41.17
C ALA B 694 -11.12 21.08 -41.47
N TYR B 695 -12.08 20.22 -41.17
CA TYR B 695 -13.46 20.48 -41.52
C TYR B 695 -14.33 20.46 -40.27
N THR B 696 -15.46 21.15 -40.37
CA THR B 696 -16.47 21.14 -39.33
C THR B 696 -17.50 20.09 -39.69
N MET B 697 -17.89 19.28 -38.72
CA MET B 697 -18.60 18.06 -39.04
C MET B 697 -20.04 18.36 -39.41
N SER B 698 -20.39 18.03 -40.64
CA SER B 698 -21.73 18.23 -41.16
C SER B 698 -22.55 16.98 -40.91
N LEU B 699 -23.74 17.17 -40.40
CA LEU B 699 -24.55 16.08 -39.90
C LEU B 699 -25.15 15.22 -41.00
N GLY B 700 -25.08 15.64 -42.25
CA GLY B 700 -25.56 14.82 -43.34
C GLY B 700 -26.34 15.59 -44.38
N ALA B 701 -27.50 15.06 -44.77
CA ALA B 701 -28.30 15.68 -45.81
C ALA B 701 -29.54 16.32 -45.20
N GLU B 702 -29.76 17.59 -45.54
CA GLU B 702 -30.91 18.33 -45.07
C GLU B 702 -32.06 18.10 -46.04
N ASN B 703 -32.99 17.24 -45.63
CA ASN B 703 -34.19 16.96 -46.40
C ASN B 703 -35.37 17.65 -45.75
N SER B 704 -36.45 17.76 -46.49
CA SER B 704 -37.61 18.51 -46.05
C SER B 704 -38.86 17.79 -46.55
N VAL B 705 -39.62 17.24 -45.62
CA VAL B 705 -40.80 16.47 -45.99
C VAL B 705 -41.89 17.44 -46.41
N ALA B 706 -42.35 17.29 -47.64
CA ALA B 706 -43.24 18.27 -48.23
C ALA B 706 -44.59 18.18 -47.56
N TYR B 707 -44.64 18.61 -46.31
CA TYR B 707 -45.86 18.50 -45.52
C TYR B 707 -47.03 19.20 -46.20
N SER B 708 -48.21 18.75 -45.86
CA SER B 708 -49.46 19.36 -46.23
C SER B 708 -50.52 18.72 -45.36
N ASN B 709 -51.59 19.45 -45.09
CA ASN B 709 -52.62 18.89 -44.24
C ASN B 709 -53.49 17.89 -44.97
N ASN B 710 -53.09 17.47 -46.17
CA ASN B 710 -53.89 16.59 -47.00
C ASN B 710 -53.01 15.59 -47.72
N SER B 711 -51.79 15.38 -47.23
CA SER B 711 -50.82 14.58 -47.97
C SER B 711 -50.29 13.45 -47.12
N ILE B 712 -50.11 12.29 -47.75
CA ILE B 712 -49.52 11.12 -47.12
C ILE B 712 -48.48 10.54 -48.06
N ALA B 713 -47.72 9.59 -47.53
CA ALA B 713 -46.71 8.85 -48.28
C ALA B 713 -46.83 7.39 -47.93
N ILE B 714 -47.19 6.58 -48.91
CA ILE B 714 -47.38 5.15 -48.71
C ILE B 714 -46.58 4.40 -49.76
N PRO B 715 -45.91 3.33 -49.39
CA PRO B 715 -44.98 2.68 -50.31
C PRO B 715 -45.67 1.74 -51.27
N THR B 716 -44.86 1.07 -52.08
CA THR B 716 -45.31 0.07 -53.02
C THR B 716 -44.49 -1.20 -52.95
N ASN B 717 -43.28 -1.14 -52.42
CA ASN B 717 -42.36 -2.26 -52.41
C ASN B 717 -41.84 -2.49 -51.01
N PHE B 718 -41.05 -3.54 -50.87
CA PHE B 718 -40.35 -3.83 -49.63
C PHE B 718 -38.96 -4.34 -49.96
N THR B 719 -37.97 -3.75 -49.32
CA THR B 719 -36.61 -4.24 -49.38
C THR B 719 -36.22 -4.70 -48.00
N ILE B 720 -35.72 -5.92 -47.90
CA ILE B 720 -35.30 -6.51 -46.64
C ILE B 720 -33.80 -6.27 -46.53
N SER B 721 -33.28 -6.39 -45.32
CA SER B 721 -31.90 -6.08 -45.03
C SER B 721 -31.47 -6.78 -43.76
N VAL B 722 -30.49 -7.66 -43.89
CA VAL B 722 -29.85 -8.31 -42.75
C VAL B 722 -28.91 -7.31 -42.13
N THR B 723 -28.91 -7.23 -40.82
CA THR B 723 -28.05 -6.33 -40.08
C THR B 723 -27.34 -7.09 -38.98
N THR B 724 -26.08 -6.79 -38.80
CA THR B 724 -25.24 -7.44 -37.81
C THR B 724 -25.18 -6.58 -36.57
N GLU B 725 -25.40 -7.21 -35.43
CA GLU B 725 -25.33 -6.55 -34.14
C GLU B 725 -24.47 -7.43 -33.25
N ILE B 726 -23.39 -6.87 -32.75
CA ILE B 726 -22.38 -7.61 -32.01
C ILE B 726 -22.47 -7.19 -30.55
N LEU B 727 -22.28 -8.17 -29.67
CA LEU B 727 -22.34 -7.96 -28.24
C LEU B 727 -21.47 -9.04 -27.62
N PRO B 728 -20.73 -8.75 -26.55
CA PRO B 728 -19.87 -9.77 -25.96
C PRO B 728 -20.58 -10.55 -24.87
N VAL B 729 -19.98 -11.67 -24.48
CA VAL B 729 -20.58 -12.54 -23.48
C VAL B 729 -19.62 -12.94 -22.38
N SER B 730 -18.31 -12.81 -22.57
CA SER B 730 -17.36 -13.32 -21.60
C SER B 730 -16.06 -12.55 -21.67
N MET B 731 -15.15 -12.91 -20.77
CA MET B 731 -13.76 -12.50 -20.83
C MET B 731 -12.93 -13.54 -20.12
N THR B 732 -11.64 -13.55 -20.45
CA THR B 732 -10.76 -14.62 -19.99
C THR B 732 -10.62 -14.58 -18.48
N LYS B 733 -10.73 -15.75 -17.88
CA LYS B 733 -10.63 -15.86 -16.44
C LYS B 733 -9.16 -15.97 -16.03
N THR B 734 -8.73 -15.06 -15.18
CA THR B 734 -7.40 -15.12 -14.61
C THR B 734 -7.52 -15.50 -13.14
N SER B 735 -6.53 -16.23 -12.67
CA SER B 735 -6.46 -16.69 -11.30
C SER B 735 -5.01 -16.68 -10.88
N VAL B 736 -4.76 -16.17 -9.69
CA VAL B 736 -3.42 -15.75 -9.30
C VAL B 736 -3.03 -16.42 -8.00
N ASP B 737 -1.73 -16.53 -7.79
CA ASP B 737 -1.18 -17.07 -6.55
C ASP B 737 -0.34 -15.97 -5.94
N CYS B 738 -0.97 -15.13 -5.12
CA CYS B 738 -0.30 -13.95 -4.59
C CYS B 738 1.08 -14.30 -4.07
N THR B 739 1.16 -15.23 -3.14
CA THR B 739 2.44 -15.59 -2.55
C THR B 739 3.48 -15.89 -3.62
N MET B 740 3.02 -16.17 -4.84
CA MET B 740 3.93 -16.41 -5.94
C MET B 740 4.41 -15.10 -6.55
N TYR B 741 3.50 -14.14 -6.70
CA TYR B 741 3.84 -12.88 -7.34
C TYR B 741 4.67 -12.01 -6.43
N ILE B 742 4.10 -11.63 -5.29
CA ILE B 742 4.72 -10.63 -4.44
C ILE B 742 6.09 -11.09 -3.99
N CYS B 743 6.33 -12.40 -3.95
CA CYS B 743 7.43 -12.96 -3.19
C CYS B 743 8.36 -13.82 -4.03
N GLY B 744 7.82 -14.56 -4.98
CA GLY B 744 8.64 -15.34 -5.88
C GLY B 744 9.54 -16.36 -5.22
N ASP B 745 8.94 -17.28 -4.46
CA ASP B 745 9.64 -18.46 -3.95
C ASP B 745 10.85 -18.08 -3.10
N SER B 746 10.69 -17.04 -2.29
CA SER B 746 11.70 -16.62 -1.33
C SER B 746 11.09 -16.69 0.05
N THR B 747 11.23 -17.84 0.70
CA THR B 747 10.56 -18.09 1.97
C THR B 747 10.72 -16.92 2.91
N GLU B 748 11.77 -16.12 2.71
CA GLU B 748 11.93 -14.91 3.50
C GLU B 748 10.71 -14.02 3.36
N CYS B 749 10.31 -13.76 2.11
CA CYS B 749 9.23 -12.82 1.84
C CYS B 749 7.95 -13.21 2.57
N SER B 750 7.38 -14.34 2.20
CA SER B 750 6.07 -14.72 2.74
C SER B 750 6.04 -14.54 4.25
N ASN B 751 7.17 -14.74 4.90
CA ASN B 751 7.23 -14.52 6.34
C ASN B 751 7.01 -13.05 6.69
N LEU B 752 6.88 -12.20 5.68
CA LEU B 752 6.58 -10.79 5.92
C LEU B 752 5.14 -10.50 5.59
N LEU B 753 4.58 -11.21 4.62
CA LEU B 753 3.24 -10.89 4.17
C LEU B 753 2.20 -11.30 5.19
N LEU B 754 2.52 -12.27 6.04
CA LEU B 754 1.59 -12.72 7.07
C LEU B 754 1.15 -11.55 7.94
N GLN B 755 2.04 -10.60 8.17
CA GLN B 755 1.73 -9.46 9.02
C GLN B 755 1.29 -8.26 8.22
N TYR B 756 1.49 -8.27 6.91
CA TYR B 756 0.76 -7.35 6.04
C TYR B 756 -0.68 -7.79 5.88
N GLY B 757 -1.07 -8.88 6.52
CA GLY B 757 -2.46 -9.20 6.72
C GLY B 757 -3.05 -10.25 5.81
N SER B 758 -4.27 -10.00 5.34
CA SER B 758 -5.07 -10.99 4.63
C SER B 758 -5.44 -10.46 3.26
N PHE B 759 -4.91 -9.29 2.91
CA PHE B 759 -5.05 -8.79 1.55
C PHE B 759 -4.82 -9.89 0.52
N CYS B 760 -3.92 -10.81 0.82
CA CYS B 760 -3.55 -11.83 -0.15
C CYS B 760 -4.76 -12.62 -0.59
N THR B 761 -5.59 -13.03 0.37
CA THR B 761 -6.77 -13.80 0.04
C THR B 761 -7.74 -12.99 -0.78
N GLN B 762 -8.24 -11.89 -0.20
CA GLN B 762 -9.28 -11.09 -0.85
C GLN B 762 -8.99 -10.93 -2.33
N LEU B 763 -7.80 -10.44 -2.66
CA LEU B 763 -7.45 -10.19 -4.05
C LEU B 763 -7.73 -11.42 -4.90
N ASN B 764 -7.77 -12.60 -4.29
CA ASN B 764 -8.16 -13.79 -5.02
C ASN B 764 -9.68 -13.94 -5.01
N ARG B 765 -10.28 -13.85 -3.83
CA ARG B 765 -11.72 -14.03 -3.71
C ARG B 765 -12.46 -13.17 -4.72
N ALA B 766 -11.97 -11.96 -4.94
CA ALA B 766 -12.62 -11.07 -5.88
C ALA B 766 -12.35 -11.51 -7.31
N LEU B 767 -11.35 -12.36 -7.49
CA LEU B 767 -11.03 -12.83 -8.83
C LEU B 767 -11.81 -14.10 -9.14
N THR B 768 -11.98 -14.96 -8.16
CA THR B 768 -12.86 -16.10 -8.34
C THR B 768 -14.29 -15.64 -8.55
N GLY B 769 -14.77 -14.76 -7.67
CA GLY B 769 -16.13 -14.24 -7.82
C GLY B 769 -16.38 -13.67 -9.20
N ILE B 770 -15.31 -13.43 -9.96
CA ILE B 770 -15.46 -13.09 -11.36
C ILE B 770 -15.57 -14.35 -12.20
N ALA B 771 -14.65 -15.28 -11.98
CA ALA B 771 -14.60 -16.47 -12.83
C ALA B 771 -15.91 -17.23 -12.73
N VAL B 772 -16.61 -17.11 -11.62
CA VAL B 772 -17.88 -17.80 -11.46
C VAL B 772 -18.93 -17.13 -12.32
N GLU B 773 -18.88 -15.81 -12.44
CA GLU B 773 -19.93 -15.11 -13.15
C GLU B 773 -19.67 -15.09 -14.64
N GLN B 774 -18.47 -14.72 -15.05
CA GLN B 774 -18.17 -14.67 -16.47
C GLN B 774 -18.40 -16.04 -17.12
N ASP B 775 -18.57 -17.06 -16.28
CA ASP B 775 -19.12 -18.32 -16.77
C ASP B 775 -20.63 -18.24 -16.82
N LYS B 776 -21.26 -17.95 -15.69
CA LYS B 776 -22.71 -17.79 -15.65
C LYS B 776 -23.21 -17.00 -16.85
N ASN B 777 -22.55 -15.88 -17.14
CA ASN B 777 -22.96 -15.06 -18.28
C ASN B 777 -23.10 -15.92 -19.53
N THR B 778 -22.13 -16.78 -19.78
CA THR B 778 -22.15 -17.57 -21.01
C THR B 778 -23.35 -18.49 -21.04
N GLN B 779 -24.09 -18.56 -19.94
CA GLN B 779 -25.22 -19.46 -19.85
C GLN B 779 -26.52 -18.72 -20.07
N GLU B 780 -26.59 -17.48 -19.59
CA GLU B 780 -27.82 -16.71 -19.71
C GLU B 780 -27.93 -16.07 -21.07
N VAL B 781 -26.91 -16.25 -21.90
CA VAL B 781 -26.91 -15.64 -23.23
C VAL B 781 -26.97 -16.69 -24.31
N PHE B 782 -26.64 -17.93 -23.95
CA PHE B 782 -26.53 -19.01 -24.93
C PHE B 782 -27.14 -20.31 -24.48
N ALA B 783 -27.76 -20.36 -23.30
CA ALA B 783 -28.31 -21.59 -22.75
C ALA B 783 -29.73 -21.39 -22.26
N GLN B 784 -30.43 -20.41 -22.80
CA GLN B 784 -31.81 -20.18 -22.41
C GLN B 784 -32.63 -21.45 -22.50
N VAL B 785 -32.72 -22.03 -23.69
CA VAL B 785 -33.49 -23.23 -23.94
C VAL B 785 -32.80 -24.41 -23.28
N LYS B 786 -33.49 -25.54 -23.25
CA LYS B 786 -33.04 -26.74 -22.56
C LYS B 786 -33.25 -28.00 -23.39
N GLN B 787 -33.34 -27.85 -24.71
CA GLN B 787 -33.60 -28.97 -25.59
C GLN B 787 -32.82 -28.80 -26.89
N ILE B 788 -32.10 -29.84 -27.27
CA ILE B 788 -31.19 -29.78 -28.42
C ILE B 788 -31.93 -30.38 -29.61
N TYR B 789 -32.56 -29.50 -30.38
CA TYR B 789 -33.30 -29.94 -31.55
C TYR B 789 -32.35 -30.18 -32.72
N LYS B 790 -32.89 -30.75 -33.79
CA LYS B 790 -32.14 -31.02 -35.00
C LYS B 790 -32.95 -30.62 -36.21
N THR B 791 -32.40 -29.70 -36.99
CA THR B 791 -33.01 -29.38 -38.27
C THR B 791 -33.00 -30.61 -39.17
N PRO B 792 -34.10 -30.88 -39.88
CA PRO B 792 -34.15 -32.06 -40.73
C PRO B 792 -33.09 -32.00 -41.82
N PRO B 793 -32.87 -33.11 -42.51
CA PRO B 793 -31.91 -33.11 -43.59
C PRO B 793 -32.48 -32.53 -44.86
N ILE B 794 -33.75 -32.80 -45.14
CA ILE B 794 -34.40 -32.31 -46.34
C ILE B 794 -35.00 -30.95 -46.03
N LYS B 795 -34.77 -29.99 -46.91
CA LYS B 795 -34.96 -28.60 -46.58
C LYS B 795 -35.79 -27.92 -47.66
N ASP B 796 -37.11 -27.98 -47.49
CA ASP B 796 -38.07 -27.24 -48.30
C ASP B 796 -38.37 -25.98 -47.51
N PHE B 797 -37.57 -24.95 -47.74
CA PHE B 797 -37.56 -23.74 -46.93
C PHE B 797 -38.29 -22.60 -47.62
N GLY B 798 -39.23 -22.93 -48.49
CA GLY B 798 -40.02 -21.91 -49.13
C GLY B 798 -39.27 -21.10 -50.15
N GLY B 799 -37.94 -21.24 -50.20
CA GLY B 799 -37.10 -20.51 -51.11
C GLY B 799 -35.79 -20.06 -50.51
N PHE B 800 -35.57 -20.35 -49.23
CA PHE B 800 -34.41 -19.82 -48.53
C PHE B 800 -33.27 -20.83 -48.54
N ASN B 801 -32.04 -20.33 -48.59
CA ASN B 801 -30.84 -21.15 -48.53
C ASN B 801 -30.05 -20.72 -47.31
N PHE B 802 -30.39 -21.28 -46.16
CA PHE B 802 -29.80 -20.94 -44.87
C PHE B 802 -28.34 -21.31 -44.74
N SER B 803 -27.85 -22.24 -45.58
CA SER B 803 -26.65 -23.01 -45.23
C SER B 803 -25.59 -22.15 -44.57
N GLN B 804 -25.42 -20.92 -45.03
CA GLN B 804 -24.36 -20.08 -44.50
C GLN B 804 -24.46 -19.89 -43.00
N ILE B 805 -25.58 -20.25 -42.38
CA ILE B 805 -25.72 -20.16 -40.93
C ILE B 805 -25.89 -21.53 -40.27
N LEU B 806 -26.42 -22.50 -40.96
CA LEU B 806 -26.55 -23.81 -40.34
C LEU B 806 -25.22 -24.56 -40.39
N PRO B 807 -25.15 -25.73 -39.73
CA PRO B 807 -23.87 -26.40 -39.61
C PRO B 807 -23.53 -27.24 -40.82
N ASP B 808 -22.23 -27.35 -41.09
CA ASP B 808 -21.71 -28.21 -42.13
C ASP B 808 -21.20 -29.49 -41.52
N PRO B 809 -21.76 -30.66 -41.87
CA PRO B 809 -21.28 -31.90 -41.27
C PRO B 809 -19.81 -32.16 -41.57
N SER B 810 -19.23 -31.35 -42.46
CA SER B 810 -17.79 -31.39 -42.70
C SER B 810 -17.00 -31.45 -41.39
N LYS B 811 -17.55 -30.92 -40.32
CA LYS B 811 -16.97 -30.94 -38.99
C LYS B 811 -15.66 -30.15 -38.93
N PRO B 812 -15.65 -28.91 -39.40
CA PRO B 812 -14.66 -27.95 -38.88
C PRO B 812 -15.15 -27.30 -37.59
N SER B 813 -15.41 -28.13 -36.58
CA SER B 813 -15.98 -27.72 -35.30
C SER B 813 -17.49 -27.51 -35.37
N LYS B 814 -18.13 -28.06 -36.38
CA LYS B 814 -19.58 -27.94 -36.57
C LYS B 814 -20.02 -26.49 -36.47
N ARG B 815 -19.27 -25.62 -37.12
CA ARG B 815 -19.62 -24.21 -37.26
C ARG B 815 -20.22 -23.97 -38.64
N SER B 816 -20.82 -22.80 -38.80
CA SER B 816 -21.37 -22.41 -40.08
C SER B 816 -20.47 -21.37 -40.75
N PHE B 817 -20.53 -21.33 -42.07
CA PHE B 817 -19.55 -20.54 -42.82
C PHE B 817 -19.54 -19.10 -42.33
N ILE B 818 -20.69 -18.61 -41.85
CA ILE B 818 -20.70 -17.29 -41.26
C ILE B 818 -20.04 -17.32 -39.90
N GLU B 819 -19.95 -18.49 -39.29
CA GLU B 819 -19.17 -18.65 -38.07
C GLU B 819 -17.70 -18.86 -38.41
N ASP B 820 -17.41 -19.77 -39.34
CA ASP B 820 -16.03 -20.05 -39.69
C ASP B 820 -15.26 -18.77 -39.96
N LEU B 821 -15.89 -17.83 -40.64
CA LEU B 821 -15.26 -16.53 -40.89
C LEU B 821 -15.12 -15.75 -39.60
N LEU B 822 -15.78 -16.20 -38.53
CA LEU B 822 -15.89 -15.37 -37.35
C LEU B 822 -14.98 -15.86 -36.24
N PHE B 823 -14.26 -16.96 -36.49
CA PHE B 823 -13.25 -17.40 -35.53
C PHE B 823 -11.86 -17.19 -36.11
N ASN B 824 -11.77 -17.00 -37.41
CA ASN B 824 -10.49 -16.73 -38.06
C ASN B 824 -10.23 -15.24 -38.22
N LYS B 825 -11.25 -14.42 -38.14
CA LYS B 825 -11.08 -12.97 -38.18
C LYS B 825 -10.90 -12.36 -36.80
N VAL B 826 -10.35 -13.12 -35.87
CA VAL B 826 -9.97 -12.62 -34.56
C VAL B 826 -8.57 -13.14 -34.25
N THR B 827 -7.70 -12.24 -33.81
CA THR B 827 -6.32 -12.59 -33.47
C THR B 827 -6.17 -12.46 -31.96
N LEU B 828 -6.20 -13.59 -31.25
CA LEU B 828 -6.08 -13.59 -29.80
C LEU B 828 -4.76 -12.99 -29.35
N PHE B 855 5.61 -19.05 -16.23
CA PHE B 855 5.14 -17.71 -15.98
C PHE B 855 5.38 -17.35 -14.52
N ASN B 856 4.72 -16.32 -14.04
CA ASN B 856 4.99 -15.76 -12.72
C ASN B 856 3.76 -15.80 -11.82
N GLY B 857 3.08 -16.94 -11.81
CA GLY B 857 1.98 -17.13 -10.90
C GLY B 857 0.66 -16.62 -11.41
N LEU B 858 0.64 -16.05 -12.60
CA LEU B 858 -0.60 -15.64 -13.24
C LEU B 858 -1.11 -16.83 -14.04
N THR B 859 -2.25 -17.37 -13.63
CA THR B 859 -2.83 -18.53 -14.28
C THR B 859 -4.06 -18.10 -15.05
N VAL B 860 -4.18 -18.62 -16.27
CA VAL B 860 -5.34 -18.43 -17.11
C VAL B 860 -6.10 -19.74 -17.12
N LEU B 861 -7.34 -19.66 -17.14
CA LEU B 861 -8.20 -20.81 -16.97
C LEU B 861 -9.02 -21.08 -18.23
N PRO B 862 -9.65 -22.24 -18.31
CA PRO B 862 -10.60 -22.49 -19.34
C PRO B 862 -11.99 -22.19 -18.87
N PRO B 863 -12.95 -22.14 -19.79
CA PRO B 863 -14.33 -21.91 -19.41
C PRO B 863 -15.11 -23.19 -19.20
N LEU B 864 -16.34 -23.03 -18.73
CA LEU B 864 -17.20 -24.18 -18.49
C LEU B 864 -17.76 -24.72 -19.79
N LEU B 865 -18.19 -23.84 -20.67
CA LEU B 865 -18.68 -24.20 -21.98
C LEU B 865 -17.57 -24.02 -22.99
N THR B 866 -17.68 -24.70 -24.12
CA THR B 866 -16.63 -24.69 -25.12
C THR B 866 -16.98 -23.76 -26.27
N ASP B 867 -15.97 -23.52 -27.10
CA ASP B 867 -16.23 -22.93 -28.41
C ASP B 867 -17.01 -23.89 -29.28
N GLU B 868 -17.13 -25.15 -28.85
CA GLU B 868 -17.81 -26.14 -29.68
C GLU B 868 -19.25 -26.34 -29.23
N MET B 869 -19.44 -26.71 -27.97
CA MET B 869 -20.78 -26.82 -27.42
C MET B 869 -21.60 -25.59 -27.75
N ILE B 870 -21.08 -24.41 -27.42
CA ILE B 870 -21.76 -23.18 -27.76
C ILE B 870 -22.25 -23.23 -29.19
N ALA B 871 -21.35 -23.53 -30.12
CA ALA B 871 -21.75 -23.63 -31.51
C ALA B 871 -22.84 -24.67 -31.69
N GLN B 872 -23.01 -25.53 -30.70
CA GLN B 872 -24.06 -26.53 -30.78
C GLN B 872 -25.37 -25.99 -30.23
N TYR B 873 -25.30 -25.24 -29.14
CA TYR B 873 -26.49 -24.60 -28.60
C TYR B 873 -27.19 -23.80 -29.70
N THR B 874 -26.45 -22.88 -30.32
CA THR B 874 -26.99 -22.05 -31.37
C THR B 874 -27.80 -22.87 -32.37
N SER B 875 -27.17 -23.88 -32.96
CA SER B 875 -27.86 -24.72 -33.93
C SER B 875 -29.29 -25.00 -33.51
N ALA B 876 -29.48 -25.33 -32.23
CA ALA B 876 -30.83 -25.58 -31.75
C ALA B 876 -31.71 -24.37 -31.98
N LEU B 877 -31.21 -23.20 -31.63
CA LEU B 877 -32.01 -21.99 -31.81
C LEU B 877 -32.29 -21.75 -33.29
N LEU B 878 -31.25 -21.76 -34.11
CA LEU B 878 -31.46 -21.63 -35.55
C LEU B 878 -32.44 -22.67 -36.05
N ALA B 879 -32.59 -23.77 -35.33
CA ALA B 879 -33.58 -24.77 -35.72
C ALA B 879 -34.94 -24.42 -35.16
N GLY B 880 -35.04 -24.30 -33.84
CA GLY B 880 -36.33 -24.03 -33.22
C GLY B 880 -37.03 -22.86 -33.86
N THR B 881 -36.28 -21.81 -34.19
CA THR B 881 -36.87 -20.66 -34.86
C THR B 881 -37.33 -21.04 -36.25
N ILE B 882 -36.40 -21.52 -37.08
CA ILE B 882 -36.71 -21.78 -38.48
C ILE B 882 -37.75 -22.87 -38.64
N THR B 883 -38.05 -23.62 -37.58
CA THR B 883 -38.84 -24.82 -37.71
C THR B 883 -40.10 -24.80 -36.88
N SER B 884 -40.06 -24.16 -35.72
CA SER B 884 -41.13 -24.29 -34.74
C SER B 884 -41.61 -22.95 -34.21
N GLY B 885 -41.12 -21.85 -34.75
CA GLY B 885 -41.68 -20.57 -34.41
C GLY B 885 -41.46 -20.20 -32.97
N TRP B 886 -41.93 -19.03 -32.59
CA TRP B 886 -41.69 -18.50 -31.26
C TRP B 886 -42.31 -19.34 -30.17
N THR B 887 -43.06 -20.37 -30.52
CA THR B 887 -43.71 -21.21 -29.53
C THR B 887 -42.75 -21.71 -28.46
N PHE B 888 -41.49 -21.93 -28.79
CA PHE B 888 -40.59 -22.60 -27.87
C PHE B 888 -39.95 -21.66 -26.87
N GLY B 889 -40.56 -20.50 -26.64
CA GLY B 889 -40.15 -19.62 -25.55
C GLY B 889 -41.19 -19.70 -24.47
N ALA B 890 -42.15 -20.60 -24.67
CA ALA B 890 -43.27 -20.78 -23.77
C ALA B 890 -43.47 -22.24 -23.40
N GLY B 891 -42.80 -23.15 -24.10
CA GLY B 891 -42.89 -24.54 -23.79
C GLY B 891 -42.73 -25.45 -24.99
N ALA B 892 -43.50 -26.52 -25.01
CA ALA B 892 -43.39 -27.53 -26.04
C ALA B 892 -43.50 -26.89 -27.41
N ALA B 893 -42.42 -26.99 -28.18
CA ALA B 893 -42.37 -26.35 -29.48
C ALA B 893 -43.47 -26.89 -30.37
N LEU B 894 -43.88 -26.08 -31.33
CA LEU B 894 -44.90 -26.43 -32.31
C LEU B 894 -44.39 -26.10 -33.69
N GLN B 895 -44.64 -26.99 -34.64
CA GLN B 895 -44.10 -26.83 -35.97
C GLN B 895 -44.99 -25.98 -36.86
N ILE B 896 -44.37 -25.23 -37.75
CA ILE B 896 -45.07 -24.52 -38.81
C ILE B 896 -44.06 -23.97 -39.82
N PRO B 897 -44.34 -24.01 -41.11
CA PRO B 897 -43.31 -23.65 -42.10
C PRO B 897 -43.00 -22.17 -42.12
N PHE B 898 -42.04 -21.81 -42.95
CA PHE B 898 -41.64 -20.42 -43.04
C PHE B 898 -42.68 -19.61 -43.76
N ALA B 899 -43.11 -20.07 -44.93
CA ALA B 899 -44.03 -19.29 -45.74
C ALA B 899 -45.20 -18.83 -44.89
N MET B 900 -45.41 -19.48 -43.76
CA MET B 900 -46.40 -19.04 -42.81
C MET B 900 -45.78 -18.28 -41.65
N GLN B 901 -44.65 -18.78 -41.12
CA GLN B 901 -44.07 -18.14 -39.93
C GLN B 901 -43.88 -16.65 -40.14
N MET B 902 -43.64 -16.24 -41.39
CA MET B 902 -43.57 -14.82 -41.66
C MET B 902 -44.95 -14.26 -41.89
N ALA B 903 -45.83 -15.06 -42.47
CA ALA B 903 -47.22 -14.64 -42.62
C ALA B 903 -47.80 -14.30 -41.26
N TYR B 904 -47.19 -14.83 -40.21
CA TYR B 904 -47.45 -14.32 -38.87
C TYR B 904 -46.73 -13.01 -38.67
N ARG B 905 -45.42 -13.02 -38.93
CA ARG B 905 -44.58 -11.92 -38.49
C ARG B 905 -44.97 -10.64 -39.21
N PHE B 906 -45.46 -10.77 -40.43
CA PHE B 906 -45.93 -9.59 -41.14
C PHE B 906 -47.15 -9.02 -40.46
N ASN B 907 -47.82 -9.83 -39.65
CA ASN B 907 -49.01 -9.36 -38.97
C ASN B 907 -48.65 -8.48 -37.79
N GLY B 908 -47.36 -8.26 -37.58
CA GLY B 908 -46.93 -7.44 -36.46
C GLY B 908 -46.23 -6.18 -36.89
N ILE B 909 -45.55 -6.23 -38.04
CA ILE B 909 -44.86 -5.07 -38.56
C ILE B 909 -45.84 -4.22 -39.33
N GLY B 910 -47.07 -4.71 -39.46
CA GLY B 910 -48.13 -3.95 -40.07
C GLY B 910 -48.35 -4.22 -41.54
N VAL B 911 -48.25 -5.47 -41.96
CA VAL B 911 -48.57 -5.89 -43.31
C VAL B 911 -49.45 -7.12 -43.21
N THR B 912 -50.51 -7.16 -44.00
CA THR B 912 -51.32 -8.34 -44.02
C THR B 912 -50.54 -9.50 -44.62
N GLN B 913 -51.16 -10.67 -44.63
CA GLN B 913 -50.44 -11.89 -44.96
C GLN B 913 -50.21 -11.97 -46.45
N ASN B 914 -51.10 -11.38 -47.24
CA ASN B 914 -51.06 -11.57 -48.67
C ASN B 914 -49.69 -11.25 -49.25
N VAL B 915 -48.99 -10.28 -48.67
CA VAL B 915 -47.79 -9.78 -49.31
C VAL B 915 -46.67 -10.81 -49.25
N LEU B 916 -46.86 -11.85 -48.44
CA LEU B 916 -45.81 -12.86 -48.32
C LEU B 916 -46.10 -14.04 -49.22
N TYR B 917 -47.36 -14.44 -49.30
CA TYR B 917 -47.73 -15.50 -50.21
C TYR B 917 -47.78 -15.00 -51.65
N GLU B 918 -47.76 -13.69 -51.82
CA GLU B 918 -47.79 -13.08 -53.14
C GLU B 918 -46.42 -12.92 -53.75
N ASN B 919 -45.53 -12.20 -53.09
CA ASN B 919 -44.19 -11.91 -53.57
C ASN B 919 -43.14 -12.78 -52.88
N GLN B 920 -43.48 -14.04 -52.68
CA GLN B 920 -42.60 -14.94 -51.94
C GLN B 920 -41.20 -14.96 -52.55
N LYS B 921 -41.09 -15.39 -53.80
CA LYS B 921 -39.79 -15.52 -54.44
C LYS B 921 -38.93 -14.29 -54.20
N LEU B 922 -39.40 -13.13 -54.66
CA LEU B 922 -38.68 -11.89 -54.42
C LEU B 922 -38.18 -11.84 -52.98
N ILE B 923 -39.08 -12.00 -52.02
CA ILE B 923 -38.67 -12.01 -50.62
C ILE B 923 -37.58 -13.03 -50.41
N ALA B 924 -37.65 -14.14 -51.14
CA ALA B 924 -36.62 -15.15 -51.01
C ALA B 924 -35.35 -14.71 -51.71
N ASN B 925 -35.47 -14.30 -52.98
CA ASN B 925 -34.29 -13.85 -53.71
C ASN B 925 -33.65 -12.67 -53.02
N GLN B 926 -34.32 -12.12 -52.00
CA GLN B 926 -33.70 -11.07 -51.20
C GLN B 926 -32.88 -11.67 -50.07
N PHE B 927 -33.48 -12.55 -49.30
CA PHE B 927 -32.78 -13.13 -48.16
C PHE B 927 -31.52 -13.84 -48.62
N ASN B 928 -31.66 -14.79 -49.54
CA ASN B 928 -30.49 -15.49 -50.06
C ASN B 928 -29.41 -14.52 -50.47
N SER B 929 -29.76 -13.51 -51.28
CA SER B 929 -28.79 -12.50 -51.66
C SER B 929 -28.42 -11.62 -50.48
N ALA B 930 -29.38 -11.37 -49.60
CA ALA B 930 -29.13 -10.46 -48.48
C ALA B 930 -28.03 -10.98 -47.57
N ILE B 931 -27.70 -12.26 -47.69
CA ILE B 931 -26.79 -12.87 -46.74
C ILE B 931 -25.35 -12.65 -47.19
N GLY B 932 -25.01 -13.12 -48.38
CA GLY B 932 -23.65 -12.94 -48.87
C GLY B 932 -23.24 -11.47 -48.83
N LYS B 933 -24.21 -10.57 -48.79
CA LYS B 933 -23.89 -9.17 -48.59
C LYS B 933 -23.35 -8.94 -47.19
N ILE B 934 -23.57 -9.91 -46.29
CA ILE B 934 -22.99 -9.85 -44.96
C ILE B 934 -21.65 -10.55 -44.95
N GLN B 935 -21.59 -11.73 -45.54
CA GLN B 935 -20.37 -12.52 -45.55
C GLN B 935 -19.16 -11.66 -45.92
N ASP B 936 -19.16 -11.13 -47.13
CA ASP B 936 -18.06 -10.27 -47.54
C ASP B 936 -17.96 -9.05 -46.64
N SER B 937 -19.11 -8.53 -46.19
CA SER B 937 -19.09 -7.32 -45.37
C SER B 937 -18.36 -7.56 -44.08
N LEU B 938 -18.04 -8.82 -43.78
CA LEU B 938 -17.12 -9.11 -42.69
C LEU B 938 -15.83 -9.72 -43.22
N SER B 939 -15.93 -10.62 -44.20
CA SER B 939 -14.77 -11.37 -44.67
C SER B 939 -13.69 -10.42 -45.17
N SER B 940 -14.01 -9.62 -46.19
CA SER B 940 -13.04 -8.71 -46.80
C SER B 940 -12.89 -7.42 -45.98
N THR B 941 -13.91 -7.08 -45.20
CA THR B 941 -13.92 -5.80 -44.53
C THR B 941 -13.28 -5.89 -43.16
N PRO B 942 -12.64 -4.80 -42.75
CA PRO B 942 -12.08 -4.65 -41.42
C PRO B 942 -12.88 -3.60 -40.65
N SER B 943 -12.43 -3.28 -39.45
CA SER B 943 -13.11 -2.31 -38.59
C SER B 943 -14.57 -2.69 -38.38
N ALA B 944 -14.83 -3.99 -38.36
CA ALA B 944 -16.18 -4.51 -38.18
C ALA B 944 -16.35 -5.37 -36.94
N LEU B 945 -15.31 -6.10 -36.53
CA LEU B 945 -15.36 -6.95 -35.35
C LEU B 945 -14.63 -6.31 -34.19
N GLY B 946 -14.55 -4.99 -34.21
CA GLY B 946 -13.69 -4.28 -33.28
C GLY B 946 -13.96 -4.66 -31.83
N LYS B 947 -15.21 -4.55 -31.40
CA LYS B 947 -15.51 -4.65 -29.98
C LYS B 947 -14.88 -5.90 -29.38
N LEU B 948 -15.22 -7.07 -29.90
CA LEU B 948 -14.68 -8.30 -29.34
C LEU B 948 -13.16 -8.28 -29.34
N GLN B 949 -12.58 -7.45 -30.19
CA GLN B 949 -11.12 -7.30 -30.17
C GLN B 949 -10.72 -6.21 -29.19
N ASP B 950 -11.56 -5.18 -29.04
CA ASP B 950 -11.26 -4.11 -28.10
C ASP B 950 -11.28 -4.62 -26.66
N VAL B 951 -11.81 -5.82 -26.45
CA VAL B 951 -11.92 -6.35 -25.11
C VAL B 951 -10.70 -7.16 -24.74
N VAL B 952 -10.47 -8.25 -25.46
CA VAL B 952 -9.35 -9.14 -25.14
C VAL B 952 -8.09 -8.34 -24.94
N ASN B 953 -7.78 -7.44 -25.88
CA ASN B 953 -6.66 -6.53 -25.69
C ASN B 953 -6.71 -5.92 -24.30
N GLN B 954 -7.84 -5.30 -23.95
CA GLN B 954 -7.95 -4.65 -22.66
C GLN B 954 -7.73 -5.62 -21.51
N ASN B 955 -7.70 -6.92 -21.81
CA ASN B 955 -7.37 -7.90 -20.80
C ASN B 955 -6.00 -8.50 -21.08
N ALA B 956 -5.42 -8.14 -22.21
CA ALA B 956 -4.07 -8.58 -22.52
C ALA B 956 -3.05 -7.54 -22.10
N GLN B 957 -3.18 -6.33 -22.61
CA GLN B 957 -2.28 -5.26 -22.19
C GLN B 957 -2.32 -5.09 -20.69
N ALA B 958 -3.46 -5.37 -20.08
CA ALA B 958 -3.58 -5.20 -18.64
C ALA B 958 -2.70 -6.18 -17.91
N LEU B 959 -2.64 -7.41 -18.39
CA LEU B 959 -1.77 -8.39 -17.78
C LEU B 959 -0.33 -7.96 -17.89
N ASN B 960 0.14 -7.73 -19.10
CA ASN B 960 1.52 -7.33 -19.30
C ASN B 960 1.88 -6.16 -18.40
N THR B 961 0.93 -5.27 -18.17
CA THR B 961 1.18 -4.13 -17.30
C THR B 961 1.28 -4.58 -15.85
N LEU B 962 1.03 -5.86 -15.59
CA LEU B 962 1.27 -6.39 -14.26
C LEU B 962 2.68 -6.92 -14.14
N VAL B 963 3.23 -7.37 -15.27
CA VAL B 963 4.58 -7.91 -15.25
C VAL B 963 5.60 -6.80 -15.15
N LYS B 964 5.53 -5.85 -16.08
CA LYS B 964 6.48 -4.74 -16.08
C LYS B 964 6.66 -4.16 -14.69
N GLN B 965 5.62 -4.27 -13.86
CA GLN B 965 5.76 -3.83 -12.49
C GLN B 965 6.46 -4.86 -11.65
N LEU B 966 6.61 -6.07 -12.17
CA LEU B 966 7.54 -7.03 -11.61
C LEU B 966 8.96 -6.77 -12.06
N SER B 967 9.22 -5.63 -12.69
CA SER B 967 10.56 -5.28 -13.11
C SER B 967 10.80 -3.80 -12.85
N SER B 968 10.13 -3.28 -11.83
CA SER B 968 10.36 -1.93 -11.35
C SER B 968 10.66 -1.99 -9.86
N ASN B 969 11.69 -1.25 -9.46
CA ASN B 969 12.20 -1.39 -8.10
C ASN B 969 11.24 -0.81 -7.07
N PHE B 970 10.27 -0.03 -7.53
CA PHE B 970 9.34 0.69 -6.66
C PHE B 970 10.05 1.29 -5.45
N GLY B 971 11.29 1.73 -5.63
CA GLY B 971 11.95 2.47 -4.59
C GLY B 971 12.95 1.69 -3.79
N ALA B 972 13.68 0.78 -4.40
CA ALA B 972 14.65 -0.03 -3.69
C ALA B 972 15.90 -0.20 -4.53
N ILE B 973 16.87 -0.93 -3.97
CA ILE B 973 18.12 -1.16 -4.70
C ILE B 973 17.84 -1.81 -6.05
N SER B 974 17.23 -2.99 -6.03
CA SER B 974 16.95 -3.73 -7.25
C SER B 974 15.52 -4.23 -7.19
N SER B 975 15.17 -5.09 -8.13
CA SER B 975 13.80 -5.56 -8.32
C SER B 975 13.68 -7.06 -8.15
N VAL B 976 14.79 -7.76 -8.02
CA VAL B 976 14.78 -9.20 -7.86
C VAL B 976 15.27 -9.53 -6.46
N LEU B 977 14.39 -10.13 -5.65
CA LEU B 977 14.64 -10.28 -4.23
C LEU B 977 15.94 -11.01 -3.94
N ASN B 978 16.02 -12.29 -4.33
CA ASN B 978 17.18 -13.11 -3.99
C ASN B 978 18.47 -12.33 -4.10
N ASP B 979 18.63 -11.58 -5.19
CA ASP B 979 19.79 -10.70 -5.30
C ASP B 979 19.85 -9.76 -4.11
N ILE B 980 18.72 -9.14 -3.78
CA ILE B 980 18.71 -8.13 -2.72
C ILE B 980 19.07 -8.76 -1.39
N LEU B 981 18.89 -10.07 -1.26
CA LEU B 981 19.28 -10.75 -0.03
C LEU B 981 20.80 -10.81 0.11
N SER B 982 21.47 -11.24 -0.94
CA SER B 982 22.91 -11.45 -0.86
C SER B 982 23.66 -10.16 -0.60
N ARG B 983 23.20 -9.03 -1.14
CA ARG B 983 23.95 -7.78 -1.05
C ARG B 983 23.72 -7.04 0.24
N LEU B 984 22.75 -7.46 1.05
CA LEU B 984 22.44 -6.79 2.30
C LEU B 984 22.09 -7.81 3.37
N ASP B 985 21.90 -7.32 4.57
CA ASP B 985 21.50 -8.11 5.72
C ASP B 985 20.18 -7.60 6.29
N PRO B 986 19.52 -8.41 7.11
CA PRO B 986 18.12 -8.16 7.49
C PRO B 986 17.82 -6.71 7.79
N PRO B 987 18.53 -6.11 8.74
CA PRO B 987 18.08 -4.83 9.30
C PRO B 987 17.77 -3.79 8.23
N GLU B 988 18.29 -4.00 7.02
CA GLU B 988 17.85 -3.20 5.89
C GLU B 988 17.44 -4.06 4.71
N ALA B 989 18.07 -5.23 4.55
CA ALA B 989 17.55 -6.20 3.58
C ALA B 989 16.07 -6.44 3.83
N GLU B 990 15.66 -6.36 5.09
CA GLU B 990 14.24 -6.31 5.41
C GLU B 990 13.56 -5.15 4.71
N VAL B 991 14.01 -3.93 4.99
CA VAL B 991 13.30 -2.74 4.53
C VAL B 991 13.07 -2.79 3.04
N GLN B 992 14.16 -2.86 2.27
CA GLN B 992 14.04 -2.83 0.82
C GLN B 992 12.96 -3.80 0.34
N ILE B 993 12.69 -4.84 1.12
CA ILE B 993 11.61 -5.74 0.75
C ILE B 993 10.28 -5.07 0.96
N ASP B 994 10.15 -4.31 2.05
CA ASP B 994 8.89 -3.63 2.32
C ASP B 994 8.66 -2.53 1.30
N ARG B 995 9.72 -1.85 0.90
CA ARG B 995 9.60 -0.88 -0.18
C ARG B 995 9.25 -1.58 -1.48
N LEU B 996 9.47 -2.90 -1.53
CA LEU B 996 9.13 -3.67 -2.72
C LEU B 996 7.71 -4.19 -2.62
N ILE B 997 7.40 -4.85 -1.52
CA ILE B 997 6.08 -5.45 -1.36
C ILE B 997 4.99 -4.42 -1.66
N THR B 998 4.97 -3.32 -0.92
CA THR B 998 4.02 -2.26 -1.21
C THR B 998 4.12 -1.86 -2.67
N GLY B 999 5.33 -1.87 -3.21
CA GLY B 999 5.48 -1.59 -4.61
C GLY B 999 4.85 -2.66 -5.48
N ARG B 1000 4.42 -3.75 -4.87
CA ARG B 1000 3.87 -4.84 -5.66
C ARG B 1000 2.39 -5.05 -5.34
N LEU B 1001 2.08 -5.33 -4.08
CA LEU B 1001 0.69 -5.52 -3.70
C LEU B 1001 -0.20 -4.46 -4.30
N GLN B 1002 0.18 -3.20 -4.12
CA GLN B 1002 -0.59 -2.09 -4.67
C GLN B 1002 -0.99 -2.38 -6.10
N SER B 1003 -0.02 -2.67 -6.96
CA SER B 1003 -0.30 -2.92 -8.35
C SER B 1003 -1.46 -3.91 -8.49
N LEU B 1004 -1.33 -5.06 -7.87
CA LEU B 1004 -2.42 -6.02 -7.85
C LEU B 1004 -3.73 -5.35 -7.52
N GLN B 1005 -3.79 -4.67 -6.38
CA GLN B 1005 -5.02 -4.00 -5.98
C GLN B 1005 -5.46 -3.02 -7.04
N THR B 1006 -4.56 -2.63 -7.93
CA THR B 1006 -4.94 -1.79 -9.05
C THR B 1006 -5.43 -2.66 -10.19
N TYR B 1007 -4.84 -3.84 -10.32
CA TYR B 1007 -5.31 -4.78 -11.34
C TYR B 1007 -6.73 -5.20 -11.07
N VAL B 1008 -6.98 -5.80 -9.91
CA VAL B 1008 -8.29 -6.36 -9.63
C VAL B 1008 -9.38 -5.32 -9.86
N THR B 1009 -9.05 -4.05 -9.71
CA THR B 1009 -10.04 -3.01 -9.90
C THR B 1009 -10.35 -2.82 -11.37
N GLN B 1010 -9.31 -2.66 -12.18
CA GLN B 1010 -9.50 -2.65 -13.62
C GLN B 1010 -9.87 -4.03 -14.14
N GLN B 1011 -10.03 -5.00 -13.24
CA GLN B 1011 -10.43 -6.34 -13.64
C GLN B 1011 -11.78 -6.68 -13.04
N LEU B 1012 -12.14 -6.01 -11.94
CA LEU B 1012 -13.51 -6.04 -11.47
C LEU B 1012 -14.40 -5.22 -12.38
N ILE B 1013 -14.05 -3.95 -12.58
CA ILE B 1013 -14.90 -3.05 -13.34
C ILE B 1013 -15.17 -3.62 -14.71
N ARG B 1014 -14.12 -3.82 -15.50
CA ARG B 1014 -14.29 -4.32 -16.84
C ARG B 1014 -15.00 -5.66 -16.84
N ALA B 1015 -15.03 -6.31 -15.68
CA ALA B 1015 -15.81 -7.54 -15.55
C ALA B 1015 -17.23 -7.20 -15.17
N ALA B 1016 -17.55 -5.91 -15.14
CA ALA B 1016 -18.90 -5.49 -14.84
C ALA B 1016 -19.57 -4.92 -16.09
N GLU B 1017 -18.85 -4.06 -16.81
CA GLU B 1017 -19.38 -3.52 -18.05
C GLU B 1017 -19.87 -4.65 -18.94
N ILE B 1018 -19.03 -5.66 -19.16
CA ILE B 1018 -19.45 -6.81 -19.94
C ILE B 1018 -20.78 -7.32 -19.43
N ARG B 1019 -20.90 -7.50 -18.12
CA ARG B 1019 -22.15 -7.99 -17.56
C ARG B 1019 -23.33 -7.21 -18.10
N ALA B 1020 -23.35 -5.90 -17.86
CA ALA B 1020 -24.40 -5.06 -18.42
C ALA B 1020 -24.43 -5.17 -19.94
N SER B 1021 -23.31 -5.57 -20.55
CA SER B 1021 -23.29 -5.74 -21.99
C SER B 1021 -23.65 -7.16 -22.37
N ALA B 1022 -23.94 -7.99 -21.37
CA ALA B 1022 -24.39 -9.33 -21.63
C ALA B 1022 -25.85 -9.49 -21.24
N ASN B 1023 -26.17 -9.11 -20.01
CA ASN B 1023 -27.55 -9.13 -19.57
C ASN B 1023 -28.47 -8.50 -20.61
N LEU B 1024 -27.91 -7.61 -21.43
CA LEU B 1024 -28.62 -7.19 -22.63
C LEU B 1024 -28.54 -8.27 -23.68
N ALA B 1025 -27.34 -8.77 -23.93
CA ALA B 1025 -27.18 -9.83 -24.90
C ALA B 1025 -27.91 -11.08 -24.45
N ALA B 1026 -28.23 -11.14 -23.17
CA ALA B 1026 -28.99 -12.27 -22.67
C ALA B 1026 -30.44 -12.14 -23.07
N THR B 1027 -30.86 -10.93 -23.41
CA THR B 1027 -32.24 -10.69 -23.75
C THR B 1027 -32.44 -10.81 -25.25
N LYS B 1028 -31.54 -10.22 -26.02
CA LYS B 1028 -31.67 -10.24 -27.46
C LYS B 1028 -31.77 -11.67 -27.98
N MET B 1029 -31.38 -12.64 -27.15
CA MET B 1029 -31.57 -14.04 -27.54
C MET B 1029 -32.80 -14.59 -26.88
N SER B 1030 -33.60 -13.72 -26.29
CA SER B 1030 -34.89 -14.13 -25.76
C SER B 1030 -35.94 -13.07 -26.03
N GLU B 1031 -35.57 -12.01 -26.74
CA GLU B 1031 -36.51 -10.99 -27.16
C GLU B 1031 -36.44 -10.70 -28.65
N CYS B 1032 -35.48 -11.28 -29.35
CA CYS B 1032 -35.44 -11.17 -30.80
C CYS B 1032 -35.21 -12.49 -31.50
N VAL B 1033 -34.64 -13.48 -30.82
CA VAL B 1033 -34.46 -14.79 -31.42
C VAL B 1033 -35.59 -15.71 -31.02
N LEU B 1034 -35.95 -15.68 -29.75
CA LEU B 1034 -37.07 -16.44 -29.25
C LEU B 1034 -38.41 -15.79 -29.56
N GLY B 1035 -38.41 -14.76 -30.39
CA GLY B 1035 -39.67 -14.16 -30.77
C GLY B 1035 -39.48 -12.78 -31.34
N GLN B 1036 -40.61 -12.09 -31.51
CA GLN B 1036 -40.67 -10.77 -32.10
C GLN B 1036 -40.57 -9.71 -31.02
N SER B 1037 -40.29 -8.49 -31.45
CA SER B 1037 -40.18 -7.34 -30.56
C SER B 1037 -40.62 -6.10 -31.31
N LYS B 1038 -41.84 -5.66 -31.06
CA LYS B 1038 -42.42 -4.52 -31.73
C LYS B 1038 -41.68 -3.23 -31.43
N ARG B 1039 -40.62 -3.30 -30.64
CA ARG B 1039 -39.78 -2.15 -30.36
C ARG B 1039 -39.08 -1.68 -31.61
N VAL B 1040 -38.29 -0.61 -31.46
CA VAL B 1040 -37.62 0.00 -32.60
C VAL B 1040 -36.15 0.19 -32.26
N ASP B 1041 -35.29 0.02 -33.26
CA ASP B 1041 -33.85 0.22 -33.16
C ASP B 1041 -33.20 -0.73 -32.18
N PHE B 1042 -33.97 -1.63 -31.58
CA PHE B 1042 -33.39 -2.58 -30.65
C PHE B 1042 -32.56 -3.63 -31.36
N CYS B 1043 -33.19 -4.40 -32.23
CA CYS B 1043 -32.55 -5.48 -32.98
C CYS B 1043 -32.44 -5.11 -34.44
N GLY B 1044 -32.13 -3.85 -34.71
CA GLY B 1044 -31.83 -3.41 -36.05
C GLY B 1044 -32.73 -2.27 -36.49
N LYS B 1045 -32.31 -1.62 -37.56
CA LYS B 1045 -33.06 -0.51 -38.12
C LYS B 1045 -34.14 -1.06 -39.02
N GLY B 1046 -35.38 -0.87 -38.62
CA GLY B 1046 -36.53 -1.32 -39.37
C GLY B 1046 -37.48 -2.13 -38.50
N TYR B 1047 -38.73 -2.10 -38.91
CA TYR B 1047 -39.73 -2.96 -38.27
C TYR B 1047 -39.17 -4.37 -38.27
N HIS B 1048 -39.06 -4.96 -37.10
CA HIS B 1048 -38.34 -6.21 -36.98
C HIS B 1048 -39.20 -7.38 -37.42
N LEU B 1049 -38.56 -8.43 -37.90
CA LEU B 1049 -39.22 -9.61 -38.40
C LEU B 1049 -38.87 -10.84 -37.57
N MET B 1050 -37.58 -11.08 -37.40
CA MET B 1050 -37.08 -12.27 -36.75
C MET B 1050 -35.57 -12.15 -36.67
N SER B 1051 -34.94 -13.17 -36.13
CA SER B 1051 -33.50 -13.18 -35.97
C SER B 1051 -32.94 -14.51 -36.41
N PHE B 1052 -31.62 -14.56 -36.44
CA PHE B 1052 -30.86 -15.75 -36.72
C PHE B 1052 -29.50 -15.54 -36.06
N PRO B 1053 -29.29 -16.09 -34.87
CA PRO B 1053 -28.04 -15.86 -34.16
C PRO B 1053 -26.89 -16.70 -34.68
N GLN B 1054 -25.75 -16.51 -34.04
CA GLN B 1054 -24.51 -17.15 -34.42
C GLN B 1054 -23.59 -17.17 -33.22
N SER B 1055 -22.55 -17.98 -33.32
CA SER B 1055 -21.59 -18.10 -32.23
C SER B 1055 -20.33 -17.33 -32.57
N ALA B 1056 -19.47 -17.20 -31.58
CA ALA B 1056 -18.24 -16.47 -31.76
C ALA B 1056 -17.27 -16.77 -30.63
N PRO B 1057 -16.06 -16.25 -30.70
CA PRO B 1057 -15.04 -16.64 -29.72
C PRO B 1057 -15.43 -16.39 -28.28
N HIS B 1058 -15.77 -15.14 -27.96
CA HIS B 1058 -16.04 -14.76 -26.58
C HIS B 1058 -17.32 -13.97 -26.51
N GLY B 1059 -18.23 -14.24 -27.44
CA GLY B 1059 -19.47 -13.49 -27.44
C GLY B 1059 -20.48 -14.08 -28.38
N VAL B 1060 -21.20 -13.20 -29.04
CA VAL B 1060 -22.30 -13.57 -29.92
C VAL B 1060 -22.40 -12.54 -31.03
N VAL B 1061 -22.93 -12.96 -32.16
CA VAL B 1061 -23.25 -12.08 -33.27
C VAL B 1061 -24.66 -12.42 -33.70
N PHE B 1062 -25.59 -11.53 -33.40
CA PHE B 1062 -26.96 -11.69 -33.84
C PHE B 1062 -27.06 -11.20 -35.27
N LEU B 1063 -27.73 -11.96 -36.10
CA LEU B 1063 -28.14 -11.51 -37.42
C LEU B 1063 -29.62 -11.15 -37.31
N HIS B 1064 -29.91 -9.87 -37.42
CA HIS B 1064 -31.28 -9.39 -37.32
C HIS B 1064 -31.84 -9.20 -38.72
N VAL B 1065 -33.15 -9.36 -38.86
CA VAL B 1065 -33.85 -9.11 -40.11
C VAL B 1065 -34.93 -8.09 -39.85
N THR B 1066 -35.14 -7.18 -40.79
CA THR B 1066 -36.11 -6.12 -40.65
C THR B 1066 -36.81 -5.86 -41.97
N TYR B 1067 -37.78 -4.95 -41.93
CA TYR B 1067 -38.63 -4.65 -43.05
C TYR B 1067 -38.44 -3.19 -43.44
N VAL B 1068 -37.78 -2.97 -44.56
CA VAL B 1068 -37.39 -1.63 -44.96
C VAL B 1068 -38.18 -1.26 -46.21
N PRO B 1069 -38.89 -0.15 -46.22
CA PRO B 1069 -39.68 0.23 -47.38
C PRO B 1069 -38.84 0.83 -48.48
N ALA B 1070 -39.27 0.59 -49.71
CA ALA B 1070 -38.69 1.23 -50.87
C ALA B 1070 -39.80 1.70 -51.80
N GLN B 1071 -39.44 2.63 -52.68
CA GLN B 1071 -40.36 3.14 -53.69
C GLN B 1071 -41.59 3.75 -53.04
N GLU B 1072 -41.34 4.75 -52.23
CA GLU B 1072 -42.40 5.57 -51.66
C GLU B 1072 -43.10 6.37 -52.74
N LYS B 1073 -44.39 6.59 -52.55
CA LYS B 1073 -45.16 7.54 -53.32
C LYS B 1073 -46.10 8.26 -52.36
N ASN B 1074 -47.06 8.99 -52.90
CA ASN B 1074 -47.90 9.86 -52.09
C ASN B 1074 -49.27 10.02 -52.72
N PHE B 1075 -50.22 10.45 -51.90
CA PHE B 1075 -51.62 10.51 -52.22
C PHE B 1075 -52.29 11.48 -51.27
N THR B 1076 -53.51 11.87 -51.61
CA THR B 1076 -54.27 12.77 -50.78
C THR B 1076 -54.93 11.98 -49.67
N THR B 1077 -55.19 12.66 -48.55
CA THR B 1077 -55.74 12.02 -47.37
C THR B 1077 -57.13 12.57 -47.08
N ALA B 1078 -57.81 11.86 -46.20
CA ALA B 1078 -59.03 12.29 -45.56
C ALA B 1078 -59.19 11.35 -44.39
N PRO B 1079 -59.37 11.85 -43.17
CA PRO B 1079 -59.47 10.91 -42.05
C PRO B 1079 -60.80 10.19 -42.03
N ALA B 1080 -61.81 10.77 -42.66
CA ALA B 1080 -63.15 10.26 -42.59
C ALA B 1080 -63.89 10.63 -43.87
N ILE B 1081 -64.94 9.88 -44.16
CA ILE B 1081 -65.74 10.08 -45.35
C ILE B 1081 -67.19 10.27 -44.92
N CYS B 1082 -68.02 10.74 -45.84
CA CYS B 1082 -69.44 10.97 -45.58
C CYS B 1082 -70.26 10.60 -46.80
N HIS B 1083 -71.13 9.61 -46.63
CA HIS B 1083 -72.19 9.30 -47.59
C HIS B 1083 -73.30 8.67 -46.78
N ASP B 1084 -74.53 8.80 -47.29
CA ASP B 1084 -75.72 8.60 -46.46
C ASP B 1084 -75.80 9.63 -45.35
N GLY B 1085 -74.95 10.65 -45.43
CA GLY B 1085 -74.89 11.67 -44.42
C GLY B 1085 -74.19 11.25 -43.16
N LYS B 1086 -73.81 9.99 -43.04
CA LYS B 1086 -73.21 9.45 -41.83
C LYS B 1086 -71.70 9.46 -41.94
N ALA B 1087 -71.05 9.67 -40.81
CA ALA B 1087 -69.60 9.71 -40.72
C ALA B 1087 -69.02 8.30 -40.62
N HIS B 1088 -68.45 7.82 -41.72
CA HIS B 1088 -67.78 6.53 -41.77
C HIS B 1088 -66.29 6.68 -41.48
N PHE B 1089 -65.68 5.64 -40.89
CA PHE B 1089 -64.27 5.59 -40.56
C PHE B 1089 -63.65 4.29 -41.06
N PRO B 1090 -62.33 4.16 -40.96
CA PRO B 1090 -61.67 2.92 -41.37
C PRO B 1090 -61.60 1.89 -40.27
N ARG B 1091 -60.95 0.77 -40.58
CA ARG B 1091 -60.89 -0.34 -39.65
C ARG B 1091 -59.45 -0.65 -39.24
N GLU B 1092 -58.60 -0.88 -40.23
CA GLU B 1092 -57.22 -1.25 -39.97
C GLU B 1092 -56.29 -0.60 -40.97
N GLY B 1093 -56.79 0.40 -41.67
CA GLY B 1093 -55.99 1.06 -42.69
C GLY B 1093 -56.19 2.55 -42.69
N VAL B 1094 -56.21 3.14 -43.88
CA VAL B 1094 -56.45 4.56 -44.04
C VAL B 1094 -57.31 4.79 -45.27
N PHE B 1095 -57.55 6.05 -45.58
CA PHE B 1095 -58.19 6.43 -46.83
C PHE B 1095 -57.24 7.26 -47.67
N VAL B 1096 -57.14 6.93 -48.95
CA VAL B 1096 -56.26 7.62 -49.88
C VAL B 1096 -57.02 7.89 -51.16
N SER B 1097 -56.34 8.52 -52.11
CA SER B 1097 -56.97 8.90 -53.37
C SER B 1097 -55.91 9.34 -54.36
N ASN B 1098 -56.13 9.00 -55.63
CA ASN B 1098 -55.18 9.25 -56.69
C ASN B 1098 -55.53 10.47 -57.49
N GLY B 1099 -56.72 11.02 -57.26
CA GLY B 1099 -57.08 12.29 -57.84
C GLY B 1099 -58.53 12.34 -58.27
N THR B 1100 -59.10 11.21 -58.57
CA THR B 1100 -60.48 11.17 -59.03
C THR B 1100 -61.33 10.18 -58.27
N HIS B 1101 -60.78 9.03 -57.91
CA HIS B 1101 -61.47 8.03 -57.12
C HIS B 1101 -60.95 8.07 -55.70
N TRP B 1102 -61.52 7.23 -54.86
CA TRP B 1102 -61.14 7.14 -53.46
C TRP B 1102 -61.15 5.71 -53.00
N PHE B 1103 -60.19 5.35 -52.15
CA PHE B 1103 -59.87 3.97 -51.86
C PHE B 1103 -59.43 3.82 -50.42
N VAL B 1104 -58.81 2.68 -50.15
CA VAL B 1104 -58.27 2.33 -48.84
C VAL B 1104 -56.86 1.83 -49.07
N THR B 1105 -56.08 1.76 -47.99
CA THR B 1105 -54.76 1.18 -48.02
C THR B 1105 -54.28 0.92 -46.61
N GLN B 1106 -53.34 0.00 -46.51
CA GLN B 1106 -52.77 -0.42 -45.24
C GLN B 1106 -51.39 0.19 -45.04
N ARG B 1107 -51.12 0.57 -43.79
CA ARG B 1107 -50.22 1.68 -43.53
C ARG B 1107 -48.77 1.35 -43.81
N ASN B 1108 -48.51 0.18 -44.39
CA ASN B 1108 -47.16 -0.20 -44.76
C ASN B 1108 -47.09 -0.87 -46.11
N PHE B 1109 -48.13 -0.73 -46.93
CA PHE B 1109 -48.13 -1.25 -48.28
C PHE B 1109 -49.36 -0.73 -48.99
N TYR B 1110 -49.46 -1.01 -50.28
CA TYR B 1110 -50.46 -0.40 -51.14
C TYR B 1110 -51.18 -1.51 -51.88
N GLU B 1111 -52.46 -1.69 -51.58
CA GLU B 1111 -53.26 -2.74 -52.17
C GLU B 1111 -54.70 -2.31 -52.04
N PRO B 1112 -55.07 -1.22 -52.69
CA PRO B 1112 -56.37 -0.62 -52.45
C PRO B 1112 -57.53 -1.58 -52.64
N GLN B 1113 -58.44 -1.49 -51.68
CA GLN B 1113 -59.72 -2.19 -51.74
C GLN B 1113 -60.79 -1.13 -51.67
N ILE B 1114 -61.82 -1.29 -52.49
CA ILE B 1114 -62.87 -0.30 -52.53
C ILE B 1114 -63.55 -0.22 -51.17
N ILE B 1115 -64.19 0.90 -50.91
CA ILE B 1115 -64.69 1.21 -49.59
C ILE B 1115 -66.10 0.66 -49.46
N THR B 1116 -66.36 -0.05 -48.37
CA THR B 1116 -67.63 -0.71 -48.13
C THR B 1116 -68.04 -0.51 -46.68
N THR B 1117 -69.08 -1.23 -46.29
CA THR B 1117 -69.48 -1.30 -44.89
C THR B 1117 -68.75 -2.40 -44.14
N ASP B 1118 -67.90 -3.15 -44.82
CA ASP B 1118 -67.11 -4.20 -44.20
C ASP B 1118 -65.71 -3.74 -43.85
N ASN B 1119 -65.18 -2.77 -44.57
CA ASN B 1119 -63.86 -2.21 -44.29
C ASN B 1119 -63.94 -0.85 -43.64
N THR B 1120 -65.11 -0.44 -43.15
CA THR B 1120 -65.28 0.84 -42.47
C THR B 1120 -66.19 0.66 -41.27
N PHE B 1121 -66.40 1.75 -40.56
CA PHE B 1121 -67.40 1.79 -39.51
C PHE B 1121 -67.81 3.22 -39.22
N VAL B 1122 -68.77 3.37 -38.32
CA VAL B 1122 -69.52 4.60 -38.15
C VAL B 1122 -69.29 5.16 -36.77
N SER B 1123 -69.34 6.50 -36.66
CA SER B 1123 -68.98 7.18 -35.43
C SER B 1123 -69.88 8.38 -35.18
N GLY B 1124 -70.91 8.56 -35.97
CA GLY B 1124 -71.75 9.72 -35.80
C GLY B 1124 -72.06 10.38 -37.14
N ASN B 1125 -72.09 11.70 -37.12
CA ASN B 1125 -72.50 12.50 -38.26
C ASN B 1125 -71.34 13.37 -38.73
N CYS B 1126 -71.65 14.28 -39.66
CA CYS B 1126 -70.65 14.91 -40.52
C CYS B 1126 -70.30 16.31 -40.06
N ASP B 1127 -70.59 16.63 -38.80
CA ASP B 1127 -70.53 18.00 -38.34
C ASP B 1127 -69.33 18.32 -37.47
N VAL B 1128 -68.42 17.38 -37.28
CA VAL B 1128 -67.27 17.57 -36.40
C VAL B 1128 -65.95 17.30 -37.10
N VAL B 1129 -65.86 16.16 -37.80
CA VAL B 1129 -64.56 15.69 -38.27
C VAL B 1129 -63.96 16.70 -39.23
N ILE B 1130 -62.87 17.32 -38.80
CA ILE B 1130 -62.18 18.34 -39.57
C ILE B 1130 -61.55 17.66 -40.78
N GLY B 1131 -61.69 18.29 -41.94
CA GLY B 1131 -61.05 17.83 -43.14
C GLY B 1131 -61.83 16.76 -43.85
N ILE B 1132 -63.08 16.54 -43.47
CA ILE B 1132 -63.81 15.41 -43.96
C ILE B 1132 -64.11 15.59 -45.44
N VAL B 1133 -64.43 14.50 -46.10
CA VAL B 1133 -64.68 14.48 -47.53
C VAL B 1133 -66.02 13.84 -47.81
N ASN B 1134 -66.59 14.19 -48.96
CA ASN B 1134 -67.75 13.50 -49.46
C ASN B 1134 -67.31 12.42 -50.45
N ASN B 1135 -67.80 11.22 -50.26
CA ASN B 1135 -67.52 10.11 -51.16
C ASN B 1135 -68.43 8.95 -50.78
N THR B 1136 -68.62 8.04 -51.72
CA THR B 1136 -69.62 6.99 -51.60
C THR B 1136 -69.02 5.75 -50.94
N VAL B 1137 -69.88 4.99 -50.28
CA VAL B 1137 -69.55 3.63 -49.85
C VAL B 1137 -70.47 2.69 -50.60
N TYR B 1138 -70.07 1.43 -50.69
CA TYR B 1138 -70.83 0.46 -51.47
C TYR B 1138 -71.26 -0.71 -50.60
N ASP B 1139 -72.57 -0.88 -50.46
CA ASP B 1139 -73.13 -1.98 -49.68
C ASP B 1139 -73.06 -3.24 -50.52
N PRO B 1140 -72.33 -4.23 -50.11
CA PRO B 1140 -72.26 -5.49 -50.88
C PRO B 1140 -73.43 -6.41 -50.57
N LEU B 1141 -74.63 -5.82 -50.47
CA LEU B 1141 -75.83 -6.59 -50.22
C LEU B 1141 -76.92 -6.14 -51.18
N GLN B 1142 -76.93 -4.85 -51.45
CA GLN B 1142 -78.01 -4.25 -52.24
C GLN B 1142 -78.25 -4.99 -53.55
N PRO B 1143 -77.22 -5.38 -54.30
CA PRO B 1143 -77.47 -6.15 -55.51
C PRO B 1143 -78.03 -7.52 -55.20
N GLU B 1144 -77.49 -8.16 -54.17
CA GLU B 1144 -77.89 -9.52 -53.84
C GLU B 1144 -79.39 -9.63 -53.65
N LEU B 1145 -80.06 -8.51 -53.36
CA LEU B 1145 -81.50 -8.53 -53.17
C LEU B 1145 -82.23 -8.90 -54.44
N ASP B 1146 -81.53 -8.86 -55.57
CA ASP B 1146 -82.16 -9.02 -56.86
C ASP B 1146 -81.74 -10.32 -57.53
N GLN C 14 6.63 57.96 43.12
CA GLN C 14 6.35 57.30 44.40
C GLN C 14 4.95 56.69 44.38
N CYS C 15 4.84 55.49 44.95
CA CYS C 15 3.60 54.72 44.93
C CYS C 15 2.62 55.27 45.97
N VAL C 16 1.51 55.84 45.48
CA VAL C 16 0.42 56.33 46.32
C VAL C 16 -0.81 55.50 46.00
N ASN C 17 -1.60 55.18 47.02
CA ASN C 17 -2.80 54.35 46.82
C ASN C 17 -4.04 55.24 46.68
N LEU C 18 -4.35 55.61 45.44
CA LEU C 18 -5.62 56.26 45.17
C LEU C 18 -6.75 55.48 45.85
N THR C 19 -7.65 56.20 46.47
CA THR C 19 -8.84 55.63 47.08
C THR C 19 -9.97 56.66 47.00
N THR C 20 -11.02 56.43 47.78
CA THR C 20 -12.36 56.99 47.51
C THR C 20 -13.00 56.19 46.38
N ARG C 21 -12.41 55.03 46.11
CA ARG C 21 -12.87 54.11 45.07
C ARG C 21 -14.00 53.26 45.63
N THR C 22 -15.17 53.35 45.02
CA THR C 22 -16.27 52.51 45.42
C THR C 22 -16.03 51.07 45.00
N GLN C 23 -16.36 50.13 45.88
CA GLN C 23 -16.27 48.71 45.58
C GLN C 23 -17.60 48.22 45.03
N LEU C 24 -17.53 47.28 44.09
CA LEU C 24 -18.70 46.83 43.38
C LEU C 24 -18.33 45.54 42.66
N PRO C 25 -19.19 44.53 42.68
CA PRO C 25 -18.91 43.33 41.89
C PRO C 25 -18.74 43.69 40.44
N PRO C 26 -18.28 42.75 39.62
CA PRO C 26 -18.04 43.08 38.22
C PRO C 26 -19.30 42.90 37.38
N ALA C 27 -19.25 43.40 36.16
CA ALA C 27 -20.32 43.23 35.19
C ALA C 27 -19.89 42.25 34.10
N TYR C 28 -20.86 41.89 33.27
CA TYR C 28 -20.66 40.91 32.21
C TYR C 28 -21.56 41.29 31.05
N THR C 29 -21.18 40.84 29.86
CA THR C 29 -21.85 41.25 28.65
C THR C 29 -21.47 40.33 27.51
N ASN C 30 -21.88 40.71 26.31
CA ASN C 30 -22.00 39.80 25.17
C ASN C 30 -20.74 39.81 24.32
N SER C 31 -20.64 38.80 23.46
CA SER C 31 -19.53 38.64 22.55
C SER C 31 -20.08 38.48 21.14
N PHE C 32 -20.90 39.44 20.71
CA PHE C 32 -21.59 39.37 19.44
C PHE C 32 -20.57 39.49 18.31
N THR C 33 -19.81 38.42 18.08
CA THR C 33 -18.94 38.32 16.92
C THR C 33 -17.81 39.34 16.96
N ARG C 34 -17.06 39.36 18.05
CA ARG C 34 -15.80 40.06 18.10
C ARG C 34 -14.71 39.11 18.58
N GLY C 35 -13.47 39.54 18.47
CA GLY C 35 -12.34 38.72 18.86
C GLY C 35 -11.84 37.83 17.74
N VAL C 36 -12.06 38.26 16.50
CA VAL C 36 -11.57 37.56 15.32
C VAL C 36 -10.43 38.37 14.74
N TYR C 37 -9.58 37.72 13.96
CA TYR C 37 -8.40 38.39 13.44
C TYR C 37 -7.75 37.61 12.31
N TYR C 38 -7.04 38.30 11.42
CA TYR C 38 -6.28 37.62 10.38
C TYR C 38 -5.17 36.84 11.06
N PRO C 39 -5.24 35.51 11.10
CA PRO C 39 -4.26 34.76 11.87
C PRO C 39 -2.88 34.83 11.28
N ASP C 40 -2.80 34.91 9.95
CA ASP C 40 -1.57 34.85 9.22
C ASP C 40 -1.37 36.17 8.49
N LYS C 41 -0.33 36.18 7.66
CA LYS C 41 -0.05 37.33 6.81
C LYS C 41 -0.24 36.98 5.35
N VAL C 42 -1.21 36.10 5.12
CA VAL C 42 -1.55 35.57 3.81
C VAL C 42 -2.71 36.36 3.24
N PHE C 43 -2.92 36.22 1.94
CA PHE C 43 -4.04 36.87 1.27
C PHE C 43 -4.85 35.83 0.50
N ARG C 44 -6.11 36.17 0.26
CA ARG C 44 -7.05 35.25 -0.38
C ARG C 44 -8.12 36.09 -1.05
N SER C 45 -8.82 35.50 -2.03
CA SER C 45 -9.88 36.19 -2.75
C SER C 45 -11.09 35.28 -2.88
N SER C 46 -12.22 35.74 -2.33
CA SER C 46 -13.50 35.08 -2.49
C SER C 46 -13.40 33.57 -2.22
N VAL C 47 -12.45 33.23 -1.37
CA VAL C 47 -12.23 31.85 -0.96
C VAL C 47 -12.64 31.72 0.50
N LEU C 48 -12.92 30.50 0.92
CA LEU C 48 -13.25 30.18 2.30
C LEU C 48 -12.19 29.23 2.79
N HIS C 49 -11.56 29.57 3.91
CA HIS C 49 -10.49 28.78 4.49
C HIS C 49 -10.76 28.59 5.97
N SER C 50 -10.69 27.34 6.41
CA SER C 50 -10.76 26.99 7.81
C SER C 50 -9.37 27.04 8.40
N THR C 51 -9.02 28.19 8.96
CA THR C 51 -7.73 28.36 9.61
C THR C 51 -7.87 28.02 11.09
N GLN C 52 -7.57 26.78 11.44
CA GLN C 52 -7.51 26.35 12.82
C GLN C 52 -6.44 27.16 13.52
N ASP C 53 -6.86 27.99 14.47
CA ASP C 53 -5.92 28.72 15.31
C ASP C 53 -6.69 29.31 16.48
N LEU C 54 -5.96 29.85 17.43
CA LEU C 54 -6.52 30.54 18.57
C LEU C 54 -7.41 31.68 18.10
N PHE C 55 -8.67 31.67 18.53
CA PHE C 55 -9.61 32.75 18.27
C PHE C 55 -10.48 32.93 19.52
N LEU C 56 -11.52 33.76 19.39
CA LEU C 56 -12.46 33.95 20.48
C LEU C 56 -13.70 33.10 20.25
N PRO C 57 -14.33 32.57 21.30
CA PRO C 57 -15.61 31.88 21.12
C PRO C 57 -16.76 32.86 21.08
N PHE C 58 -17.69 32.62 20.16
CA PHE C 58 -18.74 33.59 19.91
C PHE C 58 -19.78 33.55 21.02
N PHE C 59 -20.61 34.58 21.03
CA PHE C 59 -21.77 34.69 21.92
C PHE C 59 -21.44 34.17 23.32
N SER C 60 -20.20 34.36 23.73
CA SER C 60 -19.76 34.06 25.07
C SER C 60 -19.76 35.33 25.90
N ASN C 61 -19.24 35.23 27.11
CA ASN C 61 -19.27 36.33 28.06
C ASN C 61 -17.94 37.05 28.06
N VAL C 62 -17.98 38.30 28.47
CA VAL C 62 -16.82 39.15 28.61
C VAL C 62 -17.04 39.99 29.87
N THR C 63 -16.07 40.81 30.21
CA THR C 63 -16.20 41.63 31.40
C THR C 63 -16.41 43.10 31.05
N TRP C 64 -17.14 43.80 31.91
CA TRP C 64 -17.27 45.24 31.86
C TRP C 64 -16.46 45.79 33.03
N PHE C 65 -16.02 47.03 32.89
CA PHE C 65 -15.45 47.77 34.00
C PHE C 65 -15.80 49.23 33.83
N HIS C 66 -15.95 49.93 34.94
CA HIS C 66 -16.45 51.29 34.94
C HIS C 66 -15.35 52.28 35.27
N ALA C 67 -15.25 53.31 34.44
CA ALA C 67 -14.47 54.50 34.75
C ALA C 67 -15.36 55.70 34.41
N ILE C 68 -16.18 56.09 35.38
CA ILE C 68 -17.25 57.06 35.15
C ILE C 68 -17.12 58.19 36.15
N HIS C 69 -17.58 59.37 35.76
CA HIS C 69 -17.51 60.54 36.62
C HIS C 69 -18.52 60.46 37.76
N VAL C 70 -19.78 60.17 37.43
CA VAL C 70 -20.84 60.11 38.43
C VAL C 70 -21.03 61.48 39.07
N THR C 76 -18.46 57.92 44.14
CA THR C 76 -17.91 56.76 43.45
C THR C 76 -16.49 57.00 42.99
N LYS C 77 -16.38 57.42 41.73
CA LYS C 77 -15.13 57.50 40.98
C LYS C 77 -14.66 56.11 40.58
N ARG C 78 -15.23 55.07 41.19
CA ARG C 78 -15.39 53.74 40.61
C ARG C 78 -14.24 53.42 39.64
N PHE C 79 -13.02 53.50 40.16
CA PHE C 79 -11.82 53.38 39.32
C PHE C 79 -11.49 51.91 39.17
N ASP C 80 -11.36 51.46 37.91
CA ASP C 80 -10.99 50.08 37.60
C ASP C 80 -9.63 50.07 36.93
N ASN C 81 -8.64 49.49 37.62
CA ASN C 81 -7.32 49.26 37.06
C ASN C 81 -6.68 48.11 37.83
N PRO C 82 -7.32 46.94 37.83
CA PRO C 82 -6.89 45.85 38.71
C PRO C 82 -5.84 44.97 38.06
N VAL C 83 -5.50 43.92 38.80
CA VAL C 83 -4.61 42.86 38.34
C VAL C 83 -5.47 41.88 37.55
N LEU C 84 -4.96 41.44 36.35
CA LEU C 84 -5.70 40.42 35.64
C LEU C 84 -4.78 39.45 34.91
N PRO C 85 -5.30 38.27 34.55
CA PRO C 85 -4.46 37.26 33.91
C PRO C 85 -4.36 37.46 32.42
N PHE C 86 -3.22 37.01 31.88
CA PHE C 86 -3.02 36.87 30.44
C PHE C 86 -2.69 35.40 30.23
N ASN C 87 -3.73 34.57 30.14
CA ASN C 87 -3.52 33.14 30.08
C ASN C 87 -3.05 32.70 28.69
N ASP C 88 -3.92 32.85 27.70
CA ASP C 88 -3.58 32.44 26.35
C ASP C 88 -4.08 33.45 25.31
N GLY C 89 -4.78 34.49 25.74
CA GLY C 89 -5.29 35.46 24.79
C GLY C 89 -6.08 36.57 25.45
N VAL C 90 -6.21 37.69 24.74
CA VAL C 90 -6.91 38.86 25.25
C VAL C 90 -7.68 39.52 24.14
N TYR C 91 -8.81 40.11 24.52
CA TYR C 91 -9.56 41.02 23.68
C TYR C 91 -9.97 42.21 24.53
N PHE C 92 -9.18 43.28 24.44
CA PHE C 92 -9.40 44.47 25.25
C PHE C 92 -10.11 45.47 24.37
N ALA C 93 -11.08 46.16 24.97
CA ALA C 93 -11.92 47.09 24.26
C ALA C 93 -11.81 48.47 24.88
N SER C 94 -12.05 49.50 24.09
CA SER C 94 -12.02 50.86 24.59
C SER C 94 -13.12 51.66 23.93
N THR C 95 -14.01 52.21 24.74
CA THR C 95 -14.98 53.19 24.32
C THR C 95 -14.63 54.50 24.99
N GLU C 96 -14.55 55.58 24.21
CA GLU C 96 -13.99 56.82 24.71
C GLU C 96 -14.61 58.00 23.97
N LYS C 97 -14.29 59.20 24.47
CA LYS C 97 -14.59 60.44 23.78
C LYS C 97 -13.38 61.36 23.80
N SER C 98 -12.40 61.05 24.65
CA SER C 98 -11.26 61.92 24.89
C SER C 98 -9.94 61.18 25.00
N ASN C 99 -9.79 60.03 24.34
CA ASN C 99 -8.56 59.24 24.41
C ASN C 99 -8.23 58.88 25.86
N ILE C 100 -9.10 58.06 26.45
CA ILE C 100 -8.96 57.73 27.85
C ILE C 100 -7.96 56.59 28.05
N ILE C 101 -8.02 55.60 27.18
CA ILE C 101 -7.20 54.41 27.35
C ILE C 101 -5.86 54.62 26.66
N ARG C 102 -4.78 54.48 27.40
CA ARG C 102 -3.46 54.90 26.95
C ARG C 102 -2.44 53.77 26.84
N GLY C 103 -2.67 52.61 27.47
CA GLY C 103 -1.80 51.49 27.19
C GLY C 103 -1.95 50.38 28.22
N TRP C 104 -0.86 49.63 28.39
CA TRP C 104 -0.93 48.37 29.09
C TRP C 104 0.36 48.10 29.85
N ILE C 105 0.24 47.31 30.92
CA ILE C 105 1.38 46.79 31.66
C ILE C 105 1.18 45.30 31.88
N PHE C 106 2.06 44.49 31.29
CA PHE C 106 1.95 43.04 31.35
C PHE C 106 3.11 42.48 32.14
N GLY C 107 3.10 41.16 32.33
CA GLY C 107 4.19 40.48 32.99
C GLY C 107 3.70 39.30 33.80
N THR C 108 4.46 38.98 34.85
CA THR C 108 4.16 37.87 35.73
C THR C 108 4.28 38.24 37.20
N THR C 109 5.13 39.20 37.54
CA THR C 109 5.35 39.61 38.91
C THR C 109 5.17 41.10 39.12
N LEU C 110 5.59 41.91 38.15
CA LEU C 110 5.32 43.35 38.12
C LEU C 110 6.16 44.12 39.13
N ASP C 111 6.85 43.39 40.02
CA ASP C 111 7.65 44.04 41.04
C ASP C 111 9.13 44.07 40.66
N SER C 112 9.44 44.49 39.44
CA SER C 112 10.79 44.67 38.94
C SER C 112 11.65 43.43 39.11
N LYS C 113 11.08 42.27 39.41
CA LYS C 113 11.88 41.05 39.52
C LYS C 113 12.04 40.37 38.17
N THR C 114 10.93 39.94 37.59
CA THR C 114 10.91 39.30 36.29
C THR C 114 10.80 40.38 35.21
N GLN C 115 11.46 40.15 34.09
CA GLN C 115 11.36 41.11 33.01
C GLN C 115 9.92 41.17 32.53
N SER C 116 9.35 42.36 32.57
CA SER C 116 7.93 42.58 32.28
C SER C 116 7.81 43.46 31.04
N LEU C 117 6.57 43.72 30.66
CA LEU C 117 6.27 44.47 29.46
C LEU C 117 5.28 45.57 29.75
N LEU C 118 5.40 46.64 28.97
CA LEU C 118 4.40 47.68 28.91
C LEU C 118 4.27 48.10 27.46
N ILE C 119 3.07 48.48 27.07
CA ILE C 119 2.83 49.11 25.77
C ILE C 119 2.04 50.38 26.05
N VAL C 120 2.68 51.53 25.83
CA VAL C 120 2.23 52.78 26.43
C VAL C 120 2.09 53.84 25.36
N ASN C 121 1.16 54.77 25.59
CA ASN C 121 0.81 55.83 24.65
C ASN C 121 0.61 57.11 25.45
N ASN C 122 1.68 57.89 25.58
CA ASN C 122 1.59 59.10 26.38
C ASN C 122 1.31 60.31 25.48
N ALA C 123 1.06 61.45 26.11
CA ALA C 123 0.62 62.64 25.39
C ALA C 123 1.54 63.00 24.23
N THR C 124 2.75 62.45 24.21
CA THR C 124 3.73 62.75 23.18
C THR C 124 4.12 61.53 22.37
N ASN C 125 4.15 60.36 22.99
CA ASN C 125 4.81 59.20 22.44
C ASN C 125 4.05 57.93 22.78
N VAL C 126 3.97 57.04 21.80
CA VAL C 126 3.82 55.62 22.07
C VAL C 126 5.12 55.20 22.72
N VAL C 127 5.04 54.37 23.73
CA VAL C 127 6.20 54.01 24.52
C VAL C 127 6.09 52.54 24.82
N ILE C 128 7.14 51.80 24.47
CA ILE C 128 7.09 50.37 24.38
C ILE C 128 8.41 49.84 24.90
N LYS C 129 8.36 49.21 26.07
CA LYS C 129 9.57 48.81 26.78
C LYS C 129 9.35 47.47 27.42
N VAL C 130 10.27 46.54 27.22
CA VAL C 130 10.24 45.23 27.84
C VAL C 130 11.32 45.27 28.91
N CYS C 131 10.93 45.63 30.14
CA CYS C 131 11.92 46.01 31.13
C CYS C 131 11.42 45.71 32.52
N GLU C 132 12.34 45.78 33.48
CA GLU C 132 12.12 45.32 34.84
C GLU C 132 11.63 46.47 35.71
N PHE C 133 10.56 47.10 35.26
CA PHE C 133 9.94 48.13 36.08
C PHE C 133 9.33 47.52 37.33
N GLN C 134 9.32 48.32 38.40
CA GLN C 134 8.81 47.89 39.69
C GLN C 134 7.33 48.25 39.77
N PHE C 135 6.54 47.59 38.93
CA PHE C 135 5.14 47.92 38.84
C PHE C 135 4.49 47.62 40.18
N CYS C 136 3.93 48.66 40.81
CA CYS C 136 3.45 48.54 42.17
C CYS C 136 1.92 48.63 42.18
N ASN C 137 1.36 48.75 43.39
CA ASN C 137 -0.08 48.55 43.58
C ASN C 137 -0.91 49.29 42.54
N ASP C 138 -0.81 50.62 42.49
CA ASP C 138 -1.80 51.46 41.82
C ASP C 138 -1.10 52.40 40.85
N PRO C 139 -0.64 51.89 39.72
CA PRO C 139 -0.14 52.75 38.66
C PRO C 139 -1.24 53.64 38.12
N PHE C 140 -0.82 54.70 37.46
CA PHE C 140 -1.75 55.54 36.72
C PHE C 140 -0.94 56.63 36.03
N LEU C 141 -1.62 57.37 35.17
CA LEU C 141 -1.13 58.61 34.60
C LEU C 141 -2.16 59.69 34.82
N GLY C 142 -1.70 60.88 35.17
CA GLY C 142 -2.61 61.95 35.49
C GLY C 142 -2.39 63.19 34.68
N VAL C 143 -3.44 63.70 34.10
CA VAL C 143 -3.41 64.95 33.35
C VAL C 143 -3.50 66.09 34.35
N TYR C 144 -3.14 67.29 33.91
CA TYR C 144 -3.40 68.50 34.68
C TYR C 144 -4.15 69.47 33.78
N TYR C 145 -5.19 70.07 34.32
CA TYR C 145 -6.08 70.93 33.56
C TYR C 145 -5.98 72.34 34.12
N HIS C 146 -5.84 73.31 33.22
CA HIS C 146 -5.59 74.69 33.59
C HIS C 146 -6.88 75.49 33.44
N LYS C 147 -7.45 75.92 34.58
CA LYS C 147 -8.66 76.74 34.54
C LYS C 147 -8.37 78.17 34.08
N ASN C 148 -7.17 78.68 34.32
CA ASN C 148 -6.82 80.02 33.86
C ASN C 148 -6.85 80.09 32.34
N ASN C 149 -6.26 79.10 31.68
CA ASN C 149 -6.33 78.94 30.23
C ASN C 149 -6.75 77.51 29.93
N LYS C 150 -7.90 77.35 29.27
CA LYS C 150 -8.48 76.02 29.10
C LYS C 150 -7.47 75.12 28.41
N SER C 151 -6.94 74.14 29.14
CA SER C 151 -5.89 73.28 28.61
C SER C 151 -5.68 72.12 29.58
N TRP C 152 -5.67 70.91 29.03
CA TRP C 152 -5.32 69.69 29.75
C TRP C 152 -3.87 69.35 29.41
N MET C 153 -3.13 68.83 30.40
CA MET C 153 -1.73 68.53 30.19
C MET C 153 -1.32 67.34 31.04
N GLU C 154 -0.52 66.46 30.45
CA GLU C 154 0.14 65.45 31.25
C GLU C 154 0.96 66.12 32.35
N SER C 155 0.77 65.66 33.56
CA SER C 155 1.54 66.13 34.69
C SER C 155 1.99 65.02 35.62
N GLU C 156 1.51 63.79 35.40
CA GLU C 156 1.61 62.74 36.39
C GLU C 156 1.84 61.39 35.74
N PHE C 157 2.89 60.73 36.23
CA PHE C 157 3.23 59.37 35.85
C PHE C 157 3.89 58.78 37.09
N ARG C 158 3.21 57.84 37.73
CA ARG C 158 3.70 57.16 38.92
C ARG C 158 3.19 55.73 38.80
N VAL C 159 3.98 54.89 38.16
CA VAL C 159 3.58 53.53 37.84
C VAL C 159 4.60 52.52 38.37
N TYR C 160 5.88 52.83 38.23
CA TYR C 160 6.94 51.94 38.64
C TYR C 160 7.93 52.69 39.50
N SER C 161 8.83 51.91 40.11
CA SER C 161 9.75 52.40 41.13
C SER C 161 11.20 52.04 40.88
N SER C 162 11.48 50.93 40.19
CA SER C 162 12.83 50.43 40.05
C SER C 162 12.95 49.60 38.77
N ALA C 163 14.09 49.77 38.09
CA ALA C 163 14.40 48.98 36.90
C ALA C 163 15.90 49.00 36.73
N ASN C 164 16.55 47.86 36.97
CA ASN C 164 18.00 47.77 36.95
C ASN C 164 18.54 47.30 35.61
N ASN C 165 18.06 46.17 35.10
CA ASN C 165 18.61 45.56 33.91
C ASN C 165 17.45 45.08 33.04
N CYS C 166 17.47 45.46 31.77
CA CYS C 166 16.46 44.98 30.84
C CYS C 166 17.01 45.02 29.41
N THR C 167 16.22 44.48 28.49
CA THR C 167 16.73 44.05 27.19
C THR C 167 16.21 44.89 26.03
N PHE C 168 14.90 44.98 25.86
CA PHE C 168 14.34 45.61 24.68
C PHE C 168 13.37 46.73 25.03
N GLU C 169 13.36 47.74 24.17
CA GLU C 169 12.33 48.75 24.17
C GLU C 169 12.15 49.21 22.74
N TYR C 170 11.23 50.14 22.54
CA TYR C 170 10.95 50.66 21.21
C TYR C 170 10.06 51.88 21.35
N VAL C 171 10.16 52.77 20.37
CA VAL C 171 9.51 54.07 20.44
C VAL C 171 9.13 54.49 19.02
N SER C 172 8.28 55.50 18.93
CA SER C 172 7.93 56.13 17.67
C SER C 172 8.45 57.56 17.65
N GLN C 173 8.12 58.26 16.58
CA GLN C 173 8.33 59.70 16.57
C GLN C 173 7.30 60.35 17.47
N PRO C 174 7.66 61.37 18.25
CA PRO C 174 6.68 61.97 19.16
C PRO C 174 5.52 62.56 18.39
N PHE C 175 4.49 62.95 19.13
CA PHE C 175 3.30 63.53 18.55
C PHE C 175 2.66 64.48 19.55
N LEU C 176 1.48 64.98 19.19
CA LEU C 176 0.67 65.83 20.06
C LEU C 176 -0.69 65.18 20.25
N MET C 177 -1.16 65.14 21.49
CA MET C 177 -2.40 64.46 21.84
C MET C 177 -3.38 65.44 22.48
N ASP C 178 -4.67 65.12 22.34
CA ASP C 178 -5.72 66.01 22.82
C ASP C 178 -5.66 66.18 24.34
N LEU C 179 -5.87 65.09 25.07
CA LEU C 179 -5.91 65.05 26.54
C LEU C 179 -7.08 65.83 27.12
N GLU C 180 -7.95 66.42 26.29
CA GLU C 180 -9.06 67.21 26.79
C GLU C 180 -10.30 66.34 26.95
N GLY C 181 -11.05 66.58 28.02
CA GLY C 181 -12.25 65.80 28.30
C GLY C 181 -13.48 66.35 27.61
N LYS C 182 -14.07 65.56 26.71
CA LYS C 182 -15.26 65.96 25.99
C LYS C 182 -16.51 65.45 26.70
N GLN C 183 -17.66 66.03 26.34
CA GLN C 183 -18.95 65.64 26.88
C GLN C 183 -19.79 65.02 25.77
N GLY C 184 -20.57 64.00 26.13
CA GLY C 184 -21.45 63.32 25.20
C GLY C 184 -21.41 61.82 25.42
N ASN C 185 -21.77 61.08 24.38
CA ASN C 185 -21.82 59.63 24.42
C ASN C 185 -20.59 59.03 23.75
N PHE C 186 -20.39 57.74 23.98
CA PHE C 186 -19.23 57.06 23.44
C PHE C 186 -19.27 57.07 21.91
N LYS C 187 -18.16 57.48 21.31
CA LYS C 187 -18.10 57.74 19.88
C LYS C 187 -17.05 56.92 19.15
N ASN C 188 -16.07 56.34 19.85
CA ASN C 188 -14.99 55.61 19.22
C ASN C 188 -14.92 54.22 19.78
N LEU C 189 -15.01 53.23 18.89
CA LEU C 189 -14.80 51.84 19.27
C LEU C 189 -13.36 51.47 18.96
N ARG C 190 -12.59 51.21 19.99
CA ARG C 190 -11.23 50.74 19.85
C ARG C 190 -11.18 49.33 20.37
N GLU C 191 -10.40 48.49 19.71
CA GLU C 191 -10.30 47.07 20.01
C GLU C 191 -8.87 46.65 19.73
N PHE C 192 -8.23 46.06 20.74
CA PHE C 192 -6.84 45.69 20.64
C PHE C 192 -6.73 44.19 20.90
N VAL C 193 -5.49 43.73 20.98
CA VAL C 193 -5.19 42.31 21.01
C VAL C 193 -3.83 42.12 21.66
N PHE C 194 -3.66 41.00 22.34
CA PHE C 194 -2.40 40.65 22.99
C PHE C 194 -2.26 39.14 23.03
N LYS C 195 -1.15 38.64 22.47
CA LYS C 195 -0.88 37.22 22.39
C LYS C 195 0.58 36.96 22.75
N ASN C 196 0.85 35.76 23.25
CA ASN C 196 2.20 35.33 23.59
C ASN C 196 2.43 33.96 23.00
N ILE C 197 3.36 33.86 22.06
CA ILE C 197 3.65 32.61 21.38
C ILE C 197 4.98 32.74 20.65
N ASP C 198 5.64 31.60 20.43
CA ASP C 198 6.90 31.56 19.70
C ASP C 198 7.91 32.51 20.32
N GLY C 199 7.79 32.77 21.61
CA GLY C 199 8.55 33.82 22.25
C GLY C 199 8.30 35.19 21.69
N TYR C 200 7.43 35.31 20.68
CA TYR C 200 6.95 36.59 20.20
C TYR C 200 5.78 37.05 21.05
N PHE C 201 5.13 38.11 20.61
CA PHE C 201 3.96 38.65 21.29
C PHE C 201 3.07 39.25 20.21
N LYS C 202 2.02 38.52 19.86
CA LYS C 202 1.30 38.76 18.61
C LYS C 202 0.22 39.80 18.84
N ILE C 203 0.40 40.96 18.23
CA ILE C 203 -0.49 42.10 18.38
C ILE C 203 -1.16 42.38 17.05
N TYR C 204 -2.48 42.52 17.08
CA TYR C 204 -3.28 43.01 15.97
C TYR C 204 -4.11 44.17 16.47
N SER C 205 -5.07 44.62 15.67
CA SER C 205 -5.97 45.64 16.17
C SER C 205 -7.08 45.95 15.18
N LYS C 206 -7.95 46.85 15.59
CA LYS C 206 -8.89 47.54 14.72
C LYS C 206 -9.36 48.79 15.42
N HIS C 207 -9.71 49.79 14.62
CA HIS C 207 -10.30 51.02 15.09
C HIS C 207 -11.57 51.30 14.31
N THR C 208 -12.70 51.21 14.99
CA THR C 208 -13.99 51.46 14.36
C THR C 208 -14.70 52.55 15.15
N PRO C 209 -15.37 53.47 14.48
CA PRO C 209 -16.17 54.47 15.19
C PRO C 209 -17.62 54.06 15.36
N ILE C 210 -18.18 54.38 16.53
CA ILE C 210 -19.56 54.10 16.85
C ILE C 210 -20.19 55.36 17.44
N ASN C 211 -21.49 55.31 17.66
CA ASN C 211 -22.25 56.42 18.22
C ASN C 211 -23.20 55.91 19.29
N LEU C 212 -22.73 54.93 20.06
CA LEU C 212 -23.53 54.27 21.07
C LEU C 212 -23.55 55.10 22.35
N VAL C 213 -24.11 54.54 23.42
CA VAL C 213 -24.10 55.15 24.74
C VAL C 213 -23.47 54.22 25.77
N ARG C 214 -24.04 53.03 25.98
CA ARG C 214 -23.52 52.10 26.98
C ARG C 214 -23.83 50.69 26.51
N ASP C 215 -22.91 50.13 25.72
CA ASP C 215 -22.84 48.70 25.40
C ASP C 215 -21.67 48.52 24.46
N LEU C 216 -21.42 47.27 24.07
CA LEU C 216 -20.52 46.99 22.95
C LEU C 216 -21.34 46.77 21.70
N PRO C 217 -21.02 47.42 20.59
CA PRO C 217 -21.90 47.33 19.41
C PRO C 217 -21.98 45.92 18.87
N GLN C 218 -22.72 45.78 17.78
CA GLN C 218 -22.82 44.51 17.08
C GLN C 218 -22.33 44.70 15.65
N GLY C 219 -22.43 43.67 14.84
CA GLY C 219 -21.82 43.63 13.53
C GLY C 219 -20.49 42.90 13.57
N PHE C 220 -19.82 42.87 12.43
CA PHE C 220 -18.55 42.18 12.28
C PHE C 220 -17.45 43.19 12.10
N SER C 221 -16.21 42.71 12.17
CA SER C 221 -15.04 43.56 12.08
C SER C 221 -13.83 42.66 11.94
N ALA C 222 -12.84 43.10 11.18
CA ALA C 222 -11.73 42.24 10.81
C ALA C 222 -10.43 42.80 11.38
N LEU C 223 -9.90 42.14 12.40
CA LEU C 223 -8.79 42.69 13.15
C LEU C 223 -7.51 42.55 12.35
N GLU C 224 -7.18 43.56 11.66
CA GLU C 224 -5.95 43.56 10.89
C GLU C 224 -4.74 43.49 11.82
N PRO C 225 -3.59 43.06 11.31
CA PRO C 225 -2.39 42.99 12.15
C PRO C 225 -1.61 44.30 12.14
N LEU C 226 -0.84 44.51 13.21
CA LEU C 226 0.06 45.65 13.31
C LEU C 226 1.51 45.25 13.50
N VAL C 227 1.80 44.39 14.47
CA VAL C 227 3.17 44.06 14.82
C VAL C 227 3.15 42.84 15.73
N ASP C 228 4.26 42.10 15.75
CA ASP C 228 4.42 40.91 16.59
C ASP C 228 5.72 41.08 17.38
N LEU C 229 5.60 41.48 18.64
CA LEU C 229 6.76 41.87 19.43
C LEU C 229 7.56 40.64 19.84
N PRO C 230 8.79 40.49 19.41
CA PRO C 230 9.67 39.36 19.76
C PRO C 230 10.40 39.53 21.08
N ILE C 231 9.76 39.13 22.17
CA ILE C 231 10.25 39.43 23.51
C ILE C 231 10.66 38.18 24.25
N GLY C 232 10.20 37.02 23.80
CA GLY C 232 10.49 35.77 24.46
C GLY C 232 10.43 35.81 25.98
N ILE C 233 9.32 36.31 26.52
CA ILE C 233 9.09 36.25 27.96
C ILE C 233 7.80 35.50 28.23
N ASN C 234 7.40 35.43 29.50
CA ASN C 234 6.45 34.45 29.99
C ASN C 234 5.32 35.12 30.78
N ILE C 235 4.70 36.12 30.18
CA ILE C 235 3.62 36.86 30.82
C ILE C 235 2.61 35.89 31.39
N THR C 236 2.05 36.25 32.54
CA THR C 236 1.02 35.40 33.16
C THR C 236 -0.16 36.23 33.61
N ARG C 237 0.04 37.52 33.86
CA ARG C 237 -1.03 38.41 34.29
C ARG C 237 -0.69 39.83 33.84
N PHE C 238 -1.63 40.74 34.04
CA PHE C 238 -1.37 42.11 33.61
C PHE C 238 -2.41 43.08 34.17
N GLN C 239 -2.23 44.33 33.78
CA GLN C 239 -3.14 45.42 34.07
C GLN C 239 -3.07 46.42 32.91
N THR C 240 -4.05 47.32 32.88
CA THR C 240 -4.23 48.23 31.76
C THR C 240 -3.78 49.64 32.12
N LEU C 241 -3.72 50.51 31.12
CA LEU C 241 -3.29 51.90 31.31
C LEU C 241 -4.25 52.85 30.62
N LEU C 242 -5.23 53.32 31.35
CA LEU C 242 -5.92 54.56 31.03
C LEU C 242 -5.25 55.67 31.83
N ALA C 243 -5.86 56.84 31.83
CA ALA C 243 -5.31 57.99 32.51
C ALA C 243 -6.32 58.59 33.48
N LEU C 244 -5.87 59.54 34.29
CA LEU C 244 -6.74 60.27 35.18
C LEU C 244 -6.56 61.77 34.98
N HIS C 245 -7.53 62.54 35.46
CA HIS C 245 -7.52 63.99 35.37
C HIS C 245 -7.46 64.57 36.78
N ARG C 246 -7.05 65.83 36.88
CA ARG C 246 -6.97 66.51 38.17
C ARG C 246 -7.22 68.00 38.00
N SER C 247 -7.62 68.64 39.08
CA SER C 247 -7.88 70.07 39.08
C SER C 247 -8.05 70.60 40.50
N GLY C 252 -8.52 67.26 45.61
CA GLY C 252 -8.34 66.52 46.83
C GLY C 252 -6.88 66.30 47.19
N ASP C 253 -6.51 65.05 47.40
CA ASP C 253 -5.14 64.70 47.78
C ASP C 253 -4.51 63.84 46.69
N SER C 254 -3.23 63.51 46.87
CA SER C 254 -2.54 62.65 45.90
C SER C 254 -3.36 61.40 45.59
N SER C 255 -3.96 60.80 46.61
CA SER C 255 -4.76 59.60 46.44
C SER C 255 -6.24 59.85 46.66
N SER C 256 -6.66 61.10 46.67
CA SER C 256 -8.08 61.44 46.76
C SER C 256 -8.45 62.46 45.67
N GLY C 257 -7.53 63.37 45.37
CA GLY C 257 -7.78 64.48 44.47
C GLY C 257 -7.60 64.17 43.00
N TRP C 258 -8.59 63.52 42.39
CA TRP C 258 -8.46 63.15 40.99
C TRP C 258 -9.83 62.79 40.43
N THR C 259 -9.94 62.89 39.11
CA THR C 259 -11.17 62.54 38.39
C THR C 259 -10.88 61.45 37.37
N ALA C 260 -11.87 60.60 37.13
CA ALA C 260 -11.70 59.44 36.27
C ALA C 260 -11.92 59.78 34.80
N GLY C 261 -13.10 60.29 34.46
CA GLY C 261 -13.46 60.55 33.08
C GLY C 261 -14.22 59.40 32.46
N ALA C 262 -15.23 59.72 31.66
CA ALA C 262 -16.10 58.68 31.10
C ALA C 262 -15.30 57.73 30.22
N ALA C 263 -15.26 56.46 30.63
CA ALA C 263 -14.53 55.45 29.88
C ALA C 263 -14.83 54.04 30.40
N ALA C 264 -14.83 53.05 29.51
CA ALA C 264 -15.01 51.67 29.90
C ALA C 264 -14.34 50.77 28.88
N TYR C 265 -13.86 49.63 29.35
CA TYR C 265 -13.26 48.63 28.48
C TYR C 265 -14.00 47.31 28.61
N TYR C 266 -13.62 46.36 27.77
CA TYR C 266 -14.21 45.02 27.80
C TYR C 266 -13.10 43.99 27.57
N VAL C 267 -13.37 42.76 27.96
CA VAL C 267 -12.33 41.75 28.14
C VAL C 267 -12.76 40.45 27.47
N GLY C 268 -11.89 39.93 26.61
CA GLY C 268 -12.09 38.61 26.06
C GLY C 268 -10.82 37.79 26.21
N TYR C 269 -10.99 36.48 26.24
CA TYR C 269 -9.90 35.54 26.34
C TYR C 269 -9.98 34.56 25.20
N LEU C 270 -8.84 34.30 24.57
CA LEU C 270 -8.84 33.59 23.30
C LEU C 270 -8.58 32.11 23.51
N GLN C 271 -9.07 31.31 22.59
CA GLN C 271 -9.09 29.87 22.74
C GLN C 271 -9.00 29.22 21.37
N PRO C 272 -8.56 27.97 21.32
CA PRO C 272 -8.34 27.29 20.03
C PRO C 272 -9.65 26.73 19.50
N ARG C 273 -10.10 27.26 18.37
CA ARG C 273 -11.38 26.90 17.83
C ARG C 273 -11.32 26.87 16.31
N THR C 274 -11.97 25.86 15.75
CA THR C 274 -12.01 25.66 14.31
C THR C 274 -12.94 26.69 13.71
N PHE C 275 -12.35 27.68 13.06
CA PHE C 275 -13.08 28.77 12.46
C PHE C 275 -12.97 28.69 10.94
N LEU C 276 -13.75 29.52 10.28
CA LEU C 276 -13.83 29.56 8.83
C LEU C 276 -14.13 31.00 8.46
N LEU C 277 -13.37 31.53 7.51
CA LEU C 277 -13.33 32.97 7.28
C LEU C 277 -13.80 33.30 5.87
N LYS C 278 -14.83 34.13 5.80
CA LYS C 278 -15.40 34.60 4.54
C LYS C 278 -14.56 35.77 4.03
N TYR C 279 -13.80 35.53 2.98
CA TYR C 279 -13.08 36.62 2.33
C TYR C 279 -13.94 37.25 1.23
N ASN C 280 -13.31 38.13 0.47
CA ASN C 280 -13.96 38.90 -0.57
C ASN C 280 -13.21 38.74 -1.88
N GLU C 281 -13.68 39.44 -2.90
CA GLU C 281 -12.81 39.74 -4.01
C GLU C 281 -11.62 40.52 -3.53
N ASN C 282 -11.83 41.32 -2.49
CA ASN C 282 -10.76 41.94 -1.74
C ASN C 282 -10.12 40.90 -0.84
N GLY C 283 -8.92 41.18 -0.37
CA GLY C 283 -8.26 40.36 0.62
C GLY C 283 -8.81 40.57 2.01
N THR C 284 -10.10 40.87 2.12
CA THR C 284 -10.70 41.33 3.34
C THR C 284 -11.57 40.25 3.95
N ILE C 285 -11.95 40.45 5.20
CA ILE C 285 -12.83 39.53 5.91
C ILE C 285 -14.14 40.24 6.22
N THR C 286 -15.25 39.54 6.01
CA THR C 286 -16.57 40.09 6.25
C THR C 286 -17.44 39.18 7.08
N ASP C 287 -17.17 37.88 7.08
CA ASP C 287 -17.93 36.95 7.88
C ASP C 287 -17.06 35.77 8.25
N ALA C 288 -17.48 35.08 9.31
CA ALA C 288 -16.78 33.92 9.80
C ALA C 288 -17.75 33.10 10.62
N VAL C 289 -17.39 31.85 10.86
CA VAL C 289 -18.23 30.92 11.59
C VAL C 289 -17.35 29.98 12.40
N ASP C 290 -17.97 29.23 13.28
CA ASP C 290 -17.26 28.38 14.24
C ASP C 290 -17.80 26.97 14.17
N CYS C 291 -16.89 26.01 13.97
CA CYS C 291 -17.31 24.63 13.82
C CYS C 291 -17.61 23.97 15.16
N ALA C 292 -17.69 24.75 16.24
CA ALA C 292 -17.77 24.20 17.59
C ALA C 292 -18.80 24.91 18.46
N LEU C 293 -19.29 26.05 18.04
CA LEU C 293 -20.13 26.84 18.94
C LEU C 293 -21.50 26.20 19.11
N ASP C 294 -22.26 26.15 18.04
CA ASP C 294 -23.64 25.68 18.10
C ASP C 294 -23.83 24.69 16.94
N PRO C 295 -24.08 23.42 17.25
CA PRO C 295 -23.90 22.37 16.24
C PRO C 295 -24.38 22.74 14.85
N LEU C 296 -25.44 23.54 14.75
CA LEU C 296 -25.79 24.10 13.45
C LEU C 296 -24.56 24.52 12.69
N SER C 297 -23.68 25.28 13.35
CA SER C 297 -22.46 25.70 12.69
C SER C 297 -21.55 24.52 12.45
N GLU C 298 -21.57 23.55 13.37
CA GLU C 298 -20.65 22.42 13.27
C GLU C 298 -20.78 21.74 11.92
N THR C 299 -22.00 21.58 11.44
CA THR C 299 -22.19 21.00 10.13
C THR C 299 -21.88 22.03 9.06
N LYS C 300 -22.02 23.31 9.39
CA LYS C 300 -21.76 24.36 8.44
C LYS C 300 -20.32 24.30 7.95
N CYS C 301 -19.47 23.63 8.73
CA CYS C 301 -18.11 23.37 8.27
C CYS C 301 -18.05 22.03 7.56
N THR C 302 -18.72 21.02 8.11
CA THR C 302 -18.70 19.69 7.53
C THR C 302 -18.95 19.75 6.04
N LEU C 303 -19.75 20.73 5.60
CA LEU C 303 -19.96 20.97 4.19
C LEU C 303 -19.11 22.12 3.67
N LYS C 304 -18.50 22.89 4.56
CA LYS C 304 -17.70 24.06 4.18
C LYS C 304 -18.53 25.07 3.40
N SER C 305 -19.53 25.65 4.06
CA SER C 305 -20.18 26.84 3.55
C SER C 305 -20.95 27.53 4.66
N PHE C 306 -21.42 28.73 4.36
CA PHE C 306 -22.17 29.52 5.32
C PHE C 306 -23.67 29.41 5.13
N THR C 307 -24.11 28.65 4.15
CA THR C 307 -25.52 28.38 3.93
C THR C 307 -25.66 26.90 3.59
N VAL C 308 -26.68 26.27 4.15
CA VAL C 308 -26.87 24.83 4.06
C VAL C 308 -28.18 24.59 3.33
N GLU C 309 -28.25 23.47 2.63
CA GLU C 309 -29.45 23.12 1.90
C GLU C 309 -30.23 22.05 2.63
N LYS C 310 -31.54 22.15 2.51
CA LYS C 310 -32.47 21.29 3.22
C LYS C 310 -31.96 19.86 3.27
N GLY C 311 -31.85 19.33 4.47
CA GLY C 311 -31.66 17.91 4.65
C GLY C 311 -30.74 17.61 5.81
N ILE C 312 -30.58 16.32 6.05
CA ILE C 312 -29.73 15.79 7.08
C ILE C 312 -28.29 15.83 6.60
N TYR C 313 -27.37 15.93 7.54
CA TYR C 313 -25.95 15.90 7.23
C TYR C 313 -25.22 15.34 8.44
N GLN C 314 -24.13 14.63 8.18
CA GLN C 314 -23.44 13.87 9.21
C GLN C 314 -22.16 14.60 9.59
N THR C 315 -22.10 15.06 10.83
CA THR C 315 -21.04 15.94 11.28
C THR C 315 -19.88 15.21 11.95
N SER C 316 -20.16 14.53 13.05
CA SER C 316 -19.14 14.10 13.97
C SER C 316 -19.47 12.72 14.49
N ASN C 317 -18.78 12.35 15.56
CA ASN C 317 -18.96 11.06 16.22
C ASN C 317 -19.15 11.35 17.70
N PHE C 318 -20.05 10.60 18.34
CA PHE C 318 -20.19 10.71 19.77
C PHE C 318 -19.37 9.62 20.44
N ARG C 319 -18.77 10.00 21.56
CA ARG C 319 -18.07 9.06 22.42
C ARG C 319 -18.20 9.59 23.83
N VAL C 320 -18.56 8.70 24.75
CA VAL C 320 -18.51 9.06 26.15
C VAL C 320 -17.04 8.96 26.52
N GLN C 321 -16.67 9.53 27.64
CA GLN C 321 -15.32 9.32 28.13
C GLN C 321 -15.41 8.64 29.48
N PRO C 322 -14.41 7.85 29.83
CA PRO C 322 -14.56 6.97 30.98
C PRO C 322 -14.34 7.66 32.31
N THR C 323 -14.46 6.89 33.39
CA THR C 323 -14.25 7.40 34.73
C THR C 323 -13.62 6.31 35.57
N GLU C 324 -13.34 6.65 36.82
CA GLU C 324 -13.01 5.68 37.86
C GLU C 324 -12.18 4.51 37.29
N SER C 325 -11.09 4.85 36.64
CA SER C 325 -10.16 3.80 36.21
C SER C 325 -9.86 2.90 37.39
N ILE C 326 -9.58 1.63 37.11
CA ILE C 326 -9.47 0.63 38.15
C ILE C 326 -8.43 -0.42 37.77
N VAL C 327 -7.92 -1.11 38.78
CA VAL C 327 -7.14 -2.32 38.63
C VAL C 327 -7.52 -3.22 39.79
N ARG C 328 -7.82 -4.49 39.50
CA ARG C 328 -8.25 -5.44 40.52
C ARG C 328 -7.65 -6.79 40.16
N PHE C 329 -6.65 -7.15 40.92
CA PHE C 329 -5.76 -8.29 40.71
C PHE C 329 -6.21 -9.44 41.59
N PRO C 330 -5.68 -10.66 41.40
CA PRO C 330 -6.17 -11.82 42.18
C PRO C 330 -6.37 -11.49 43.65
N ASN C 331 -7.41 -12.08 44.26
CA ASN C 331 -7.63 -11.90 45.68
C ASN C 331 -6.29 -12.16 46.36
N ILE C 332 -5.71 -11.11 46.95
CA ILE C 332 -4.33 -11.23 47.37
C ILE C 332 -4.30 -12.29 48.48
N THR C 333 -4.91 -12.01 49.63
CA THR C 333 -5.38 -13.02 50.56
C THR C 333 -4.42 -14.19 50.76
N ASN C 334 -3.16 -14.01 50.39
CA ASN C 334 -2.08 -14.93 50.68
C ASN C 334 -0.81 -14.10 50.50
N LEU C 335 -0.27 -13.62 51.60
CA LEU C 335 0.76 -12.60 51.57
C LEU C 335 2.12 -13.23 51.89
N CYS C 336 3.13 -12.82 51.14
CA CYS C 336 4.46 -13.35 51.37
C CYS C 336 4.80 -13.27 52.86
N PRO C 337 5.16 -14.40 53.48
CA PRO C 337 5.31 -14.43 54.95
C PRO C 337 6.56 -13.67 55.42
N PHE C 338 6.45 -12.34 55.47
CA PHE C 338 7.56 -11.54 55.96
C PHE C 338 7.63 -11.57 57.48
N GLY C 339 6.49 -11.43 58.15
CA GLY C 339 6.48 -11.52 59.61
C GLY C 339 7.13 -12.79 60.11
N GLU C 340 6.90 -13.90 59.40
CA GLU C 340 7.58 -15.14 59.75
C GLU C 340 9.09 -15.02 59.56
N VAL C 341 9.55 -13.98 58.89
CA VAL C 341 10.96 -13.65 58.80
C VAL C 341 11.36 -12.59 59.82
N PHE C 342 10.53 -11.55 59.97
CA PHE C 342 10.86 -10.44 60.84
C PHE C 342 10.35 -10.66 62.26
N ASN C 343 9.07 -11.02 62.39
CA ASN C 343 8.54 -11.35 63.71
C ASN C 343 9.08 -12.66 64.26
N ALA C 344 9.88 -13.39 63.48
CA ALA C 344 10.50 -14.62 63.94
C ALA C 344 11.28 -14.39 65.22
N THR C 345 11.33 -15.42 66.07
CA THR C 345 12.01 -15.29 67.35
C THR C 345 13.47 -15.72 67.26
N ARG C 346 13.73 -16.86 66.62
CA ARG C 346 15.06 -17.46 66.59
C ARG C 346 15.75 -17.16 65.27
N PHE C 347 16.95 -16.58 65.36
CA PHE C 347 17.82 -16.36 64.21
C PHE C 347 19.09 -17.18 64.38
N ALA C 348 19.69 -17.56 63.25
CA ALA C 348 20.89 -18.38 63.27
C ALA C 348 22.13 -17.49 63.39
N SER C 349 23.27 -18.13 63.59
CA SER C 349 24.53 -17.42 63.72
C SER C 349 24.87 -16.69 62.42
N VAL C 350 25.92 -15.87 62.48
CA VAL C 350 26.30 -15.08 61.31
C VAL C 350 27.07 -15.94 60.31
N TYR C 351 27.98 -16.79 60.81
CA TYR C 351 28.60 -17.78 59.94
C TYR C 351 27.60 -18.85 59.52
N ALA C 352 26.52 -19.04 60.27
CA ALA C 352 25.48 -19.99 59.96
C ALA C 352 24.17 -19.27 59.61
N TRP C 353 24.29 -18.11 58.97
CA TRP C 353 23.12 -17.37 58.51
C TRP C 353 22.12 -18.30 57.85
N ASN C 354 20.84 -18.09 58.15
CA ASN C 354 19.77 -18.94 57.64
C ASN C 354 19.22 -18.37 56.34
N ARG C 355 18.74 -19.25 55.47
CA ARG C 355 18.22 -18.89 54.16
C ARG C 355 16.80 -19.41 54.00
N LYS C 356 15.96 -18.64 53.33
CA LYS C 356 14.57 -18.99 53.08
C LYS C 356 14.17 -18.53 51.69
N ARG C 357 13.19 -19.22 51.12
CA ARG C 357 12.71 -18.96 49.78
C ARG C 357 11.26 -18.47 49.83
N ILE C 358 10.97 -17.41 49.08
CA ILE C 358 9.65 -16.80 49.05
C ILE C 358 9.22 -16.66 47.60
N SER C 359 7.96 -17.02 47.32
CA SER C 359 7.44 -16.98 45.97
C SER C 359 5.95 -17.31 46.03
N ASN C 360 5.31 -17.31 44.85
CA ASN C 360 3.90 -17.63 44.69
C ASN C 360 3.06 -16.94 45.77
N CYS C 361 3.46 -15.71 46.07
CA CYS C 361 2.79 -14.89 47.08
C CYS C 361 2.92 -13.44 46.61
N VAL C 362 2.62 -12.51 47.51
CA VAL C 362 2.70 -11.08 47.23
C VAL C 362 3.58 -10.42 48.29
N ALA C 363 4.52 -9.60 47.83
CA ALA C 363 5.54 -9.02 48.69
C ALA C 363 5.21 -7.56 48.95
N ASP C 364 4.66 -7.29 50.14
CA ASP C 364 4.29 -5.93 50.55
C ASP C 364 5.52 -5.28 51.18
N TYR C 365 6.28 -4.56 50.36
CA TYR C 365 7.46 -3.84 50.84
C TYR C 365 7.12 -2.51 51.50
N SER C 366 5.96 -1.92 51.17
CA SER C 366 5.62 -0.61 51.71
C SER C 366 5.57 -0.63 53.23
N VAL C 367 4.84 -1.59 53.81
CA VAL C 367 4.73 -1.66 55.27
C VAL C 367 6.11 -1.77 55.89
N LEU C 368 7.04 -2.44 55.21
CA LEU C 368 8.40 -2.57 55.73
C LEU C 368 9.09 -1.22 55.78
N TYR C 369 9.15 -0.53 54.64
CA TYR C 369 9.93 0.71 54.57
C TYR C 369 9.42 1.74 55.57
N ASN C 370 8.11 1.85 55.73
CA ASN C 370 7.52 2.82 56.66
C ASN C 370 7.16 2.13 57.96
N SER C 371 8.19 1.86 58.75
CA SER C 371 8.02 1.23 60.06
C SER C 371 8.69 2.02 61.18
N ALA C 372 9.83 2.66 60.90
CA ALA C 372 10.57 3.50 61.83
C ALA C 372 11.24 2.71 62.94
N SER C 373 11.08 1.39 62.99
CA SER C 373 11.73 0.56 64.00
C SER C 373 13.05 -0.03 63.53
N PHE C 374 13.30 -0.02 62.21
CA PHE C 374 14.54 -0.53 61.65
C PHE C 374 15.42 0.64 61.25
N SER C 375 16.70 0.57 61.65
CA SER C 375 17.69 1.57 61.29
C SER C 375 18.52 1.16 60.09
N THR C 376 17.95 0.35 59.20
CA THR C 376 18.70 -0.24 58.09
C THR C 376 17.76 -0.43 56.91
N PHE C 377 18.06 0.26 55.80
CA PHE C 377 17.34 0.10 54.54
C PHE C 377 18.30 0.43 53.41
N LYS C 378 18.93 -0.60 52.85
CA LYS C 378 19.89 -0.46 51.76
C LYS C 378 19.47 -1.40 50.64
N CYS C 379 18.64 -0.90 49.74
CA CYS C 379 18.13 -1.67 48.61
C CYS C 379 19.00 -1.41 47.40
N TYR C 380 19.82 -2.41 47.07
CA TYR C 380 20.83 -2.31 46.02
C TYR C 380 20.31 -2.96 44.75
N GLY C 381 20.48 -2.27 43.63
CA GLY C 381 19.96 -2.74 42.36
C GLY C 381 18.63 -2.10 42.03
N VAL C 382 17.84 -1.80 43.05
CA VAL C 382 16.55 -1.14 42.91
C VAL C 382 16.35 -0.22 44.09
N SER C 383 15.61 0.87 43.85
CA SER C 383 15.27 1.79 44.91
C SER C 383 14.44 1.08 45.98
N PRO C 384 14.64 1.42 47.25
CA PRO C 384 13.77 0.84 48.29
C PRO C 384 12.30 1.10 48.04
N THR C 385 11.96 2.30 47.58
CA THR C 385 10.58 2.63 47.25
C THR C 385 10.25 2.02 45.89
N LYS C 386 9.02 2.25 45.42
CA LYS C 386 8.55 1.75 44.13
C LYS C 386 8.91 0.28 43.91
N LEU C 387 9.00 -0.47 45.01
CA LEU C 387 9.21 -1.91 44.92
C LEU C 387 7.92 -2.67 44.67
N ASN C 388 6.77 -2.02 44.86
CA ASN C 388 5.48 -2.63 44.59
C ASN C 388 5.20 -2.75 43.10
N ASP C 389 5.75 -1.86 42.27
CA ASP C 389 5.59 -1.92 40.83
C ASP C 389 6.59 -2.86 40.17
N LEU C 390 7.67 -3.21 40.86
CA LEU C 390 8.62 -4.22 40.39
C LEU C 390 8.28 -5.55 41.05
N CYS C 391 8.36 -6.63 40.28
CA CYS C 391 8.22 -7.96 40.87
C CYS C 391 8.98 -8.99 40.06
N PHE C 392 9.17 -10.16 40.68
CA PHE C 392 10.23 -11.08 40.31
C PHE C 392 9.73 -12.52 40.38
N THR C 393 10.59 -13.44 39.94
CA THR C 393 10.25 -14.86 39.98
C THR C 393 10.43 -15.42 41.38
N ASN C 394 11.58 -15.17 42.00
CA ASN C 394 11.86 -15.69 43.33
C ASN C 394 12.46 -14.57 44.18
N VAL C 395 12.51 -14.82 45.49
CA VAL C 395 13.13 -13.92 46.46
C VAL C 395 13.85 -14.79 47.48
N TYR C 396 15.02 -14.33 47.93
CA TYR C 396 15.85 -15.06 48.87
C TYR C 396 16.13 -14.17 50.07
N ALA C 397 15.55 -14.54 51.23
CA ALA C 397 15.68 -13.78 52.45
C ALA C 397 16.70 -14.45 53.36
N ASP C 398 17.83 -13.79 53.59
CA ASP C 398 18.90 -14.29 54.45
C ASP C 398 18.85 -13.53 55.76
N SER C 399 18.55 -14.23 56.85
CA SER C 399 18.39 -13.62 58.17
C SER C 399 19.42 -14.17 59.13
N PHE C 400 19.89 -13.31 60.03
CA PHE C 400 20.83 -13.71 61.09
C PHE C 400 20.91 -12.55 62.08
N VAL C 401 21.83 -12.67 63.03
CA VAL C 401 22.05 -11.65 64.05
C VAL C 401 23.54 -11.37 64.14
N ILE C 402 23.87 -10.11 64.44
CA ILE C 402 25.25 -9.66 64.61
C ILE C 402 25.27 -8.60 65.69
N ARG C 403 26.44 -8.06 65.98
CA ARG C 403 26.56 -6.88 66.83
C ARG C 403 26.55 -5.63 65.96
N GLY C 404 26.22 -4.50 66.58
CA GLY C 404 26.14 -3.25 65.85
C GLY C 404 27.44 -2.87 65.15
N ASP C 405 28.56 -3.39 65.66
CA ASP C 405 29.87 -2.98 65.14
C ASP C 405 30.10 -3.46 63.71
N GLU C 406 29.60 -4.63 63.35
CA GLU C 406 29.81 -5.18 62.01
C GLU C 406 28.58 -5.09 61.12
N VAL C 407 27.72 -4.09 61.32
CA VAL C 407 26.61 -3.87 60.41
C VAL C 407 27.08 -3.18 59.14
N ARG C 408 28.26 -2.56 59.16
CA ARG C 408 28.75 -1.82 57.99
C ARG C 408 29.32 -2.76 56.95
N GLN C 409 29.75 -3.96 57.37
CA GLN C 409 30.41 -4.90 56.48
C GLN C 409 29.45 -5.53 55.47
N ILE C 410 28.15 -5.29 55.60
CA ILE C 410 27.14 -5.91 54.73
C ILE C 410 26.83 -4.91 53.63
N ALA C 411 27.59 -4.98 52.54
CA ALA C 411 27.35 -4.15 51.36
C ALA C 411 28.31 -4.59 50.25
N PRO C 412 27.97 -4.36 48.99
CA PRO C 412 28.86 -4.80 47.91
C PRO C 412 30.15 -4.00 47.86
N GLY C 413 31.24 -4.70 47.59
CA GLY C 413 32.55 -4.09 47.48
C GLY C 413 33.27 -3.86 48.79
N GLN C 414 32.80 -4.47 49.88
CA GLN C 414 33.40 -4.28 51.19
C GLN C 414 34.21 -5.49 51.60
N THR C 415 35.08 -5.29 52.59
CA THR C 415 35.90 -6.35 53.16
C THR C 415 35.88 -6.23 54.68
N GLY C 416 35.82 -7.37 55.35
CA GLY C 416 35.82 -7.40 56.80
C GLY C 416 35.71 -8.81 57.30
N LYS C 417 35.96 -8.96 58.60
CA LYS C 417 35.93 -10.27 59.23
C LYS C 417 34.57 -10.94 59.02
N ILE C 418 33.49 -10.21 59.29
CA ILE C 418 32.15 -10.77 59.15
C ILE C 418 31.83 -11.01 57.68
N ALA C 419 32.31 -10.12 56.81
CA ALA C 419 32.01 -10.25 55.39
C ALA C 419 32.84 -11.34 54.73
N ASP C 420 34.13 -11.42 55.08
CA ASP C 420 35.03 -12.35 54.40
C ASP C 420 35.01 -13.75 55.00
N TYR C 421 34.71 -13.88 56.30
CA TYR C 421 34.84 -15.16 56.97
C TYR C 421 33.52 -15.84 57.31
N ASN C 422 32.49 -15.09 57.65
CA ASN C 422 31.23 -15.67 58.12
C ASN C 422 30.13 -15.60 57.06
N TYR C 423 30.03 -14.51 56.32
CA TYR C 423 28.99 -14.36 55.30
C TYR C 423 29.47 -13.30 54.30
N LYS C 424 29.76 -13.75 53.08
CA LYS C 424 30.14 -12.85 51.99
C LYS C 424 29.00 -12.78 50.99
N LEU C 425 28.77 -11.58 50.45
CA LEU C 425 27.67 -11.35 49.53
C LEU C 425 28.18 -11.00 48.14
N PRO C 426 27.38 -11.21 47.10
CA PRO C 426 27.84 -10.85 45.75
C PRO C 426 28.07 -9.35 45.62
N ASP C 427 28.88 -8.97 44.62
CA ASP C 427 29.24 -7.57 44.46
C ASP C 427 28.15 -6.80 43.73
N ASP C 428 27.50 -7.43 42.75
CA ASP C 428 26.48 -6.76 41.93
C ASP C 428 25.12 -7.42 42.10
N PHE C 429 24.77 -7.78 43.35
CA PHE C 429 23.49 -8.41 43.60
C PHE C 429 22.37 -7.37 43.50
N THR C 430 21.17 -7.86 43.22
CA THR C 430 19.99 -7.02 43.05
C THR C 430 19.04 -7.34 44.19
N GLY C 431 19.21 -6.64 45.31
CA GLY C 431 18.38 -6.87 46.48
C GLY C 431 18.48 -5.78 47.52
N CYS C 432 17.98 -6.05 48.72
CA CYS C 432 18.00 -5.08 49.79
C CYS C 432 18.44 -5.77 51.08
N VAL C 433 19.00 -4.99 51.99
CA VAL C 433 19.51 -5.49 53.26
C VAL C 433 18.88 -4.67 54.38
N ILE C 434 18.15 -5.36 55.26
CA ILE C 434 17.49 -4.74 56.40
C ILE C 434 18.12 -5.27 57.68
N ALA C 435 17.98 -4.50 58.75
CA ALA C 435 18.61 -4.85 60.02
C ALA C 435 18.14 -3.85 61.07
N TRP C 436 18.30 -4.24 62.33
CA TRP C 436 17.81 -3.44 63.44
C TRP C 436 18.34 -4.02 64.74
N ASN C 437 18.73 -3.12 65.65
CA ASN C 437 19.22 -3.54 66.95
C ASN C 437 18.27 -4.56 67.56
N SER C 438 18.83 -5.51 68.31
CA SER C 438 18.06 -6.63 68.85
C SER C 438 18.39 -6.83 70.33
N ASN C 439 18.77 -5.75 70.99
CA ASN C 439 19.20 -5.86 72.39
C ASN C 439 18.11 -6.50 73.25
N ASN C 440 16.92 -5.92 73.27
CA ASN C 440 15.86 -6.40 74.16
C ASN C 440 15.49 -7.85 73.88
N LEU C 441 15.75 -8.35 72.68
CA LEU C 441 15.38 -9.72 72.32
C LEU C 441 16.54 -10.69 72.21
N ASP C 442 17.79 -10.20 72.27
CA ASP C 442 18.96 -11.05 72.12
C ASP C 442 19.97 -10.88 73.24
N SER C 443 19.73 -10.00 74.19
CA SER C 443 20.65 -9.78 75.31
C SER C 443 20.12 -10.50 76.54
N LYS C 444 21.01 -11.22 77.22
CA LYS C 444 20.66 -12.01 78.39
C LYS C 444 21.67 -11.74 79.49
N VAL C 445 21.15 -11.50 80.71
CA VAL C 445 22.00 -11.26 81.85
C VAL C 445 23.04 -12.38 81.98
N GLY C 446 24.31 -11.99 82.04
CA GLY C 446 25.39 -12.94 82.17
C GLY C 446 26.04 -13.36 80.86
N GLY C 447 25.54 -12.87 79.73
CA GLY C 447 26.14 -13.19 78.44
C GLY C 447 25.34 -14.19 77.64
N ASN C 448 24.81 -13.76 76.50
CA ASN C 448 24.09 -14.64 75.59
C ASN C 448 25.08 -15.16 74.57
N TYR C 449 25.68 -16.31 74.86
CA TYR C 449 26.74 -16.88 74.02
C TYR C 449 26.21 -17.80 72.94
N ASN C 450 24.89 -17.88 72.75
CA ASN C 450 24.36 -18.75 71.71
C ASN C 450 24.77 -18.27 70.32
N TYR C 451 25.07 -16.97 70.18
CA TYR C 451 25.47 -16.43 68.89
C TYR C 451 26.97 -16.56 68.71
N LEU C 452 27.37 -17.29 67.66
CA LEU C 452 28.77 -17.52 67.35
C LEU C 452 29.08 -16.89 66.00
N TYR C 453 30.37 -16.71 65.72
CA TYR C 453 30.81 -16.12 64.46
C TYR C 453 32.20 -16.63 64.13
N ARG C 454 32.31 -17.33 62.99
CA ARG C 454 33.58 -17.97 62.64
C ARG C 454 34.64 -16.91 62.34
N LEU C 455 35.89 -17.23 62.71
CA LEU C 455 36.95 -16.24 62.74
C LEU C 455 38.02 -16.50 61.68
N PHE C 456 38.64 -17.68 61.70
CA PHE C 456 39.85 -17.95 60.94
C PHE C 456 39.57 -18.96 59.84
N ARG C 457 40.16 -18.74 58.67
CA ARG C 457 40.11 -19.69 57.57
C ARG C 457 41.04 -19.20 56.48
N LYS C 458 41.73 -20.13 55.83
CA LYS C 458 42.70 -19.79 54.80
C LYS C 458 42.03 -19.13 53.59
N SER C 459 40.94 -19.72 53.10
CA SER C 459 40.35 -19.31 51.84
C SER C 459 39.33 -18.20 52.02
N ASN C 460 38.66 -17.83 50.92
CA ASN C 460 37.61 -16.82 50.93
C ASN C 460 36.33 -17.45 50.38
N LEU C 461 35.19 -17.05 50.95
CA LEU C 461 33.89 -17.57 50.57
C LEU C 461 33.56 -17.14 49.16
N LYS C 462 32.99 -18.06 48.37
CA LYS C 462 32.42 -17.69 47.09
C LYS C 462 30.98 -17.22 47.28
N PRO C 463 30.43 -16.49 46.31
CA PRO C 463 29.08 -15.97 46.48
C PRO C 463 28.07 -17.08 46.76
N PHE C 464 27.25 -16.87 47.78
CA PHE C 464 26.19 -17.81 48.16
C PHE C 464 26.77 -19.18 48.48
N GLU C 465 27.59 -19.23 49.54
CA GLU C 465 28.17 -20.46 50.03
C GLU C 465 27.89 -20.59 51.52
N ARG C 466 27.39 -21.75 51.93
CA ARG C 466 27.07 -22.04 53.32
C ARG C 466 28.07 -23.05 53.86
N ASP C 467 28.89 -22.63 54.82
CA ASP C 467 29.90 -23.48 55.41
C ASP C 467 29.54 -23.79 56.85
N ILE C 468 29.56 -25.07 57.22
CA ILE C 468 29.31 -25.52 58.57
C ILE C 468 30.47 -26.31 59.15
N SER C 469 31.59 -26.40 58.44
CA SER C 469 32.73 -27.16 58.93
C SER C 469 33.23 -26.59 60.25
N THR C 470 33.48 -27.48 61.21
CA THR C 470 33.97 -27.09 62.53
C THR C 470 35.39 -27.60 62.79
N GLU C 471 36.14 -27.90 61.72
CA GLU C 471 37.51 -28.38 61.90
C GLU C 471 38.36 -27.30 62.56
N ILE C 472 39.31 -27.75 63.40
CA ILE C 472 40.15 -26.82 64.12
C ILE C 472 41.07 -26.09 63.14
N TYR C 473 41.07 -24.76 63.22
CA TYR C 473 41.94 -23.97 62.37
C TYR C 473 43.40 -24.19 62.73
N GLN C 474 44.28 -24.06 61.75
CA GLN C 474 45.70 -24.30 61.92
C GLN C 474 46.49 -23.02 61.72
N ALA C 475 47.40 -22.72 62.66
CA ALA C 475 48.34 -21.62 62.52
C ALA C 475 49.67 -22.10 61.95
N GLY C 476 49.96 -23.39 62.10
CA GLY C 476 51.06 -24.04 61.42
C GLY C 476 52.24 -24.40 62.29
N SER C 477 52.25 -25.66 62.73
CA SER C 477 53.45 -26.35 63.19
C SER C 477 53.49 -27.80 62.73
N THR C 478 52.33 -28.41 62.52
CA THR C 478 52.13 -29.75 62.00
C THR C 478 50.62 -29.91 61.85
N PRO C 479 50.13 -30.80 61.00
CA PRO C 479 48.68 -31.02 60.97
C PRO C 479 48.23 -31.66 62.28
N CYS C 480 47.57 -30.85 63.10
CA CYS C 480 47.25 -31.29 64.47
C CYS C 480 46.11 -32.29 64.47
N ASN C 481 45.52 -32.56 63.30
CA ASN C 481 44.68 -33.73 63.07
C ASN C 481 43.64 -33.92 64.18
N GLY C 482 42.76 -32.94 64.32
CA GLY C 482 41.69 -33.02 65.30
C GLY C 482 42.19 -33.07 66.73
N VAL C 483 43.38 -32.53 66.99
CA VAL C 483 43.94 -32.45 68.34
C VAL C 483 44.36 -31.01 68.57
N GLU C 484 43.90 -30.43 69.66
CA GLU C 484 44.15 -29.03 69.97
C GLU C 484 45.51 -28.89 70.67
N GLY C 485 46.00 -27.67 70.75
CA GLY C 485 47.29 -27.41 71.36
C GLY C 485 48.01 -26.22 70.75
N PHE C 486 49.24 -26.43 70.30
CA PHE C 486 50.04 -25.33 69.76
C PHE C 486 49.74 -25.14 68.29
N ASN C 487 49.39 -23.90 67.92
CA ASN C 487 49.15 -23.54 66.52
C ASN C 487 47.90 -24.23 65.96
N CYS C 488 46.87 -24.35 66.81
CA CYS C 488 45.56 -24.80 66.35
C CYS C 488 44.52 -24.14 67.25
N TYR C 489 43.73 -23.24 66.69
CA TYR C 489 42.80 -22.41 67.45
C TYR C 489 41.39 -22.56 66.87
N PHE C 490 40.40 -22.42 67.74
CA PHE C 490 39.02 -22.64 67.33
C PHE C 490 38.63 -21.66 66.23
N PRO C 491 37.88 -22.08 65.21
CA PRO C 491 37.54 -21.14 64.14
C PRO C 491 36.61 -20.02 64.57
N LEU C 492 35.73 -20.25 65.53
CA LEU C 492 34.59 -19.37 65.77
C LEU C 492 34.54 -18.91 67.22
N GLN C 493 34.09 -17.66 67.40
CA GLN C 493 34.00 -17.03 68.70
C GLN C 493 32.57 -16.64 68.98
N SER C 494 32.27 -16.45 70.27
CA SER C 494 30.95 -16.04 70.73
C SER C 494 30.95 -14.56 71.08
N TYR C 495 29.90 -13.86 70.67
CA TYR C 495 29.76 -12.46 71.05
C TYR C 495 29.51 -12.33 72.54
N GLY C 496 28.66 -13.19 73.10
CA GLY C 496 28.34 -13.12 74.52
C GLY C 496 27.63 -11.84 74.88
N PHE C 497 26.47 -11.60 74.29
CA PHE C 497 25.76 -10.35 74.46
C PHE C 497 25.18 -10.25 75.86
N GLN C 498 25.26 -9.05 76.43
CA GLN C 498 24.72 -8.73 77.74
C GLN C 498 23.76 -7.56 77.64
N PRO C 499 22.89 -7.36 78.63
CA PRO C 499 21.94 -6.24 78.54
C PRO C 499 22.62 -4.87 78.56
N THR C 500 23.83 -4.77 79.08
CA THR C 500 24.55 -3.50 79.18
C THR C 500 25.43 -3.25 77.94
N ASN C 501 25.06 -3.83 76.80
CA ASN C 501 25.87 -3.71 75.60
C ASN C 501 25.94 -2.26 75.12
N GLY C 502 27.08 -1.91 74.53
CA GLY C 502 27.22 -0.61 73.91
C GLY C 502 26.62 -0.58 72.51
N VAL C 503 26.31 0.64 72.06
CA VAL C 503 25.63 0.81 70.78
C VAL C 503 26.40 0.09 69.67
N GLY C 504 27.73 0.05 69.77
CA GLY C 504 28.52 -0.63 68.75
C GLY C 504 28.45 -2.15 68.87
N TYR C 505 28.49 -2.65 70.11
CA TYR C 505 28.48 -4.09 70.36
C TYR C 505 27.08 -4.66 70.50
N GLN C 506 26.06 -3.83 70.64
CA GLN C 506 24.71 -4.33 70.83
C GLN C 506 24.33 -5.26 69.67
N PRO C 507 23.44 -6.22 69.92
CA PRO C 507 23.10 -7.18 68.88
C PRO C 507 22.15 -6.58 67.85
N TYR C 508 22.34 -6.97 66.60
CA TYR C 508 21.60 -6.38 65.49
C TYR C 508 21.13 -7.48 64.55
N ARG C 509 19.83 -7.72 64.53
CA ARG C 509 19.24 -8.67 63.60
C ARG C 509 19.41 -8.14 62.18
N VAL C 510 19.64 -9.04 61.23
CA VAL C 510 19.87 -8.68 59.85
C VAL C 510 19.01 -9.57 58.97
N VAL C 511 18.51 -9.01 57.87
CA VAL C 511 17.70 -9.76 56.91
C VAL C 511 18.03 -9.24 55.52
N VAL C 512 18.62 -10.10 54.68
CA VAL C 512 19.05 -9.72 53.34
C VAL C 512 18.05 -10.29 52.34
N LEU C 513 17.45 -9.42 51.55
CA LEU C 513 16.43 -9.80 50.57
C LEU C 513 17.02 -9.61 49.17
N SER C 514 17.31 -10.71 48.49
CA SER C 514 17.77 -10.69 47.11
C SER C 514 16.65 -11.17 46.21
N PHE C 515 16.37 -10.40 45.16
CA PHE C 515 15.30 -10.70 44.23
C PHE C 515 15.89 -11.37 43.00
N GLU C 516 15.29 -12.48 42.58
CA GLU C 516 15.77 -13.27 41.44
C GLU C 516 14.66 -13.35 40.40
N LEU C 517 15.01 -13.06 39.15
CA LEU C 517 14.08 -13.14 38.03
C LEU C 517 14.81 -13.70 36.82
N LEU C 518 14.10 -14.53 36.06
CA LEU C 518 14.66 -15.15 34.85
C LEU C 518 13.61 -15.22 33.75
N PRO C 521 8.51 -16.61 34.71
CA PRO C 521 7.31 -16.16 35.40
C PRO C 521 7.60 -15.44 36.71
N ALA C 522 7.40 -14.13 36.75
CA ALA C 522 7.46 -13.42 38.02
C ALA C 522 6.38 -13.96 38.94
N THR C 523 6.80 -14.51 40.09
CA THR C 523 5.91 -15.21 40.99
C THR C 523 5.51 -14.38 42.19
N VAL C 524 6.47 -13.73 42.84
CA VAL C 524 6.20 -12.82 43.95
C VAL C 524 6.12 -11.41 43.39
N CYS C 525 5.00 -10.74 43.62
CA CYS C 525 4.85 -9.34 43.27
C CYS C 525 4.38 -8.55 44.48
N GLY C 526 4.22 -7.26 44.27
CA GLY C 526 3.84 -6.36 45.34
C GLY C 526 2.36 -6.38 45.60
N PRO C 527 1.92 -5.52 46.50
CA PRO C 527 0.54 -5.60 46.99
C PRO C 527 -0.45 -5.30 45.89
N LYS C 528 -0.66 -6.30 45.04
CA LYS C 528 -1.66 -6.22 43.97
C LYS C 528 -3.04 -5.98 44.55
N LYS C 529 -1.94 -0.54 44.88
CA LYS C 529 -3.04 -1.34 45.39
C LYS C 529 -4.20 -1.40 44.41
N SER C 530 -4.65 -2.61 44.13
CA SER C 530 -5.85 -2.86 43.34
C SER C 530 -7.01 -2.03 43.85
N THR C 531 -8.05 -1.87 43.04
CA THR C 531 -9.10 -0.90 43.29
C THR C 531 -10.44 -1.58 43.53
N ASN C 532 -11.50 -0.78 43.61
CA ASN C 532 -12.85 -1.29 43.84
C ASN C 532 -13.62 -1.37 42.54
N LEU C 533 -14.23 -2.53 42.31
CA LEU C 533 -15.03 -2.77 41.12
C LEU C 533 -16.40 -2.13 41.30
N VAL C 534 -16.72 -1.21 40.40
CA VAL C 534 -18.10 -0.80 40.17
C VAL C 534 -18.46 -1.26 38.78
N LYS C 535 -19.72 -1.10 38.40
CA LYS C 535 -20.19 -1.55 37.10
C LYS C 535 -21.03 -0.46 36.47
N ASN C 536 -21.27 -0.63 35.17
CA ASN C 536 -22.14 0.26 34.42
C ASN C 536 -21.55 1.66 34.30
N LYS C 537 -20.27 1.75 33.99
CA LYS C 537 -19.63 3.03 33.73
C LYS C 537 -18.53 2.84 32.70
N CYS C 538 -18.40 3.82 31.80
CA CYS C 538 -17.24 3.88 30.93
C CYS C 538 -16.02 4.13 31.81
N VAL C 539 -15.02 3.27 31.69
CA VAL C 539 -13.90 3.24 32.62
C VAL C 539 -12.67 2.77 31.87
N ASN C 540 -11.49 3.02 32.44
CA ASN C 540 -10.25 2.42 31.97
C ASN C 540 -9.73 1.50 33.05
N PHE C 541 -9.65 0.21 32.72
CA PHE C 541 -9.45 -0.83 33.71
C PHE C 541 -8.21 -1.65 33.39
N ASN C 542 -7.67 -2.32 34.41
CA ASN C 542 -6.63 -3.32 34.24
C ASN C 542 -7.04 -4.55 35.04
N PHE C 543 -7.22 -5.67 34.35
CA PHE C 543 -7.52 -6.94 34.97
C PHE C 543 -6.32 -7.86 34.81
N ASN C 544 -5.59 -8.07 35.91
CA ASN C 544 -4.41 -8.95 35.92
C ASN C 544 -3.52 -8.68 34.71
N GLY C 545 -3.12 -7.42 34.57
CA GLY C 545 -2.31 -6.99 33.45
C GLY C 545 -3.08 -6.68 32.19
N LEU C 546 -4.23 -7.29 31.99
CA LEU C 546 -5.09 -6.97 30.85
C LEU C 546 -5.73 -5.62 31.08
N THR C 547 -5.40 -4.66 30.23
CA THR C 547 -5.89 -3.29 30.36
C THR C 547 -6.87 -2.99 29.24
N GLY C 548 -7.94 -2.26 29.59
CA GLY C 548 -8.90 -1.86 28.58
C GLY C 548 -9.83 -0.79 29.10
N THR C 549 -10.76 -0.40 28.24
CA THR C 549 -11.78 0.57 28.56
C THR C 549 -13.12 0.07 28.09
N GLY C 550 -14.17 0.44 28.80
CA GLY C 550 -15.50 0.04 28.43
C GLY C 550 -16.41 0.06 29.64
N VAL C 551 -17.50 -0.68 29.51
CA VAL C 551 -18.49 -0.84 30.56
C VAL C 551 -18.69 -2.32 30.81
N LEU C 552 -18.48 -2.74 32.06
CA LEU C 552 -18.67 -4.12 32.45
C LEU C 552 -20.07 -4.29 33.02
N THR C 553 -20.54 -5.53 33.05
CA THR C 553 -21.83 -5.84 33.62
C THR C 553 -21.82 -7.26 34.17
N GLU C 554 -22.62 -7.48 35.19
CA GLU C 554 -22.84 -8.84 35.66
C GLU C 554 -23.33 -9.69 34.50
N SER C 555 -22.75 -10.88 34.37
CA SER C 555 -23.01 -11.73 33.21
C SER C 555 -23.16 -13.18 33.66
N ASN C 556 -24.18 -13.83 33.10
CA ASN C 556 -24.50 -15.21 33.38
C ASN C 556 -23.48 -16.19 32.82
N LYS C 557 -22.50 -15.71 32.07
CA LYS C 557 -21.59 -16.61 31.38
C LYS C 557 -20.90 -17.54 32.35
N LYS C 558 -20.60 -18.75 31.88
CA LYS C 558 -19.96 -19.80 32.66
C LYS C 558 -18.58 -20.09 32.11
N PHE C 559 -17.57 -19.44 32.66
CA PHE C 559 -16.20 -19.78 32.35
C PHE C 559 -15.89 -21.18 32.85
N LEU C 560 -14.68 -21.63 32.55
CA LEU C 560 -14.15 -22.82 33.18
C LEU C 560 -13.22 -22.42 34.31
N PRO C 561 -13.07 -23.29 35.31
CA PRO C 561 -12.39 -22.89 36.55
C PRO C 561 -11.00 -22.32 36.31
N PHE C 562 -10.46 -22.46 35.12
CA PHE C 562 -9.14 -21.96 34.79
C PHE C 562 -9.19 -20.78 33.83
N GLN C 563 -10.25 -20.68 33.04
CA GLN C 563 -10.32 -19.73 31.95
C GLN C 563 -10.33 -18.32 32.51
N GLN C 564 -9.79 -17.39 31.73
CA GLN C 564 -9.44 -16.08 32.26
C GLN C 564 -10.26 -14.96 31.65
N PHE C 565 -10.38 -14.94 30.33
CA PHE C 565 -11.18 -13.94 29.65
C PHE C 565 -11.56 -14.39 28.25
N GLY C 566 -12.83 -14.21 27.92
CA GLY C 566 -13.37 -14.60 26.63
C GLY C 566 -13.23 -13.45 25.64
N ARG C 567 -13.12 -13.80 24.37
CA ARG C 567 -12.92 -12.83 23.31
C ARG C 567 -14.00 -12.98 22.25
N ASP C 568 -14.66 -11.88 21.92
CA ASP C 568 -15.66 -11.90 20.87
C ASP C 568 -14.98 -12.10 19.53
N ILE C 569 -15.79 -12.38 18.52
CA ILE C 569 -15.26 -12.46 17.16
C ILE C 569 -14.45 -11.20 16.91
N ALA C 570 -13.33 -11.35 16.22
CA ALA C 570 -12.28 -10.37 16.08
C ALA C 570 -11.32 -10.48 17.25
N ASP C 571 -11.54 -11.43 18.14
CA ASP C 571 -10.62 -11.73 19.25
C ASP C 571 -10.49 -10.56 20.21
N THR C 572 -11.35 -9.55 20.07
CA THR C 572 -11.40 -8.45 21.03
C THR C 572 -11.76 -9.02 22.39
N THR C 573 -11.50 -8.24 23.43
CA THR C 573 -11.92 -8.64 24.76
C THR C 573 -13.45 -8.64 24.83
N ASP C 574 -14.00 -9.75 25.29
CA ASP C 574 -15.44 -9.93 25.38
C ASP C 574 -16.00 -9.68 26.77
N ALA C 575 -15.33 -10.17 27.80
CA ALA C 575 -15.83 -10.13 29.16
C ALA C 575 -14.66 -10.34 30.10
N VAL C 576 -14.97 -10.48 31.38
CA VAL C 576 -13.95 -10.78 32.37
C VAL C 576 -14.59 -11.46 33.56
N ARG C 577 -13.95 -12.52 34.04
CA ARG C 577 -14.18 -13.05 35.36
C ARG C 577 -13.31 -12.24 36.31
N ASP C 578 -13.90 -11.70 37.36
CA ASP C 578 -13.16 -10.77 38.19
C ASP C 578 -12.31 -11.56 39.18
N PRO C 579 -11.02 -11.29 39.26
CA PRO C 579 -10.15 -12.20 40.03
C PRO C 579 -10.53 -12.31 41.48
N GLN C 580 -10.57 -11.19 42.20
CA GLN C 580 -10.62 -11.26 43.66
C GLN C 580 -11.84 -12.01 44.15
N THR C 581 -12.79 -12.28 43.27
CA THR C 581 -13.90 -13.18 43.56
C THR C 581 -14.09 -14.20 42.46
N LEU C 582 -13.33 -14.10 41.37
CA LEU C 582 -13.44 -15.05 40.27
C LEU C 582 -14.88 -15.13 39.77
N GLU C 583 -15.45 -13.99 39.41
CA GLU C 583 -16.85 -13.93 39.02
C GLU C 583 -17.00 -13.28 37.65
N ILE C 584 -17.97 -13.78 36.88
CA ILE C 584 -18.03 -13.58 35.44
C ILE C 584 -18.82 -12.32 35.13
N LEU C 585 -18.11 -11.28 34.68
CA LEU C 585 -18.71 -10.01 34.29
C LEU C 585 -18.51 -9.81 32.79
N ASP C 586 -19.58 -9.43 32.10
CA ASP C 586 -19.48 -9.10 30.69
C ASP C 586 -18.77 -7.76 30.52
N ILE C 587 -18.09 -7.59 29.38
CA ILE C 587 -17.44 -6.34 29.03
C ILE C 587 -18.17 -5.75 27.83
N THR C 588 -18.17 -4.43 27.72
CA THR C 588 -18.83 -3.77 26.63
C THR C 588 -18.24 -2.39 26.40
N PRO C 589 -18.27 -1.88 25.16
CA PRO C 589 -17.74 -0.53 24.92
C PRO C 589 -18.79 0.52 25.22
N CYS C 590 -18.43 1.47 26.07
CA CYS C 590 -19.35 2.55 26.37
C CYS C 590 -19.74 3.23 25.05
N SER C 591 -20.92 3.84 25.04
CA SER C 591 -21.61 4.11 23.80
C SER C 591 -20.81 5.02 22.88
N PHE C 592 -20.91 4.75 21.59
CA PHE C 592 -20.35 5.59 20.56
C PHE C 592 -21.36 5.71 19.45
N GLY C 593 -21.00 6.49 18.44
CA GLY C 593 -21.89 6.69 17.32
C GLY C 593 -21.70 8.06 16.70
N GLY C 594 -22.66 8.41 15.86
CA GLY C 594 -22.49 9.56 14.99
C GLY C 594 -23.57 10.60 15.16
N VAL C 595 -23.22 11.81 14.77
CA VAL C 595 -24.10 12.97 14.88
C VAL C 595 -24.62 13.29 13.49
N SER C 596 -25.91 13.60 13.42
CA SER C 596 -26.50 14.14 12.21
C SER C 596 -27.29 15.39 12.56
N VAL C 597 -27.27 16.36 11.66
CA VAL C 597 -27.86 17.66 11.89
C VAL C 597 -29.03 17.81 10.96
N ILE C 598 -30.17 18.21 11.50
CA ILE C 598 -31.42 18.29 10.76
C ILE C 598 -31.69 19.73 10.44
N THR C 599 -31.78 20.03 9.15
CA THR C 599 -31.93 21.40 8.69
C THR C 599 -32.92 21.43 7.54
N PRO C 600 -33.95 22.27 7.61
CA PRO C 600 -34.78 22.56 6.44
C PRO C 600 -34.12 23.51 5.46
N GLY C 601 -33.18 24.30 5.93
CA GLY C 601 -32.41 25.18 5.07
C GLY C 601 -32.31 26.60 5.62
N THR C 602 -31.08 27.07 5.77
CA THR C 602 -30.89 28.45 6.19
C THR C 602 -31.62 29.41 5.29
N ASN C 603 -31.97 28.99 4.08
CA ASN C 603 -32.80 29.77 3.19
C ASN C 603 -34.23 29.85 3.70
N THR C 604 -34.53 29.18 4.81
CA THR C 604 -35.81 29.25 5.47
C THR C 604 -35.69 29.74 6.91
N SER C 605 -34.76 29.19 7.67
CA SER C 605 -34.74 29.44 9.10
C SER C 605 -33.49 28.82 9.70
N ASN C 606 -33.34 29.00 11.00
CA ASN C 606 -32.15 28.62 11.72
C ASN C 606 -32.32 27.37 12.56
N GLN C 607 -33.53 27.02 12.92
CA GLN C 607 -33.75 25.98 13.91
C GLN C 607 -33.14 24.66 13.43
N VAL C 608 -32.77 23.83 14.39
CA VAL C 608 -32.02 22.61 14.12
C VAL C 608 -32.38 21.57 15.16
N ALA C 609 -32.30 20.32 14.75
CA ALA C 609 -32.48 19.17 15.62
C ALA C 609 -31.23 18.31 15.55
N VAL C 610 -31.01 17.53 16.59
CA VAL C 610 -29.78 16.75 16.73
C VAL C 610 -30.19 15.28 16.76
N LEU C 611 -29.44 14.48 16.03
CA LEU C 611 -29.63 13.03 16.02
C LEU C 611 -28.36 12.38 16.52
N TYR C 612 -28.51 11.45 17.44
CA TYR C 612 -27.41 10.63 17.88
C TYR C 612 -27.69 9.21 17.44
N GLN C 613 -26.89 8.72 16.50
CA GLN C 613 -27.15 7.46 15.84
C GLN C 613 -27.19 6.31 16.82
N ASP C 614 -28.37 5.71 16.98
CA ASP C 614 -28.52 4.44 17.69
C ASP C 614 -28.05 4.55 19.13
N VAL C 615 -28.75 5.36 19.91
CA VAL C 615 -28.43 5.56 21.31
C VAL C 615 -29.73 5.86 22.06
N ASN C 616 -29.67 5.71 23.38
CA ASN C 616 -30.76 6.10 24.27
C ASN C 616 -30.36 7.40 24.94
N CYS C 617 -31.01 8.50 24.56
CA CYS C 617 -30.51 9.82 24.91
C CYS C 617 -30.64 10.12 26.39
N THR C 618 -30.97 9.11 27.19
CA THR C 618 -30.61 9.15 28.59
C THR C 618 -29.11 9.30 28.77
N GLU C 619 -28.31 8.56 28.01
CA GLU C 619 -26.86 8.65 28.04
C GLU C 619 -26.42 9.83 27.18
N VAL C 620 -26.22 10.97 27.84
CA VAL C 620 -25.84 12.19 27.13
C VAL C 620 -24.95 13.08 27.99
N ASN C 641 -36.84 19.51 24.11
CA ASN C 641 -37.67 18.32 24.10
C ASN C 641 -36.92 17.11 23.60
N VAL C 642 -37.52 15.94 23.76
CA VAL C 642 -36.86 14.69 23.47
C VAL C 642 -37.76 13.82 22.61
N PHE C 643 -37.15 12.87 21.88
CA PHE C 643 -37.87 11.95 21.01
C PHE C 643 -37.01 10.73 20.79
N GLN C 644 -37.61 9.54 20.85
CA GLN C 644 -36.85 8.32 20.70
C GLN C 644 -37.33 7.52 19.50
N THR C 645 -36.40 6.81 18.87
CA THR C 645 -36.64 6.13 17.63
C THR C 645 -35.68 4.96 17.48
N ARG C 646 -36.01 4.11 16.51
CA ARG C 646 -35.11 3.02 16.13
C ARG C 646 -33.94 3.52 15.30
N ALA C 647 -33.79 4.83 15.17
CA ALA C 647 -32.61 5.42 14.55
C ALA C 647 -31.68 6.03 15.56
N GLY C 648 -32.19 6.36 16.74
CA GLY C 648 -31.41 6.93 17.81
C GLY C 648 -32.26 7.79 18.70
N CYS C 649 -31.83 9.02 18.94
CA CYS C 649 -32.67 9.99 19.61
C CYS C 649 -32.63 11.29 18.82
N LEU C 650 -33.80 11.89 18.68
CA LEU C 650 -33.95 13.14 17.96
C LEU C 650 -34.25 14.23 18.97
N ILE C 651 -33.38 15.22 19.04
CA ILE C 651 -33.54 16.32 19.98
C ILE C 651 -33.87 17.57 19.21
N GLY C 652 -34.86 18.31 19.69
CA GLY C 652 -35.30 19.51 19.03
C GLY C 652 -36.44 19.29 18.06
N ALA C 653 -37.32 18.35 18.35
CA ALA C 653 -38.44 18.02 17.48
C ALA C 653 -39.67 17.80 18.32
N GLU C 654 -40.80 17.62 17.66
CA GLU C 654 -42.07 17.41 18.34
C GLU C 654 -42.72 16.14 17.81
N HIS C 655 -42.94 15.19 18.71
CA HIS C 655 -43.45 13.89 18.31
C HIS C 655 -44.91 14.04 17.92
N VAL C 656 -45.12 14.42 16.66
CA VAL C 656 -46.45 14.66 16.12
C VAL C 656 -47.02 13.36 15.56
N ASN C 657 -48.14 12.94 16.15
CA ASN C 657 -48.81 11.71 15.80
C ASN C 657 -49.56 11.78 14.48
N ASN C 658 -49.37 12.82 13.70
CA ASN C 658 -50.05 12.98 12.43
C ASN C 658 -49.37 12.11 11.39
N SER C 659 -49.70 12.32 10.12
CA SER C 659 -49.03 11.65 9.02
C SER C 659 -48.82 12.66 7.91
N TYR C 660 -47.63 12.63 7.32
CA TYR C 660 -47.22 13.59 6.31
C TYR C 660 -46.23 12.92 5.36
N GLU C 661 -46.07 13.51 4.19
CA GLU C 661 -45.11 12.99 3.22
C GLU C 661 -43.70 13.42 3.61
N CYS C 662 -42.70 12.77 3.03
CA CYS C 662 -41.34 12.87 3.54
C CYS C 662 -40.58 14.03 2.89
N ASP C 663 -39.89 14.79 3.73
CA ASP C 663 -38.97 15.83 3.28
C ASP C 663 -37.55 15.57 3.76
N ILE C 664 -37.38 15.25 5.04
CA ILE C 664 -36.07 15.04 5.64
C ILE C 664 -36.08 13.70 6.37
N PRO C 665 -35.57 12.64 5.77
CA PRO C 665 -35.71 11.30 6.35
C PRO C 665 -34.62 10.98 7.36
N ILE C 666 -35.02 10.72 8.59
CA ILE C 666 -34.11 10.20 9.60
C ILE C 666 -33.88 8.71 9.41
N GLY C 667 -34.92 7.93 9.59
CA GLY C 667 -34.84 6.50 9.46
C GLY C 667 -35.90 5.79 10.26
N ALA C 668 -36.07 4.50 10.01
CA ALA C 668 -36.95 3.65 10.80
C ALA C 668 -38.40 4.12 10.75
N GLY C 669 -38.69 5.07 9.88
CA GLY C 669 -40.04 5.54 9.69
C GLY C 669 -40.22 7.02 9.88
N ILE C 670 -39.24 7.71 10.44
CA ILE C 670 -39.37 9.10 10.83
C ILE C 670 -38.62 9.99 9.86
N CYS C 671 -39.36 10.86 9.19
CA CYS C 671 -38.80 12.05 8.57
C CYS C 671 -39.05 13.20 9.52
N ALA C 672 -38.78 14.41 9.06
CA ALA C 672 -38.98 15.60 9.85
C ALA C 672 -39.10 16.79 8.92
N SER C 673 -39.79 17.84 9.38
CA SER C 673 -40.13 18.94 8.50
C SER C 673 -40.42 20.19 9.33
N TYR C 674 -40.92 21.20 8.63
CA TYR C 674 -41.13 22.53 9.17
C TYR C 674 -42.57 23.00 8.93
N SER C 691 -42.19 26.19 13.32
CA SER C 691 -41.19 25.40 14.04
C SER C 691 -40.94 24.06 13.34
N ILE C 692 -40.53 23.06 14.11
CA ILE C 692 -40.11 21.77 13.56
C ILE C 692 -41.08 20.68 14.01
N ILE C 693 -41.06 19.56 13.32
CA ILE C 693 -41.90 18.43 13.61
C ILE C 693 -41.17 17.15 13.26
N ALA C 694 -41.59 16.06 13.88
CA ALA C 694 -41.09 14.72 13.60
C ALA C 694 -42.27 13.78 13.54
N TYR C 695 -42.40 13.06 12.43
CA TYR C 695 -43.59 12.29 12.16
C TYR C 695 -43.23 11.00 11.45
N THR C 696 -44.13 10.03 11.56
CA THR C 696 -44.07 8.81 10.78
C THR C 696 -44.55 9.11 9.38
N MET C 697 -44.18 8.25 8.43
CA MET C 697 -44.30 8.63 7.03
C MET C 697 -45.65 8.21 6.46
N SER C 698 -46.29 9.15 5.79
CA SER C 698 -47.55 8.90 5.13
C SER C 698 -47.29 8.38 3.73
N LEU C 699 -47.84 7.20 3.44
CA LEU C 699 -47.69 6.62 2.12
C LEU C 699 -48.69 7.18 1.12
N GLY C 700 -49.87 7.56 1.56
CA GLY C 700 -50.86 8.11 0.67
C GLY C 700 -52.25 8.07 1.24
N ALA C 701 -53.25 8.37 0.43
CA ALA C 701 -54.62 8.38 0.91
C ALA C 701 -55.21 6.99 0.81
N GLU C 702 -55.54 6.42 1.96
CA GLU C 702 -56.19 5.12 2.06
C GLU C 702 -57.51 5.18 1.30
N ASN C 703 -57.58 4.46 0.19
CA ASN C 703 -58.77 4.43 -0.65
C ASN C 703 -59.20 2.99 -0.86
N SER C 704 -60.49 2.80 -1.08
CA SER C 704 -61.07 1.49 -1.24
C SER C 704 -61.91 1.48 -2.50
N VAL C 705 -61.99 0.33 -3.15
CA VAL C 705 -62.67 0.21 -4.43
C VAL C 705 -63.84 -0.73 -4.29
N ALA C 706 -64.83 -0.55 -5.16
CA ALA C 706 -66.08 -1.29 -5.08
C ALA C 706 -66.03 -2.47 -6.03
N TYR C 707 -65.14 -3.41 -5.71
CA TYR C 707 -65.13 -4.68 -6.40
C TYR C 707 -66.50 -5.31 -6.29
N SER C 708 -66.86 -6.07 -7.31
CA SER C 708 -68.12 -6.81 -7.33
C SER C 708 -68.13 -7.65 -8.59
N ASN C 709 -68.88 -8.74 -8.56
CA ASN C 709 -68.91 -9.60 -9.73
C ASN C 709 -69.69 -8.94 -10.86
N ASN C 710 -70.25 -7.76 -10.59
CA ASN C 710 -71.06 -7.05 -11.56
C ASN C 710 -70.79 -5.56 -11.54
N SER C 711 -69.51 -5.18 -11.47
CA SER C 711 -69.15 -3.77 -11.41
C SER C 711 -67.94 -3.48 -12.27
N ILE C 712 -68.08 -2.51 -13.17
CA ILE C 712 -66.98 -1.99 -13.96
C ILE C 712 -66.98 -0.48 -13.84
N ALA C 713 -65.96 0.14 -14.42
CA ALA C 713 -65.82 1.58 -14.47
C ALA C 713 -65.12 1.96 -15.76
N ILE C 714 -65.69 2.91 -16.48
CA ILE C 714 -65.14 3.37 -17.74
C ILE C 714 -65.11 4.89 -17.73
N PRO C 715 -64.10 5.52 -18.33
CA PRO C 715 -64.06 6.98 -18.38
C PRO C 715 -64.92 7.52 -19.50
N THR C 716 -65.15 8.83 -19.45
CA THR C 716 -65.97 9.50 -20.43
C THR C 716 -65.26 10.66 -21.11
N ASN C 717 -64.33 11.31 -20.44
CA ASN C 717 -63.51 12.36 -21.02
C ASN C 717 -62.06 12.03 -20.73
N PHE C 718 -61.21 12.31 -21.71
CA PHE C 718 -59.80 12.04 -21.57
C PHE C 718 -59.11 13.28 -21.00
N THR C 719 -57.81 13.15 -20.82
CA THR C 719 -56.98 14.21 -20.28
C THR C 719 -55.54 13.89 -20.60
N ILE C 720 -54.79 14.91 -20.99
CA ILE C 720 -53.41 14.76 -21.40
C ILE C 720 -52.52 15.21 -20.27
N SER C 721 -51.32 14.64 -20.22
CA SER C 721 -50.30 15.02 -19.26
C SER C 721 -48.99 15.20 -20.00
N VAL C 722 -48.10 15.99 -19.43
CA VAL C 722 -46.75 16.15 -19.94
C VAL C 722 -45.80 16.07 -18.77
N THR C 723 -44.74 15.30 -18.94
CA THR C 723 -43.84 14.95 -17.88
C THR C 723 -42.40 15.18 -18.31
N THR C 724 -41.50 14.96 -17.37
CA THR C 724 -40.08 15.14 -17.58
C THR C 724 -39.33 13.97 -16.99
N GLU C 725 -38.57 13.27 -17.84
CA GLU C 725 -37.65 12.25 -17.40
C GLU C 725 -36.26 12.70 -17.78
N ILE C 726 -35.60 13.40 -16.87
CA ILE C 726 -34.27 13.95 -17.08
C ILE C 726 -33.27 12.84 -16.87
N LEU C 727 -32.33 12.72 -17.79
CA LEU C 727 -31.37 11.63 -17.77
C LEU C 727 -30.03 12.18 -18.24
N PRO C 728 -28.92 11.73 -17.68
CA PRO C 728 -27.63 12.31 -18.07
C PRO C 728 -27.03 11.56 -19.25
N VAL C 729 -26.21 12.27 -20.01
CA VAL C 729 -25.53 11.67 -21.14
C VAL C 729 -24.04 11.92 -21.17
N SER C 730 -23.54 12.94 -20.49
CA SER C 730 -22.18 13.40 -20.76
C SER C 730 -21.67 14.20 -19.58
N MET C 731 -20.41 13.97 -19.26
CA MET C 731 -19.76 14.58 -18.12
C MET C 731 -18.46 15.24 -18.58
N THR C 732 -17.67 15.67 -17.61
CA THR C 732 -16.49 16.45 -17.92
C THR C 732 -15.33 15.54 -18.29
N LYS C 733 -14.86 15.66 -19.52
CA LYS C 733 -13.67 14.96 -19.97
C LYS C 733 -12.47 15.67 -19.39
N THR C 734 -11.73 14.98 -18.52
CA THR C 734 -10.59 15.53 -17.84
C THR C 734 -9.37 14.65 -18.12
N SER C 735 -8.19 15.26 -18.06
CA SER C 735 -6.95 14.54 -18.18
C SER C 735 -5.93 15.16 -17.24
N VAL C 736 -4.97 14.33 -16.82
CA VAL C 736 -4.01 14.68 -15.79
C VAL C 736 -2.64 14.17 -16.20
N ASP C 737 -1.78 15.08 -16.63
CA ASP C 737 -0.41 14.70 -16.93
C ASP C 737 0.23 14.38 -15.60
N CYS C 738 0.20 13.10 -15.26
CA CYS C 738 0.61 12.65 -13.94
C CYS C 738 1.84 13.40 -13.45
N THR C 739 2.88 13.45 -14.27
CA THR C 739 4.15 14.02 -13.83
C THR C 739 3.94 15.38 -13.19
N MET C 740 3.04 16.18 -13.76
CA MET C 740 2.89 17.55 -13.30
C MET C 740 2.19 17.59 -11.95
N TYR C 741 1.26 16.68 -11.73
CA TYR C 741 0.67 16.53 -10.41
C TYR C 741 1.70 16.07 -9.41
N ILE C 742 2.67 15.27 -9.85
CA ILE C 742 3.54 14.57 -8.93
C ILE C 742 4.91 15.25 -8.89
N CYS C 743 5.35 15.83 -9.99
CA CYS C 743 6.71 16.34 -10.08
C CYS C 743 6.75 17.86 -10.18
N GLY C 744 6.09 18.44 -11.16
CA GLY C 744 6.07 19.88 -11.29
C GLY C 744 7.41 20.45 -11.73
N ASP C 745 7.97 19.88 -12.78
CA ASP C 745 9.18 20.39 -13.41
C ASP C 745 10.41 20.04 -12.59
N SER C 746 10.33 18.93 -11.86
CA SER C 746 11.48 18.37 -11.16
C SER C 746 11.91 17.10 -11.88
N THR C 747 12.85 17.23 -12.81
CA THR C 747 13.40 16.05 -13.46
C THR C 747 13.77 15.00 -12.43
N GLU C 748 14.18 15.45 -11.25
CA GLU C 748 14.49 14.52 -10.17
C GLU C 748 13.28 13.64 -9.87
N CYS C 749 12.14 14.28 -9.58
CA CYS C 749 10.92 13.50 -9.40
C CYS C 749 10.64 12.65 -10.62
N SER C 750 11.08 13.10 -11.79
CA SER C 750 10.93 12.27 -12.98
C SER C 750 11.92 11.13 -12.94
N ASN C 751 13.18 11.43 -12.63
CA ASN C 751 14.15 10.38 -12.37
C ASN C 751 13.57 9.33 -11.44
N LEU C 752 12.73 9.76 -10.49
CA LEU C 752 12.17 8.81 -9.53
C LEU C 752 10.99 8.04 -10.11
N LEU C 753 9.96 8.73 -10.58
CA LEU C 753 8.72 8.02 -10.87
C LEU C 753 8.91 7.00 -11.96
N LEU C 754 9.94 7.15 -12.79
CA LEU C 754 10.29 6.07 -13.70
C LEU C 754 10.88 4.90 -12.94
N GLN C 755 11.04 5.05 -11.63
CA GLN C 755 11.49 4.00 -10.74
C GLN C 755 10.35 3.51 -9.87
N TYR C 756 9.14 4.00 -10.12
CA TYR C 756 7.94 3.56 -9.43
C TYR C 756 7.04 2.75 -10.34
N GLY C 757 7.31 2.73 -11.64
CA GLY C 757 6.60 1.86 -12.54
C GLY C 757 6.15 2.50 -13.83
N SER C 758 5.02 2.04 -14.33
CA SER C 758 4.41 2.54 -15.57
C SER C 758 3.02 3.06 -15.27
N PHE C 759 2.77 3.31 -13.99
CA PHE C 759 1.51 3.91 -13.58
C PHE C 759 1.14 5.10 -14.45
N CYS C 760 2.01 6.10 -14.49
CA CYS C 760 1.74 7.31 -15.24
C CYS C 760 1.19 6.99 -16.63
N THR C 761 1.56 5.83 -17.17
CA THR C 761 1.06 5.46 -18.48
C THR C 761 -0.35 4.91 -18.38
N GLN C 762 -0.61 4.14 -17.33
CA GLN C 762 -1.94 3.60 -17.13
C GLN C 762 -2.93 4.72 -16.89
N LEU C 763 -2.76 5.45 -15.80
CA LEU C 763 -3.74 6.45 -15.41
C LEU C 763 -4.12 7.35 -16.57
N ASN C 764 -3.15 7.68 -17.42
CA ASN C 764 -3.45 8.55 -18.55
C ASN C 764 -4.18 7.79 -19.65
N ARG C 765 -4.13 6.45 -19.60
CA ARG C 765 -4.93 5.68 -20.52
C ARG C 765 -6.38 5.66 -20.08
N ALA C 766 -6.63 5.20 -18.86
CA ALA C 766 -7.99 5.10 -18.37
C ALA C 766 -8.72 6.42 -18.51
N LEU C 767 -8.13 7.50 -17.99
CA LEU C 767 -8.79 8.79 -18.04
C LEU C 767 -9.09 9.19 -19.47
N THR C 768 -8.39 8.59 -20.43
CA THR C 768 -8.79 8.72 -21.82
C THR C 768 -9.94 7.79 -22.13
N GLY C 769 -9.94 6.61 -21.52
CA GLY C 769 -11.04 5.70 -21.70
C GLY C 769 -12.37 6.30 -21.30
N ILE C 770 -12.35 7.12 -20.25
CA ILE C 770 -13.56 7.83 -19.86
C ILE C 770 -13.90 8.87 -20.91
N ALA C 771 -12.90 9.56 -21.43
CA ALA C 771 -13.14 10.69 -22.30
C ALA C 771 -13.90 10.26 -23.54
N VAL C 772 -13.31 9.40 -24.35
CA VAL C 772 -13.93 9.02 -25.61
C VAL C 772 -15.26 8.35 -25.37
N GLU C 773 -15.30 7.44 -24.40
CA GLU C 773 -16.53 6.70 -24.12
C GLU C 773 -17.71 7.64 -23.95
N GLN C 774 -17.49 8.80 -23.34
CA GLN C 774 -18.58 9.76 -23.20
C GLN C 774 -19.07 10.23 -24.55
N ASP C 775 -18.22 10.90 -25.32
CA ASP C 775 -18.59 11.27 -26.68
C ASP C 775 -19.25 10.11 -27.39
N LYS C 776 -18.74 8.90 -27.18
CA LYS C 776 -19.40 7.72 -27.70
C LYS C 776 -20.82 7.63 -27.16
N ASN C 777 -20.99 7.95 -25.89
CA ASN C 777 -22.32 7.90 -25.30
C ASN C 777 -23.20 8.99 -25.88
N THR C 778 -22.59 10.04 -26.40
CA THR C 778 -23.36 11.16 -26.91
C THR C 778 -23.74 10.94 -28.37
N GLN C 779 -23.25 9.87 -28.97
CA GLN C 779 -23.61 9.53 -30.34
C GLN C 779 -24.68 8.47 -30.35
N GLU C 780 -24.72 7.64 -29.30
CA GLU C 780 -25.70 6.58 -29.25
C GLU C 780 -27.05 7.09 -28.77
N VAL C 781 -27.08 8.31 -28.25
CA VAL C 781 -28.31 8.84 -27.67
C VAL C 781 -28.85 9.95 -28.54
N PHE C 782 -28.00 10.89 -28.89
CA PHE C 782 -28.42 12.13 -29.54
C PHE C 782 -28.26 12.10 -31.04
N ALA C 783 -27.60 11.09 -31.59
CA ALA C 783 -27.17 11.10 -32.98
C ALA C 783 -27.52 9.81 -33.70
N GLN C 784 -28.73 9.29 -33.51
CA GLN C 784 -29.13 8.07 -34.17
C GLN C 784 -29.47 8.30 -35.63
N VAL C 785 -30.26 9.32 -35.90
CA VAL C 785 -30.78 9.58 -37.23
C VAL C 785 -29.63 9.90 -38.17
N LYS C 786 -29.92 9.87 -39.47
CA LYS C 786 -28.92 9.91 -40.51
C LYS C 786 -29.03 11.17 -41.35
N GLN C 787 -30.20 11.78 -41.41
CA GLN C 787 -30.45 12.97 -42.20
C GLN C 787 -31.03 14.04 -41.30
N ILE C 788 -30.48 15.24 -41.39
CA ILE C 788 -31.01 16.39 -40.67
C ILE C 788 -32.30 16.78 -41.35
N TYR C 789 -33.36 16.94 -40.58
CA TYR C 789 -34.67 17.23 -41.11
C TYR C 789 -35.03 18.67 -40.84
N LYS C 790 -36.04 19.15 -41.54
CA LYS C 790 -36.52 20.51 -41.35
C LYS C 790 -38.04 20.53 -41.25
N THR C 791 -38.54 21.25 -40.25
CA THR C 791 -39.92 21.66 -40.28
C THR C 791 -40.13 22.68 -41.39
N PRO C 792 -41.36 22.90 -41.82
CA PRO C 792 -41.59 23.83 -42.93
C PRO C 792 -41.79 25.23 -42.43
N PRO C 793 -41.85 26.21 -43.33
CA PRO C 793 -42.26 27.56 -42.93
C PRO C 793 -43.75 27.64 -42.63
N ILE C 794 -44.55 26.85 -43.34
CA ILE C 794 -46.00 26.86 -43.16
C ILE C 794 -46.33 25.94 -42.00
N LYS C 795 -47.26 26.37 -41.14
CA LYS C 795 -47.54 25.68 -39.89
C LYS C 795 -49.05 25.47 -39.77
N ASP C 796 -49.51 24.36 -40.33
CA ASP C 796 -50.88 23.87 -40.15
C ASP C 796 -50.75 22.44 -39.61
N PHE C 797 -50.87 22.28 -38.30
CA PHE C 797 -50.56 21.04 -37.62
C PHE C 797 -51.70 20.55 -36.75
N GLY C 798 -52.89 21.07 -36.97
CA GLY C 798 -54.07 20.53 -36.33
C GLY C 798 -54.56 21.30 -35.13
N GLY C 799 -53.71 22.11 -34.51
CA GLY C 799 -54.10 22.96 -33.42
C GLY C 799 -53.08 23.09 -32.32
N PHE C 800 -51.96 22.38 -32.43
CA PHE C 800 -50.93 22.46 -31.40
C PHE C 800 -50.00 23.64 -31.69
N ASN C 801 -49.62 24.35 -30.63
CA ASN C 801 -48.64 25.43 -30.72
C ASN C 801 -47.31 24.89 -30.23
N PHE C 802 -46.76 23.93 -30.98
CA PHE C 802 -45.48 23.32 -30.69
C PHE C 802 -44.39 24.33 -30.39
N SER C 803 -44.50 25.55 -30.92
CA SER C 803 -43.35 26.43 -31.09
C SER C 803 -42.37 26.37 -29.94
N GLN C 804 -42.87 26.24 -28.72
CA GLN C 804 -41.98 26.25 -27.56
C GLN C 804 -40.87 25.22 -27.65
N ILE C 805 -41.08 24.12 -28.38
CA ILE C 805 -40.04 23.10 -28.55
C ILE C 805 -39.23 23.28 -29.82
N LEU C 806 -39.78 23.93 -30.84
CA LEU C 806 -39.11 24.01 -32.12
C LEU C 806 -38.06 25.11 -32.13
N PRO C 807 -37.32 25.25 -33.22
CA PRO C 807 -36.22 26.22 -33.24
C PRO C 807 -36.70 27.65 -33.32
N ASP C 808 -35.99 28.52 -32.61
CA ASP C 808 -36.18 29.96 -32.75
C ASP C 808 -35.09 30.51 -33.66
N PRO C 809 -35.39 30.85 -34.91
CA PRO C 809 -34.35 31.34 -35.82
C PRO C 809 -33.56 32.53 -35.30
N SER C 810 -33.94 33.10 -34.16
CA SER C 810 -33.24 34.26 -33.62
C SER C 810 -31.76 34.03 -33.37
N LYS C 811 -31.28 32.80 -33.50
CA LYS C 811 -29.88 32.47 -33.26
C LYS C 811 -29.49 32.89 -31.84
N PRO C 812 -30.18 32.38 -30.82
CA PRO C 812 -29.66 32.44 -29.43
C PRO C 812 -28.68 31.31 -29.14
N SER C 813 -28.05 30.81 -30.20
CA SER C 813 -27.59 29.44 -30.36
C SER C 813 -28.72 28.50 -30.79
N LYS C 814 -29.62 29.00 -31.63
CA LYS C 814 -30.61 28.19 -32.33
C LYS C 814 -31.21 27.13 -31.42
N ARG C 815 -31.51 27.52 -30.19
CA ARG C 815 -32.15 26.67 -29.22
C ARG C 815 -33.63 26.97 -29.18
N SER C 816 -34.40 26.07 -28.57
CA SER C 816 -35.83 26.30 -28.42
C SER C 816 -36.11 26.95 -27.07
N PHE C 817 -37.31 27.51 -26.95
CA PHE C 817 -37.63 28.35 -25.81
C PHE C 817 -37.41 27.60 -24.51
N ILE C 818 -37.60 26.28 -24.52
CA ILE C 818 -37.48 25.50 -23.30
C ILE C 818 -36.01 25.25 -22.98
N GLU C 819 -35.28 24.74 -23.96
CA GLU C 819 -33.85 24.53 -23.78
C GLU C 819 -33.21 25.68 -23.02
N ASP C 820 -33.49 26.91 -23.43
CA ASP C 820 -32.98 28.06 -22.71
C ASP C 820 -33.29 27.95 -21.23
N LEU C 821 -34.55 27.68 -20.91
CA LEU C 821 -34.92 27.47 -19.51
C LEU C 821 -34.24 26.24 -18.95
N LEU C 822 -33.77 25.36 -19.83
CA LEU C 822 -33.06 24.17 -19.36
C LEU C 822 -31.58 24.46 -19.23
N PHE C 823 -31.09 25.45 -19.98
CA PHE C 823 -29.67 25.75 -19.93
C PHE C 823 -29.33 26.73 -18.81
N ASN C 824 -30.10 27.81 -18.69
CA ASN C 824 -29.83 28.79 -17.66
C ASN C 824 -29.87 28.19 -16.26
N LYS C 825 -30.78 27.27 -15.99
CA LYS C 825 -30.90 26.66 -14.67
C LYS C 825 -29.83 25.62 -14.40
N VAL C 826 -28.77 25.59 -15.21
CA VAL C 826 -27.61 24.75 -14.95
C VAL C 826 -26.38 25.65 -14.99
N THR C 827 -25.71 25.78 -13.84
CA THR C 827 -24.54 26.64 -13.70
C THR C 827 -23.30 25.76 -13.62
N LEU C 828 -22.64 25.55 -14.76
CA LEU C 828 -21.45 24.71 -14.81
C LEU C 828 -20.32 25.30 -13.96
N PHE C 855 -5.28 23.77 -14.26
CA PHE C 855 -4.33 24.71 -13.68
C PHE C 855 -3.02 24.02 -13.34
N ASN C 856 -3.07 23.11 -12.39
CA ASN C 856 -1.95 22.24 -12.07
C ASN C 856 -2.03 20.93 -12.83
N GLY C 857 -1.78 20.98 -14.13
CA GLY C 857 -1.84 19.81 -14.97
C GLY C 857 -3.23 19.26 -15.21
N LEU C 858 -4.22 19.71 -14.46
CA LEU C 858 -5.60 19.25 -14.60
C LEU C 858 -6.26 20.04 -15.71
N THR C 859 -6.49 19.39 -16.84
CA THR C 859 -7.15 20.02 -17.97
C THR C 859 -8.47 19.33 -18.25
N VAL C 860 -9.32 20.05 -18.98
CA VAL C 860 -10.70 19.64 -19.22
C VAL C 860 -10.94 19.76 -20.72
N LEU C 861 -10.81 18.68 -21.42
CA LEU C 861 -10.94 18.75 -22.85
C LEU C 861 -12.35 19.15 -23.23
N PRO C 862 -12.58 19.47 -24.50
CA PRO C 862 -13.90 19.79 -24.95
C PRO C 862 -14.59 18.57 -25.52
N PRO C 863 -15.92 18.59 -25.57
CA PRO C 863 -16.63 17.52 -26.27
C PRO C 863 -16.32 17.53 -27.75
N LEU C 864 -16.81 16.50 -28.43
CA LEU C 864 -16.64 16.44 -29.87
C LEU C 864 -17.79 17.10 -30.59
N LEU C 865 -18.93 17.17 -29.93
CA LEU C 865 -20.14 17.73 -30.52
C LEU C 865 -20.41 19.05 -29.82
N THR C 866 -20.74 20.06 -30.60
CA THR C 866 -21.02 21.35 -30.03
C THR C 866 -22.49 21.45 -29.64
N ASP C 867 -22.72 22.04 -28.47
CA ASP C 867 -24.08 22.13 -27.98
C ASP C 867 -24.95 22.91 -28.95
N GLU C 868 -24.35 23.47 -29.99
CA GLU C 868 -25.12 23.99 -31.09
C GLU C 868 -25.51 22.87 -32.03
N MET C 869 -24.53 22.10 -32.48
CA MET C 869 -24.81 20.97 -33.37
C MET C 869 -25.80 20.01 -32.73
N ILE C 870 -25.90 20.03 -31.40
CA ILE C 870 -26.69 19.04 -30.70
C ILE C 870 -28.14 19.44 -30.71
N ALA C 871 -28.41 20.72 -30.50
CA ALA C 871 -29.78 21.21 -30.61
C ALA C 871 -30.30 20.95 -32.01
N GLN C 872 -29.41 20.70 -32.95
CA GLN C 872 -29.82 20.42 -34.31
C GLN C 872 -30.09 18.94 -34.50
N TYR C 873 -29.33 18.10 -33.82
CA TYR C 873 -29.63 16.66 -33.80
C TYR C 873 -31.06 16.44 -33.37
N THR C 874 -31.54 17.29 -32.47
CA THR C 874 -32.87 17.10 -31.91
C THR C 874 -33.93 17.59 -32.88
N SER C 875 -33.80 18.83 -33.34
CA SER C 875 -34.72 19.35 -34.35
C SER C 875 -35.05 18.31 -35.38
N ALA C 876 -34.02 17.61 -35.87
CA ALA C 876 -34.26 16.51 -36.78
C ALA C 876 -35.17 15.47 -36.13
N LEU C 877 -34.75 14.92 -35.00
CA LEU C 877 -35.53 13.89 -34.34
C LEU C 877 -36.93 14.39 -34.03
N LEU C 878 -37.09 15.70 -33.93
CA LEU C 878 -38.38 16.27 -33.58
C LEU C 878 -39.18 16.61 -34.82
N ALA C 879 -38.52 16.60 -35.97
CA ALA C 879 -39.21 17.00 -37.19
C ALA C 879 -39.92 15.82 -37.81
N GLY C 880 -39.20 14.75 -38.09
CA GLY C 880 -39.83 13.58 -38.67
C GLY C 880 -40.93 13.05 -37.79
N THR C 881 -40.81 13.25 -36.48
CA THR C 881 -41.88 12.86 -35.58
C THR C 881 -43.14 13.64 -35.87
N ILE C 882 -43.07 14.96 -35.71
CA ILE C 882 -44.20 15.80 -36.07
C ILE C 882 -44.60 15.54 -37.52
N THR C 883 -43.61 15.36 -38.37
CA THR C 883 -43.85 15.40 -39.81
C THR C 883 -44.10 14.03 -40.39
N SER C 884 -43.26 13.06 -40.09
CA SER C 884 -43.25 11.80 -40.82
C SER C 884 -43.73 10.66 -39.94
N GLY C 885 -43.75 10.88 -38.63
CA GLY C 885 -44.29 9.90 -37.72
C GLY C 885 -43.26 8.95 -37.16
N TRP C 886 -43.28 7.71 -37.62
CA TRP C 886 -42.26 6.76 -37.24
C TRP C 886 -41.81 5.87 -38.39
N THR C 887 -41.97 6.33 -39.62
CA THR C 887 -41.33 5.66 -40.74
C THR C 887 -39.85 6.01 -40.81
N PHE C 888 -39.43 7.01 -40.05
CA PHE C 888 -38.09 7.55 -40.21
C PHE C 888 -37.08 6.97 -39.23
N GLY C 889 -37.51 6.08 -38.36
CA GLY C 889 -36.59 5.39 -37.47
C GLY C 889 -36.45 3.96 -37.92
N ALA C 890 -37.03 3.66 -39.07
CA ALA C 890 -37.07 2.33 -39.63
C ALA C 890 -36.78 2.34 -41.12
N GLY C 891 -36.61 3.52 -41.71
CA GLY C 891 -36.36 3.66 -43.11
C GLY C 891 -36.30 5.11 -43.50
N ALA C 892 -36.62 5.40 -44.76
CA ALA C 892 -36.77 6.76 -45.21
C ALA C 892 -38.07 7.33 -44.66
N ALA C 893 -38.08 8.62 -44.39
CA ALA C 893 -39.24 9.25 -43.76
C ALA C 893 -40.39 9.34 -44.74
N LEU C 894 -41.59 9.07 -44.23
CA LEU C 894 -42.83 9.20 -44.98
C LEU C 894 -43.73 10.18 -44.24
N GLN C 895 -44.42 11.03 -45.00
CA GLN C 895 -45.18 12.10 -44.37
C GLN C 895 -46.55 11.62 -43.89
N ILE C 896 -47.12 12.40 -42.99
CA ILE C 896 -48.43 12.15 -42.40
C ILE C 896 -48.79 13.39 -41.60
N PRO C 897 -50.07 13.74 -41.45
CA PRO C 897 -50.42 15.12 -41.09
C PRO C 897 -50.34 15.45 -39.63
N PHE C 898 -50.17 14.47 -38.74
CA PHE C 898 -50.21 14.71 -37.31
C PHE C 898 -51.64 14.86 -36.80
N ALA C 899 -52.58 14.41 -37.60
CA ALA C 899 -53.86 14.03 -37.06
C ALA C 899 -54.04 12.52 -37.17
N MET C 900 -53.85 12.01 -38.37
CA MET C 900 -53.74 10.56 -38.52
C MET C 900 -52.59 10.03 -37.69
N GLN C 901 -51.56 10.85 -37.48
CA GLN C 901 -50.40 10.36 -36.73
C GLN C 901 -50.81 10.04 -35.31
N MET C 902 -51.75 10.80 -34.78
CA MET C 902 -52.22 10.53 -33.44
C MET C 902 -53.29 9.47 -33.49
N ALA C 903 -54.00 9.40 -34.61
CA ALA C 903 -54.99 8.35 -34.78
C ALA C 903 -54.34 6.99 -34.62
N TYR C 904 -53.30 6.74 -35.42
CA TYR C 904 -52.59 5.47 -35.29
C TYR C 904 -52.12 5.30 -33.86
N ARG C 905 -51.87 6.42 -33.19
CA ARG C 905 -51.25 6.38 -31.89
C ARG C 905 -52.28 6.14 -30.81
N PHE C 906 -53.55 6.34 -31.13
CA PHE C 906 -54.59 6.06 -30.15
C PHE C 906 -55.09 4.64 -30.33
N ASN C 907 -54.76 4.02 -31.45
CA ASN C 907 -55.11 2.62 -31.65
C ASN C 907 -54.44 1.74 -30.62
N GLY C 908 -53.11 1.70 -30.65
CA GLY C 908 -52.39 0.75 -29.82
C GLY C 908 -52.74 0.86 -28.35
N ILE C 909 -53.15 2.05 -27.93
CA ILE C 909 -53.35 2.26 -26.50
C ILE C 909 -54.67 1.68 -26.04
N GLY C 910 -55.59 1.48 -26.97
CA GLY C 910 -56.85 0.86 -26.65
C GLY C 910 -58.01 1.82 -26.79
N VAL C 911 -57.87 2.75 -27.72
CA VAL C 911 -58.93 3.66 -28.09
C VAL C 911 -59.17 3.54 -29.57
N THR C 912 -60.37 3.86 -30.00
CA THR C 912 -60.67 3.92 -31.42
C THR C 912 -60.14 5.21 -32.02
N GLN C 913 -60.55 5.48 -33.26
CA GLN C 913 -60.12 6.69 -33.91
C GLN C 913 -61.19 7.75 -33.83
N ASN C 914 -62.39 7.36 -33.40
CA ASN C 914 -63.48 8.30 -33.28
C ASN C 914 -63.40 9.13 -32.01
N VAL C 915 -62.31 9.01 -31.26
CA VAL C 915 -62.17 9.79 -30.04
C VAL C 915 -61.37 11.05 -30.33
N LEU C 916 -60.48 10.99 -31.30
CA LEU C 916 -59.65 12.15 -31.64
C LEU C 916 -60.35 13.01 -32.68
N TYR C 917 -60.67 12.42 -33.82
CA TYR C 917 -61.32 13.16 -34.89
C TYR C 917 -62.54 13.92 -34.39
N GLU C 918 -63.16 13.45 -33.31
CA GLU C 918 -64.34 14.08 -32.77
C GLU C 918 -64.05 15.01 -31.61
N ASN C 919 -62.79 15.12 -31.23
CA ASN C 919 -62.38 15.99 -30.14
C ASN C 919 -61.07 16.70 -30.46
N GLN C 920 -60.81 16.89 -31.75
CA GLN C 920 -59.49 17.31 -32.20
C GLN C 920 -59.06 18.59 -31.51
N LYS C 921 -60.02 19.38 -31.03
CA LYS C 921 -59.67 20.65 -30.40
C LYS C 921 -59.38 20.45 -28.92
N LEU C 922 -60.32 19.85 -28.18
CA LEU C 922 -60.11 19.62 -26.77
C LEU C 922 -58.69 19.18 -26.49
N ILE C 923 -58.19 18.26 -27.32
CA ILE C 923 -56.77 17.95 -27.27
C ILE C 923 -55.95 19.19 -27.58
N ALA C 924 -56.23 19.82 -28.72
CA ALA C 924 -55.41 20.94 -29.17
C ALA C 924 -55.37 22.04 -28.14
N ASN C 925 -56.38 22.11 -27.29
CA ASN C 925 -56.37 23.12 -26.25
C ASN C 925 -55.70 22.58 -24.99
N GLN C 926 -55.49 21.26 -24.93
CA GLN C 926 -54.87 20.67 -23.76
C GLN C 926 -53.36 20.56 -23.90
N PHE C 927 -52.90 19.83 -24.92
CA PHE C 927 -51.48 19.84 -25.24
C PHE C 927 -50.92 21.23 -25.15
N ASN C 928 -51.55 22.17 -25.86
CA ASN C 928 -51.15 23.56 -25.78
C ASN C 928 -51.04 24.01 -24.33
N SER C 929 -52.07 23.72 -23.54
CA SER C 929 -52.08 24.18 -22.16
C SER C 929 -51.25 23.26 -21.29
N ALA C 930 -50.92 22.07 -21.79
CA ALA C 930 -50.08 21.17 -21.02
C ALA C 930 -48.63 21.60 -21.11
N ILE C 931 -48.33 22.54 -22.00
CA ILE C 931 -46.96 23.01 -22.17
C ILE C 931 -46.61 24.04 -21.11
N GLY C 932 -47.36 25.14 -21.08
CA GLY C 932 -47.07 26.19 -20.13
C GLY C 932 -46.85 25.64 -18.72
N LYS C 933 -47.65 24.66 -18.33
CA LYS C 933 -47.45 24.03 -17.03
C LYS C 933 -46.07 23.40 -16.94
N ILE C 934 -45.43 23.19 -18.08
CA ILE C 934 -44.06 22.67 -18.08
C ILE C 934 -43.07 23.82 -18.08
N GLN C 935 -43.30 24.78 -18.96
CA GLN C 935 -42.48 25.99 -18.96
C GLN C 935 -42.39 26.57 -17.56
N ASP C 936 -43.51 26.60 -16.84
CA ASP C 936 -43.54 27.27 -15.56
C ASP C 936 -42.64 26.57 -14.54
N SER C 937 -42.94 25.33 -14.20
CA SER C 937 -42.09 24.58 -13.28
C SER C 937 -40.64 24.69 -13.68
N LEU C 938 -40.30 24.20 -14.86
CA LEU C 938 -38.93 24.25 -15.33
C LEU C 938 -38.40 25.66 -15.50
N SER C 939 -39.29 26.67 -15.44
CA SER C 939 -38.81 28.05 -15.44
C SER C 939 -38.46 28.51 -14.03
N SER C 940 -39.09 27.90 -13.01
CA SER C 940 -39.11 28.48 -11.67
C SER C 940 -38.66 27.49 -10.60
N THR C 941 -39.02 26.21 -10.77
CA THR C 941 -38.88 25.28 -9.66
C THR C 941 -37.44 24.78 -9.55
N PRO C 942 -36.77 25.21 -8.50
CA PRO C 942 -35.44 24.73 -8.16
C PRO C 942 -35.50 23.23 -7.89
N SER C 943 -34.37 22.56 -8.09
CA SER C 943 -34.25 21.12 -7.88
C SER C 943 -35.10 20.32 -8.85
N ALA C 944 -35.63 20.97 -9.89
CA ALA C 944 -36.32 20.25 -10.94
C ALA C 944 -35.34 19.59 -11.90
N LEU C 945 -34.24 20.25 -12.22
CA LEU C 945 -33.17 19.69 -13.03
C LEU C 945 -32.10 19.10 -12.14
N GLY C 946 -32.51 18.67 -10.95
CA GLY C 946 -31.55 18.25 -9.94
C GLY C 946 -30.54 17.25 -10.47
N LYS C 947 -31.00 16.06 -10.86
CA LYS C 947 -30.09 14.98 -11.20
C LYS C 947 -28.90 15.47 -12.00
N LEU C 948 -29.15 16.41 -12.91
CA LEU C 948 -28.11 16.81 -13.84
C LEU C 948 -27.05 17.64 -13.14
N GLN C 949 -27.43 18.34 -12.07
CA GLN C 949 -26.48 19.18 -11.37
C GLN C 949 -25.62 18.35 -10.43
N ASP C 950 -26.17 17.25 -9.93
CA ASP C 950 -25.37 16.36 -9.10
C ASP C 950 -24.19 15.83 -9.87
N VAL C 951 -24.42 15.37 -11.10
CA VAL C 951 -23.34 14.84 -11.92
C VAL C 951 -22.19 15.82 -11.98
N VAL C 952 -22.47 17.03 -12.44
CA VAL C 952 -21.42 18.04 -12.57
C VAL C 952 -20.85 18.37 -11.20
N ASN C 953 -21.60 18.11 -10.13
CA ASN C 953 -21.08 18.38 -8.79
C ASN C 953 -20.06 17.34 -8.37
N GLN C 954 -20.46 16.07 -8.31
CA GLN C 954 -19.53 15.01 -7.95
C GLN C 954 -18.21 15.16 -8.68
N ASN C 955 -18.25 15.12 -10.01
CA ASN C 955 -17.03 15.26 -10.80
C ASN C 955 -16.22 16.45 -10.34
N ALA C 956 -16.89 17.47 -9.83
CA ALA C 956 -16.20 18.70 -9.49
C ALA C 956 -15.80 18.71 -8.03
N GLN C 957 -16.45 17.87 -7.22
CA GLN C 957 -16.13 17.85 -5.81
C GLN C 957 -15.00 16.88 -5.52
N ALA C 958 -14.92 15.80 -6.29
CA ALA C 958 -13.77 14.92 -6.18
C ALA C 958 -12.55 15.57 -6.79
N LEU C 959 -12.77 16.56 -7.66
CA LEU C 959 -11.67 17.29 -8.26
C LEU C 959 -11.13 18.33 -7.31
N ASN C 960 -11.99 19.24 -6.87
CA ASN C 960 -11.58 20.24 -5.90
C ASN C 960 -11.07 19.61 -4.63
N THR C 961 -11.20 18.29 -4.50
CA THR C 961 -10.54 17.57 -3.42
C THR C 961 -9.08 17.36 -3.75
N LEU C 962 -8.83 16.78 -4.92
CA LEU C 962 -7.47 16.54 -5.37
C LEU C 962 -6.56 17.72 -5.07
N VAL C 963 -6.88 18.88 -5.61
CA VAL C 963 -5.99 20.02 -5.52
C VAL C 963 -5.85 20.48 -4.07
N LYS C 964 -6.64 19.89 -3.18
CA LYS C 964 -6.45 20.16 -1.76
C LYS C 964 -5.50 19.14 -1.17
N GLN C 965 -5.29 18.05 -1.89
CA GLN C 965 -4.36 17.04 -1.43
C GLN C 965 -2.95 17.33 -1.89
N LEU C 966 -2.79 18.27 -2.81
CA LEU C 966 -1.47 18.79 -3.12
C LEU C 966 -1.06 19.88 -2.15
N SER C 967 -1.71 19.97 -1.00
CA SER C 967 -1.38 20.94 0.03
C SER C 967 -1.42 20.22 1.37
N SER C 968 -1.12 18.94 1.34
CA SER C 968 -0.92 18.13 2.53
C SER C 968 0.40 17.40 2.37
N ASN C 969 0.99 17.04 3.51
CA ASN C 969 2.43 16.80 3.53
C ASN C 969 2.74 15.32 3.41
N PHE C 970 1.91 14.47 3.99
CA PHE C 970 1.94 13.02 3.81
C PHE C 970 3.16 12.37 4.44
N GLY C 971 3.83 13.05 5.35
CA GLY C 971 4.89 12.45 6.12
C GLY C 971 6.16 13.25 6.22
N ALA C 972 6.18 14.49 5.72
CA ALA C 972 7.44 15.18 5.60
C ALA C 972 7.28 16.68 5.80
N ILE C 973 8.31 17.42 5.40
CA ILE C 973 8.53 18.76 5.90
C ILE C 973 7.56 19.75 5.25
N SER C 974 7.50 19.77 3.93
CA SER C 974 6.62 20.69 3.24
C SER C 974 5.89 19.97 2.13
N SER C 975 4.59 20.22 2.04
CA SER C 975 3.77 19.68 0.99
C SER C 975 4.10 20.29 -0.36
N VAL C 976 5.11 21.14 -0.41
CA VAL C 976 5.64 21.65 -1.67
C VAL C 976 6.85 20.80 -2.02
N LEU C 977 7.15 20.72 -3.32
CA LEU C 977 8.38 20.11 -3.76
C LEU C 977 9.53 21.10 -3.73
N ASN C 978 9.37 22.19 -4.47
CA ASN C 978 10.49 23.11 -4.69
C ASN C 978 11.11 23.52 -3.37
N ASP C 979 10.29 23.89 -2.41
CA ASP C 979 10.81 24.31 -1.12
C ASP C 979 11.63 23.20 -0.48
N ILE C 980 11.57 21.99 -1.04
CA ILE C 980 12.42 20.91 -0.56
C ILE C 980 13.63 20.77 -1.46
N LEU C 981 13.44 21.08 -2.74
CA LEU C 981 14.53 20.93 -3.69
C LEU C 981 15.59 21.98 -3.45
N SER C 982 15.18 23.17 -3.02
CA SER C 982 16.11 24.25 -2.76
C SER C 982 16.55 24.30 -1.31
N ARG C 983 15.99 23.45 -0.45
CA ARG C 983 16.34 23.45 0.95
C ARG C 983 17.29 22.33 1.33
N LEU C 984 17.16 21.17 0.72
CA LEU C 984 17.97 20.02 1.09
C LEU C 984 18.66 19.43 -0.12
N ASP C 985 19.40 18.38 0.13
CA ASP C 985 20.22 17.70 -0.85
C ASP C 985 19.57 16.39 -1.26
N PRO C 986 19.98 15.83 -2.39
CA PRO C 986 19.23 14.73 -3.02
C PRO C 986 18.85 13.64 -2.04
N PRO C 987 19.82 13.01 -1.39
CA PRO C 987 19.54 11.75 -0.70
C PRO C 987 18.35 11.80 0.25
N GLU C 988 18.36 12.70 1.22
CA GLU C 988 17.15 12.84 2.03
C GLU C 988 16.02 13.46 1.22
N ALA C 989 16.36 14.36 0.30
CA ALA C 989 15.34 14.83 -0.63
C ALA C 989 14.83 13.66 -1.45
N GLU C 990 15.57 12.56 -1.43
CA GLU C 990 15.14 11.36 -2.13
C GLU C 990 14.51 10.35 -1.19
N VAL C 991 14.46 10.66 0.10
CA VAL C 991 13.68 9.83 1.02
C VAL C 991 12.37 10.54 1.34
N GLN C 992 12.41 11.86 1.35
CA GLN C 992 11.17 12.61 1.53
C GLN C 992 10.32 12.55 0.28
N ILE C 993 10.87 13.00 -0.85
CA ILE C 993 10.15 12.88 -2.10
C ILE C 993 9.70 11.45 -2.32
N ASP C 994 10.36 10.51 -1.66
CA ASP C 994 9.90 9.13 -1.72
C ASP C 994 8.53 9.02 -1.07
N ARG C 995 8.17 9.99 -0.25
CA ARG C 995 6.87 9.97 0.40
C ARG C 995 5.86 10.79 -0.38
N LEU C 996 6.15 12.07 -0.59
CA LEU C 996 5.19 12.95 -1.23
C LEU C 996 4.70 12.35 -2.54
N ILE C 997 5.47 11.41 -3.08
CA ILE C 997 5.00 10.60 -4.18
C ILE C 997 3.91 9.66 -3.71
N THR C 998 4.14 9.01 -2.57
CA THR C 998 3.22 7.96 -2.11
C THR C 998 1.80 8.48 -2.05
N GLY C 999 1.65 9.76 -1.71
CA GLY C 999 0.33 10.32 -1.58
C GLY C 999 -0.20 10.80 -2.90
N ARG C 1000 0.61 11.55 -3.61
CA ARG C 1000 0.19 12.10 -4.89
C ARG C 1000 -0.12 10.97 -5.88
N LEU C 1001 0.14 9.72 -5.47
CA LEU C 1001 -0.36 8.59 -6.22
C LEU C 1001 -1.61 8.03 -5.58
N GLN C 1002 -1.52 7.65 -4.32
CA GLN C 1002 -2.64 7.01 -3.65
C GLN C 1002 -3.81 7.96 -3.55
N SER C 1003 -3.60 9.22 -3.93
CA SER C 1003 -4.72 10.13 -4.08
C SER C 1003 -5.26 10.04 -5.49
N LEU C 1004 -4.42 9.60 -6.42
CA LEU C 1004 -4.82 9.56 -7.82
C LEU C 1004 -5.49 8.23 -8.15
N GLN C 1005 -4.79 7.12 -7.92
CA GLN C 1005 -5.40 5.82 -8.16
C GLN C 1005 -6.79 5.76 -7.54
N THR C 1006 -6.97 6.47 -6.42
CA THR C 1006 -8.30 6.64 -5.87
C THR C 1006 -9.19 7.41 -6.82
N TYR C 1007 -8.81 8.65 -7.12
CA TYR C 1007 -9.61 9.49 -7.99
C TYR C 1007 -10.06 8.75 -9.22
N VAL C 1008 -9.11 8.15 -9.94
CA VAL C 1008 -9.44 7.46 -11.17
C VAL C 1008 -10.61 6.53 -10.97
N THR C 1009 -10.57 5.74 -9.91
CA THR C 1009 -11.66 4.82 -9.62
C THR C 1009 -12.97 5.57 -9.49
N GLN C 1010 -13.07 6.44 -8.50
CA GLN C 1010 -14.30 7.20 -8.30
C GLN C 1010 -14.70 7.94 -9.57
N GLN C 1011 -13.76 8.09 -10.50
CA GLN C 1011 -14.07 8.81 -11.73
C GLN C 1011 -14.10 7.84 -12.89
N LEU C 1012 -13.70 6.60 -12.65
CA LEU C 1012 -14.01 5.53 -13.58
C LEU C 1012 -15.40 5.00 -13.32
N ILE C 1013 -15.66 4.61 -12.07
CA ILE C 1013 -16.94 3.99 -11.75
C ILE C 1013 -18.07 4.85 -12.25
N ARG C 1014 -18.10 6.11 -11.82
CA ARG C 1014 -19.08 7.05 -12.31
C ARG C 1014 -19.15 7.03 -13.82
N ALA C 1015 -18.02 6.78 -14.47
CA ALA C 1015 -18.00 6.81 -15.93
C ALA C 1015 -18.83 5.66 -16.49
N ALA C 1016 -19.23 4.73 -15.64
CA ALA C 1016 -20.09 3.64 -16.08
C ALA C 1016 -21.52 3.91 -15.70
N GLU C 1017 -21.75 4.31 -14.44
CA GLU C 1017 -23.10 4.63 -14.01
C GLU C 1017 -23.79 5.54 -15.01
N ILE C 1018 -23.03 6.46 -15.60
CA ILE C 1018 -23.56 7.24 -16.69
C ILE C 1018 -23.98 6.33 -17.82
N ARG C 1019 -23.12 5.40 -18.21
CA ARG C 1019 -23.40 4.57 -19.37
C ARG C 1019 -24.71 3.81 -19.17
N ALA C 1020 -24.84 3.13 -18.03
CA ALA C 1020 -26.10 2.47 -17.73
C ALA C 1020 -27.17 3.50 -17.41
N SER C 1021 -26.78 4.77 -17.35
CA SER C 1021 -27.76 5.84 -17.24
C SER C 1021 -27.83 6.60 -18.54
N ALA C 1022 -26.95 6.27 -19.47
CA ALA C 1022 -27.00 6.85 -20.81
C ALA C 1022 -27.68 5.90 -21.78
N ASN C 1023 -27.17 4.67 -21.87
CA ASN C 1023 -27.81 3.69 -22.74
C ASN C 1023 -29.31 3.69 -22.56
N LEU C 1024 -29.77 3.50 -21.32
CA LEU C 1024 -31.18 3.69 -21.02
C LEU C 1024 -31.71 4.95 -21.67
N ALA C 1025 -30.93 6.02 -21.62
CA ALA C 1025 -31.36 7.26 -22.25
C ALA C 1025 -31.15 7.18 -23.75
N ALA C 1026 -30.44 6.15 -24.20
CA ALA C 1026 -30.28 5.93 -25.64
C ALA C 1026 -31.42 5.07 -26.15
N THR C 1027 -31.99 4.26 -25.27
CA THR C 1027 -33.07 3.38 -25.68
C THR C 1027 -34.36 4.17 -25.85
N LYS C 1028 -34.57 5.16 -24.99
CA LYS C 1028 -35.80 5.93 -25.06
C LYS C 1028 -35.89 6.68 -26.38
N MET C 1029 -34.81 7.34 -26.78
CA MET C 1029 -34.81 8.03 -28.06
C MET C 1029 -34.72 7.03 -29.20
N SER C 1030 -34.85 5.75 -28.88
CA SER C 1030 -34.93 4.71 -29.91
C SER C 1030 -36.24 3.95 -29.77
N GLU C 1031 -36.92 4.13 -28.65
CA GLU C 1031 -38.21 3.51 -28.41
C GLU C 1031 -39.32 4.52 -28.22
N CYS C 1032 -39.11 5.48 -27.33
CA CYS C 1032 -40.20 6.37 -26.94
C CYS C 1032 -40.34 7.53 -27.89
N VAL C 1033 -39.22 8.06 -28.38
CA VAL C 1033 -39.24 9.25 -29.22
C VAL C 1033 -39.54 8.81 -30.64
N LEU C 1034 -38.71 7.93 -31.17
CA LEU C 1034 -38.89 7.44 -32.51
C LEU C 1034 -40.13 6.59 -32.68
N GLY C 1035 -40.88 6.33 -31.61
CA GLY C 1035 -42.03 5.47 -31.78
C GLY C 1035 -42.86 5.37 -30.52
N GLN C 1036 -43.78 4.42 -30.56
CA GLN C 1036 -44.72 4.16 -29.48
C GLN C 1036 -44.36 2.84 -28.83
N SER C 1037 -44.61 2.74 -27.53
CA SER C 1037 -44.29 1.54 -26.78
C SER C 1037 -45.37 1.24 -25.76
N LYS C 1038 -45.97 0.07 -25.89
CA LYS C 1038 -47.00 -0.40 -24.99
C LYS C 1038 -46.49 -0.59 -23.58
N ARG C 1039 -45.21 -0.36 -23.34
CA ARG C 1039 -44.65 -0.53 -22.01
C ARG C 1039 -45.06 0.63 -21.12
N VAL C 1040 -45.28 0.34 -19.85
CA VAL C 1040 -45.61 1.37 -18.90
C VAL C 1040 -44.33 1.87 -18.23
N ASP C 1041 -44.40 3.07 -17.69
CA ASP C 1041 -43.31 3.69 -16.93
C ASP C 1041 -41.97 3.60 -17.65
N PHE C 1042 -41.99 3.46 -18.96
CA PHE C 1042 -40.75 3.50 -19.73
C PHE C 1042 -40.72 4.72 -20.62
N CYS C 1043 -41.88 5.13 -21.10
CA CYS C 1043 -42.03 6.35 -21.87
C CYS C 1043 -42.98 7.27 -21.13
N GLY C 1044 -42.90 7.26 -19.80
CA GLY C 1044 -43.65 8.18 -18.97
C GLY C 1044 -44.87 7.54 -18.35
N LYS C 1045 -45.55 8.31 -17.52
CA LYS C 1045 -46.76 7.84 -16.84
C LYS C 1045 -47.97 7.98 -17.74
N GLY C 1046 -48.64 6.88 -17.99
CA GLY C 1046 -49.84 6.85 -18.79
C GLY C 1046 -49.62 6.09 -20.07
N TYR C 1047 -50.74 5.69 -20.67
CA TYR C 1047 -50.71 5.04 -21.97
C TYR C 1047 -50.00 5.99 -22.92
N HIS C 1048 -48.81 5.59 -23.37
CA HIS C 1048 -48.00 6.47 -24.17
C HIS C 1048 -48.68 6.79 -25.49
N LEU C 1049 -48.37 7.98 -25.99
CA LEU C 1049 -48.91 8.47 -27.24
C LEU C 1049 -47.82 9.04 -28.13
N MET C 1050 -46.77 9.56 -27.52
CA MET C 1050 -45.67 10.18 -28.23
C MET C 1050 -44.68 10.70 -27.20
N SER C 1051 -43.52 11.13 -27.68
CA SER C 1051 -42.47 11.61 -26.81
C SER C 1051 -41.57 12.56 -27.56
N PHE C 1052 -41.74 13.84 -27.28
CA PHE C 1052 -40.95 14.88 -27.90
C PHE C 1052 -39.71 15.18 -27.06
N PRO C 1053 -38.51 15.00 -27.60
CA PRO C 1053 -37.29 15.30 -26.86
C PRO C 1053 -36.73 16.68 -27.09
N GLN C 1054 -35.90 17.10 -26.15
CA GLN C 1054 -35.12 18.31 -26.25
C GLN C 1054 -33.83 18.14 -25.47
N SER C 1055 -32.99 19.17 -25.52
CA SER C 1055 -31.59 19.05 -25.20
C SER C 1055 -31.32 19.40 -23.74
N ALA C 1056 -30.04 19.48 -23.44
CA ALA C 1056 -29.52 19.85 -22.15
C ALA C 1056 -28.06 20.23 -22.32
N PRO C 1057 -27.44 20.76 -21.30
CA PRO C 1057 -26.01 21.07 -21.37
C PRO C 1057 -25.19 19.80 -21.43
N HIS C 1058 -25.50 18.89 -20.52
CA HIS C 1058 -24.75 17.67 -20.34
C HIS C 1058 -25.71 16.52 -20.09
N GLY C 1059 -26.85 16.57 -20.76
CA GLY C 1059 -27.78 15.46 -20.68
C GLY C 1059 -28.84 15.59 -21.74
N VAL C 1060 -29.85 14.74 -21.61
CA VAL C 1060 -31.01 14.77 -22.48
C VAL C 1060 -32.25 15.01 -21.63
N VAL C 1061 -33.32 15.40 -22.29
CA VAL C 1061 -34.63 15.49 -21.68
C VAL C 1061 -35.62 14.88 -22.65
N PHE C 1062 -36.62 14.21 -22.10
CA PHE C 1062 -37.68 13.60 -22.88
C PHE C 1062 -39.00 14.11 -22.33
N LEU C 1063 -39.79 14.72 -23.20
CA LEU C 1063 -41.13 15.16 -22.83
C LEU C 1063 -42.12 14.12 -23.32
N HIS C 1064 -42.71 13.40 -22.38
CA HIS C 1064 -43.64 12.34 -22.69
C HIS C 1064 -45.07 12.87 -22.67
N VAL C 1065 -45.79 12.69 -23.76
CA VAL C 1065 -47.21 12.97 -23.83
C VAL C 1065 -47.93 11.65 -23.63
N THR C 1066 -49.07 11.70 -22.95
CA THR C 1066 -49.71 10.50 -22.46
C THR C 1066 -51.21 10.65 -22.42
N TYR C 1067 -51.86 9.68 -21.80
CA TYR C 1067 -53.30 9.57 -21.76
C TYR C 1067 -53.75 9.28 -20.35
N VAL C 1068 -54.38 10.27 -19.73
CA VAL C 1068 -54.81 10.22 -18.34
C VAL C 1068 -56.33 10.18 -18.31
N PRO C 1069 -56.94 9.06 -17.95
CA PRO C 1069 -58.39 8.99 -17.93
C PRO C 1069 -58.98 9.70 -16.74
N ALA C 1070 -60.21 10.14 -16.91
CA ALA C 1070 -60.92 10.83 -15.84
C ALA C 1070 -62.40 10.90 -16.23
N GLN C 1071 -63.16 11.58 -15.39
CA GLN C 1071 -64.61 11.64 -15.51
C GLN C 1071 -65.18 10.22 -15.67
N GLU C 1072 -64.92 9.43 -14.64
CA GLU C 1072 -65.34 8.04 -14.60
C GLU C 1072 -66.85 7.92 -14.53
N LYS C 1073 -67.32 6.68 -14.52
CA LYS C 1073 -68.74 6.41 -14.36
C LYS C 1073 -68.94 4.94 -14.03
N ASN C 1074 -69.73 4.69 -12.99
CA ASN C 1074 -70.07 3.33 -12.59
C ASN C 1074 -71.03 2.70 -13.58
N PHE C 1075 -70.66 1.51 -14.05
CA PHE C 1075 -71.53 0.71 -14.88
C PHE C 1075 -71.67 -0.67 -14.26
N THR C 1076 -72.56 -1.47 -14.84
CA THR C 1076 -72.80 -2.84 -14.42
C THR C 1076 -72.47 -3.78 -15.57
N THR C 1077 -71.86 -4.91 -15.24
CA THR C 1077 -71.32 -5.80 -16.25
C THR C 1077 -71.97 -7.17 -16.22
N ALA C 1078 -71.78 -7.87 -17.33
CA ALA C 1078 -72.11 -9.23 -17.52
C ALA C 1078 -71.33 -9.55 -18.79
N PRO C 1079 -70.47 -10.56 -18.79
CA PRO C 1079 -69.57 -10.73 -19.93
C PRO C 1079 -70.27 -11.17 -21.19
N ALA C 1080 -71.18 -12.12 -21.09
CA ALA C 1080 -71.82 -12.72 -22.25
C ALA C 1080 -73.31 -12.45 -22.18
N ILE C 1081 -73.99 -12.80 -23.26
CA ILE C 1081 -75.41 -12.54 -23.41
C ILE C 1081 -76.08 -13.79 -23.96
N CYS C 1082 -77.37 -13.94 -23.68
CA CYS C 1082 -78.12 -15.11 -24.12
C CYS C 1082 -79.13 -14.68 -25.17
N HIS C 1083 -79.28 -15.50 -26.20
CA HIS C 1083 -80.33 -15.33 -27.20
C HIS C 1083 -80.40 -16.59 -28.02
N ASP C 1084 -81.60 -16.98 -28.41
CA ASP C 1084 -81.80 -18.23 -29.14
C ASP C 1084 -81.09 -19.37 -28.42
N GLY C 1085 -81.03 -19.26 -27.09
CA GLY C 1085 -80.27 -20.21 -26.31
C GLY C 1085 -78.78 -20.14 -26.52
N LYS C 1086 -78.33 -19.33 -27.45
CA LYS C 1086 -76.93 -19.23 -27.81
C LYS C 1086 -76.22 -18.21 -26.95
N ALA C 1087 -74.90 -18.27 -26.96
CA ALA C 1087 -74.06 -17.33 -26.23
C ALA C 1087 -73.18 -16.56 -27.18
N HIS C 1088 -73.24 -15.24 -27.10
CA HIS C 1088 -72.46 -14.36 -27.96
C HIS C 1088 -71.46 -13.58 -27.12
N PHE C 1089 -70.25 -13.41 -27.65
CA PHE C 1089 -69.22 -12.64 -26.98
C PHE C 1089 -68.83 -11.44 -27.85
N PRO C 1090 -68.07 -10.50 -27.30
CA PRO C 1090 -67.69 -9.32 -28.06
C PRO C 1090 -66.40 -9.54 -28.84
N ARG C 1091 -65.96 -8.48 -29.51
CA ARG C 1091 -64.74 -8.55 -30.30
C ARG C 1091 -63.68 -7.64 -29.72
N GLU C 1092 -64.06 -6.40 -29.41
CA GLU C 1092 -63.13 -5.44 -28.85
C GLU C 1092 -63.97 -4.51 -27.99
N GLY C 1093 -63.79 -4.60 -26.70
CA GLY C 1093 -64.59 -3.85 -25.77
C GLY C 1093 -65.31 -4.79 -24.85
N VAL C 1094 -66.36 -4.28 -24.22
CA VAL C 1094 -67.03 -4.97 -23.15
C VAL C 1094 -68.51 -4.69 -23.21
N PHE C 1095 -69.23 -5.28 -22.27
CA PHE C 1095 -70.68 -5.16 -22.19
C PHE C 1095 -71.05 -4.50 -20.88
N VAL C 1096 -71.92 -3.50 -20.95
CA VAL C 1096 -72.41 -2.79 -19.77
C VAL C 1096 -73.89 -2.53 -19.91
N SER C 1097 -74.47 -1.97 -18.85
CA SER C 1097 -75.91 -1.78 -18.76
C SER C 1097 -76.21 -0.65 -17.81
N ASN C 1098 -77.17 0.21 -18.17
CA ASN C 1098 -77.46 1.36 -17.32
C ASN C 1098 -78.40 0.96 -16.19
N GLY C 1099 -79.67 0.71 -16.50
CA GLY C 1099 -80.53 0.00 -15.57
C GLY C 1099 -81.34 -1.07 -16.26
N THR C 1100 -81.66 -0.81 -17.53
CA THR C 1100 -82.60 -1.64 -18.26
C THR C 1100 -82.03 -2.04 -19.61
N HIS C 1101 -81.22 -1.19 -20.19
CA HIS C 1101 -80.62 -1.44 -21.48
C HIS C 1101 -79.22 -2.00 -21.34
N TRP C 1102 -78.72 -2.57 -22.43
CA TRP C 1102 -77.39 -3.18 -22.50
C TRP C 1102 -76.69 -2.63 -23.73
N PHE C 1103 -75.41 -2.33 -23.57
CA PHE C 1103 -74.62 -1.73 -24.62
C PHE C 1103 -73.22 -2.32 -24.64
N VAL C 1104 -72.50 -2.03 -25.71
CA VAL C 1104 -71.15 -2.51 -25.92
C VAL C 1104 -70.28 -1.30 -26.21
N THR C 1105 -69.09 -1.27 -25.62
CA THR C 1105 -68.12 -0.21 -25.85
C THR C 1105 -66.73 -0.68 -25.49
N GLN C 1106 -65.77 0.15 -25.82
CA GLN C 1106 -64.36 -0.13 -25.62
C GLN C 1106 -63.92 0.10 -24.18
N ARG C 1107 -62.73 -0.40 -23.87
CA ARG C 1107 -62.34 -0.57 -22.47
C ARG C 1107 -61.80 0.72 -21.89
N ASN C 1108 -61.47 1.67 -22.73
CA ASN C 1108 -60.83 2.91 -22.29
C ASN C 1108 -61.57 4.14 -22.76
N PHE C 1109 -62.82 4.00 -23.16
CA PHE C 1109 -63.64 5.15 -23.51
C PHE C 1109 -65.09 4.71 -23.61
N TYR C 1110 -66.00 5.61 -23.27
CA TYR C 1110 -67.43 5.35 -23.27
C TYR C 1110 -68.05 6.07 -24.45
N GLU C 1111 -68.54 5.30 -25.42
CA GLU C 1111 -69.10 5.81 -26.66
C GLU C 1111 -70.01 4.68 -27.10
N PRO C 1112 -71.08 4.46 -26.37
CA PRO C 1112 -71.75 3.16 -26.43
C PRO C 1112 -72.45 2.92 -27.75
N GLN C 1113 -72.74 1.65 -27.99
CA GLN C 1113 -73.34 1.22 -29.23
C GLN C 1113 -74.40 0.19 -28.95
N ILE C 1114 -75.27 -0.01 -29.92
CA ILE C 1114 -76.28 -1.04 -29.81
C ILE C 1114 -75.67 -2.35 -30.24
N ILE C 1115 -76.02 -3.41 -29.52
CA ILE C 1115 -75.44 -4.70 -29.80
C ILE C 1115 -75.91 -5.17 -31.16
N THR C 1116 -75.06 -5.95 -31.82
CA THR C 1116 -75.31 -6.39 -33.18
C THR C 1116 -74.72 -7.76 -33.40
N THR C 1117 -75.17 -8.41 -34.45
CA THR C 1117 -74.51 -9.62 -34.94
C THR C 1117 -73.16 -9.31 -35.57
N ASP C 1118 -72.74 -8.04 -35.58
CA ASP C 1118 -71.45 -7.67 -36.14
C ASP C 1118 -70.40 -7.46 -35.07
N ASN C 1119 -70.74 -6.72 -34.02
CA ASN C 1119 -69.80 -6.38 -32.97
C ASN C 1119 -69.70 -7.46 -31.91
N THR C 1120 -70.09 -8.69 -32.23
CA THR C 1120 -69.99 -9.80 -31.31
C THR C 1120 -69.69 -11.07 -32.09
N PHE C 1121 -69.63 -12.20 -31.37
CA PHE C 1121 -69.65 -13.50 -32.01
C PHE C 1121 -70.03 -14.59 -31.03
N VAL C 1122 -70.29 -15.76 -31.56
CA VAL C 1122 -71.00 -16.81 -30.86
C VAL C 1122 -70.11 -18.03 -30.72
N SER C 1123 -70.21 -18.69 -29.57
CA SER C 1123 -69.51 -19.95 -29.34
C SER C 1123 -70.19 -20.63 -28.13
N GLY C 1124 -70.81 -21.77 -28.39
CA GLY C 1124 -71.34 -22.59 -27.31
C GLY C 1124 -72.79 -22.27 -27.00
N ASN C 1125 -73.27 -22.98 -25.98
CA ASN C 1125 -74.57 -22.70 -25.40
C ASN C 1125 -74.40 -21.88 -24.14
N CYS C 1126 -75.44 -21.14 -23.78
CA CYS C 1126 -75.32 -20.08 -22.79
C CYS C 1126 -75.76 -20.58 -21.42
N ASP C 1127 -75.45 -21.84 -21.13
CA ASP C 1127 -75.73 -22.45 -19.85
C ASP C 1127 -74.49 -22.60 -18.97
N VAL C 1128 -73.31 -22.27 -19.49
CA VAL C 1128 -72.06 -22.51 -18.79
C VAL C 1128 -71.42 -21.23 -18.28
N VAL C 1129 -71.29 -20.21 -19.12
CA VAL C 1129 -70.70 -18.96 -18.69
C VAL C 1129 -71.45 -18.47 -17.46
N ILE C 1130 -70.74 -17.80 -16.57
CA ILE C 1130 -71.29 -17.35 -15.30
C ILE C 1130 -71.41 -15.84 -15.35
N GLY C 1131 -72.34 -15.29 -14.59
CA GLY C 1131 -72.59 -13.87 -14.60
C GLY C 1131 -73.40 -13.40 -15.78
N ILE C 1132 -73.96 -14.31 -16.56
CA ILE C 1132 -74.61 -13.95 -17.80
C ILE C 1132 -75.94 -13.25 -17.52
N VAL C 1133 -76.42 -12.51 -18.51
CA VAL C 1133 -77.65 -11.75 -18.41
C VAL C 1133 -78.39 -11.85 -19.73
N ASN C 1134 -79.58 -12.44 -19.67
CA ASN C 1134 -80.38 -12.65 -20.86
C ASN C 1134 -80.75 -11.30 -21.44
N ASN C 1135 -80.69 -11.20 -22.76
CA ASN C 1135 -81.00 -9.94 -23.42
C ASN C 1135 -81.55 -10.25 -24.82
N THR C 1136 -81.59 -9.21 -25.63
CA THR C 1136 -82.05 -9.29 -27.00
C THR C 1136 -80.94 -8.81 -27.90
N VAL C 1137 -81.12 -8.99 -29.20
CA VAL C 1137 -80.11 -8.62 -30.18
C VAL C 1137 -80.82 -8.06 -31.41
N TYR C 1138 -80.58 -6.79 -31.68
CA TYR C 1138 -80.82 -6.28 -33.02
C TYR C 1138 -79.84 -6.94 -33.99
N ASP C 1139 -80.32 -7.23 -35.18
CA ASP C 1139 -79.54 -7.89 -36.22
C ASP C 1139 -79.84 -7.20 -37.53
N PRO C 1140 -78.85 -6.63 -38.20
CA PRO C 1140 -79.16 -5.70 -39.29
C PRO C 1140 -79.31 -6.39 -40.63
N LEU C 1141 -80.15 -7.42 -40.69
CA LEU C 1141 -80.40 -8.08 -41.96
C LEU C 1141 -81.88 -8.27 -42.20
N GLN C 1142 -82.61 -8.62 -41.15
CA GLN C 1142 -84.02 -8.97 -41.32
C GLN C 1142 -84.83 -7.84 -41.94
N PRO C 1143 -84.84 -6.63 -41.38
CA PRO C 1143 -85.62 -5.57 -42.02
C PRO C 1143 -85.18 -5.32 -43.44
N GLU C 1144 -83.88 -5.50 -43.70
CA GLU C 1144 -83.41 -5.42 -45.07
C GLU C 1144 -84.04 -6.51 -45.93
N LEU C 1145 -84.71 -7.47 -45.28
CA LEU C 1145 -85.52 -8.43 -46.02
C LEU C 1145 -86.95 -7.94 -46.14
N ASP C 1146 -87.39 -7.18 -45.15
CA ASP C 1146 -88.74 -6.62 -45.17
C ASP C 1146 -88.90 -5.61 -46.29
N GLN D 1 90.89 -4.88 17.33
CA GLN D 1 89.47 -5.16 17.48
C GLN D 1 89.04 -6.29 16.57
N VAL D 2 89.69 -6.41 15.42
CA VAL D 2 89.39 -7.45 14.44
C VAL D 2 90.33 -8.62 14.71
N GLN D 3 89.76 -9.74 15.17
CA GLN D 3 90.52 -10.94 15.49
C GLN D 3 90.23 -12.02 14.45
N LEU D 4 91.17 -12.95 14.32
CA LEU D 4 91.06 -14.05 13.37
C LEU D 4 91.74 -15.27 13.97
N VAL D 5 90.96 -16.13 14.62
CA VAL D 5 91.49 -17.35 15.24
C VAL D 5 92.06 -18.23 14.14
N GLU D 6 93.28 -18.70 14.34
CA GLU D 6 93.94 -19.59 13.39
C GLU D 6 93.70 -21.05 13.78
N SER D 7 93.90 -21.94 12.81
CA SER D 7 93.72 -23.37 13.04
C SER D 7 94.10 -24.18 11.80
N GLY D 8 94.46 -25.45 12.00
CA GLY D 8 94.83 -26.33 10.91
C GLY D 8 96.31 -26.56 10.74
N GLY D 9 97.16 -25.86 11.49
CA GLY D 9 98.59 -26.01 11.36
C GLY D 9 99.09 -27.39 11.79
N GLY D 10 100.41 -27.55 11.82
CA GLY D 10 101.00 -28.81 12.22
C GLY D 10 101.93 -29.40 11.19
N SER D 11 102.90 -30.20 11.63
CA SER D 11 103.85 -30.81 10.72
C SER D 11 103.17 -31.85 9.83
N VAL D 12 103.76 -32.13 8.67
CA VAL D 12 103.16 -33.06 7.72
C VAL D 12 104.21 -33.47 6.68
N GLN D 13 104.14 -34.72 6.22
CA GLN D 13 105.06 -35.21 5.21
C GLN D 13 104.88 -34.43 3.90
N ALA D 14 105.84 -34.55 2.99
CA ALA D 14 105.79 -33.86 1.71
C ALA D 14 104.93 -34.66 0.74
N GLY D 15 103.74 -34.14 0.46
CA GLY D 15 102.82 -34.80 -0.46
C GLY D 15 101.49 -35.11 0.18
N GLY D 16 101.19 -34.46 1.32
CA GLY D 16 99.94 -34.66 2.02
C GLY D 16 99.05 -33.43 1.93
N SER D 17 97.87 -33.56 2.52
CA SER D 17 96.87 -32.49 2.52
C SER D 17 96.73 -31.90 3.91
N LEU D 18 96.56 -30.58 3.95
CA LEU D 18 96.36 -29.87 5.20
C LEU D 18 95.49 -28.64 4.90
N LYS D 19 94.52 -28.39 5.77
CA LYS D 19 93.54 -27.32 5.56
C LYS D 19 93.69 -26.31 6.69
N LEU D 20 93.97 -25.06 6.34
CA LEU D 20 94.01 -23.96 7.29
C LEU D 20 92.67 -23.24 7.32
N SER D 21 92.38 -22.63 8.47
CA SER D 21 91.17 -21.85 8.65
C SER D 21 91.50 -20.60 9.44
N CYS D 22 90.79 -19.51 9.11
CA CYS D 22 91.00 -18.23 9.77
C CYS D 22 89.66 -17.53 9.86
N ALA D 23 89.03 -17.58 11.03
CA ALA D 23 87.64 -17.19 11.19
C ALA D 23 87.53 -16.02 12.16
N ALA D 24 87.01 -14.90 11.66
CA ALA D 24 86.55 -13.81 12.50
C ALA D 24 85.17 -14.18 13.02
N SER D 25 84.85 -13.75 14.24
CA SER D 25 83.62 -14.16 14.88
C SER D 25 83.05 -13.00 15.68
N GLY D 26 81.73 -12.97 15.81
CA GLY D 26 81.05 -11.86 16.42
C GLY D 26 81.17 -10.56 15.69
N TYR D 27 81.88 -10.54 14.55
CA TYR D 27 82.08 -9.31 13.79
C TYR D 27 80.92 -9.05 12.83
N ALA D 28 80.18 -10.09 12.45
CA ALA D 28 78.98 -9.91 11.65
C ALA D 28 79.26 -8.96 10.49
N SER D 29 80.10 -9.39 9.55
CA SER D 29 80.82 -8.46 8.68
C SER D 29 79.91 -7.40 8.10
N TRP D 30 80.14 -6.15 8.52
CA TRP D 30 79.48 -4.99 7.93
C TRP D 30 80.51 -4.30 7.04
N ALA D 31 80.42 -4.57 5.74
CA ALA D 31 79.50 -5.60 5.25
C ALA D 31 80.29 -6.67 4.53
N ARG D 32 81.22 -6.23 3.68
CA ARG D 32 82.04 -7.13 2.88
C ARG D 32 83.43 -6.54 2.72
N LYS D 33 84.44 -7.35 3.05
CA LYS D 33 85.85 -6.99 3.01
C LYS D 33 86.61 -8.15 2.41
N CYS D 34 87.94 -8.12 2.50
CA CYS D 34 88.76 -9.30 2.22
C CYS D 34 89.35 -9.86 3.52
N ILE D 35 90.01 -11.00 3.36
CA ILE D 35 90.58 -11.73 4.49
C ILE D 35 91.45 -12.85 3.92
N GLY D 36 92.52 -13.17 4.62
CA GLY D 36 93.42 -14.19 4.13
C GLY D 36 94.62 -14.41 5.04
N TRP D 37 95.69 -14.91 4.43
CA TRP D 37 96.91 -15.27 5.15
C TRP D 37 98.09 -14.56 4.49
N PHE D 38 99.30 -14.95 4.92
CA PHE D 38 100.55 -14.56 4.28
C PHE D 38 101.52 -15.72 4.36
N ARG D 39 102.77 -15.52 3.93
CA ARG D 39 103.77 -16.57 4.08
C ARG D 39 105.17 -15.99 4.33
N GLN D 40 105.57 -15.93 5.59
CA GLN D 40 106.89 -15.47 5.99
C GLN D 40 107.86 -16.63 6.14
N ALA D 41 109.00 -16.39 6.77
CA ALA D 41 109.96 -17.43 7.10
C ALA D 41 110.93 -16.94 8.17
N PRO D 42 111.61 -17.86 8.87
CA PRO D 42 112.58 -17.44 9.89
C PRO D 42 113.55 -16.37 9.38
N GLY D 43 113.93 -16.47 8.11
CA GLY D 43 114.89 -15.52 7.56
C GLY D 43 114.25 -14.46 6.69
N GLN D 44 113.32 -14.86 5.83
CA GLN D 44 112.74 -13.96 4.85
C GLN D 44 111.43 -13.35 5.35
N GLU D 45 110.88 -12.46 4.54
CA GLU D 45 109.68 -11.70 4.85
C GLU D 45 108.45 -12.37 4.23
N ARG D 46 107.27 -11.86 4.57
CA ARG D 46 106.03 -12.47 4.11
C ARG D 46 105.77 -12.15 2.65
N GLU D 47 104.87 -12.92 2.05
CA GLU D 47 104.48 -12.75 0.66
C GLU D 47 102.99 -13.08 0.51
N GLY D 48 102.39 -12.55 -0.54
CA GLY D 48 100.97 -12.73 -0.76
C GLY D 48 100.62 -14.14 -1.20
N VAL D 49 99.76 -14.81 -0.44
CA VAL D 49 99.39 -16.19 -0.75
C VAL D 49 98.09 -16.26 -1.55
N ALA D 50 97.02 -15.74 -0.97
CA ALA D 50 95.70 -15.80 -1.58
C ALA D 50 94.73 -14.99 -0.75
N ALA D 51 93.63 -14.59 -1.37
CA ALA D 51 92.65 -13.76 -0.69
C ALA D 51 91.27 -14.01 -1.30
N ILE D 52 90.24 -13.71 -0.50
CA ILE D 52 88.85 -13.81 -0.92
C ILE D 52 88.07 -12.73 -0.17
N PHE D 53 87.28 -11.97 -0.90
CA PHE D 53 86.55 -10.85 -0.30
C PHE D 53 85.40 -11.39 0.54
N ASP D 54 85.21 -10.79 1.73
CA ASP D 54 84.11 -11.17 2.60
C ASP D 54 82.79 -10.92 1.90
N PHE D 55 81.91 -11.91 1.93
CA PHE D 55 80.74 -11.99 1.07
C PHE D 55 81.00 -11.49 -0.34
N ASP D 56 82.06 -11.98 -0.98
CA ASP D 56 82.31 -11.70 -2.38
C ASP D 56 83.03 -12.90 -2.99
N GLY D 57 82.83 -13.08 -4.29
CA GLY D 57 83.34 -14.25 -4.98
C GLY D 57 84.76 -14.15 -5.46
N SER D 58 85.18 -12.94 -5.85
CA SER D 58 86.52 -12.71 -6.37
C SER D 58 87.58 -13.36 -5.48
N THR D 59 88.55 -14.05 -6.10
CA THR D 59 89.56 -14.77 -5.37
C THR D 59 90.93 -14.47 -5.97
N TYR D 60 91.96 -14.59 -5.14
CA TYR D 60 93.33 -14.31 -5.55
C TYR D 60 94.23 -15.41 -5.01
N TYR D 61 95.40 -15.57 -5.62
CA TYR D 61 96.38 -16.56 -5.20
C TYR D 61 97.78 -16.13 -5.62
N SER D 62 98.80 -16.61 -4.93
CA SER D 62 100.17 -16.32 -5.33
C SER D 62 100.54 -17.14 -6.55
N ASP D 63 101.73 -16.86 -7.10
CA ASP D 63 102.22 -17.60 -8.25
C ASP D 63 102.48 -19.06 -7.97
N SER D 64 102.73 -19.42 -6.71
CA SER D 64 102.95 -20.83 -6.37
C SER D 64 101.77 -21.42 -5.62
N VAL D 65 101.02 -20.57 -4.91
CA VAL D 65 99.87 -21.02 -4.13
C VAL D 65 98.65 -21.14 -5.03
N LYS D 66 98.76 -20.62 -6.26
CA LYS D 66 97.66 -20.64 -7.21
C LYS D 66 97.31 -22.03 -7.70
N GLY D 67 98.20 -23.00 -7.57
CA GLY D 67 97.98 -24.31 -8.16
C GLY D 67 97.57 -25.39 -7.18
N ARG D 68 97.94 -25.24 -5.91
CA ARG D 68 97.66 -26.27 -4.91
C ARG D 68 96.76 -25.79 -3.77
N PHE D 69 96.58 -24.48 -3.61
CA PHE D 69 95.81 -23.92 -2.52
C PHE D 69 94.51 -23.36 -3.06
N THR D 70 93.41 -23.67 -2.38
CA THR D 70 92.09 -23.12 -2.70
C THR D 70 91.55 -22.42 -1.46
N ILE D 71 91.26 -21.13 -1.61
CA ILE D 71 90.73 -20.32 -0.52
C ILE D 71 89.23 -20.12 -0.72
N SER D 72 88.47 -20.37 0.35
CA SER D 72 87.03 -20.22 0.35
C SER D 72 86.60 -19.60 1.66
N GLY D 73 85.40 -19.03 1.67
CA GLY D 73 84.89 -18.36 2.84
C GLY D 73 83.44 -18.72 3.10
N ASP D 74 83.15 -18.95 4.39
CA ASP D 74 81.79 -19.20 4.86
C ASP D 74 81.41 -18.02 5.74
N ASN D 75 80.79 -17.00 5.14
CA ASN D 75 80.53 -15.77 5.86
C ASN D 75 79.49 -15.95 6.95
N ALA D 76 78.59 -16.92 6.79
CA ALA D 76 77.66 -17.27 7.86
C ALA D 76 78.45 -17.91 9.00
N LYS D 77 79.21 -18.96 8.68
CA LYS D 77 80.14 -19.54 9.63
C LYS D 77 81.23 -18.52 9.98
N ASN D 78 81.43 -17.55 9.09
CA ASN D 78 82.42 -16.50 9.30
C ASN D 78 83.83 -17.09 9.35
N THR D 79 84.22 -17.81 8.31
CA THR D 79 85.53 -18.44 8.25
C THR D 79 86.01 -18.45 6.81
N VAL D 80 87.34 -18.40 6.64
CA VAL D 80 87.96 -18.52 5.33
C VAL D 80 88.91 -19.72 5.37
N SER D 81 88.95 -20.46 4.27
CA SER D 81 89.64 -21.74 4.22
C SER D 81 90.74 -21.68 3.17
N LEU D 82 91.99 -21.72 3.64
CA LEU D 82 93.13 -21.76 2.73
C LEU D 82 93.68 -23.18 2.60
N GLN D 83 93.04 -23.99 1.75
CA GLN D 83 93.47 -25.37 1.53
C GLN D 83 94.94 -25.43 1.16
N MET D 84 95.71 -26.25 1.86
CA MET D 84 97.15 -26.34 1.64
C MET D 84 97.51 -27.60 0.87
N ASN D 85 96.69 -27.97 -0.11
CA ASN D 85 96.85 -29.21 -0.84
C ASN D 85 98.24 -29.37 -1.45
N SER D 86 98.73 -30.61 -1.50
CA SER D 86 99.97 -30.99 -2.15
C SER D 86 101.21 -30.58 -1.35
N LEU D 87 101.01 -29.77 -0.31
CA LEU D 87 101.98 -29.55 0.76
C LEU D 87 103.43 -29.64 0.29
N LEU D 88 103.82 -28.82 -0.68
CA LEU D 88 105.19 -28.89 -1.19
C LEU D 88 106.20 -28.57 -0.09
N PRO D 89 107.47 -28.93 -0.27
CA PRO D 89 108.48 -28.62 0.75
C PRO D 89 108.75 -27.13 0.84
N LYS D 90 108.54 -26.41 -0.26
CA LYS D 90 108.72 -24.96 -0.23
C LYS D 90 107.72 -24.31 0.71
N ASP D 91 106.55 -24.92 0.87
CA ASP D 91 105.53 -24.40 1.78
C ASP D 91 105.84 -24.82 3.22
N THR D 92 107.05 -24.51 3.69
CA THR D 92 107.46 -24.74 5.06
C THR D 92 107.56 -23.39 5.75
N ALA D 93 106.43 -22.89 6.23
CA ALA D 93 106.35 -21.57 6.84
C ALA D 93 105.13 -21.54 7.75
N VAL D 94 104.80 -20.33 8.23
CA VAL D 94 103.69 -20.11 9.16
C VAL D 94 102.74 -19.11 8.53
N TYR D 95 101.52 -19.55 8.25
CA TYR D 95 100.50 -18.69 7.64
C TYR D 95 99.82 -17.86 8.71
N TYR D 96 99.78 -16.55 8.49
CA TYR D 96 99.26 -15.59 9.46
C TYR D 96 97.92 -15.06 8.96
N CYS D 97 96.91 -15.14 9.82
CA CYS D 97 95.61 -14.53 9.53
C CYS D 97 95.80 -13.11 9.01
N THR D 98 95.03 -12.77 7.97
CA THR D 98 95.15 -11.47 7.31
C THR D 98 93.77 -10.88 7.11
N VAL D 99 93.39 -9.93 7.97
CA VAL D 99 92.10 -9.27 7.85
C VAL D 99 92.20 -8.15 6.82
N ALA D 100 91.86 -8.45 5.57
CA ALA D 100 91.72 -7.39 4.61
C ALA D 100 90.43 -6.61 4.90
N PHE D 101 90.25 -5.52 4.17
CA PHE D 101 89.22 -4.55 4.52
C PHE D 101 88.14 -4.47 3.45
N GLY D 102 87.18 -3.57 3.69
CA GLY D 102 86.04 -3.38 2.81
C GLY D 102 86.45 -3.11 1.38
N THR D 103 87.73 -2.85 1.19
CA THR D 103 88.36 -2.88 -0.13
C THR D 103 89.47 -3.91 -0.05
N CYS D 104 89.68 -4.66 -1.13
CA CYS D 104 90.62 -5.77 -1.07
C CYS D 104 91.99 -5.35 -1.58
N ASP D 105 92.06 -4.27 -2.36
CA ASP D 105 93.33 -3.81 -2.88
C ASP D 105 94.36 -3.61 -1.78
N ASN D 106 93.94 -3.03 -0.66
CA ASN D 106 94.85 -2.80 0.47
C ASN D 106 95.47 -4.11 0.95
N TRP D 107 94.65 -5.16 1.01
CA TRP D 107 95.12 -6.47 1.46
C TRP D 107 96.42 -6.87 0.80
N TYR D 108 96.49 -6.72 -0.53
CA TYR D 108 97.68 -7.12 -1.27
C TYR D 108 98.94 -6.54 -0.64
N ARG D 109 98.87 -5.27 -0.23
CA ARG D 109 99.98 -4.66 0.50
C ARG D 109 100.12 -5.30 1.87
N GLY D 110 99.07 -5.23 2.69
CA GLY D 110 99.05 -5.93 3.95
C GLY D 110 99.06 -5.06 5.19
N ARG D 111 99.50 -3.80 5.04
CA ARG D 111 99.67 -2.94 6.21
C ARG D 111 98.36 -2.80 6.98
N GLY D 112 97.29 -2.41 6.31
CA GLY D 112 96.00 -2.30 6.95
C GLY D 112 95.36 -3.62 7.35
N ASP D 113 95.98 -4.74 6.97
CA ASP D 113 95.44 -6.04 7.28
C ASP D 113 95.59 -6.34 8.77
N TYR D 114 94.50 -6.80 9.38
CA TYR D 114 94.58 -7.29 10.75
C TYR D 114 95.26 -8.66 10.75
N TRP D 115 96.20 -8.85 11.68
CA TRP D 115 97.01 -10.05 11.68
C TRP D 115 96.81 -10.86 12.95
N GLY D 116 97.21 -12.13 12.91
CA GLY D 116 97.08 -13.01 14.05
C GLY D 116 98.39 -13.70 14.38
N GLN D 117 98.46 -14.33 15.55
CA GLN D 117 99.68 -14.97 16.02
C GLN D 117 100.24 -15.95 14.99
N GLY D 118 99.38 -16.45 14.10
CA GLY D 118 99.84 -17.25 12.98
C GLY D 118 99.82 -18.74 13.22
N THR D 119 99.61 -19.51 12.16
CA THR D 119 99.62 -20.97 12.21
C THR D 119 100.79 -21.47 11.38
N GLN D 120 101.74 -22.14 12.04
CA GLN D 120 102.93 -22.63 11.36
C GLN D 120 102.63 -23.86 10.52
N VAL D 121 103.41 -24.09 9.46
CA VAL D 121 103.22 -25.26 8.61
C VAL D 121 104.58 -25.80 8.21
N THR D 122 104.93 -26.98 8.73
CA THR D 122 106.17 -27.64 8.35
C THR D 122 105.88 -28.82 7.42
N VAL D 123 106.85 -29.11 6.57
CA VAL D 123 106.70 -30.19 5.59
C VAL D 123 107.95 -31.08 5.62
N SER D 124 107.86 -32.20 6.32
CA SER D 124 108.97 -33.14 6.41
C SER D 124 109.19 -33.82 5.06
N SER D 125 110.39 -34.37 4.85
CA SER D 125 110.71 -35.05 3.61
C SER D 125 110.97 -36.53 3.85
N GLN E 1 26.26 5.01 50.99
CA GLN E 1 26.23 5.13 49.54
C GLN E 1 27.35 6.06 49.07
N VAL E 2 27.83 6.89 49.98
CA VAL E 2 28.93 7.81 49.70
C VAL E 2 30.21 7.15 50.16
N GLN E 3 30.96 6.60 49.20
CA GLN E 3 32.20 5.91 49.47
C GLN E 3 33.38 6.81 49.12
N LEU E 4 34.52 6.53 49.76
CA LEU E 4 35.70 7.36 49.67
C LEU E 4 36.90 6.49 49.35
N VAL E 5 37.15 6.25 48.06
CA VAL E 5 38.26 5.41 47.64
C VAL E 5 39.56 6.14 47.99
N GLU E 6 40.32 5.56 48.91
CA GLU E 6 41.57 6.15 49.37
C GLU E 6 42.74 5.67 48.52
N SER E 7 43.84 6.42 48.58
CA SER E 7 45.07 6.00 47.90
C SER E 7 46.28 6.77 48.43
N GLY E 8 47.45 6.13 48.40
CA GLY E 8 48.70 6.76 48.80
C GLY E 8 49.23 6.33 50.15
N GLY E 9 48.55 5.44 50.86
CA GLY E 9 48.97 5.03 52.18
C GLY E 9 50.32 4.35 52.23
N GLY E 10 50.76 3.98 53.44
CA GLY E 10 52.03 3.30 53.59
C GLY E 10 53.04 4.09 54.41
N SER E 11 54.24 3.53 54.61
CA SER E 11 55.30 4.24 55.31
C SER E 11 56.12 5.08 54.35
N VAL E 12 56.82 6.08 54.87
CA VAL E 12 57.65 6.97 54.07
C VAL E 12 58.65 7.66 54.97
N GLN E 13 59.89 7.82 54.49
CA GLN E 13 60.89 8.52 55.28
C GLN E 13 60.37 9.91 55.64
N ALA E 14 60.90 10.49 56.70
CA ALA E 14 60.47 11.80 57.15
C ALA E 14 61.09 12.88 56.29
N GLY E 15 60.25 13.57 55.51
CA GLY E 15 60.74 14.67 54.71
C GLY E 15 60.55 14.49 53.20
N GLY E 16 59.52 13.76 52.79
CA GLY E 16 59.31 13.45 51.39
C GLY E 16 58.02 14.06 50.85
N SER E 17 57.87 13.97 49.54
CA SER E 17 56.72 14.50 48.83
C SER E 17 55.98 13.37 48.12
N LEU E 18 54.66 13.46 48.11
CA LEU E 18 53.85 12.39 47.56
C LEU E 18 52.48 12.93 47.21
N LYS E 19 51.66 12.10 46.58
CA LYS E 19 50.29 12.42 46.23
C LYS E 19 49.38 11.28 46.64
N LEU E 20 48.62 11.47 47.72
CA LEU E 20 47.54 10.58 48.09
C LEU E 20 46.26 11.05 47.39
N SER E 21 45.27 10.16 47.34
CA SER E 21 44.07 10.44 46.56
C SER E 21 42.82 9.92 47.25
N CYS E 22 41.71 10.59 46.97
CA CYS E 22 40.38 10.15 47.40
C CYS E 22 39.41 10.46 46.26
N ALA E 23 38.67 9.45 45.83
CA ALA E 23 37.85 9.55 44.63
C ALA E 23 36.45 9.02 44.87
N ALA E 24 35.46 9.68 44.26
CA ALA E 24 34.10 9.18 44.17
C ALA E 24 33.60 9.40 42.74
N SER E 25 33.04 8.36 42.15
CA SER E 25 32.66 8.42 40.74
C SER E 25 31.25 7.88 40.56
N GLY E 26 30.73 8.01 39.34
CA GLY E 26 29.39 7.58 39.04
C GLY E 26 28.34 8.10 40.00
N TYR E 27 28.63 9.17 40.72
CA TYR E 27 27.84 9.61 41.86
C TYR E 27 26.97 10.82 41.55
N ALA E 28 27.26 11.54 40.47
CA ALA E 28 26.43 12.69 40.13
C ALA E 28 26.45 13.73 41.25
N SER E 29 27.59 14.40 41.46
CA SER E 29 27.81 15.30 42.57
C SER E 29 26.54 16.06 42.95
N TRP E 30 26.12 15.96 44.22
CA TRP E 30 24.88 16.57 44.68
C TRP E 30 25.16 17.59 45.80
N ALA E 31 25.59 18.77 45.40
CA ALA E 31 25.98 19.06 44.03
C ALA E 31 27.48 19.29 44.07
N ARG E 32 27.92 19.88 45.18
CA ARG E 32 29.33 20.16 45.43
C ARG E 32 29.53 20.34 46.92
N LYS E 33 30.45 19.56 47.47
CA LYS E 33 30.81 19.61 48.89
C LYS E 33 32.20 20.18 49.02
N CYS E 34 32.73 20.17 50.24
CA CYS E 34 34.17 20.20 50.43
C CYS E 34 34.67 18.78 50.70
N ILE E 35 35.91 18.53 50.29
CA ILE E 35 36.47 17.19 50.40
C ILE E 35 37.88 17.32 50.95
N GLY E 36 38.23 16.41 51.85
CA GLY E 36 39.53 16.45 52.48
C GLY E 36 39.81 15.15 53.20
N TRP E 37 40.46 15.26 54.34
CA TRP E 37 40.84 14.08 55.12
C TRP E 37 40.98 14.45 56.60
N PHE E 38 41.17 13.43 57.42
CA PHE E 38 41.52 13.58 58.82
C PHE E 38 42.76 12.74 59.10
N ARG E 39 43.30 12.82 60.32
CA ARG E 39 44.42 11.96 60.67
C ARG E 39 44.30 11.48 62.11
N GLN E 40 43.85 10.24 62.30
CA GLN E 40 43.80 9.67 63.63
C GLN E 40 45.21 9.25 64.03
N ALA E 41 45.42 8.93 65.30
CA ALA E 41 46.73 8.48 65.74
C ALA E 41 46.60 7.11 66.41
N PRO E 42 47.56 6.21 66.20
CA PRO E 42 47.51 4.92 66.90
C PRO E 42 47.11 5.08 68.36
N GLY E 43 47.52 6.18 68.97
CA GLY E 43 47.05 6.51 70.30
C GLY E 43 46.01 7.61 70.31
N GLN E 44 46.12 8.54 69.37
CA GLN E 44 45.27 9.73 69.35
C GLN E 44 44.24 9.67 68.22
N GLU E 45 43.20 10.48 68.36
CA GLU E 45 42.12 10.49 67.41
C GLU E 45 42.55 11.22 66.13
N ARG E 46 41.60 11.39 65.21
CA ARG E 46 41.87 11.99 63.93
C ARG E 46 41.99 13.50 64.04
N GLU E 47 42.67 14.10 63.06
CA GLU E 47 42.95 15.52 63.04
C GLU E 47 42.36 16.14 61.79
N GLY E 48 42.01 17.42 61.88
CA GLY E 48 41.44 18.11 60.75
C GLY E 48 42.53 18.55 59.79
N VAL E 49 42.68 17.80 58.70
CA VAL E 49 43.84 17.95 57.83
C VAL E 49 43.61 19.07 56.82
N ALA E 50 42.46 19.06 56.15
CA ALA E 50 42.19 20.07 55.15
C ALA E 50 40.78 19.86 54.62
N ALA E 51 40.38 20.76 53.73
CA ALA E 51 39.11 20.62 53.01
C ALA E 51 39.25 21.36 51.69
N ILE E 52 38.39 21.01 50.74
CA ILE E 52 38.37 21.67 49.43
C ILE E 52 36.99 21.50 48.84
N PHE E 53 36.42 22.60 48.35
CA PHE E 53 35.01 22.63 47.97
C PHE E 53 34.85 21.93 46.63
N ASP E 54 34.18 20.76 46.66
CA ASP E 54 34.00 19.92 45.49
C ASP E 54 33.73 20.74 44.24
N PHE E 55 34.51 20.49 43.19
CA PHE E 55 34.35 21.22 41.94
C PHE E 55 34.47 22.73 42.20
N ASP E 56 35.22 23.11 43.22
CA ASP E 56 35.41 24.52 43.52
C ASP E 56 36.74 24.72 44.21
N GLY E 57 37.37 25.85 43.92
CA GLY E 57 38.70 26.13 44.41
C GLY E 57 38.78 26.30 45.91
N SER E 58 37.74 26.89 46.50
CA SER E 58 37.70 27.10 47.94
C SER E 58 38.08 25.83 48.68
N THR E 59 38.93 25.95 49.70
CA THR E 59 39.48 24.78 50.36
C THR E 59 39.76 25.09 51.82
N TYR E 60 40.17 24.06 52.54
CA TYR E 60 40.63 24.18 53.92
C TYR E 60 41.95 23.42 54.01
N TYR E 61 42.74 23.72 55.04
CA TYR E 61 44.02 23.06 55.24
C TYR E 61 44.43 23.05 56.70
N SER E 62 45.07 21.98 57.15
CA SER E 62 45.56 21.93 58.52
C SER E 62 46.93 22.58 58.62
N ASP E 63 47.18 23.21 59.76
CA ASP E 63 48.46 23.83 60.05
C ASP E 63 49.64 23.00 59.61
N SER E 64 49.61 21.69 59.82
CA SER E 64 50.71 20.84 59.38
C SER E 64 50.69 20.67 57.87
N VAL E 65 49.55 20.26 57.33
CA VAL E 65 49.43 19.96 55.90
C VAL E 65 49.46 21.25 55.09
N LYS E 66 49.02 22.35 55.70
CA LYS E 66 48.88 23.61 54.99
C LYS E 66 50.19 24.16 54.43
N GLY E 67 51.33 23.60 54.84
CA GLY E 67 52.61 24.09 54.36
C GLY E 67 53.32 23.12 53.43
N ARG E 68 53.15 21.82 53.68
CA ARG E 68 53.85 20.81 52.89
C ARG E 68 52.92 19.79 52.24
N PHE E 69 51.61 20.01 52.27
CA PHE E 69 50.67 19.17 51.56
C PHE E 69 49.55 20.00 50.96
N THR E 70 49.08 19.61 49.79
CA THR E 70 48.00 20.29 49.10
C THR E 70 46.97 19.26 48.66
N ILE E 71 45.71 19.52 48.95
CA ILE E 71 44.61 18.64 48.56
C ILE E 71 44.08 19.10 47.21
N SER E 72 44.20 18.22 46.22
CA SER E 72 43.83 18.54 44.85
C SER E 72 43.12 17.35 44.22
N GLY E 73 42.05 17.64 43.51
CA GLY E 73 41.22 16.60 42.93
C GLY E 73 40.62 17.02 41.61
N ASP E 74 40.04 16.05 40.91
CA ASP E 74 39.41 16.26 39.61
C ASP E 74 38.06 15.56 39.62
N ASN E 75 36.98 16.35 39.65
CA ASN E 75 35.65 15.77 39.57
C ASN E 75 35.41 15.13 38.21
N ALA E 76 36.06 15.63 37.16
CA ALA E 76 36.00 14.95 35.88
C ALA E 76 36.57 13.55 36.06
N LYS E 77 37.73 13.47 36.71
CA LYS E 77 38.30 12.18 37.09
C LYS E 77 37.67 11.69 38.39
N ASN E 78 36.98 12.57 39.09
CA ASN E 78 36.25 12.17 40.30
C ASN E 78 37.18 11.70 41.40
N THR E 79 38.16 12.52 41.78
CA THR E 79 39.08 12.17 42.86
C THR E 79 39.61 13.45 43.49
N VAL E 80 40.42 13.27 44.54
CA VAL E 80 41.11 14.37 45.20
C VAL E 80 42.49 13.86 45.60
N SER E 81 43.40 14.79 45.89
CA SER E 81 44.78 14.44 46.21
C SER E 81 45.39 15.47 47.15
N LEU E 82 45.75 15.01 48.36
CA LEU E 82 46.53 15.83 49.28
C LEU E 82 48.00 15.54 49.10
N GLN E 83 48.69 16.36 48.32
CA GLN E 83 50.09 16.12 48.00
C GLN E 83 50.92 15.89 49.26
N MET E 84 51.47 14.69 49.40
CA MET E 84 52.21 14.34 50.61
C MET E 84 53.64 14.87 50.54
N ASN E 85 53.77 16.19 50.44
CA ASN E 85 55.08 16.81 50.25
C ASN E 85 55.76 17.01 51.60
N SER E 86 57.06 16.75 51.65
CA SER E 86 57.88 17.00 52.83
C SER E 86 57.58 15.99 53.94
N LEU E 87 56.51 15.22 53.79
CA LEU E 87 56.29 13.96 54.51
C LEU E 87 56.84 14.00 55.93
N LEU E 88 56.35 14.91 56.77
CA LEU E 88 56.87 14.99 58.13
C LEU E 88 56.72 13.64 58.82
N PRO E 89 57.69 13.23 59.63
CA PRO E 89 57.59 11.93 60.30
C PRO E 89 56.32 11.85 61.13
N LYS E 90 55.95 12.95 61.79
CA LYS E 90 54.69 12.98 62.52
C LYS E 90 53.56 12.43 61.65
N ASP E 91 53.70 12.51 60.34
CA ASP E 91 52.75 11.85 59.47
C ASP E 91 52.99 10.35 59.52
N THR E 92 52.77 9.77 60.70
CA THR E 92 52.85 8.33 60.94
C THR E 92 51.53 7.91 61.56
N ALA E 93 50.55 7.64 60.70
CA ALA E 93 49.25 7.16 61.13
C ALA E 93 48.42 6.87 59.88
N VAL E 94 47.29 6.20 60.08
CA VAL E 94 46.38 5.86 59.00
C VAL E 94 45.55 7.09 58.69
N TYR E 95 45.55 7.50 57.43
CA TYR E 95 44.83 8.67 56.99
C TYR E 95 43.53 8.25 56.33
N TYR E 96 42.48 9.01 56.61
CA TYR E 96 41.10 8.59 56.33
C TYR E 96 40.47 9.57 55.36
N CYS E 97 39.95 9.07 54.24
CA CYS E 97 39.03 9.85 53.44
C CYS E 97 37.92 10.42 54.31
N THR E 98 37.53 11.66 54.01
CA THR E 98 36.51 12.36 54.79
C THR E 98 35.58 13.09 53.84
N VAL E 99 34.31 12.69 53.84
CA VAL E 99 33.31 13.35 53.01
C VAL E 99 32.65 14.47 53.80
N ALA E 100 33.15 15.70 53.63
CA ALA E 100 32.43 16.86 54.12
C ALA E 100 31.15 17.05 53.32
N PHE E 101 30.15 17.63 53.97
CA PHE E 101 28.82 17.74 53.39
C PHE E 101 28.68 19.07 52.67
N GLY E 102 27.45 19.37 52.26
CA GLY E 102 27.17 20.53 51.44
C GLY E 102 27.89 21.79 51.86
N THR E 103 28.15 21.92 53.17
CA THR E 103 28.80 23.09 53.73
C THR E 103 30.26 22.75 54.00
N CYS E 104 31.12 23.77 53.94
CA CYS E 104 32.56 23.51 54.11
C CYS E 104 32.97 23.62 55.57
N ASP E 105 32.28 24.48 56.33
CA ASP E 105 32.61 24.63 57.75
C ASP E 105 32.24 23.36 58.53
N ASN E 106 31.08 22.78 58.24
CA ASN E 106 30.59 21.62 58.98
C ASN E 106 31.67 20.56 59.17
N TRP E 107 32.42 20.27 58.11
CA TRP E 107 33.53 19.32 58.18
C TRP E 107 34.37 19.56 59.42
N TYR E 108 34.57 20.85 59.76
CA TYR E 108 35.38 21.19 60.92
C TYR E 108 34.99 20.36 62.14
N ARG E 109 33.69 20.11 62.30
CA ARG E 109 33.24 19.15 63.30
C ARG E 109 33.65 17.74 62.91
N GLY E 110 33.13 17.25 61.78
CA GLY E 110 33.54 15.98 61.24
C GLY E 110 32.79 14.78 61.77
N ARG E 111 31.83 14.99 62.67
CA ARG E 111 31.14 13.86 63.28
C ARG E 111 30.38 13.03 62.26
N GLY E 112 29.36 13.62 61.63
CA GLY E 112 28.65 12.92 60.57
C GLY E 112 29.48 12.62 59.35
N ASP E 113 30.69 13.18 59.29
CA ASP E 113 31.57 13.02 58.14
C ASP E 113 31.58 11.58 57.64
N TYR E 114 31.50 11.43 56.33
CA TYR E 114 31.73 10.13 55.71
C TYR E 114 33.24 9.87 55.65
N TRP E 115 33.60 8.59 55.50
CA TRP E 115 35.02 8.26 55.56
C TRP E 115 35.42 7.20 54.54
N GLY E 116 36.71 7.11 54.27
CA GLY E 116 37.28 5.95 53.62
C GLY E 116 37.91 5.07 54.67
N GLN E 117 38.11 3.79 54.37
CA GLN E 117 38.62 2.84 55.36
C GLN E 117 39.80 3.41 56.13
N GLY E 118 40.66 4.18 55.46
CA GLY E 118 41.82 4.76 56.09
C GLY E 118 43.11 4.19 55.56
N THR E 119 43.86 5.01 54.82
CA THR E 119 45.19 4.64 54.34
C THR E 119 46.16 4.85 55.48
N GLN E 120 46.72 3.76 56.01
CA GLN E 120 47.74 3.94 57.03
C GLN E 120 48.90 4.69 56.42
N VAL E 121 49.28 5.83 57.01
CA VAL E 121 50.43 6.57 56.50
C VAL E 121 51.39 6.87 57.64
N THR E 122 52.37 6.01 57.82
CA THR E 122 53.51 6.29 58.67
C THR E 122 54.60 7.00 57.87
N VAL E 123 54.99 8.18 58.33
CA VAL E 123 56.17 8.79 57.76
C VAL E 123 57.36 8.32 58.57
N SER E 124 58.06 7.31 58.05
CA SER E 124 59.25 6.79 58.68
C SER E 124 60.36 7.83 58.64
N SER E 125 61.51 7.52 59.21
CA SER E 125 62.64 8.45 59.20
C SER E 125 63.94 7.71 58.87
#